data_4WL0
#
_entry.id   4WL0
#
_cell.length_a   79.343
_cell.length_b   178.062
_cell.length_c   133.117
_cell.angle_alpha   90.000
_cell.angle_beta   104.450
_cell.angle_gamma   90.000
#
_symmetry.space_group_name_H-M   'P 1 21 1'
#
loop_
_entity.id
_entity.type
_entity.pdbx_description
1 polymer 'ATP-dependent 6-phosphofructokinase, platelet type'
2 non-polymer 'PHOSPHATE ION'
#
_entity_poly.entity_id   1
_entity_poly.type   'polypeptide(L)'
_entity_poly.pdbx_seq_one_letter_code
;MASWSHPQFEKGADDDDKVPDPTSAIGVLTSGGDAQGMNAAVRAVVRMGIYVGAKVYFIYEGYQGMVDGGSNIAEADWES
VSSILQVGGTIIGSARCQAFRTREGRLKAACNLLQRGITNLCVIGGDGSLTGANLFRKEWSGLLEELARNGQIDKEAVQK
YAYLNVVGMVGSIDNDFCGTDMTIGTDSALHRIIEVVDAIMTTAQSHQRTFVLEVMGRHCGYLALVSALACGADWVFLPE
SPPEEGWEEQMCVKLSENRARKKRLNIIIVAEGAIDTQNKPITSEKIKELVVTQLGYDTRVTILGHVQRGGTPSAFDRIL
ASRMGVEAVIALLEATPDTPACVVSLNGNHAVRLPLMECVQMTQDVQKAMDERRFQDAVRLRGRSFAGNLNTYKRLAIKL
PDDQIPKTNCNVAVINVGAPAAGMNAAVRSAVRVGIADGHRMLAIYDGFDGFAKGQIKEIGWTDVGGWTGQGGSILGTKR
VLPGKYLEEIATQMRTHSINALLIIGGFEAYLGLLELSAAREKHEEFCVPMVMVPATVSNNVPGSDFSIGADTALNTITD
TCDRIKQSASGTKRRVFIIETMGGYCGYLANMGGLAAGADAAYIFEEPFDIRDLQSNVEHLTEKMKTTIQRGLVLRNESC
SENYTTDFIYQLYSEEGKGVFDCRKNVLGHMQQGGAPSPFDRNFGTKISARAMEWITAKLKEARGRGKKFTTDDSICVLG
ISKRNVIFQPVAELKKQTDFEHRIPKEQWWLKLRPLMKILA
;
_entity_poly.pdbx_strand_id   A,B,C,D
#
loop_
_chem_comp.id
_chem_comp.type
_chem_comp.name
_chem_comp.formula
PO4 non-polymer 'PHOSPHATE ION' 'O4 P -3'
#
# COMPACT_ATOMS: atom_id res chain seq x y z
N SER A 24 -35.68 39.20 14.61
CA SER A 24 -34.58 39.97 15.19
C SER A 24 -33.89 39.22 16.31
N ALA A 25 -34.67 38.74 17.27
CA ALA A 25 -34.14 37.89 18.33
C ALA A 25 -35.05 36.68 18.54
N ILE A 26 -34.46 35.51 18.66
CA ILE A 26 -35.24 34.30 18.88
C ILE A 26 -35.03 33.79 20.30
N GLY A 27 -36.13 33.41 20.95
CA GLY A 27 -36.05 32.78 22.25
C GLY A 27 -36.44 31.34 22.11
N VAL A 28 -35.62 30.44 22.63
CA VAL A 28 -35.94 29.02 22.58
C VAL A 28 -36.03 28.48 24.01
N LEU A 29 -37.05 27.67 24.27
CA LEU A 29 -37.22 27.08 25.59
C LEU A 29 -37.80 25.66 25.52
N THR A 30 -37.62 24.91 26.59
CA THR A 30 -38.17 23.57 26.68
C THR A 30 -39.17 23.43 27.82
N SER A 31 -40.38 22.98 27.49
CA SER A 31 -41.41 22.79 28.51
C SER A 31 -42.09 21.42 28.32
N GLY A 32 -41.99 20.56 29.33
CA GLY A 32 -42.68 19.28 29.29
C GLY A 32 -41.91 18.16 28.62
N GLY A 33 -40.82 18.52 27.95
CA GLY A 33 -40.07 17.55 27.16
C GLY A 33 -39.31 16.45 27.86
N ASP A 34 -39.43 15.25 27.30
CA ASP A 34 -38.80 14.06 27.87
C ASP A 34 -38.20 13.20 26.77
N ALA A 35 -38.05 13.76 25.57
CA ALA A 35 -37.62 13.01 24.40
C ALA A 35 -36.14 13.15 24.03
N GLN A 36 -35.58 12.07 23.49
CA GLN A 36 -34.24 12.06 22.95
C GLN A 36 -34.19 12.73 21.57
N GLY A 37 -33.25 13.65 21.41
CA GLY A 37 -33.15 14.41 20.18
C GLY A 37 -33.54 15.86 20.41
N MET A 38 -33.92 16.19 21.63
CA MET A 38 -34.23 17.57 21.97
C MET A 38 -33.05 18.51 21.82
N ASN A 39 -31.88 18.05 22.26
CA ASN A 39 -30.69 18.87 22.18
C ASN A 39 -30.34 19.19 20.73
N ALA A 40 -30.52 18.21 19.85
CA ALA A 40 -30.28 18.41 18.43
C ALA A 40 -31.22 19.47 17.88
N ALA A 41 -32.47 19.46 18.36
CA ALA A 41 -33.45 20.47 17.98
C ALA A 41 -33.03 21.86 18.44
N VAL A 42 -32.67 21.97 19.72
CA VAL A 42 -32.21 23.23 20.30
C VAL A 42 -31.00 23.78 19.55
N ARG A 43 -30.07 22.88 19.23
CA ARG A 43 -28.86 23.17 18.47
C ARG A 43 -29.20 23.72 17.10
N ALA A 44 -30.09 23.02 16.40
CA ALA A 44 -30.52 23.42 15.06
C ALA A 44 -31.15 24.81 15.10
N VAL A 45 -31.95 25.07 16.13
CA VAL A 45 -32.58 26.38 16.28
C VAL A 45 -31.55 27.48 16.49
N VAL A 46 -30.64 27.26 17.44
CA VAL A 46 -29.58 28.22 17.71
C VAL A 46 -28.73 28.53 16.48
N ARG A 47 -28.16 27.49 15.87
CA ARG A 47 -27.26 27.70 14.75
C ARG A 47 -27.96 28.21 13.49
N MET A 48 -29.10 27.64 13.12
CA MET A 48 -29.86 28.16 11.98
C MET A 48 -30.26 29.60 12.23
N GLY A 49 -30.57 29.92 13.49
CA GLY A 49 -30.91 31.28 13.88
C GLY A 49 -29.77 32.26 13.69
N ILE A 50 -28.59 31.90 14.19
CA ILE A 50 -27.41 32.75 14.04
C ILE A 50 -27.09 32.90 12.56
N TYR A 51 -27.23 31.79 11.83
CA TYR A 51 -27.01 31.74 10.39
C TYR A 51 -27.86 32.75 9.61
N VAL A 52 -29.13 32.87 9.95
CA VAL A 52 -30.01 33.80 9.25
C VAL A 52 -29.85 35.22 9.78
N GLY A 53 -28.87 35.41 10.67
CA GLY A 53 -28.55 36.74 11.17
C GLY A 53 -29.38 37.17 12.37
N ALA A 54 -29.99 36.22 13.06
CA ALA A 54 -30.79 36.52 14.23
C ALA A 54 -30.00 36.27 15.52
N LYS A 55 -30.44 36.93 16.59
CA LYS A 55 -29.85 36.72 17.91
C LYS A 55 -30.65 35.63 18.64
N VAL A 56 -30.00 34.55 19.06
CA VAL A 56 -30.73 33.49 19.74
C VAL A 56 -30.44 33.46 21.24
N TYR A 57 -31.49 33.28 22.05
CA TYR A 57 -31.33 33.18 23.50
C TYR A 57 -31.90 31.87 24.05
N PHE A 58 -31.16 31.24 24.97
CA PHE A 58 -31.69 30.11 25.72
C PHE A 58 -32.59 30.65 26.81
N ILE A 59 -33.74 30.01 27.00
CA ILE A 59 -34.59 30.31 28.14
C ILE A 59 -34.68 29.06 29.00
N TYR A 60 -33.91 29.04 30.07
CA TYR A 60 -33.85 27.89 30.97
C TYR A 60 -35.14 27.81 31.78
N GLU A 61 -35.42 26.63 32.33
CA GLU A 61 -36.57 26.41 33.20
C GLU A 61 -37.91 26.75 32.54
N GLY A 62 -38.02 26.45 31.25
CA GLY A 62 -39.26 26.68 30.50
C GLY A 62 -39.83 28.08 30.63
N TYR A 63 -41.15 28.16 30.82
CA TYR A 63 -41.83 29.44 30.93
C TYR A 63 -41.42 30.17 32.21
N GLN A 64 -41.10 29.39 33.23
CA GLN A 64 -40.73 29.96 34.51
C GLN A 64 -39.45 30.77 34.37
N GLY A 65 -38.53 30.30 33.54
CA GLY A 65 -37.33 31.05 33.22
C GLY A 65 -37.65 32.36 32.54
N MET A 66 -38.63 32.34 31.66
CA MET A 66 -39.09 33.55 30.97
C MET A 66 -39.60 34.55 31.99
N VAL A 67 -40.34 34.06 32.98
CA VAL A 67 -40.86 34.93 34.05
C VAL A 67 -39.76 35.46 34.98
N ASP A 68 -38.92 34.56 35.48
CA ASP A 68 -37.85 34.90 36.41
C ASP A 68 -36.83 35.87 35.83
N GLY A 69 -36.53 35.69 34.54
CA GLY A 69 -35.55 36.51 33.85
C GLY A 69 -34.13 36.26 34.34
N GLY A 70 -33.30 37.30 34.25
CA GLY A 70 -31.92 37.24 34.68
C GLY A 70 -31.07 36.16 34.04
N SER A 71 -30.62 35.21 34.86
CA SER A 71 -29.72 34.15 34.40
C SER A 71 -30.46 33.05 33.63
N ASN A 72 -31.77 32.98 33.80
CA ASN A 72 -32.54 31.92 33.19
C ASN A 72 -32.73 32.11 31.70
N ILE A 73 -32.31 33.28 31.21
CA ILE A 73 -32.26 33.55 29.79
C ILE A 73 -30.85 34.03 29.47
N ALA A 74 -30.10 33.22 28.71
CA ALA A 74 -28.71 33.55 28.37
C ALA A 74 -28.52 33.56 26.86
N GLU A 75 -27.75 34.51 26.33
CA GLU A 75 -27.54 34.54 24.89
C GLU A 75 -26.73 33.33 24.46
N ALA A 76 -27.13 32.74 23.34
CA ALA A 76 -26.45 31.57 22.81
C ALA A 76 -25.52 32.01 21.70
N ASP A 77 -24.28 31.54 21.75
CA ASP A 77 -23.34 31.77 20.66
C ASP A 77 -23.04 30.41 20.05
N TRP A 78 -22.32 30.40 18.93
CA TRP A 78 -22.04 29.19 18.16
C TRP A 78 -21.50 28.01 18.99
N GLU A 79 -20.59 28.26 19.93
CA GLU A 79 -20.00 27.20 20.76
C GLU A 79 -20.93 26.65 21.85
N SER A 80 -21.85 27.50 22.32
CA SER A 80 -22.77 27.16 23.42
C SER A 80 -23.31 25.77 23.20
N VAL A 81 -23.67 25.58 21.93
CA VAL A 81 -24.18 24.36 21.33
C VAL A 81 -23.55 23.07 21.85
N GLN A 98 -45.17 28.05 37.47
CA GLN A 98 -46.44 28.37 38.10
C GLN A 98 -46.88 29.79 37.72
N ALA A 99 -45.91 30.70 37.64
CA ALA A 99 -46.18 32.12 37.46
C ALA A 99 -46.67 32.45 36.06
N PHE A 100 -46.39 31.61 35.07
CA PHE A 100 -46.81 32.00 33.73
C PHE A 100 -48.32 31.94 33.60
N ARG A 101 -48.99 31.21 34.51
CA ARG A 101 -50.45 31.19 34.52
C ARG A 101 -51.07 32.42 35.17
N THR A 102 -50.26 33.27 35.79
CA THR A 102 -50.81 34.50 36.34
C THR A 102 -50.45 35.61 35.36
N ARG A 103 -51.35 36.59 35.24
CA ARG A 103 -51.15 37.69 34.30
C ARG A 103 -49.93 38.49 34.75
N GLU A 104 -49.71 38.54 36.06
CA GLU A 104 -48.52 39.17 36.62
C GLU A 104 -47.24 38.55 36.06
N GLY A 105 -47.24 37.23 35.96
CA GLY A 105 -46.10 36.50 35.45
C GLY A 105 -45.91 36.66 33.96
N ARG A 106 -47.02 36.73 33.22
CA ARG A 106 -46.94 36.95 31.79
C ARG A 106 -46.48 38.37 31.49
N LEU A 107 -46.82 39.28 32.38
CA LEU A 107 -46.32 40.65 32.29
C LEU A 107 -44.82 40.62 32.52
N LYS A 108 -44.38 39.89 33.55
CA LYS A 108 -42.96 39.73 33.83
C LYS A 108 -42.21 39.19 32.61
N ALA A 109 -42.69 38.06 32.09
CA ALA A 109 -42.10 37.41 30.94
C ALA A 109 -42.03 38.34 29.73
N ALA A 110 -43.15 38.98 29.41
CA ALA A 110 -43.19 39.93 28.31
C ALA A 110 -42.09 40.97 28.48
N CYS A 111 -41.98 41.52 29.69
CA CYS A 111 -40.96 42.51 30.00
C CYS A 111 -39.54 41.97 29.74
N ASN A 112 -39.24 40.81 30.31
CA ASN A 112 -37.92 40.20 30.12
C ASN A 112 -37.57 39.94 28.65
N LEU A 113 -38.56 39.55 27.86
CA LEU A 113 -38.32 39.36 26.43
C LEU A 113 -38.02 40.70 25.77
N LEU A 114 -38.82 41.71 26.08
CA LEU A 114 -38.64 43.04 25.50
C LEU A 114 -37.27 43.62 25.83
N GLN A 115 -36.75 43.32 27.03
CA GLN A 115 -35.41 43.77 27.40
C GLN A 115 -34.34 43.26 26.45
N ARG A 116 -34.53 42.05 25.92
CA ARG A 116 -33.54 41.44 25.06
C ARG A 116 -33.90 41.54 23.60
N GLY A 117 -35.03 42.20 23.33
CA GLY A 117 -35.51 42.34 21.97
C GLY A 117 -35.99 41.01 21.43
N ILE A 118 -36.29 40.07 22.33
CA ILE A 118 -36.79 38.76 21.91
C ILE A 118 -38.26 38.87 21.55
N THR A 119 -38.57 38.48 20.33
CA THR A 119 -39.90 38.65 19.77
C THR A 119 -40.38 37.40 19.05
N ASN A 120 -39.51 36.40 19.02
CA ASN A 120 -39.83 35.17 18.37
C ASN A 120 -39.64 34.07 19.38
N LEU A 121 -40.62 33.20 19.50
CA LEU A 121 -40.52 32.15 20.49
C LEU A 121 -40.65 30.79 19.85
N CYS A 122 -39.70 29.93 20.16
CA CYS A 122 -39.77 28.54 19.75
C CYS A 122 -39.84 27.67 20.99
N VAL A 123 -41.00 27.05 21.19
CA VAL A 123 -41.19 26.19 22.35
C VAL A 123 -41.14 24.73 21.94
N ILE A 124 -40.16 24.01 22.46
CA ILE A 124 -40.05 22.57 22.20
C ILE A 124 -40.51 21.81 23.44
N GLY A 125 -41.52 20.95 23.28
CA GLY A 125 -42.04 20.23 24.42
C GLY A 125 -43.34 19.48 24.25
N GLY A 126 -43.97 19.17 25.38
CA GLY A 126 -45.20 18.39 25.46
C GLY A 126 -46.50 19.02 24.98
N ASP A 127 -47.59 18.34 25.32
CA ASP A 127 -48.94 18.71 24.89
C ASP A 127 -49.33 20.13 25.26
N GLY A 128 -49.54 20.38 26.55
CA GLY A 128 -50.01 21.67 27.01
C GLY A 128 -49.01 22.82 26.95
N SER A 129 -47.76 22.50 26.65
CA SER A 129 -46.68 23.50 26.65
C SER A 129 -46.82 24.62 25.62
N LEU A 130 -47.46 24.35 24.49
CA LEU A 130 -47.63 25.35 23.43
C LEU A 130 -48.79 26.31 23.65
N THR A 131 -49.88 25.82 24.24
CA THR A 131 -51.09 26.62 24.41
C THR A 131 -50.82 27.88 25.21
N GLY A 132 -49.89 27.78 26.16
CA GLY A 132 -49.49 28.92 26.94
C GLY A 132 -48.84 29.98 26.07
N ALA A 133 -48.04 29.53 25.11
CA ALA A 133 -47.39 30.42 24.17
C ALA A 133 -48.38 31.05 23.21
N ASN A 134 -49.37 30.28 22.77
CA ASN A 134 -50.40 30.80 21.88
C ASN A 134 -51.25 31.88 22.52
N LEU A 135 -51.69 31.60 23.74
CA LEU A 135 -52.48 32.56 24.48
C LEU A 135 -51.61 33.78 24.80
N PHE A 136 -50.34 33.53 25.11
CA PHE A 136 -49.37 34.62 25.32
C PHE A 136 -49.29 35.51 24.09
N ARG A 137 -49.35 34.89 22.92
CA ARG A 137 -49.30 35.60 21.65
C ARG A 137 -50.52 36.49 21.49
N LYS A 138 -51.69 35.89 21.67
CA LYS A 138 -52.96 36.59 21.55
C LYS A 138 -53.12 37.70 22.60
N GLU A 139 -52.42 37.55 23.73
CA GLU A 139 -52.55 38.44 24.88
C GLU A 139 -51.44 39.48 24.90
N TRP A 140 -50.76 39.64 23.76
CA TRP A 140 -49.52 40.40 23.67
C TRP A 140 -49.74 41.89 24.01
N SER A 141 -51.01 42.31 24.06
CA SER A 141 -51.31 43.68 24.44
C SER A 141 -51.06 43.91 25.93
N GLY A 142 -50.46 42.92 26.60
CA GLY A 142 -49.84 43.12 27.89
C GLY A 142 -48.81 44.22 27.79
N LEU A 143 -48.32 44.44 26.57
CA LEU A 143 -47.40 45.53 26.35
C LEU A 143 -48.01 46.87 26.71
N LEU A 144 -49.28 47.07 26.35
CA LEU A 144 -49.96 48.32 26.69
C LEU A 144 -50.11 48.41 28.19
N GLU A 145 -50.28 47.27 28.86
CA GLU A 145 -50.43 47.33 30.30
C GLU A 145 -49.10 47.81 30.86
N GLU A 146 -48.01 47.36 30.27
CA GLU A 146 -46.72 47.78 30.80
C GLU A 146 -46.41 49.22 30.49
N LEU A 147 -47.15 49.85 29.58
CA LEU A 147 -46.93 51.27 29.39
C LEU A 147 -47.81 52.03 30.37
N ALA A 148 -48.92 51.41 30.77
CA ALA A 148 -49.80 52.01 31.75
C ALA A 148 -49.03 52.13 33.07
N ARG A 149 -48.21 51.12 33.37
CA ARG A 149 -47.27 51.20 34.48
C ARG A 149 -46.00 51.81 33.89
N ASN A 150 -44.95 51.94 34.69
CA ASN A 150 -43.73 52.57 34.21
C ASN A 150 -42.69 51.56 33.74
N GLY A 151 -43.12 50.32 33.55
CA GLY A 151 -42.24 49.25 33.11
C GLY A 151 -41.51 49.43 31.80
N GLN A 152 -42.10 50.18 30.86
CA GLN A 152 -41.47 50.50 29.59
C GLN A 152 -41.96 51.81 28.95
N ILE A 153 -41.10 52.45 28.16
CA ILE A 153 -41.45 53.71 27.50
C ILE A 153 -42.48 53.40 26.40
N ASP A 154 -42.99 54.40 25.68
CA ASP A 154 -43.98 54.13 24.62
C ASP A 154 -43.42 53.53 23.32
N LYS A 155 -42.20 53.93 22.98
CA LYS A 155 -41.59 53.54 21.74
C LYS A 155 -41.29 52.04 21.73
N GLU A 156 -41.50 51.34 22.84
CA GLU A 156 -41.40 49.89 22.74
C GLU A 156 -42.80 49.43 22.37
N ALA A 157 -43.91 50.07 22.76
CA ALA A 157 -45.21 49.47 22.39
C ALA A 157 -45.30 49.25 20.86
N VAL A 158 -45.14 50.34 20.11
CA VAL A 158 -45.34 50.30 18.66
C VAL A 158 -44.23 49.58 17.89
N GLN A 159 -43.01 49.67 18.40
CA GLN A 159 -41.88 48.96 17.80
C GLN A 159 -42.14 47.50 18.15
N LYS A 160 -42.85 47.26 19.26
CA LYS A 160 -43.03 45.91 19.81
C LYS A 160 -44.41 45.18 19.84
N TYR A 161 -45.53 45.76 19.41
CA TYR A 161 -46.73 44.87 19.38
C TYR A 161 -46.92 44.29 17.97
N ALA A 162 -47.80 43.29 17.92
CA ALA A 162 -48.24 42.51 16.73
C ALA A 162 -47.25 41.56 16.04
N TYR A 163 -46.04 41.39 16.56
CA TYR A 163 -45.14 40.47 15.89
C TYR A 163 -44.85 39.25 16.72
N LEU A 164 -45.61 39.01 17.80
CA LEU A 164 -45.21 37.88 18.64
C LEU A 164 -45.48 36.66 17.83
N ASN A 165 -44.38 36.15 17.28
CA ASN A 165 -44.42 34.98 16.44
C ASN A 165 -44.08 33.80 17.31
N VAL A 166 -44.94 32.80 17.27
CA VAL A 166 -44.75 31.62 18.10
C VAL A 166 -44.73 30.38 17.24
N VAL A 167 -43.75 29.52 17.50
CA VAL A 167 -43.65 28.25 16.81
C VAL A 167 -43.37 27.14 17.82
N GLY A 168 -44.12 26.05 17.70
CA GLY A 168 -44.02 24.93 18.60
C GLY A 168 -43.41 23.70 17.95
N MET A 169 -42.83 22.87 18.79
CA MET A 169 -42.23 21.62 18.36
C MET A 169 -42.58 20.53 19.34
N VAL A 170 -43.14 19.43 18.83
CA VAL A 170 -43.55 18.33 19.68
C VAL A 170 -42.32 17.57 20.17
N GLY A 171 -42.04 17.68 21.47
CA GLY A 171 -40.88 17.02 22.04
C GLY A 171 -41.27 16.11 23.19
N SER A 172 -42.32 15.33 22.97
CA SER A 172 -42.74 14.33 23.93
C SER A 172 -42.92 13.00 23.20
N ILE A 173 -42.94 11.91 23.95
CA ILE A 173 -43.05 10.59 23.32
C ILE A 173 -44.51 10.15 23.32
N ASP A 174 -45.26 10.53 24.35
CA ASP A 174 -46.71 10.32 24.36
C ASP A 174 -47.51 11.50 23.78
N ASN A 175 -47.43 11.72 22.47
CA ASN A 175 -48.06 12.90 21.86
C ASN A 175 -49.51 12.69 21.42
N ASP A 176 -50.44 13.25 22.20
CA ASP A 176 -51.85 13.24 21.81
C ASP A 176 -52.05 14.21 20.64
N PHE A 177 -51.33 15.32 20.68
CA PHE A 177 -51.36 16.32 19.63
C PHE A 177 -50.62 15.81 18.39
N ASP A 181 -47.97 11.48 11.76
CA ASP A 181 -46.71 12.20 11.78
C ASP A 181 -45.72 11.55 12.73
N MET A 182 -44.45 11.94 12.61
CA MET A 182 -43.40 11.40 13.46
C MET A 182 -42.84 12.53 14.31
N THR A 183 -42.68 12.24 15.60
CA THR A 183 -42.22 13.22 16.56
C THR A 183 -40.84 12.83 17.10
N ILE A 184 -40.11 13.83 17.57
CA ILE A 184 -38.78 13.60 18.09
C ILE A 184 -38.84 12.72 19.33
N GLY A 185 -38.04 11.65 19.34
CA GLY A 185 -37.98 10.77 20.50
C GLY A 185 -38.70 9.45 20.34
N THR A 186 -39.66 9.40 19.41
CA THR A 186 -40.42 8.18 19.16
C THR A 186 -39.53 7.01 18.78
N ASP A 187 -38.73 7.21 17.72
CA ASP A 187 -37.82 6.19 17.24
C ASP A 187 -36.84 5.74 18.33
N SER A 188 -36.31 6.68 19.10
CA SER A 188 -35.39 6.37 20.18
C SER A 188 -36.04 5.49 21.25
N ALA A 189 -37.28 5.83 21.60
CA ALA A 189 -38.02 5.08 22.60
C ALA A 189 -38.25 3.67 22.09
N LEU A 190 -38.60 3.59 20.81
CA LEU A 190 -38.82 2.31 20.15
C LEU A 190 -37.54 1.46 20.19
N HIS A 191 -36.40 2.11 20.01
CA HIS A 191 -35.10 1.48 20.14
C HIS A 191 -34.94 0.89 21.53
N ARG A 192 -35.21 1.70 22.54
CA ARG A 192 -35.10 1.27 23.93
C ARG A 192 -35.97 0.03 24.23
N ILE A 193 -37.24 0.12 23.86
CA ILE A 193 -38.18 -0.96 24.09
C ILE A 193 -37.72 -2.24 23.41
N ILE A 194 -37.40 -2.14 22.12
CA ILE A 194 -36.98 -3.31 21.35
C ILE A 194 -35.65 -3.89 21.86
N GLU A 195 -34.81 -3.05 22.45
CA GLU A 195 -33.59 -3.52 23.10
C GLU A 195 -33.97 -4.40 24.29
N VAL A 196 -34.89 -3.90 25.11
CA VAL A 196 -35.34 -4.68 26.27
C VAL A 196 -35.93 -6.02 25.81
N VAL A 197 -36.84 -5.96 24.85
CA VAL A 197 -37.50 -7.14 24.32
C VAL A 197 -36.50 -8.16 23.81
N ASP A 198 -35.55 -7.69 23.00
CA ASP A 198 -34.51 -8.56 22.47
C ASP A 198 -33.76 -9.25 23.60
N ALA A 199 -33.47 -8.50 24.66
CA ALA A 199 -32.77 -9.10 25.80
C ALA A 199 -33.61 -10.16 26.53
N ILE A 200 -34.90 -9.87 26.72
CA ILE A 200 -35.80 -10.79 27.43
C ILE A 200 -36.00 -12.09 26.65
N MET A 201 -35.97 -11.99 25.33
CA MET A 201 -36.23 -13.15 24.49
C MET A 201 -35.22 -14.28 24.67
N THR A 202 -33.97 -13.96 25.03
CA THR A 202 -32.98 -15.02 25.24
C THR A 202 -33.16 -15.76 26.56
N THR A 203 -33.77 -15.10 27.53
CA THR A 203 -33.98 -15.72 28.83
C THR A 203 -35.28 -16.51 28.83
N ALA A 204 -36.25 -16.12 27.99
CA ALA A 204 -37.51 -16.85 28.00
C ALA A 204 -37.46 -18.27 27.40
N GLN A 205 -36.26 -18.81 27.21
CA GLN A 205 -36.04 -20.25 26.97
C GLN A 205 -35.82 -21.02 28.26
N SER A 206 -35.31 -20.35 29.29
CA SER A 206 -35.31 -20.93 30.63
C SER A 206 -36.78 -21.07 30.98
N HIS A 207 -37.31 -22.26 30.73
CA HIS A 207 -38.74 -22.55 30.81
C HIS A 207 -39.45 -21.84 29.66
N GLN A 208 -40.69 -22.22 29.39
CA GLN A 208 -41.43 -21.58 28.32
C GLN A 208 -42.10 -20.36 28.92
N ARG A 209 -41.34 -19.29 29.10
CA ARG A 209 -41.90 -18.13 29.77
C ARG A 209 -42.68 -17.25 28.83
N THR A 210 -43.69 -16.62 29.41
CA THR A 210 -44.55 -15.69 28.72
C THR A 210 -44.36 -14.35 29.39
N PHE A 211 -43.97 -13.35 28.60
CA PHE A 211 -43.65 -12.07 29.18
C PHE A 211 -44.67 -11.00 28.82
N VAL A 212 -45.21 -10.38 29.86
CA VAL A 212 -46.15 -9.29 29.70
C VAL A 212 -45.35 -8.01 29.94
N LEU A 213 -45.13 -7.26 28.87
CA LEU A 213 -44.27 -6.08 28.92
C LEU A 213 -45.09 -4.81 28.86
N GLU A 214 -44.96 -3.97 29.88
CA GLU A 214 -45.72 -2.72 29.94
C GLU A 214 -44.89 -1.55 29.40
N VAL A 215 -45.32 -1.03 28.25
CA VAL A 215 -44.63 0.07 27.58
C VAL A 215 -45.40 1.37 27.70
N MET A 216 -44.80 2.45 27.22
CA MET A 216 -45.35 3.79 27.39
C MET A 216 -46.49 4.11 26.43
N GLY A 217 -47.72 4.06 26.96
CA GLY A 217 -48.86 4.64 26.27
C GLY A 217 -50.00 4.95 27.22
N ARG A 218 -50.16 6.22 27.59
CA ARG A 218 -51.28 6.62 28.44
C ARG A 218 -52.48 7.03 27.59
N HIS A 219 -52.23 7.59 26.42
CA HIS A 219 -53.29 8.02 25.52
C HIS A 219 -53.00 7.66 24.08
N CYS A 220 -51.72 7.61 23.71
CA CYS A 220 -51.34 7.18 22.38
C CYS A 220 -50.86 5.74 22.44
N GLY A 221 -51.31 4.93 21.47
CA GLY A 221 -50.93 3.53 21.43
C GLY A 221 -49.95 3.22 20.32
N TYR A 222 -49.41 4.26 19.70
CA TYR A 222 -48.46 4.12 18.60
C TYR A 222 -47.28 3.27 19.03
N LEU A 223 -46.56 3.72 20.05
CA LEU A 223 -45.38 3.02 20.56
C LEU A 223 -45.60 1.54 20.84
N ALA A 224 -46.73 1.21 21.47
CA ALA A 224 -47.04 -0.19 21.76
C ALA A 224 -47.24 -0.98 20.49
N LEU A 225 -48.09 -0.46 19.61
CA LEU A 225 -48.39 -1.08 18.31
C LEU A 225 -47.12 -1.36 17.52
N VAL A 226 -46.31 -0.33 17.37
CA VAL A 226 -45.09 -0.36 16.58
C VAL A 226 -44.03 -1.27 17.22
N SER A 227 -44.01 -1.30 18.56
CA SER A 227 -43.13 -2.21 19.29
C SER A 227 -43.51 -3.64 18.96
N ALA A 228 -44.82 -3.91 19.03
CA ALA A 228 -45.37 -5.23 18.76
C ALA A 228 -45.04 -5.68 17.34
N LEU A 229 -45.20 -4.76 16.39
CA LEU A 229 -44.87 -5.02 15.00
C LEU A 229 -43.37 -5.29 14.84
N ALA A 230 -42.56 -4.62 15.65
CA ALA A 230 -41.12 -4.73 15.55
C ALA A 230 -40.56 -5.99 16.21
N CYS A 231 -41.28 -6.56 17.18
CA CYS A 231 -40.77 -7.73 17.87
C CYS A 231 -41.60 -8.98 17.60
N GLY A 232 -42.56 -8.86 16.68
CA GLY A 232 -43.45 -9.97 16.39
C GLY A 232 -44.16 -10.42 17.65
N ALA A 233 -44.68 -9.45 18.41
CA ALA A 233 -45.36 -9.75 19.66
C ALA A 233 -46.54 -10.69 19.39
N ASP A 234 -46.81 -11.57 20.36
CA ASP A 234 -47.89 -12.54 20.22
C ASP A 234 -49.24 -11.86 20.45
N TRP A 235 -49.24 -10.78 21.22
CA TRP A 235 -50.46 -10.00 21.44
C TRP A 235 -50.11 -8.58 21.87
N VAL A 236 -50.98 -7.62 21.55
CA VAL A 236 -50.79 -6.23 21.95
C VAL A 236 -52.07 -5.60 22.49
N PHE A 237 -51.93 -4.66 23.42
CA PHE A 237 -53.07 -3.92 23.97
C PHE A 237 -52.87 -2.41 23.85
N LEU A 238 -53.84 -1.76 23.21
CA LEU A 238 -53.78 -0.34 22.89
C LEU A 238 -54.93 0.43 23.54
N PRO A 239 -54.69 1.71 23.88
CA PRO A 239 -55.74 2.56 24.45
C PRO A 239 -56.85 2.96 23.48
N GLU A 240 -56.53 3.12 22.19
CA GLU A 240 -57.52 3.49 21.20
C GLU A 240 -58.37 2.31 20.77
N SER A 241 -57.72 1.17 20.55
CA SER A 241 -58.41 -0.03 20.09
C SER A 241 -58.44 -1.13 21.15
N PRO A 242 -59.52 -1.17 21.94
CA PRO A 242 -59.71 -2.19 22.97
C PRO A 242 -59.91 -3.56 22.33
N PRO A 243 -59.65 -4.64 23.07
CA PRO A 243 -59.84 -5.96 22.46
C PRO A 243 -61.31 -6.29 22.24
N GLU A 244 -61.61 -7.05 21.20
CA GLU A 244 -63.00 -7.38 20.89
C GLU A 244 -63.56 -8.53 21.71
N GLU A 245 -64.76 -8.93 21.32
CA GLU A 245 -65.51 -9.97 22.01
C GLU A 245 -64.79 -11.32 22.08
N GLY A 246 -64.87 -11.94 23.25
CA GLY A 246 -64.13 -13.13 23.62
C GLY A 246 -62.66 -13.14 23.24
N TRP A 247 -61.97 -12.03 23.55
CA TRP A 247 -60.56 -11.89 23.25
C TRP A 247 -59.70 -12.75 24.16
N GLU A 248 -60.15 -12.94 25.41
CA GLU A 248 -59.40 -13.72 26.39
C GLU A 248 -59.15 -15.12 25.85
N GLU A 249 -60.21 -15.72 25.32
CA GLU A 249 -60.16 -17.05 24.75
C GLU A 249 -59.29 -17.05 23.50
N GLN A 250 -59.47 -16.06 22.63
CA GLN A 250 -58.68 -15.95 21.41
C GLN A 250 -57.18 -15.90 21.70
N MET A 251 -56.81 -15.08 22.67
CA MET A 251 -55.41 -14.92 23.07
C MET A 251 -54.87 -16.22 23.64
N CYS A 252 -55.63 -16.85 24.53
CA CYS A 252 -55.18 -18.11 25.12
C CYS A 252 -55.04 -19.20 24.05
N VAL A 253 -55.94 -19.19 23.08
CA VAL A 253 -55.88 -20.09 21.94
C VAL A 253 -54.61 -19.85 21.13
N LYS A 254 -54.29 -18.58 20.92
CA LYS A 254 -53.08 -18.19 20.22
C LYS A 254 -51.83 -18.72 20.92
N LEU A 255 -51.80 -18.56 22.25
CA LEU A 255 -50.65 -18.99 23.03
C LEU A 255 -50.51 -20.51 23.02
N SER A 256 -51.64 -21.20 23.13
CA SER A 256 -51.65 -22.65 23.11
C SER A 256 -51.20 -23.16 21.74
N GLU A 257 -51.56 -22.40 20.70
CA GLU A 257 -51.11 -22.70 19.35
C GLU A 257 -49.60 -22.54 19.26
N ASN A 258 -49.08 -21.51 19.90
CA ASN A 258 -47.63 -21.29 19.92
C ASN A 258 -46.91 -22.44 20.60
N ARG A 259 -47.45 -22.96 21.70
CA ARG A 259 -46.82 -24.11 22.34
C ARG A 259 -46.94 -25.37 21.49
N ALA A 260 -48.05 -25.50 20.77
CA ALA A 260 -48.21 -26.61 19.82
C ALA A 260 -47.12 -26.58 18.74
N ARG A 261 -46.90 -25.41 18.15
CA ARG A 261 -45.84 -25.21 17.16
C ARG A 261 -44.44 -25.14 17.75
N LYS A 262 -44.35 -25.27 19.08
CA LYS A 262 -43.09 -25.36 19.80
C LYS A 262 -42.28 -24.05 19.82
N LYS A 263 -43.01 -22.94 19.83
CA LYS A 263 -42.40 -21.63 20.04
C LYS A 263 -42.04 -21.53 21.53
N ARG A 264 -40.75 -21.43 21.83
CA ARG A 264 -40.27 -21.50 23.20
C ARG A 264 -40.64 -20.33 24.11
N LEU A 265 -41.27 -19.29 23.56
CA LEU A 265 -41.63 -18.13 24.38
C LEU A 265 -42.90 -17.42 23.92
N ASN A 266 -43.36 -16.47 24.74
CA ASN A 266 -44.48 -15.62 24.39
C ASN A 266 -44.26 -14.19 24.88
N ILE A 267 -44.55 -13.22 24.02
CA ILE A 267 -44.42 -11.81 24.37
C ILE A 267 -45.72 -11.07 24.12
N ILE A 268 -46.21 -10.43 25.19
CA ILE A 268 -47.41 -9.60 25.12
C ILE A 268 -47.05 -8.16 25.46
N ILE A 269 -47.31 -7.27 24.51
CA ILE A 269 -47.05 -5.84 24.70
C ILE A 269 -48.32 -5.16 25.22
N VAL A 270 -48.18 -4.43 26.32
CA VAL A 270 -49.31 -3.74 26.92
C VAL A 270 -49.03 -2.26 27.10
N ALA A 271 -49.86 -1.43 26.47
CA ALA A 271 -49.76 0.00 26.71
C ALA A 271 -50.26 0.30 28.12
N GLU A 272 -49.61 1.27 28.76
CA GLU A 272 -49.97 1.72 30.11
C GLU A 272 -51.47 1.95 30.28
N GLY A 273 -52.08 2.63 29.31
CA GLY A 273 -53.50 2.92 29.32
C GLY A 273 -54.31 1.91 28.53
N ALA A 274 -53.94 0.63 28.63
CA ALA A 274 -54.71 -0.42 28.00
C ALA A 274 -56.11 -0.48 28.60
N ILE A 275 -57.12 -0.47 27.74
CA ILE A 275 -58.51 -0.40 28.20
C ILE A 275 -59.40 -1.39 27.48
N ASP A 276 -60.47 -1.83 28.15
CA ASP A 276 -61.50 -2.65 27.52
C ASP A 276 -62.54 -1.74 26.85
N THR A 277 -63.61 -2.34 26.35
CA THR A 277 -64.69 -1.63 25.69
C THR A 277 -65.48 -0.73 26.65
N GLN A 278 -65.27 -0.94 27.95
CA GLN A 278 -65.96 -0.17 28.98
C GLN A 278 -65.05 0.89 29.60
N ASN A 279 -63.97 1.23 28.90
CA ASN A 279 -62.97 2.22 29.33
C ASN A 279 -62.37 1.98 30.71
N LYS A 280 -62.57 0.78 31.26
CA LYS A 280 -61.87 0.38 32.48
C LYS A 280 -60.54 -0.23 32.06
N PRO A 281 -59.49 -0.01 32.86
CA PRO A 281 -58.15 -0.45 32.44
C PRO A 281 -57.95 -1.97 32.36
N ILE A 282 -57.05 -2.36 31.46
CA ILE A 282 -56.60 -3.74 31.36
C ILE A 282 -55.16 -3.78 31.79
N THR A 283 -54.94 -4.19 33.03
CA THR A 283 -53.62 -4.19 33.62
C THR A 283 -52.78 -5.37 33.14
N SER A 284 -51.47 -5.25 33.28
CA SER A 284 -50.55 -6.32 32.92
C SER A 284 -50.69 -7.45 33.91
N GLU A 285 -50.95 -7.06 35.16
CA GLU A 285 -51.16 -7.98 36.27
C GLU A 285 -52.30 -8.93 35.93
N LYS A 286 -53.38 -8.35 35.42
CA LYS A 286 -54.56 -9.07 35.00
C LYS A 286 -54.28 -10.03 33.85
N ILE A 287 -53.45 -9.59 32.91
CA ILE A 287 -53.10 -10.42 31.75
C ILE A 287 -52.33 -11.65 32.24
N LYS A 288 -51.37 -11.41 33.11
CA LYS A 288 -50.62 -12.48 33.75
C LYS A 288 -51.56 -13.44 34.47
N GLU A 289 -52.50 -12.90 35.24
CA GLU A 289 -53.48 -13.72 35.94
C GLU A 289 -54.26 -14.59 34.96
N LEU A 290 -54.64 -14.01 33.83
CA LEU A 290 -55.39 -14.72 32.80
C LEU A 290 -54.60 -15.91 32.26
N VAL A 291 -53.37 -15.65 31.84
CA VAL A 291 -52.51 -16.69 31.29
C VAL A 291 -52.21 -17.80 32.30
N VAL A 292 -51.95 -17.41 33.54
CA VAL A 292 -51.66 -18.36 34.61
C VAL A 292 -52.87 -19.24 34.91
N THR A 293 -54.03 -18.61 35.06
CA THR A 293 -55.26 -19.33 35.37
C THR A 293 -55.69 -20.28 34.24
N GLN A 294 -55.69 -19.78 33.01
CA GLN A 294 -56.19 -20.54 31.87
C GLN A 294 -55.21 -21.57 31.32
N LEU A 295 -53.95 -21.17 31.16
CA LEU A 295 -52.98 -22.01 30.49
C LEU A 295 -51.94 -22.62 31.42
N GLY A 296 -51.73 -21.99 32.57
CA GLY A 296 -50.75 -22.49 33.53
C GLY A 296 -49.31 -22.32 33.06
N TYR A 297 -49.07 -21.24 32.32
CA TYR A 297 -47.74 -20.96 31.81
C TYR A 297 -46.92 -20.17 32.82
N ASP A 298 -45.60 -20.29 32.74
CA ASP A 298 -44.71 -19.50 33.57
C ASP A 298 -44.72 -18.06 33.07
N THR A 299 -45.49 -17.19 33.72
CA THR A 299 -45.65 -15.81 33.25
C THR A 299 -44.94 -14.79 34.15
N ARG A 300 -44.38 -13.78 33.51
CA ARG A 300 -43.73 -12.68 34.22
C ARG A 300 -44.18 -11.33 33.69
N VAL A 301 -44.33 -10.36 34.58
CA VAL A 301 -44.65 -9.00 34.16
C VAL A 301 -43.38 -8.14 34.23
N THR A 302 -43.17 -7.29 33.23
CA THR A 302 -42.08 -6.35 33.27
C THR A 302 -42.56 -4.96 32.88
N ILE A 303 -42.43 -4.02 33.80
CA ILE A 303 -42.73 -2.63 33.52
C ILE A 303 -41.44 -1.90 33.15
N LEU A 304 -41.27 -1.64 31.86
CA LEU A 304 -40.03 -1.06 31.32
C LEU A 304 -39.65 0.25 31.97
N GLY A 305 -40.61 1.17 32.03
CA GLY A 305 -40.42 2.45 32.65
C GLY A 305 -39.48 3.43 31.94
N HIS A 306 -38.73 4.12 32.76
CA HIS A 306 -38.01 5.32 32.37
C HIS A 306 -36.83 5.11 31.43
N VAL A 307 -36.41 3.86 31.29
CA VAL A 307 -35.39 3.53 30.31
C VAL A 307 -35.94 3.93 28.95
N GLN A 308 -37.24 3.75 28.76
CA GLN A 308 -37.89 4.13 27.51
C GLN A 308 -37.61 5.57 27.14
N ARG A 309 -37.51 6.43 28.15
CA ARG A 309 -37.24 7.85 27.96
C ARG A 309 -35.75 8.15 27.84
N GLY A 310 -34.92 7.19 28.26
CA GLY A 310 -33.48 7.38 28.30
C GLY A 310 -32.74 6.91 27.06
N GLY A 311 -31.43 6.72 27.20
CA GLY A 311 -30.58 6.25 26.13
C GLY A 311 -30.14 7.36 25.20
N THR A 312 -29.49 6.99 24.11
CA THR A 312 -28.98 7.96 23.15
C THR A 312 -29.99 8.18 22.03
N PRO A 313 -30.07 9.42 21.52
CA PRO A 313 -30.99 9.65 20.41
C PRO A 313 -30.58 8.84 19.17
N SER A 314 -31.55 8.24 18.51
CA SER A 314 -31.30 7.48 17.30
C SER A 314 -30.86 8.39 16.17
N ALA A 315 -30.26 7.79 15.12
CA ALA A 315 -29.86 8.55 13.94
C ALA A 315 -31.05 9.28 13.35
N PHE A 316 -32.15 8.54 13.24
CA PHE A 316 -33.41 9.11 12.75
C PHE A 316 -33.83 10.31 13.58
N ASP A 317 -33.83 10.16 14.90
CA ASP A 317 -34.25 11.26 15.77
C ASP A 317 -33.32 12.46 15.70
N ARG A 318 -32.02 12.22 15.56
CA ARG A 318 -31.07 13.31 15.42
C ARG A 318 -31.33 14.12 14.15
N ILE A 319 -31.45 13.40 13.03
CA ILE A 319 -31.69 14.04 11.74
C ILE A 319 -33.03 14.78 11.71
N LEU A 320 -34.07 14.10 12.18
CA LEU A 320 -35.41 14.67 12.27
C LEU A 320 -35.37 15.95 13.07
N ALA A 321 -34.81 15.87 14.28
CA ALA A 321 -34.72 17.04 15.17
C ALA A 321 -33.98 18.21 14.54
N SER A 322 -32.87 17.93 13.86
CA SER A 322 -32.11 18.99 13.19
C SER A 322 -32.98 19.69 12.16
N ARG A 323 -33.59 18.88 11.30
CA ARG A 323 -34.48 19.39 10.27
C ARG A 323 -35.63 20.21 10.86
N MET A 324 -36.17 19.74 11.99
CA MET A 324 -37.26 20.42 12.68
C MET A 324 -36.86 21.79 13.21
N GLY A 325 -35.70 21.85 13.86
CA GLY A 325 -35.20 23.11 14.39
C GLY A 325 -35.01 24.12 13.27
N VAL A 326 -34.44 23.64 12.16
CA VAL A 326 -34.19 24.50 11.02
C VAL A 326 -35.50 25.06 10.47
N GLU A 327 -36.46 24.16 10.30
CA GLU A 327 -37.78 24.54 9.81
C GLU A 327 -38.48 25.50 10.77
N ALA A 328 -38.19 25.37 12.06
CA ALA A 328 -38.77 26.23 13.09
C ALA A 328 -38.26 27.65 12.95
N VAL A 329 -36.95 27.79 12.79
CA VAL A 329 -36.38 29.13 12.61
C VAL A 329 -36.93 29.76 11.32
N ILE A 330 -36.96 28.95 10.26
CA ILE A 330 -37.53 29.41 8.99
C ILE A 330 -38.96 29.91 9.16
N ALA A 331 -39.77 29.12 9.86
CA ALA A 331 -41.16 29.48 10.13
C ALA A 331 -41.26 30.79 10.91
N LEU A 332 -40.35 30.96 11.86
CA LEU A 332 -40.32 32.18 12.66
C LEU A 332 -40.01 33.40 11.82
N LEU A 333 -39.13 33.25 10.83
CA LEU A 333 -38.81 34.38 9.96
C LEU A 333 -39.95 34.69 9.00
N GLU A 334 -40.51 33.64 8.42
CA GLU A 334 -41.59 33.77 7.45
C GLU A 334 -42.94 34.19 8.05
N ALA A 335 -43.00 34.25 9.37
CA ALA A 335 -44.23 34.59 10.09
C ALA A 335 -44.67 36.05 9.94
N THR A 336 -45.98 36.25 9.91
CA THR A 336 -46.54 37.60 9.83
C THR A 336 -47.48 37.76 11.04
N PRO A 337 -47.97 38.99 11.30
CA PRO A 337 -48.93 39.14 12.40
C PRO A 337 -50.21 38.35 12.16
N ASP A 338 -50.54 38.11 10.90
CA ASP A 338 -51.72 37.34 10.54
C ASP A 338 -51.51 35.83 10.67
N THR A 339 -50.30 35.35 10.36
CA THR A 339 -49.99 33.92 10.49
C THR A 339 -50.19 33.46 11.93
N PRO A 340 -51.02 32.43 12.12
CA PRO A 340 -51.25 31.95 13.47
C PRO A 340 -50.04 31.17 13.97
N ALA A 341 -49.97 30.95 15.28
CA ALA A 341 -48.91 30.12 15.85
C ALA A 341 -49.06 28.70 15.30
N CYS A 342 -47.94 28.13 14.87
CA CYS A 342 -47.95 26.81 14.25
C CYS A 342 -47.05 25.83 14.99
N VAL A 343 -47.25 24.55 14.71
CA VAL A 343 -46.41 23.46 15.18
C VAL A 343 -45.67 22.85 13.98
N VAL A 344 -44.35 22.86 14.03
CA VAL A 344 -43.53 22.29 12.95
C VAL A 344 -43.52 20.77 13.00
N SER A 345 -43.73 20.15 11.84
CA SER A 345 -43.85 18.69 11.76
C SER A 345 -43.22 18.13 10.48
N LEU A 346 -43.10 16.80 10.42
CA LEU A 346 -42.61 16.13 9.22
C LEU A 346 -43.73 15.27 8.59
N ASN A 347 -44.21 15.71 7.44
CA ASN A 347 -45.28 15.02 6.72
C ASN A 347 -44.89 14.29 5.44
N GLY A 348 -44.38 13.07 5.57
CA GLY A 348 -43.99 12.33 4.39
C GLY A 348 -42.66 12.86 3.90
N ASN A 349 -41.69 12.90 4.79
CA ASN A 349 -40.34 13.30 4.45
C ASN A 349 -40.31 14.74 3.92
N HIS A 350 -41.25 15.54 4.42
CA HIS A 350 -41.33 16.96 4.15
C HIS A 350 -41.74 17.78 5.35
N ALA A 351 -41.08 18.92 5.50
CA ALA A 351 -41.31 19.84 6.59
C ALA A 351 -42.58 20.63 6.37
N VAL A 352 -43.47 20.60 7.37
CA VAL A 352 -44.76 21.27 7.29
C VAL A 352 -45.07 22.09 8.53
N ARG A 353 -45.94 23.07 8.38
CA ARG A 353 -46.35 23.91 9.49
C ARG A 353 -47.84 23.73 9.75
N LEU A 354 -48.19 23.11 10.88
CA LEU A 354 -49.61 22.89 11.15
C LEU A 354 -50.14 23.91 12.14
N PRO A 355 -51.24 24.60 11.81
CA PRO A 355 -51.79 25.53 12.78
C PRO A 355 -52.18 24.83 14.08
N LEU A 356 -51.74 25.40 15.21
CA LEU A 356 -51.87 24.81 16.54
C LEU A 356 -53.27 24.33 16.91
N MET A 357 -54.23 25.25 16.80
CA MET A 357 -55.60 24.95 17.20
C MET A 357 -56.18 23.73 16.49
N GLU A 358 -55.75 23.47 15.26
CA GLU A 358 -56.14 22.25 14.57
C GLU A 358 -55.64 21.02 15.34
N CYS A 359 -54.42 21.12 15.85
CA CYS A 359 -53.85 20.01 16.61
C CYS A 359 -54.61 19.78 17.91
N VAL A 360 -54.87 20.86 18.66
CA VAL A 360 -55.62 20.67 19.92
C VAL A 360 -57.04 20.18 19.62
N GLN A 361 -57.63 20.65 18.51
CA GLN A 361 -58.98 20.23 18.11
C GLN A 361 -58.97 18.74 17.78
N MET A 362 -57.82 18.25 17.30
CA MET A 362 -57.66 16.81 17.05
C MET A 362 -57.63 16.03 18.36
N THR A 363 -56.82 16.52 19.31
CA THR A 363 -56.75 15.87 20.61
C THR A 363 -58.15 15.77 21.23
N GLN A 364 -58.89 16.88 21.17
CA GLN A 364 -60.25 16.92 21.72
C GLN A 364 -61.23 16.04 20.97
N ASP A 365 -61.08 15.92 19.65
CA ASP A 365 -61.93 15.03 18.87
C ASP A 365 -61.71 13.58 19.29
N VAL A 366 -60.45 13.19 19.39
CA VAL A 366 -60.11 11.82 19.74
C VAL A 366 -60.61 11.49 21.14
N GLN A 367 -60.37 12.39 22.08
CA GLN A 367 -60.86 12.21 23.44
C GLN A 367 -62.39 12.10 23.48
N LYS A 368 -63.07 12.98 22.77
CA LYS A 368 -64.52 12.94 22.66
C LYS A 368 -65.00 11.57 22.16
N ALA A 369 -64.30 11.03 21.16
CA ALA A 369 -64.63 9.71 20.65
C ALA A 369 -64.36 8.63 21.69
N MET A 370 -63.33 8.85 22.51
CA MET A 370 -62.96 7.89 23.54
C MET A 370 -64.02 7.81 24.63
N ASP A 371 -64.47 8.97 25.10
CA ASP A 371 -65.50 9.03 26.13
C ASP A 371 -66.82 8.43 25.63
N GLU A 372 -67.14 8.71 24.37
CA GLU A 372 -68.37 8.22 23.78
C GLU A 372 -68.19 6.82 23.20
N ARG A 373 -67.05 6.21 23.49
CA ARG A 373 -66.73 4.84 23.10
C ARG A 373 -66.81 4.60 21.59
N ARG A 374 -66.54 5.63 20.79
CA ARG A 374 -66.42 5.44 19.35
C ARG A 374 -64.97 5.10 19.03
N PHE A 375 -64.53 3.93 19.50
CA PHE A 375 -63.12 3.55 19.40
C PHE A 375 -62.65 3.45 17.96
N GLN A 376 -63.52 2.95 17.08
CA GLN A 376 -63.16 2.86 15.67
C GLN A 376 -62.98 4.26 15.09
N ASP A 377 -63.81 5.20 15.52
CA ASP A 377 -63.67 6.59 15.07
C ASP A 377 -62.38 7.18 15.61
N ALA A 378 -61.96 6.74 16.79
CA ALA A 378 -60.68 7.17 17.37
C ALA A 378 -59.48 6.67 16.58
N VAL A 379 -59.46 5.36 16.33
CA VAL A 379 -58.40 4.72 15.57
C VAL A 379 -58.34 5.32 14.17
N ARG A 380 -59.53 5.62 13.65
CA ARG A 380 -59.69 6.31 12.38
C ARG A 380 -58.98 7.65 12.46
N LEU A 381 -59.33 8.43 13.47
CA LEU A 381 -58.77 9.76 13.69
C LEU A 381 -57.25 9.75 13.86
N ARG A 382 -56.70 8.61 14.29
CA ARG A 382 -55.25 8.49 14.48
C ARG A 382 -54.48 8.61 13.16
N GLY A 383 -55.11 8.26 12.05
CA GLY A 383 -54.50 8.38 10.74
C GLY A 383 -54.37 7.05 10.02
N ARG A 384 -53.93 7.10 8.76
CA ARG A 384 -53.80 5.89 7.95
C ARG A 384 -52.66 5.01 8.41
N SER A 385 -51.48 5.60 8.62
CA SER A 385 -50.31 4.88 9.14
C SER A 385 -50.67 3.99 10.33
N PHE A 386 -51.39 4.53 11.29
CA PHE A 386 -51.82 3.78 12.48
C PHE A 386 -52.61 2.54 12.10
N ALA A 387 -53.69 2.75 11.37
CA ALA A 387 -54.57 1.66 10.93
C ALA A 387 -53.81 0.62 10.11
N GLY A 388 -52.84 1.07 9.33
CA GLY A 388 -52.03 0.19 8.50
C GLY A 388 -51.15 -0.70 9.35
N ASN A 389 -50.42 -0.07 10.27
CA ASN A 389 -49.61 -0.79 11.24
C ASN A 389 -50.44 -1.85 11.97
N LEU A 390 -51.64 -1.45 12.37
CA LEU A 390 -52.55 -2.31 13.12
C LEU A 390 -53.02 -3.51 12.29
N ASN A 391 -53.44 -3.25 11.05
CA ASN A 391 -53.90 -4.33 10.16
C ASN A 391 -52.79 -5.29 9.80
N THR A 392 -51.61 -4.75 9.48
CA THR A 392 -50.46 -5.59 9.15
C THR A 392 -50.11 -6.46 10.34
N TYR A 393 -50.08 -5.84 11.52
CA TYR A 393 -49.77 -6.57 12.74
C TYR A 393 -50.76 -7.72 12.91
N LYS A 394 -52.04 -7.43 12.72
CA LYS A 394 -53.04 -8.48 12.89
C LYS A 394 -52.87 -9.61 11.89
N ARG A 395 -52.84 -9.29 10.60
CA ARG A 395 -52.72 -10.32 9.58
C ARG A 395 -51.40 -11.10 9.70
N LEU A 396 -50.46 -10.59 10.49
CA LEU A 396 -49.21 -11.32 10.70
C LEU A 396 -49.19 -12.11 12.02
N ALA A 397 -50.00 -11.68 12.98
CA ALA A 397 -50.04 -12.29 14.31
C ALA A 397 -51.06 -13.41 14.40
N ILE A 398 -52.19 -13.24 13.71
CA ILE A 398 -53.28 -14.20 13.80
C ILE A 398 -53.47 -14.95 12.48
N LYS A 399 -53.43 -16.27 12.57
CA LYS A 399 -53.66 -17.16 11.43
C LYS A 399 -55.02 -17.84 11.47
N LEU A 400 -55.68 -17.89 10.32
CA LEU A 400 -56.92 -18.64 10.19
C LEU A 400 -56.57 -20.09 9.89
N PRO A 401 -57.43 -21.03 10.33
CA PRO A 401 -57.12 -22.43 9.99
C PRO A 401 -57.20 -22.61 8.49
N ASP A 402 -56.35 -23.47 7.92
CA ASP A 402 -56.24 -23.60 6.47
C ASP A 402 -57.59 -23.76 5.76
N ASP A 403 -58.47 -24.59 6.32
CA ASP A 403 -59.80 -24.83 5.76
C ASP A 403 -60.61 -23.55 5.52
N GLN A 404 -60.34 -22.52 6.32
CA GLN A 404 -61.06 -21.26 6.19
C GLN A 404 -60.32 -20.30 5.27
N ILE A 405 -59.22 -20.77 4.69
CA ILE A 405 -58.49 -19.95 3.72
C ILE A 405 -58.63 -20.52 2.32
N PRO A 406 -59.43 -19.85 1.47
CA PRO A 406 -59.65 -20.26 0.08
C PRO A 406 -58.32 -20.39 -0.63
N LYS A 407 -57.82 -21.62 -0.75
CA LYS A 407 -56.54 -21.89 -1.39
C LYS A 407 -56.52 -21.62 -2.89
N THR A 408 -55.83 -20.57 -3.32
CA THR A 408 -55.57 -20.39 -4.74
C THR A 408 -54.47 -21.38 -5.09
N ASN A 409 -54.57 -21.99 -6.26
CA ASN A 409 -53.60 -23.00 -6.66
C ASN A 409 -52.40 -22.35 -7.32
N CYS A 410 -51.78 -21.43 -6.59
CA CYS A 410 -50.66 -20.64 -7.07
C CYS A 410 -49.43 -20.85 -6.19
N ASN A 411 -48.26 -20.75 -6.79
CA ASN A 411 -47.00 -20.89 -6.07
C ASN A 411 -46.19 -19.61 -6.15
N VAL A 412 -45.99 -18.94 -5.01
CA VAL A 412 -45.26 -17.67 -5.01
C VAL A 412 -43.88 -17.80 -4.37
N ALA A 413 -42.85 -17.34 -5.07
CA ALA A 413 -41.47 -17.50 -4.61
C ALA A 413 -40.91 -16.22 -3.97
N VAL A 414 -40.15 -16.41 -2.89
CA VAL A 414 -39.49 -15.31 -2.18
C VAL A 414 -37.98 -15.52 -2.20
N ILE A 415 -37.24 -14.44 -2.45
CA ILE A 415 -35.80 -14.54 -2.62
C ILE A 415 -35.07 -13.28 -2.11
N ASN A 416 -33.81 -13.44 -1.72
CA ASN A 416 -32.97 -12.32 -1.30
C ASN A 416 -31.81 -12.14 -2.27
N VAL A 417 -31.68 -10.95 -2.85
CA VAL A 417 -30.65 -10.71 -3.86
C VAL A 417 -29.79 -9.49 -3.51
N GLY A 418 -28.48 -9.63 -3.65
CA GLY A 418 -27.56 -8.55 -3.33
C GLY A 418 -26.84 -8.78 -2.01
N ALA A 419 -26.16 -7.76 -1.53
CA ALA A 419 -25.48 -7.85 -0.24
C ALA A 419 -26.53 -7.87 0.87
N PRO A 420 -26.17 -8.43 2.04
CA PRO A 420 -27.14 -8.46 3.14
C PRO A 420 -27.54 -7.09 3.64
N ALA A 421 -28.78 -7.00 4.12
CA ALA A 421 -29.32 -5.79 4.71
C ALA A 421 -30.17 -6.19 5.89
N ALA A 422 -29.99 -5.50 7.01
CA ALA A 422 -30.74 -5.78 8.22
C ALA A 422 -32.23 -5.54 8.00
N GLY A 423 -33.02 -6.61 8.06
CA GLY A 423 -34.45 -6.52 7.87
C GLY A 423 -34.94 -7.39 6.73
N MET A 424 -34.00 -8.12 6.11
CA MET A 424 -34.34 -9.04 5.04
C MET A 424 -35.23 -10.16 5.58
N ASN A 425 -34.88 -10.68 6.75
CA ASN A 425 -35.63 -11.77 7.37
C ASN A 425 -37.04 -11.36 7.78
N ALA A 426 -37.18 -10.14 8.31
CA ALA A 426 -38.49 -9.59 8.62
C ALA A 426 -39.35 -9.55 7.36
N ALA A 427 -38.72 -9.13 6.27
CA ALA A 427 -39.37 -9.01 4.98
C ALA A 427 -39.84 -10.37 4.48
N VAL A 428 -38.99 -11.38 4.63
CA VAL A 428 -39.34 -12.74 4.22
C VAL A 428 -40.50 -13.26 5.06
N ARG A 429 -40.43 -13.03 6.36
CA ARG A 429 -41.50 -13.44 7.28
C ARG A 429 -42.85 -12.85 6.86
N SER A 430 -42.85 -11.54 6.66
CA SER A 430 -44.06 -10.82 6.25
C SER A 430 -44.60 -11.38 4.93
N ALA A 431 -43.73 -11.44 3.92
CA ALA A 431 -44.11 -11.92 2.60
C ALA A 431 -44.72 -13.31 2.66
N VAL A 432 -44.04 -14.21 3.36
CA VAL A 432 -44.49 -15.60 3.49
C VAL A 432 -45.85 -15.67 4.19
N ARG A 433 -46.00 -14.99 5.32
CA ARG A 433 -47.26 -15.07 6.07
C ARG A 433 -48.44 -14.42 5.35
N VAL A 434 -48.24 -13.28 4.73
CA VAL A 434 -49.30 -12.66 3.93
C VAL A 434 -49.68 -13.59 2.78
N GLY A 435 -48.65 -14.15 2.13
CA GLY A 435 -48.85 -15.09 1.05
C GLY A 435 -49.71 -16.28 1.46
N ILE A 436 -49.38 -16.87 2.60
CA ILE A 436 -50.14 -17.99 3.14
C ILE A 436 -51.57 -17.59 3.46
N ALA A 437 -51.72 -16.42 4.09
CA ALA A 437 -53.04 -15.88 4.43
C ALA A 437 -53.90 -15.67 3.20
N ASP A 438 -53.26 -15.41 2.07
CA ASP A 438 -53.97 -15.17 0.83
C ASP A 438 -54.14 -16.47 0.02
N GLY A 439 -53.86 -17.59 0.68
CA GLY A 439 -54.13 -18.91 0.12
C GLY A 439 -53.14 -19.39 -0.93
N HIS A 440 -51.92 -18.88 -0.85
CA HIS A 440 -50.85 -19.29 -1.75
C HIS A 440 -49.97 -20.35 -1.16
N ARG A 441 -49.27 -21.07 -2.03
CA ARG A 441 -48.21 -21.96 -1.60
C ARG A 441 -46.89 -21.20 -1.72
N MET A 442 -46.26 -20.96 -0.58
CA MET A 442 -45.04 -20.16 -0.54
C MET A 442 -43.81 -21.03 -0.77
N LEU A 443 -42.90 -20.49 -1.59
CA LEU A 443 -41.64 -21.12 -1.97
C LEU A 443 -40.48 -20.25 -1.55
N ALA A 444 -39.50 -20.83 -0.87
CA ALA A 444 -38.34 -20.06 -0.46
C ALA A 444 -37.16 -20.43 -1.34
N ILE A 445 -36.54 -19.41 -1.93
CA ILE A 445 -35.35 -19.61 -2.75
C ILE A 445 -34.12 -19.13 -1.99
N TYR A 446 -33.18 -20.05 -1.80
CA TYR A 446 -32.00 -19.79 -0.97
C TYR A 446 -30.81 -19.33 -1.80
N ASP A 447 -29.99 -18.46 -1.21
CA ASP A 447 -28.74 -17.97 -1.82
C ASP A 447 -28.94 -17.28 -3.17
N GLY A 448 -29.87 -16.33 -3.20
CA GLY A 448 -30.14 -15.54 -4.39
C GLY A 448 -30.29 -16.32 -5.68
N PHE A 449 -29.83 -15.73 -6.78
CA PHE A 449 -29.94 -16.36 -8.09
C PHE A 449 -28.96 -17.51 -8.24
N ASP A 450 -27.95 -17.54 -7.37
CA ASP A 450 -27.02 -18.65 -7.35
C ASP A 450 -27.74 -19.93 -6.95
N GLY A 451 -28.41 -19.89 -5.80
CA GLY A 451 -29.21 -21.01 -5.36
C GLY A 451 -30.43 -21.25 -6.23
N PHE A 452 -30.97 -20.16 -6.78
CA PHE A 452 -32.10 -20.24 -7.69
C PHE A 452 -31.71 -21.13 -8.87
N ALA A 453 -30.58 -20.81 -9.50
CA ALA A 453 -30.08 -21.58 -10.62
C ALA A 453 -29.77 -23.03 -10.22
N LYS A 454 -29.36 -23.23 -8.96
CA LYS A 454 -29.02 -24.57 -8.49
C LYS A 454 -30.25 -25.33 -7.99
N GLY A 455 -31.42 -24.70 -8.07
CA GLY A 455 -32.62 -25.35 -7.60
C GLY A 455 -32.64 -25.50 -6.09
N GLN A 456 -32.13 -24.48 -5.40
CA GLN A 456 -32.15 -24.50 -3.94
C GLN A 456 -33.46 -23.89 -3.48
N ILE A 457 -34.54 -24.61 -3.78
CA ILE A 457 -35.91 -24.15 -3.52
C ILE A 457 -36.64 -25.10 -2.58
N LYS A 458 -37.18 -24.54 -1.51
CA LYS A 458 -37.95 -25.37 -0.57
C LYS A 458 -39.22 -24.66 -0.12
N GLU A 459 -40.36 -25.33 -0.18
CA GLU A 459 -41.61 -24.71 0.25
C GLU A 459 -41.57 -24.32 1.73
N ILE A 460 -41.92 -23.08 2.01
CA ILE A 460 -41.82 -22.51 3.35
C ILE A 460 -43.22 -22.30 3.96
N GLY A 461 -43.30 -22.41 5.29
CA GLY A 461 -44.55 -22.30 6.00
C GLY A 461 -44.62 -21.17 7.00
N TRP A 462 -45.78 -21.03 7.64
CA TRP A 462 -46.03 -19.99 8.65
C TRP A 462 -45.05 -20.08 9.82
N THR A 463 -44.85 -21.29 10.34
CA THR A 463 -43.99 -21.49 11.50
C THR A 463 -42.53 -21.27 11.18
N ASP A 464 -42.14 -21.63 9.95
CA ASP A 464 -40.76 -21.51 9.50
C ASP A 464 -40.18 -20.11 9.65
N VAL A 465 -41.00 -19.09 9.40
CA VAL A 465 -40.54 -17.71 9.47
C VAL A 465 -40.75 -17.10 10.85
N GLY A 466 -41.26 -17.89 11.79
CA GLY A 466 -41.47 -17.42 13.15
C GLY A 466 -40.20 -16.96 13.85
N GLY A 467 -40.27 -15.81 14.51
CA GLY A 467 -39.14 -15.28 15.25
C GLY A 467 -38.07 -14.62 14.41
N TRP A 468 -38.34 -14.45 13.12
CA TRP A 468 -37.37 -13.88 12.19
C TRP A 468 -37.22 -12.36 12.32
N THR A 469 -38.30 -11.70 12.69
CA THR A 469 -38.39 -10.24 12.74
C THR A 469 -37.11 -9.53 13.21
N GLY A 470 -36.61 -9.91 14.37
CA GLY A 470 -35.42 -9.28 14.93
C GLY A 470 -34.09 -9.85 14.49
N GLN A 471 -34.09 -10.74 13.51
CA GLN A 471 -32.86 -11.37 13.02
C GLN A 471 -32.19 -10.56 11.91
N GLY A 472 -30.91 -10.24 12.11
CA GLY A 472 -30.13 -9.56 11.10
C GLY A 472 -29.62 -10.51 10.03
N GLY A 473 -29.03 -9.97 8.97
CA GLY A 473 -28.50 -10.78 7.89
C GLY A 473 -29.55 -11.42 7.01
N SER A 474 -29.26 -12.61 6.50
CA SER A 474 -30.14 -13.30 5.57
C SER A 474 -30.18 -14.80 5.80
N ILE A 475 -31.27 -15.29 6.37
CA ILE A 475 -31.42 -16.72 6.67
C ILE A 475 -31.51 -17.55 5.38
N LEU A 476 -32.23 -17.03 4.38
CA LEU A 476 -32.31 -17.72 3.09
C LEU A 476 -30.95 -17.70 2.43
N GLY A 477 -30.21 -16.62 2.65
CA GLY A 477 -28.92 -16.41 2.03
C GLY A 477 -29.12 -15.46 0.87
N THR A 478 -28.19 -14.54 0.66
CA THR A 478 -28.30 -13.58 -0.43
C THR A 478 -26.96 -13.41 -1.15
N LYS A 479 -27.03 -13.23 -2.47
CA LYS A 479 -25.84 -13.06 -3.31
C LYS A 479 -26.02 -11.91 -4.31
N ARG A 480 -24.92 -11.30 -4.72
CA ARG A 480 -24.95 -10.20 -5.67
C ARG A 480 -25.08 -10.66 -7.14
N VAL A 481 -24.85 -11.96 -7.39
CA VAL A 481 -24.84 -12.49 -8.74
C VAL A 481 -26.16 -12.26 -9.51
N LEU A 482 -26.03 -11.84 -10.76
CA LEU A 482 -27.17 -11.55 -11.64
C LEU A 482 -27.63 -12.82 -12.36
N PRO A 483 -28.93 -12.89 -12.72
CA PRO A 483 -29.54 -14.08 -13.34
C PRO A 483 -29.15 -14.30 -14.80
N GLY A 484 -28.62 -13.28 -15.47
CA GLY A 484 -28.28 -13.34 -16.89
C GLY A 484 -27.65 -14.59 -17.48
N LYS A 485 -26.54 -15.05 -16.90
CA LYS A 485 -25.82 -16.23 -17.41
C LYS A 485 -26.50 -17.57 -17.01
N TYR A 486 -27.48 -17.53 -16.10
CA TYR A 486 -28.16 -18.80 -15.71
C TYR A 486 -29.66 -18.80 -16.05
N LEU A 487 -30.02 -18.04 -17.07
CA LEU A 487 -31.41 -17.86 -17.49
C LEU A 487 -32.13 -19.16 -17.81
N GLU A 488 -31.41 -20.09 -18.44
CA GLU A 488 -31.99 -21.37 -18.80
C GLU A 488 -32.22 -22.10 -17.47
N GLU A 489 -31.16 -22.16 -16.66
CA GLU A 489 -31.14 -22.91 -15.42
C GLU A 489 -32.24 -22.45 -14.47
N ILE A 490 -32.46 -21.14 -14.41
CA ILE A 490 -33.52 -20.60 -13.57
C ILE A 490 -34.89 -20.93 -14.16
N ALA A 491 -35.02 -20.77 -15.48
CA ALA A 491 -36.30 -21.00 -16.15
C ALA A 491 -36.76 -22.41 -15.87
N THR A 492 -35.83 -23.34 -15.96
CA THR A 492 -36.12 -24.75 -15.76
C THR A 492 -36.70 -24.92 -14.36
N GLN A 493 -36.09 -24.27 -13.38
CA GLN A 493 -36.57 -24.41 -12.01
C GLN A 493 -37.96 -23.80 -11.90
N MET A 494 -38.16 -22.64 -12.52
CA MET A 494 -39.47 -21.99 -12.44
C MET A 494 -40.52 -22.88 -13.08
N ARG A 495 -40.06 -23.73 -14.00
CA ARG A 495 -40.93 -24.67 -14.64
C ARG A 495 -41.15 -25.91 -13.77
N THR A 496 -40.09 -26.42 -13.13
CA THR A 496 -40.26 -27.62 -12.33
C THR A 496 -41.06 -27.36 -11.04
N HIS A 497 -40.93 -26.15 -10.50
CA HIS A 497 -41.62 -25.81 -9.26
C HIS A 497 -42.94 -25.06 -9.51
N SER A 498 -43.17 -24.69 -10.77
CA SER A 498 -44.38 -23.98 -11.17
C SER A 498 -44.52 -22.66 -10.40
N ILE A 499 -43.49 -21.83 -10.48
CA ILE A 499 -43.52 -20.53 -9.82
C ILE A 499 -44.40 -19.56 -10.59
N ASN A 500 -45.49 -19.14 -9.95
CA ASN A 500 -46.49 -18.27 -10.58
C ASN A 500 -46.22 -16.79 -10.34
N ALA A 501 -45.34 -16.49 -9.39
CA ALA A 501 -45.01 -15.11 -9.07
C ALA A 501 -43.71 -15.07 -8.27
N LEU A 502 -43.03 -13.94 -8.29
CA LEU A 502 -41.75 -13.80 -7.62
C LEU A 502 -41.62 -12.48 -6.88
N LEU A 503 -41.21 -12.54 -5.62
CA LEU A 503 -40.90 -11.35 -4.85
C LEU A 503 -39.43 -11.34 -4.49
N ILE A 504 -38.74 -10.27 -4.87
CA ILE A 504 -37.33 -10.15 -4.55
C ILE A 504 -37.11 -9.10 -3.46
N ILE A 505 -36.39 -9.48 -2.43
CA ILE A 505 -35.99 -8.56 -1.37
C ILE A 505 -34.51 -8.30 -1.53
N GLY A 506 -34.14 -7.13 -2.04
CA GLY A 506 -32.74 -6.87 -2.33
C GLY A 506 -32.38 -5.48 -2.81
N GLY A 507 -31.11 -5.33 -3.17
CA GLY A 507 -30.56 -4.05 -3.60
C GLY A 507 -30.59 -3.80 -5.09
N PHE A 508 -29.62 -3.03 -5.56
CA PHE A 508 -29.52 -2.67 -6.97
C PHE A 508 -29.44 -3.90 -7.88
N GLU A 509 -28.74 -4.93 -7.42
CA GLU A 509 -28.63 -6.19 -8.15
C GLU A 509 -29.99 -6.81 -8.41
N ALA A 510 -30.91 -6.66 -7.47
CA ALA A 510 -32.28 -7.14 -7.64
C ALA A 510 -32.96 -6.42 -8.80
N TYR A 511 -32.74 -5.12 -8.88
CA TYR A 511 -33.32 -4.29 -9.94
C TYR A 511 -32.75 -4.70 -11.30
N LEU A 512 -31.44 -4.92 -11.34
CA LEU A 512 -30.79 -5.38 -12.56
C LEU A 512 -31.32 -6.74 -12.98
N GLY A 513 -31.51 -7.61 -12.00
CA GLY A 513 -32.07 -8.93 -12.22
C GLY A 513 -33.44 -8.87 -12.84
N LEU A 514 -34.30 -8.02 -12.27
CA LEU A 514 -35.65 -7.80 -12.79
C LEU A 514 -35.59 -7.36 -14.24
N LEU A 515 -34.67 -6.45 -14.53
CA LEU A 515 -34.50 -5.95 -15.90
C LEU A 515 -34.12 -7.11 -16.85
N GLU A 516 -33.19 -7.95 -16.39
CA GLU A 516 -32.70 -9.06 -17.20
C GLU A 516 -33.79 -10.09 -17.47
N LEU A 517 -34.60 -10.38 -16.46
CA LEU A 517 -35.68 -11.36 -16.62
C LEU A 517 -36.75 -10.80 -17.55
N SER A 518 -37.01 -9.50 -17.41
CA SER A 518 -37.94 -8.80 -18.29
C SER A 518 -37.49 -8.93 -19.73
N ALA A 519 -36.18 -8.82 -19.95
CA ALA A 519 -35.64 -8.99 -21.29
C ALA A 519 -35.74 -10.44 -21.75
N ALA A 520 -35.60 -11.36 -20.81
CA ALA A 520 -35.56 -12.79 -21.10
C ALA A 520 -36.94 -13.41 -21.36
N ARG A 521 -37.99 -12.66 -21.04
CA ARG A 521 -39.37 -13.16 -21.21
C ARG A 521 -39.68 -13.82 -22.56
N GLU A 522 -39.33 -13.18 -23.67
CA GLU A 522 -39.68 -13.68 -24.99
C GLU A 522 -39.08 -15.07 -25.24
N LYS A 523 -37.85 -15.25 -24.78
CA LYS A 523 -37.15 -16.52 -24.99
C LYS A 523 -37.54 -17.58 -23.96
N HIS A 524 -37.97 -17.12 -22.80
CA HIS A 524 -38.37 -18.02 -21.72
C HIS A 524 -39.73 -17.63 -21.16
N GLU A 525 -40.75 -18.38 -21.56
CA GLU A 525 -42.13 -18.12 -21.14
C GLU A 525 -42.33 -18.19 -19.63
N GLU A 526 -41.43 -18.89 -18.93
CA GLU A 526 -41.54 -19.08 -17.49
C GLU A 526 -41.46 -17.76 -16.73
N PHE A 527 -40.88 -16.75 -17.36
CA PHE A 527 -40.71 -15.44 -16.74
C PHE A 527 -41.90 -14.54 -16.97
N CYS A 528 -42.91 -15.05 -17.67
CA CYS A 528 -44.12 -14.27 -17.94
C CYS A 528 -45.07 -14.34 -16.75
N VAL A 529 -44.51 -14.11 -15.57
CA VAL A 529 -45.26 -14.08 -14.32
C VAL A 529 -45.04 -12.72 -13.67
N PRO A 530 -45.93 -12.33 -12.75
CA PRO A 530 -45.69 -11.02 -12.11
C PRO A 530 -44.46 -11.05 -11.20
N MET A 531 -43.63 -10.01 -11.29
CA MET A 531 -42.43 -9.91 -10.49
C MET A 531 -42.37 -8.53 -9.83
N VAL A 532 -42.10 -8.51 -8.53
CA VAL A 532 -41.99 -7.24 -7.82
C VAL A 532 -40.82 -7.31 -6.86
N MET A 533 -40.15 -6.19 -6.64
CA MET A 533 -39.07 -6.17 -5.65
C MET A 533 -39.29 -5.08 -4.59
N VAL A 534 -38.72 -5.31 -3.41
CA VAL A 534 -38.70 -4.32 -2.35
C VAL A 534 -37.23 -4.01 -2.04
N PRO A 535 -36.89 -2.73 -1.89
CA PRO A 535 -35.48 -2.33 -1.78
C PRO A 535 -34.87 -2.67 -0.42
N ALA A 536 -33.81 -3.46 -0.43
CA ALA A 536 -33.11 -3.83 0.79
C ALA A 536 -31.60 -3.72 0.61
N THR A 537 -31.02 -2.69 1.23
CA THR A 537 -29.58 -2.44 1.16
C THR A 537 -29.19 -1.32 2.12
N VAL A 538 -27.98 -1.39 2.65
CA VAL A 538 -27.48 -0.34 3.53
C VAL A 538 -27.33 0.96 2.75
N SER A 539 -27.13 0.82 1.44
CA SER A 539 -26.75 1.93 0.59
C SER A 539 -27.88 2.91 0.25
N ASN A 540 -29.10 2.40 0.13
CA ASN A 540 -30.25 3.19 -0.33
C ASN A 540 -30.00 3.73 -1.73
N ASN A 541 -29.55 2.87 -2.62
CA ASN A 541 -29.24 3.26 -4.00
C ASN A 541 -30.18 2.66 -5.02
N VAL A 542 -31.29 2.07 -4.54
CA VAL A 542 -32.27 1.47 -5.42
C VAL A 542 -33.16 2.55 -6.02
N PRO A 543 -33.20 2.62 -7.36
CA PRO A 543 -34.02 3.63 -8.02
C PRO A 543 -35.51 3.41 -7.78
N GLY A 544 -36.23 4.49 -7.52
CA GLY A 544 -37.67 4.39 -7.27
C GLY A 544 -38.02 4.29 -5.81
N SER A 545 -37.02 4.44 -4.94
CA SER A 545 -37.26 4.39 -3.50
C SER A 545 -36.41 5.40 -2.74
N ASP A 546 -37.05 6.17 -1.87
CA ASP A 546 -36.36 7.16 -1.04
C ASP A 546 -35.63 6.51 0.13
N PHE A 547 -36.05 5.28 0.45
CA PHE A 547 -35.47 4.53 1.56
C PHE A 547 -35.40 3.06 1.21
N SER A 548 -34.40 2.37 1.77
CA SER A 548 -34.26 0.93 1.57
C SER A 548 -34.06 0.25 2.92
N ILE A 549 -34.53 -0.99 3.02
CA ILE A 549 -34.38 -1.76 4.24
C ILE A 549 -32.90 -1.98 4.55
N GLY A 550 -32.50 -1.72 5.79
CA GLY A 550 -31.13 -1.92 6.21
C GLY A 550 -30.33 -0.64 6.33
N ALA A 551 -30.77 0.41 5.65
CA ALA A 551 -30.05 1.68 5.67
C ALA A 551 -30.06 2.34 7.04
N ASP A 552 -31.21 2.30 7.70
CA ASP A 552 -31.36 2.90 9.02
C ASP A 552 -30.44 2.25 10.05
N THR A 553 -30.35 0.92 9.99
CA THR A 553 -29.50 0.17 10.90
C THR A 553 -28.05 0.62 10.71
N ALA A 554 -27.67 0.78 9.44
CA ALA A 554 -26.34 1.24 9.08
C ALA A 554 -26.05 2.63 9.63
N LEU A 555 -27.00 3.55 9.43
CA LEU A 555 -26.90 4.91 9.96
C LEU A 555 -26.65 4.88 11.47
N ASN A 556 -27.42 4.03 12.16
CA ASN A 556 -27.25 3.89 13.60
C ASN A 556 -25.90 3.28 13.95
N THR A 557 -25.36 2.45 13.05
CA THR A 557 -24.03 1.88 13.26
C THR A 557 -22.97 2.97 13.19
N ILE A 558 -23.09 3.84 12.19
CA ILE A 558 -22.19 4.98 12.03
C ILE A 558 -22.25 5.89 13.25
N THR A 559 -23.45 6.27 13.65
CA THR A 559 -23.63 7.15 14.81
C THR A 559 -23.14 6.50 16.10
N ASP A 560 -23.44 5.23 16.30
CA ASP A 560 -22.99 4.52 17.49
C ASP A 560 -21.47 4.56 17.56
N THR A 561 -20.83 4.25 16.44
CA THR A 561 -19.38 4.26 16.35
C THR A 561 -18.81 5.64 16.64
N CYS A 562 -19.43 6.68 16.10
CA CYS A 562 -18.98 8.05 16.34
C CYS A 562 -19.15 8.47 17.80
N ASP A 563 -20.22 8.00 18.43
CA ASP A 563 -20.47 8.23 19.84
C ASP A 563 -19.36 7.59 20.68
N ARG A 564 -19.04 6.34 20.35
CA ARG A 564 -17.98 5.64 21.08
C ARG A 564 -16.63 6.31 20.85
N ILE A 565 -16.41 6.81 19.65
CA ILE A 565 -15.16 7.51 19.33
C ILE A 565 -15.07 8.76 20.19
N LYS A 566 -16.20 9.44 20.31
CA LYS A 566 -16.29 10.66 21.10
C LYS A 566 -16.04 10.37 22.59
N GLN A 567 -16.57 9.26 23.09
CA GLN A 567 -16.37 8.84 24.47
C GLN A 567 -14.90 8.51 24.75
N SER A 568 -14.31 7.72 23.86
CA SER A 568 -12.90 7.37 23.95
C SER A 568 -12.10 8.64 23.68
N ALA A 569 -10.94 8.78 24.32
CA ALA A 569 -10.09 9.94 24.10
C ALA A 569 -10.89 11.24 24.19
N SER A 570 -11.79 11.32 25.17
CA SER A 570 -12.67 12.48 25.33
C SER A 570 -11.88 13.72 25.74
N GLY A 571 -10.79 13.48 26.44
CA GLY A 571 -9.89 14.53 26.92
C GLY A 571 -8.72 14.92 26.04
N THR A 572 -8.47 14.15 24.97
CA THR A 572 -7.25 14.32 24.17
C THR A 572 -7.11 15.63 23.40
N LYS A 573 -8.15 16.06 22.68
CA LYS A 573 -8.22 17.39 22.04
C LYS A 573 -7.18 17.58 20.92
N ARG A 574 -7.56 18.38 19.93
CA ARG A 574 -6.77 18.64 18.71
C ARG A 574 -6.63 17.37 17.88
N ARG A 575 -7.78 16.75 17.62
CA ARG A 575 -7.90 15.57 16.79
C ARG A 575 -8.98 15.71 15.72
N VAL A 576 -8.70 15.19 14.53
CA VAL A 576 -9.72 15.07 13.49
C VAL A 576 -9.81 13.60 13.09
N PHE A 577 -11.01 13.04 13.10
CA PHE A 577 -11.18 11.65 12.73
C PHE A 577 -11.70 11.55 11.30
N ILE A 578 -11.03 10.76 10.47
CA ILE A 578 -11.48 10.49 9.12
C ILE A 578 -12.10 9.09 9.01
N ILE A 579 -13.42 9.05 8.79
CA ILE A 579 -14.14 7.79 8.76
C ILE A 579 -14.72 7.47 7.39
N GLU A 580 -14.38 6.29 6.87
CA GLU A 580 -14.88 5.83 5.57
C GLU A 580 -16.13 4.96 5.72
N THR A 581 -17.22 5.36 5.06
CA THR A 581 -18.45 4.59 5.14
C THR A 581 -18.73 3.78 3.86
N MET A 582 -19.75 2.93 3.93
CA MET A 582 -20.18 2.16 2.78
C MET A 582 -21.16 2.97 1.93
N GLY A 583 -21.85 2.29 1.02
CA GLY A 583 -22.83 2.95 0.18
C GLY A 583 -22.49 2.85 -1.30
N GLY A 584 -21.31 2.33 -1.61
CA GLY A 584 -20.86 2.30 -2.99
C GLY A 584 -20.63 3.73 -3.43
N TYR A 585 -21.25 4.11 -4.55
CA TYR A 585 -21.18 5.49 -5.01
C TYR A 585 -22.27 6.35 -4.35
N CYS A 586 -23.19 5.71 -3.63
CA CYS A 586 -24.31 6.42 -3.01
C CYS A 586 -23.91 7.13 -1.72
N GLY A 587 -24.09 8.45 -1.70
CA GLY A 587 -23.69 9.27 -0.57
C GLY A 587 -24.63 9.31 0.62
N TYR A 588 -25.72 8.54 0.57
CA TYR A 588 -26.72 8.54 1.64
C TYR A 588 -26.13 8.30 3.03
N LEU A 589 -25.43 7.18 3.20
CA LEU A 589 -24.84 6.85 4.50
C LEU A 589 -23.83 7.89 4.99
N ALA A 590 -22.93 8.32 4.11
CA ALA A 590 -21.94 9.32 4.48
C ALA A 590 -22.58 10.64 4.87
N ASN A 591 -23.59 11.06 4.11
CA ASN A 591 -24.25 12.34 4.33
C ASN A 591 -25.14 12.35 5.57
N MET A 592 -26.10 11.44 5.62
CA MET A 592 -27.02 11.34 6.74
C MET A 592 -26.26 10.97 8.01
N GLY A 593 -25.27 10.09 7.86
CA GLY A 593 -24.43 9.70 8.97
C GLY A 593 -23.67 10.89 9.52
N GLY A 594 -23.09 11.68 8.62
CA GLY A 594 -22.38 12.89 9.01
C GLY A 594 -23.30 13.86 9.72
N LEU A 595 -24.49 14.00 9.19
CA LEU A 595 -25.51 14.90 9.74
C LEU A 595 -25.86 14.52 11.17
N ALA A 596 -26.19 13.25 11.37
CA ALA A 596 -26.57 12.75 12.69
C ALA A 596 -25.37 12.74 13.66
N ALA A 597 -24.17 12.60 13.12
CA ALA A 597 -22.96 12.54 13.94
C ALA A 597 -22.43 13.92 14.29
N GLY A 598 -22.87 14.93 13.54
CA GLY A 598 -22.39 16.28 13.73
C GLY A 598 -21.02 16.44 13.10
N ALA A 599 -20.80 15.72 12.00
CA ALA A 599 -19.53 15.77 11.28
C ALA A 599 -19.23 17.15 10.71
N ASP A 600 -17.95 17.45 10.57
CA ASP A 600 -17.50 18.72 10.02
C ASP A 600 -17.51 18.70 8.50
N ALA A 601 -17.48 17.49 7.93
CA ALA A 601 -17.54 17.32 6.48
C ALA A 601 -17.95 15.90 6.11
N ALA A 602 -18.62 15.76 4.97
CA ALA A 602 -18.97 14.45 4.45
C ALA A 602 -18.77 14.42 2.94
N TYR A 603 -17.67 13.82 2.51
CA TYR A 603 -17.31 13.76 1.10
C TYR A 603 -18.05 12.64 0.37
N ILE A 604 -18.83 13.03 -0.63
CA ILE A 604 -19.67 12.10 -1.38
C ILE A 604 -19.42 12.19 -2.88
N PHE A 605 -19.75 11.14 -3.60
CA PHE A 605 -19.59 11.12 -5.05
C PHE A 605 -20.53 12.10 -5.74
N GLU A 606 -21.73 12.23 -5.20
CA GLU A 606 -22.78 13.06 -5.78
C GLU A 606 -22.42 14.55 -5.79
N GLU A 607 -21.43 14.93 -5.00
CA GLU A 607 -20.97 16.30 -4.95
C GLU A 607 -19.46 16.36 -5.11
N PRO A 608 -18.99 16.70 -6.32
CA PRO A 608 -17.56 16.75 -6.64
C PRO A 608 -16.79 17.72 -5.75
N PHE A 609 -15.58 17.33 -5.37
CA PHE A 609 -14.71 18.15 -4.55
C PHE A 609 -13.28 18.07 -5.05
N ASP A 610 -12.56 19.19 -5.05
CA ASP A 610 -11.16 19.19 -5.46
C ASP A 610 -10.24 19.51 -4.29
N ILE A 611 -8.94 19.68 -4.58
CA ILE A 611 -7.95 19.91 -3.53
C ILE A 611 -8.20 21.24 -2.81
N ARG A 612 -8.75 22.21 -3.54
CA ARG A 612 -9.12 23.50 -2.96
C ARG A 612 -10.21 23.37 -1.90
N ASP A 613 -11.20 22.54 -2.17
CA ASP A 613 -12.27 22.30 -1.21
C ASP A 613 -11.72 21.64 0.07
N LEU A 614 -10.84 20.65 -0.15
CA LEU A 614 -10.21 19.92 0.95
C LEU A 614 -9.40 20.88 1.81
N GLN A 615 -8.63 21.73 1.13
CA GLN A 615 -7.81 22.74 1.78
C GLN A 615 -8.67 23.70 2.60
N SER A 616 -9.80 24.10 2.03
CA SER A 616 -10.73 25.00 2.68
C SER A 616 -11.21 24.38 3.99
N ASN A 617 -11.60 23.10 3.93
CA ASN A 617 -12.04 22.43 5.14
C ASN A 617 -10.94 22.27 6.17
N VAL A 618 -9.73 22.00 5.70
CA VAL A 618 -8.57 21.89 6.60
C VAL A 618 -8.35 23.18 7.37
N GLU A 619 -8.32 24.29 6.64
CA GLU A 619 -8.18 25.61 7.24
C GLU A 619 -9.31 25.91 8.22
N HIS A 620 -10.53 25.49 7.84
CA HIS A 620 -11.69 25.70 8.69
C HIS A 620 -11.51 24.99 10.03
N LEU A 621 -11.02 23.75 9.98
CA LEU A 621 -10.77 23.00 11.19
C LEU A 621 -9.64 23.61 12.01
N THR A 622 -8.63 24.14 11.30
CA THR A 622 -7.52 24.82 11.95
C THR A 622 -8.04 25.97 12.81
N GLU A 623 -8.92 26.79 12.24
CA GLU A 623 -9.55 27.85 13.01
C GLU A 623 -10.43 27.29 14.13
N LYS A 624 -11.12 26.19 13.85
CA LYS A 624 -11.97 25.56 14.85
C LYS A 624 -11.19 25.14 16.09
N MET A 625 -9.92 24.82 15.90
CA MET A 625 -9.08 24.39 17.02
C MET A 625 -8.73 25.54 17.96
N LYS A 626 -8.99 26.78 17.52
CA LYS A 626 -8.80 27.94 18.39
C LYS A 626 -9.94 28.06 19.38
N THR A 627 -11.09 27.49 19.03
CA THR A 627 -12.28 27.53 19.88
C THR A 627 -12.21 26.52 21.03
N THR A 628 -13.34 26.30 21.69
CA THR A 628 -13.42 25.37 22.82
C THR A 628 -13.73 23.93 22.40
N ILE A 629 -14.25 23.74 21.20
CA ILE A 629 -14.56 22.41 20.70
C ILE A 629 -13.45 21.99 19.73
N GLN A 630 -12.39 21.44 20.29
CA GLN A 630 -11.19 21.12 19.53
C GLN A 630 -11.23 19.70 18.95
N ARG A 631 -12.27 19.42 18.16
CA ARG A 631 -12.39 18.12 17.50
C ARG A 631 -12.89 18.28 16.07
N GLY A 632 -12.59 17.28 15.25
CA GLY A 632 -13.04 17.26 13.87
C GLY A 632 -13.51 15.87 13.54
N LEU A 633 -14.49 15.80 12.64
CA LEU A 633 -15.04 14.53 12.21
C LEU A 633 -15.31 14.63 10.73
N VAL A 634 -14.55 13.86 9.95
CA VAL A 634 -14.69 13.88 8.51
C VAL A 634 -15.10 12.51 8.01
N LEU A 635 -16.26 12.45 7.37
CA LEU A 635 -16.76 11.20 6.81
C LEU A 635 -16.47 11.15 5.33
N ARG A 636 -16.11 9.97 4.84
CA ARG A 636 -15.81 9.81 3.43
C ARG A 636 -16.54 8.60 2.83
N ASN A 637 -17.42 8.85 1.88
CA ASN A 637 -17.99 7.76 1.10
C ASN A 637 -16.87 7.01 0.39
N GLU A 638 -16.88 5.68 0.51
CA GLU A 638 -15.82 4.83 0.00
C GLU A 638 -15.47 5.09 -1.48
N SER A 639 -16.48 5.41 -2.29
CA SER A 639 -16.26 5.56 -3.72
C SER A 639 -16.43 7.00 -4.20
N CYS A 640 -16.30 7.95 -3.30
CA CYS A 640 -16.51 9.36 -3.63
C CYS A 640 -15.46 9.94 -4.59
N SER A 641 -14.26 9.37 -4.61
CA SER A 641 -13.20 9.84 -5.49
C SER A 641 -12.20 8.74 -5.82
N GLU A 642 -11.71 8.72 -7.05
CA GLU A 642 -10.72 7.71 -7.44
C GLU A 642 -9.35 8.03 -6.87
N ASN A 643 -8.95 9.31 -6.92
CA ASN A 643 -7.66 9.73 -6.38
C ASN A 643 -7.70 10.16 -4.92
N TYR A 644 -8.73 10.91 -4.55
CA TYR A 644 -8.82 11.43 -3.20
C TYR A 644 -9.43 10.38 -2.29
N THR A 645 -8.58 9.43 -1.91
CA THR A 645 -8.94 8.30 -1.07
C THR A 645 -9.03 8.68 0.39
N THR A 646 -9.37 7.70 1.23
CA THR A 646 -9.36 7.89 2.67
C THR A 646 -7.94 8.20 3.13
N ASP A 647 -6.99 7.43 2.62
CA ASP A 647 -5.59 7.67 2.92
C ASP A 647 -5.15 9.06 2.50
N PHE A 648 -5.46 9.43 1.25
CA PHE A 648 -5.09 10.74 0.74
C PHE A 648 -5.56 11.85 1.67
N ILE A 649 -6.85 11.84 1.96
CA ILE A 649 -7.47 12.85 2.81
C ILE A 649 -6.81 12.87 4.20
N TYR A 650 -6.57 11.69 4.75
CA TYR A 650 -5.91 11.57 6.04
C TYR A 650 -4.52 12.22 6.03
N GLN A 651 -3.76 11.96 4.97
CA GLN A 651 -2.42 12.52 4.82
C GLN A 651 -2.44 14.04 4.68
N LEU A 652 -3.35 14.54 3.85
CA LEU A 652 -3.47 15.99 3.65
C LEU A 652 -3.82 16.68 4.97
N TYR A 653 -4.84 16.17 5.65
CA TYR A 653 -5.26 16.74 6.93
C TYR A 653 -4.15 16.67 7.97
N SER A 654 -3.46 15.52 8.03
CA SER A 654 -2.36 15.33 8.96
C SER A 654 -1.23 16.33 8.73
N GLU A 655 -0.78 16.44 7.48
CA GLU A 655 0.33 17.30 7.13
C GLU A 655 0.01 18.79 7.29
N GLU A 656 -1.13 19.22 6.77
CA GLU A 656 -1.48 20.64 6.86
C GLU A 656 -1.92 21.01 8.27
N GLY A 657 -2.30 20.01 9.05
CA GLY A 657 -2.73 20.19 10.42
C GLY A 657 -1.64 20.04 11.47
N LYS A 658 -0.40 19.85 11.02
CA LYS A 658 0.72 19.45 11.89
C LYS A 658 0.89 20.22 13.21
N GLY A 659 0.93 21.55 13.13
CA GLY A 659 1.12 22.35 14.32
C GLY A 659 -0.17 22.60 15.09
N VAL A 660 -1.27 22.08 14.56
CA VAL A 660 -2.59 22.40 15.11
C VAL A 660 -3.41 21.18 15.54
N PHE A 661 -3.38 20.09 14.77
CA PHE A 661 -4.07 18.86 15.15
C PHE A 661 -3.47 17.61 14.52
N ASP A 662 -3.81 16.44 15.04
CA ASP A 662 -3.40 15.19 14.40
C ASP A 662 -4.65 14.37 14.06
N CYS A 663 -4.49 13.34 13.23
CA CYS A 663 -5.64 12.58 12.76
C CYS A 663 -5.60 11.10 13.13
N ARG A 664 -6.75 10.46 12.98
CA ARG A 664 -6.88 9.02 13.07
C ARG A 664 -7.79 8.58 11.93
N LYS A 665 -7.48 7.44 11.33
CA LYS A 665 -8.28 6.94 10.22
C LYS A 665 -9.03 5.66 10.58
N ASN A 666 -10.30 5.60 10.16
CA ASN A 666 -11.11 4.40 10.35
C ASN A 666 -11.94 4.03 9.12
N VAL A 667 -11.85 2.75 8.74
CA VAL A 667 -12.71 2.21 7.69
C VAL A 667 -13.70 1.25 8.37
N LEU A 668 -14.94 1.71 8.56
CA LEU A 668 -15.94 0.96 9.32
C LEU A 668 -16.13 -0.47 8.87
N GLY A 669 -16.27 -0.69 7.57
CA GLY A 669 -16.39 -2.06 7.09
C GLY A 669 -17.78 -2.66 7.19
N HIS A 670 -17.82 -3.98 7.07
CA HIS A 670 -19.09 -4.69 6.92
C HIS A 670 -19.94 -4.66 8.18
N MET A 671 -19.37 -4.18 9.28
CA MET A 671 -20.16 -4.01 10.49
C MET A 671 -21.30 -3.04 10.23
N GLN A 672 -21.19 -2.24 9.19
CA GLN A 672 -22.24 -1.28 8.85
C GLN A 672 -23.52 -1.99 8.39
N GLN A 673 -23.40 -3.27 8.06
CA GLN A 673 -24.58 -4.04 7.70
C GLN A 673 -25.42 -4.25 8.97
N GLY A 674 -24.77 -4.07 10.10
CA GLY A 674 -25.41 -4.13 11.41
C GLY A 674 -25.45 -5.48 12.09
N GLY A 675 -26.05 -5.49 13.27
CA GLY A 675 -26.27 -6.71 14.02
C GLY A 675 -27.76 -6.98 13.91
N ALA A 676 -28.49 -6.73 15.00
CA ALA A 676 -29.94 -6.82 14.93
C ALA A 676 -30.44 -5.64 14.13
N PRO A 677 -31.49 -5.85 13.32
CA PRO A 677 -32.01 -4.72 12.54
C PRO A 677 -32.64 -3.68 13.46
N SER A 678 -32.48 -2.40 13.13
CA SER A 678 -33.17 -1.36 13.88
C SER A 678 -34.67 -1.60 13.77
N PRO A 679 -35.44 -1.18 14.79
CA PRO A 679 -36.89 -1.29 14.79
C PRO A 679 -37.53 -0.74 13.52
N PHE A 680 -37.06 0.43 13.08
CA PHE A 680 -37.52 1.02 11.84
C PHE A 680 -37.32 0.08 10.65
N ASP A 681 -36.14 -0.51 10.52
CA ASP A 681 -35.88 -1.41 9.40
C ASP A 681 -36.75 -2.66 9.49
N ARG A 682 -36.99 -3.13 10.70
CA ARG A 682 -37.84 -4.29 10.90
C ARG A 682 -39.25 -4.00 10.37
N ASN A 683 -39.84 -2.91 10.84
CA ASN A 683 -41.19 -2.52 10.43
C ASN A 683 -41.27 -2.20 8.93
N PHE A 684 -40.23 -1.55 8.42
CA PHE A 684 -40.14 -1.19 7.01
C PHE A 684 -40.20 -2.46 6.17
N GLY A 685 -39.37 -3.43 6.51
CA GLY A 685 -39.37 -4.69 5.79
C GLY A 685 -40.73 -5.34 5.83
N THR A 686 -41.28 -5.42 7.05
CA THR A 686 -42.58 -6.05 7.27
C THR A 686 -43.66 -5.45 6.37
N LYS A 687 -43.86 -4.15 6.50
CA LYS A 687 -44.93 -3.45 5.81
C LYS A 687 -44.76 -3.46 4.30
N ILE A 688 -43.59 -3.03 3.83
CA ILE A 688 -43.36 -2.95 2.39
C ILE A 688 -43.55 -4.34 1.74
N SER A 689 -43.08 -5.38 2.41
CA SER A 689 -43.23 -6.73 1.87
C SER A 689 -44.70 -7.14 1.83
N ALA A 690 -45.43 -6.81 2.89
CA ALA A 690 -46.88 -7.09 2.94
C ALA A 690 -47.60 -6.46 1.74
N ARG A 691 -47.32 -5.18 1.51
CA ARG A 691 -47.91 -4.43 0.41
C ARG A 691 -47.58 -5.12 -0.93
N ALA A 692 -46.32 -5.50 -1.07
CA ALA A 692 -45.87 -6.20 -2.28
C ALA A 692 -46.66 -7.48 -2.53
N MET A 693 -46.84 -8.27 -1.48
CA MET A 693 -47.59 -9.52 -1.60
C MET A 693 -49.05 -9.25 -1.96
N GLU A 694 -49.60 -8.17 -1.43
CA GLU A 694 -50.96 -7.77 -1.79
C GLU A 694 -51.04 -7.54 -3.30
N TRP A 695 -50.04 -6.82 -3.82
CA TRP A 695 -49.95 -6.57 -5.26
C TRP A 695 -49.90 -7.87 -6.04
N ILE A 696 -49.07 -8.80 -5.58
CA ILE A 696 -48.94 -10.10 -6.22
C ILE A 696 -50.27 -10.88 -6.28
N THR A 697 -50.97 -10.94 -5.16
CA THR A 697 -52.24 -11.68 -5.11
C THR A 697 -53.25 -11.02 -6.02
N ALA A 698 -53.22 -9.69 -6.06
CA ALA A 698 -54.11 -8.95 -6.95
C ALA A 698 -53.84 -9.29 -8.41
N LYS A 699 -52.56 -9.35 -8.78
CA LYS A 699 -52.18 -9.67 -10.15
C LYS A 699 -52.59 -11.10 -10.52
N LEU A 700 -52.39 -12.04 -9.59
CA LEU A 700 -52.75 -13.43 -9.85
C LEU A 700 -54.26 -13.63 -9.92
N LYS A 701 -55.02 -12.75 -9.26
CA LYS A 701 -56.48 -12.88 -9.29
C LYS A 701 -57.03 -12.56 -10.67
N GLU A 702 -56.19 -12.01 -11.55
CA GLU A 702 -56.55 -11.78 -12.94
C GLU A 702 -56.53 -13.09 -13.73
N PHE A 710 -47.90 -14.83 -20.11
CA PHE A 710 -48.68 -13.67 -20.50
C PHE A 710 -48.47 -12.47 -19.56
N THR A 711 -47.69 -11.50 -20.02
CA THR A 711 -47.34 -10.28 -19.27
C THR A 711 -46.73 -9.17 -20.14
N THR A 712 -46.59 -7.99 -19.54
CA THR A 712 -46.11 -6.80 -20.24
C THR A 712 -44.98 -6.17 -19.41
N ASP A 713 -45.10 -4.87 -19.11
CA ASP A 713 -44.03 -4.12 -18.42
C ASP A 713 -44.41 -3.76 -17.00
N ASP A 714 -45.71 -3.59 -16.76
CA ASP A 714 -46.23 -3.24 -15.45
C ASP A 714 -46.35 -4.46 -14.53
N SER A 715 -46.05 -5.63 -15.08
CA SER A 715 -46.02 -6.86 -14.31
C SER A 715 -44.68 -7.05 -13.59
N ILE A 716 -43.69 -6.25 -13.96
CA ILE A 716 -42.38 -6.29 -13.31
C ILE A 716 -42.04 -4.94 -12.72
N CYS A 717 -42.24 -4.82 -11.41
CA CYS A 717 -42.13 -3.54 -10.73
C CYS A 717 -41.17 -3.49 -9.55
N VAL A 718 -40.84 -2.25 -9.17
CA VAL A 718 -40.15 -1.95 -7.93
C VAL A 718 -41.14 -1.22 -7.04
N LEU A 719 -41.38 -1.76 -5.86
CA LEU A 719 -42.23 -1.09 -4.88
C LEU A 719 -41.37 -0.22 -3.98
N GLY A 720 -41.47 1.09 -4.16
CA GLY A 720 -40.61 1.98 -3.40
C GLY A 720 -41.32 3.13 -2.73
N ILE A 721 -40.63 3.81 -1.83
CA ILE A 721 -41.20 4.98 -1.17
C ILE A 721 -40.84 6.26 -1.93
N SER A 722 -41.88 6.97 -2.37
CA SER A 722 -41.72 8.28 -2.97
C SER A 722 -42.59 9.26 -2.18
N LYS A 723 -41.95 10.31 -1.69
CA LYS A 723 -42.53 11.37 -0.85
C LYS A 723 -43.29 10.90 0.40
N ARG A 724 -44.43 10.23 0.25
CA ARG A 724 -45.34 9.98 1.35
C ARG A 724 -46.13 8.73 1.01
N ASN A 725 -45.87 8.22 -0.18
CA ASN A 725 -46.61 7.07 -0.66
C ASN A 725 -45.65 5.95 -1.01
N VAL A 726 -46.15 4.73 -0.98
CA VAL A 726 -45.42 3.60 -1.53
C VAL A 726 -46.02 3.33 -2.90
N ILE A 727 -45.20 3.39 -3.94
CA ILE A 727 -45.72 3.22 -5.28
C ILE A 727 -45.01 2.11 -6.03
N PHE A 728 -45.75 1.47 -6.93
CA PHE A 728 -45.22 0.44 -7.79
C PHE A 728 -44.77 1.07 -9.11
N GLN A 729 -43.53 0.84 -9.48
CA GLN A 729 -42.98 1.43 -10.68
C GLN A 729 -42.41 0.37 -11.62
N PRO A 730 -42.91 0.32 -12.86
CA PRO A 730 -42.33 -0.62 -13.82
C PRO A 730 -40.85 -0.33 -14.00
N VAL A 731 -40.02 -1.37 -13.98
CA VAL A 731 -38.57 -1.20 -14.06
C VAL A 731 -38.14 -0.41 -15.30
N ALA A 732 -38.87 -0.61 -16.39
CA ALA A 732 -38.61 0.08 -17.64
C ALA A 732 -38.69 1.59 -17.45
N GLU A 733 -39.65 2.03 -16.64
CA GLU A 733 -39.79 3.44 -16.34
C GLU A 733 -38.64 3.93 -15.48
N LEU A 734 -38.11 3.05 -14.64
CA LEU A 734 -37.03 3.41 -13.74
C LEU A 734 -35.69 3.51 -14.46
N LYS A 735 -35.58 2.85 -15.62
CA LYS A 735 -34.36 2.97 -16.42
C LYS A 735 -33.97 4.42 -16.69
N LYS A 736 -34.93 5.25 -17.07
CA LYS A 736 -34.68 6.65 -17.39
C LYS A 736 -34.19 7.43 -16.18
N GLN A 737 -34.38 6.87 -14.99
CA GLN A 737 -34.02 7.51 -13.75
C GLN A 737 -32.79 6.92 -13.09
N THR A 738 -32.04 6.09 -13.82
CA THR A 738 -30.93 5.35 -13.24
C THR A 738 -29.56 5.70 -13.83
N ASP A 739 -28.57 5.83 -12.94
CA ASP A 739 -27.17 5.92 -13.34
C ASP A 739 -26.59 4.52 -13.21
N PHE A 740 -26.66 3.74 -14.30
CA PHE A 740 -26.21 2.35 -14.28
C PHE A 740 -24.70 2.22 -14.12
N GLU A 741 -23.99 3.30 -14.44
CA GLU A 741 -22.53 3.30 -14.33
C GLU A 741 -22.07 3.34 -12.88
N HIS A 742 -22.83 4.03 -12.04
CA HIS A 742 -22.45 4.18 -10.64
C HIS A 742 -23.47 3.52 -9.72
N ARG A 743 -24.47 2.89 -10.32
CA ARG A 743 -25.52 2.19 -9.59
C ARG A 743 -26.15 3.06 -8.50
N ILE A 744 -26.55 4.27 -8.89
CA ILE A 744 -27.24 5.18 -8.00
C ILE A 744 -28.38 5.83 -8.79
N PRO A 745 -29.45 6.25 -8.10
CA PRO A 745 -30.50 6.99 -8.80
C PRO A 745 -30.02 8.36 -9.27
N LYS A 746 -30.52 8.80 -10.43
CA LYS A 746 -30.12 10.09 -11.00
C LYS A 746 -30.54 11.26 -10.14
N GLU A 747 -31.65 11.10 -9.42
CA GLU A 747 -32.16 12.14 -8.53
C GLU A 747 -32.37 11.60 -7.12
N GLN A 748 -31.72 12.21 -6.14
CA GLN A 748 -31.83 11.77 -4.75
C GLN A 748 -32.29 12.91 -3.85
N TRP A 749 -33.40 12.69 -3.14
CA TRP A 749 -34.03 13.74 -2.33
C TRP A 749 -33.10 14.37 -1.30
N TRP A 750 -32.38 13.52 -0.57
CA TRP A 750 -31.64 13.95 0.62
C TRP A 750 -30.53 14.94 0.29
N LEU A 751 -30.27 15.13 -1.01
CA LEU A 751 -29.24 16.07 -1.42
C LEU A 751 -29.64 17.50 -1.05
N LYS A 752 -30.95 17.78 -0.96
CA LYS A 752 -31.36 19.13 -0.57
C LYS A 752 -30.89 19.44 0.85
N LEU A 753 -30.55 18.40 1.61
CA LEU A 753 -30.08 18.60 2.98
C LEU A 753 -28.58 18.90 3.08
N ARG A 754 -27.89 19.02 1.95
CA ARG A 754 -26.44 19.25 2.00
C ARG A 754 -26.02 20.54 2.74
N PRO A 755 -26.69 21.69 2.50
CA PRO A 755 -26.29 22.89 3.25
C PRO A 755 -26.35 22.77 4.78
N LEU A 756 -27.16 21.86 5.30
CA LEU A 756 -27.27 21.68 6.76
C LEU A 756 -25.96 21.34 7.45
N MET A 757 -25.13 20.55 6.80
CA MET A 757 -23.88 20.09 7.39
C MET A 757 -23.00 21.23 7.89
N LYS A 758 -22.69 22.17 7.01
CA LYS A 758 -21.87 23.33 7.37
C LYS A 758 -22.60 24.18 8.42
N ILE A 759 -23.89 24.37 8.22
CA ILE A 759 -24.72 25.15 9.15
C ILE A 759 -24.65 24.58 10.56
N LEU A 760 -24.74 23.26 10.68
CA LEU A 760 -24.77 22.62 12.00
C LEU A 760 -23.36 22.29 12.47
N ALA A 761 -22.38 22.59 11.63
CA ALA A 761 -20.97 22.37 11.90
C ALA A 761 -20.67 21.05 12.60
N SER B 24 -16.81 -42.87 27.96
CA SER B 24 -17.11 -43.14 26.56
C SER B 24 -18.11 -42.13 25.99
N ALA B 25 -19.16 -41.85 26.75
CA ALA B 25 -20.17 -40.88 26.33
C ALA B 25 -20.44 -39.83 27.41
N ILE B 26 -20.51 -38.58 26.99
CA ILE B 26 -20.76 -37.46 27.90
C ILE B 26 -22.16 -36.88 27.71
N GLY B 27 -22.84 -36.63 28.83
CA GLY B 27 -24.14 -35.96 28.81
C GLY B 27 -24.02 -34.56 29.39
N VAL B 28 -24.53 -33.57 28.65
CA VAL B 28 -24.49 -32.19 29.12
C VAL B 28 -25.89 -31.58 29.23
N LEU B 29 -26.13 -30.85 30.32
CA LEU B 29 -27.42 -30.20 30.53
C LEU B 29 -27.29 -28.86 31.24
N THR B 30 -28.31 -28.02 31.10
CA THR B 30 -28.36 -26.74 31.80
C THR B 30 -29.55 -26.72 32.75
N SER B 31 -29.28 -26.43 34.02
CA SER B 31 -30.31 -26.49 35.06
C SER B 31 -30.38 -25.26 35.95
N GLY B 32 -31.58 -24.71 36.09
CA GLY B 32 -31.81 -23.56 36.94
C GLY B 32 -31.76 -22.23 36.19
N GLY B 33 -31.33 -21.18 36.87
CA GLY B 33 -31.36 -19.86 36.25
C GLY B 33 -30.38 -19.79 35.10
N ASP B 34 -30.83 -19.21 33.99
CA ASP B 34 -30.02 -19.18 32.79
C ASP B 34 -29.04 -18.03 32.77
N ALA B 35 -27.78 -18.37 32.53
CA ALA B 35 -26.70 -17.40 32.49
C ALA B 35 -26.35 -17.10 31.04
N GLN B 36 -25.91 -15.89 30.77
CA GLN B 36 -25.40 -15.59 29.43
C GLN B 36 -24.03 -16.23 29.32
N GLY B 37 -23.83 -17.02 28.27
CA GLY B 37 -22.58 -17.73 28.10
C GLY B 37 -22.76 -19.22 28.34
N MET B 38 -23.99 -19.61 28.65
CA MET B 38 -24.32 -21.02 28.82
C MET B 38 -24.10 -21.77 27.51
N ASN B 39 -24.46 -21.12 26.41
CA ASN B 39 -24.25 -21.68 25.09
C ASN B 39 -22.77 -21.89 24.76
N ALA B 40 -21.94 -20.95 25.19
CA ALA B 40 -20.50 -21.06 25.00
C ALA B 40 -19.98 -22.26 25.78
N ALA B 41 -20.54 -22.45 26.95
CA ALA B 41 -20.21 -23.59 27.81
C ALA B 41 -20.55 -24.91 27.15
N VAL B 42 -21.80 -25.02 26.70
CA VAL B 42 -22.29 -26.22 26.03
C VAL B 42 -21.46 -26.52 24.78
N ARG B 43 -21.14 -25.47 24.03
CA ARG B 43 -20.32 -25.56 22.83
C ARG B 43 -18.94 -26.13 23.16
N ALA B 44 -18.32 -25.54 24.18
CA ALA B 44 -17.00 -25.99 24.61
C ALA B 44 -17.02 -27.44 25.05
N VAL B 45 -18.06 -27.83 25.78
CA VAL B 45 -18.18 -29.21 26.25
C VAL B 45 -18.30 -30.17 25.07
N VAL B 46 -19.22 -29.88 24.15
CA VAL B 46 -19.42 -30.70 22.97
C VAL B 46 -18.16 -30.84 22.12
N ARG B 47 -17.57 -29.71 21.75
CA ARG B 47 -16.41 -29.71 20.86
C ARG B 47 -15.17 -30.32 21.50
N MET B 48 -14.86 -29.92 22.74
CA MET B 48 -13.75 -30.54 23.47
C MET B 48 -13.99 -32.04 23.65
N GLY B 49 -15.24 -32.43 23.84
CA GLY B 49 -15.62 -33.83 23.97
C GLY B 49 -15.35 -34.63 22.72
N ILE B 50 -15.82 -34.12 21.58
CA ILE B 50 -15.61 -34.75 20.28
C ILE B 50 -14.11 -34.83 19.98
N TYR B 51 -13.41 -33.76 20.33
CA TYR B 51 -11.97 -33.64 20.14
C TYR B 51 -11.20 -34.77 20.79
N VAL B 52 -11.55 -35.11 22.02
CA VAL B 52 -10.87 -36.19 22.74
C VAL B 52 -11.43 -37.57 22.38
N GLY B 53 -12.34 -37.61 21.41
CA GLY B 53 -12.87 -38.88 20.92
C GLY B 53 -14.08 -39.44 21.66
N ALA B 54 -14.79 -38.58 22.39
CA ALA B 54 -15.98 -39.01 23.10
C ALA B 54 -17.28 -38.68 22.36
N LYS B 55 -18.34 -39.39 22.73
CA LYS B 55 -19.68 -39.12 22.22
C LYS B 55 -20.39 -38.16 23.16
N VAL B 56 -20.82 -37.01 22.66
CA VAL B 56 -21.50 -36.03 23.51
C VAL B 56 -23.00 -36.00 23.20
N TYR B 57 -23.81 -35.97 24.25
CA TYR B 57 -25.26 -35.89 24.10
C TYR B 57 -25.83 -34.66 24.79
N PHE B 58 -26.77 -34.01 24.12
CA PHE B 58 -27.57 -32.96 24.73
C PHE B 58 -28.66 -33.58 25.60
N ILE B 59 -28.85 -33.01 26.78
CA ILE B 59 -29.97 -33.34 27.63
C ILE B 59 -30.81 -32.08 27.79
N TYR B 60 -31.91 -32.02 27.05
CA TYR B 60 -32.78 -30.85 27.02
C TYR B 60 -33.59 -30.67 28.29
N GLU B 61 -34.05 -29.44 28.52
CA GLU B 61 -34.93 -29.12 29.64
C GLU B 61 -34.33 -29.55 30.98
N GLY B 62 -33.03 -29.36 31.12
CA GLY B 62 -32.32 -29.72 32.34
C GLY B 62 -32.55 -31.15 32.78
N TYR B 63 -32.78 -31.35 34.08
CA TYR B 63 -32.97 -32.68 34.64
C TYR B 63 -34.25 -33.34 34.13
N GLN B 64 -35.23 -32.51 33.79
CA GLN B 64 -36.51 -33.01 33.31
C GLN B 64 -36.36 -33.80 32.01
N GLY B 65 -35.47 -33.34 31.13
CA GLY B 65 -35.16 -34.09 29.93
C GLY B 65 -34.56 -35.44 30.24
N MET B 66 -33.69 -35.46 31.24
CA MET B 66 -33.05 -36.69 31.70
C MET B 66 -34.09 -37.69 32.18
N VAL B 67 -35.09 -37.20 32.91
CA VAL B 67 -36.18 -38.05 33.38
C VAL B 67 -37.08 -38.51 32.23
N ASP B 68 -37.54 -37.56 31.43
CA ASP B 68 -38.45 -37.82 30.32
C ASP B 68 -37.85 -38.74 29.26
N GLY B 69 -36.56 -38.56 28.98
CA GLY B 69 -35.87 -39.35 27.97
C GLY B 69 -36.34 -39.09 26.55
N GLY B 70 -36.22 -40.12 25.71
CA GLY B 70 -36.65 -40.05 24.32
C GLY B 70 -35.98 -38.97 23.49
N SER B 71 -36.77 -37.98 23.07
CA SER B 71 -36.28 -36.91 22.21
C SER B 71 -35.45 -35.91 23.01
N ASN B 72 -35.62 -35.93 24.32
CA ASN B 72 -34.94 -34.99 25.21
C ASN B 72 -33.47 -35.33 25.44
N ILE B 73 -33.03 -36.46 24.90
CA ILE B 73 -31.61 -36.80 24.90
C ILE B 73 -31.19 -37.04 23.47
N ALA B 74 -30.46 -36.08 22.88
CA ALA B 74 -30.10 -36.19 21.47
C ALA B 74 -28.60 -36.04 21.25
N GLU B 75 -28.03 -36.85 20.35
CA GLU B 75 -26.59 -36.76 20.10
C GLU B 75 -26.17 -35.46 19.44
N ALA B 76 -25.05 -34.92 19.92
CA ALA B 76 -24.50 -33.67 19.41
C ALA B 76 -23.37 -33.89 18.42
N ASP B 77 -23.44 -33.17 17.30
CA ASP B 77 -22.36 -33.18 16.32
C ASP B 77 -21.71 -31.80 16.30
N TRP B 78 -20.59 -31.68 15.61
CA TRP B 78 -19.84 -30.43 15.55
C TRP B 78 -20.69 -29.22 15.16
N GLU B 79 -21.59 -29.41 14.21
CA GLU B 79 -22.39 -28.31 13.69
C GLU B 79 -23.45 -27.82 14.67
N SER B 80 -23.95 -28.71 15.52
CA SER B 80 -24.99 -28.37 16.48
C SER B 80 -24.68 -27.12 17.31
N VAL B 81 -23.48 -27.08 17.88
CA VAL B 81 -23.04 -25.95 18.70
C VAL B 81 -22.51 -24.72 17.95
N SER B 82 -22.66 -24.68 16.63
CA SER B 82 -22.28 -23.48 15.89
C SER B 82 -23.41 -22.45 15.90
N SER B 83 -23.03 -21.17 15.81
CA SER B 83 -23.98 -20.05 15.81
C SER B 83 -24.79 -19.95 17.10
N ILE B 84 -24.21 -20.32 18.23
CA ILE B 84 -24.89 -20.25 19.51
C ILE B 84 -24.06 -19.47 20.51
N LEU B 85 -22.74 -19.46 20.29
CA LEU B 85 -21.77 -18.76 21.14
C LEU B 85 -22.17 -17.32 21.53
N GLN B 86 -22.51 -16.52 20.53
CA GLN B 86 -22.86 -15.12 20.73
C GLN B 86 -24.27 -14.92 21.28
N VAL B 87 -24.99 -16.01 21.48
CA VAL B 87 -26.39 -15.95 21.92
C VAL B 87 -26.53 -16.22 23.42
N GLY B 88 -27.36 -15.42 24.08
CA GLY B 88 -27.65 -15.60 25.50
C GLY B 88 -28.52 -16.80 25.80
N GLY B 89 -28.74 -17.04 27.08
CA GLY B 89 -29.52 -18.18 27.53
C GLY B 89 -28.88 -19.52 27.21
N THR B 90 -29.70 -20.57 27.21
CA THR B 90 -29.24 -21.91 26.89
C THR B 90 -30.09 -22.52 25.77
N ILE B 91 -29.45 -22.82 24.64
CA ILE B 91 -30.14 -23.34 23.47
C ILE B 91 -30.80 -24.69 23.75
N ILE B 92 -30.25 -25.43 24.70
CA ILE B 92 -30.78 -26.75 25.05
C ILE B 92 -31.76 -26.63 26.22
N GLY B 93 -32.06 -25.38 26.57
CA GLY B 93 -33.08 -25.06 27.56
C GLY B 93 -32.85 -25.47 29.00
N SER B 94 -33.73 -24.96 29.86
CA SER B 94 -33.68 -25.24 31.29
C SER B 94 -35.08 -25.22 31.88
N ALA B 95 -35.34 -26.13 32.81
CA ALA B 95 -36.63 -26.19 33.48
C ALA B 95 -36.45 -26.75 34.89
N ARG B 96 -37.21 -26.22 35.84
CA ARG B 96 -37.17 -26.74 37.19
C ARG B 96 -37.86 -28.09 37.23
N CYS B 97 -37.06 -29.16 37.23
CA CYS B 97 -37.60 -30.51 37.30
C CYS B 97 -38.03 -30.85 38.71
N GLN B 98 -39.25 -31.38 38.85
CA GLN B 98 -39.73 -31.80 40.15
C GLN B 98 -39.54 -33.31 40.30
N ALA B 99 -39.69 -34.03 39.20
CA ALA B 99 -39.69 -35.49 39.23
C ALA B 99 -38.30 -36.00 39.61
N PHE B 100 -37.28 -35.17 39.38
CA PHE B 100 -35.91 -35.54 39.74
C PHE B 100 -35.69 -35.56 41.25
N ARG B 101 -36.54 -34.85 41.98
CA ARG B 101 -36.43 -34.80 43.43
C ARG B 101 -37.00 -36.07 44.06
N THR B 102 -37.66 -36.88 43.23
CA THR B 102 -38.21 -38.17 43.65
C THR B 102 -37.36 -39.32 43.12
N ARG B 103 -37.30 -40.41 43.87
CA ARG B 103 -36.49 -41.57 43.49
C ARG B 103 -36.97 -42.22 42.19
N GLU B 104 -38.28 -42.17 41.96
CA GLU B 104 -38.87 -42.72 40.75
C GLU B 104 -38.28 -42.06 39.51
N GLY B 105 -38.16 -40.74 39.59
CA GLY B 105 -37.61 -39.93 38.51
C GLY B 105 -36.12 -40.09 38.31
N ARG B 106 -35.40 -40.27 39.41
CA ARG B 106 -33.96 -40.49 39.34
C ARG B 106 -33.67 -41.86 38.75
N LEU B 107 -34.59 -42.79 38.99
CA LEU B 107 -34.53 -44.11 38.37
C LEU B 107 -34.75 -44.01 36.87
N LYS B 108 -35.77 -43.25 36.51
CA LYS B 108 -36.07 -42.98 35.11
C LYS B 108 -34.85 -42.39 34.40
N ALA B 109 -34.31 -41.33 34.99
CA ALA B 109 -33.14 -40.65 34.44
C ALA B 109 -31.98 -41.62 34.27
N ALA B 110 -31.67 -42.37 35.34
CA ALA B 110 -30.62 -43.37 35.29
C ALA B 110 -30.81 -44.32 34.10
N CYS B 111 -32.03 -44.81 33.95
CA CYS B 111 -32.39 -45.70 32.85
C CYS B 111 -32.10 -45.09 31.48
N ASN B 112 -32.65 -43.89 31.28
CA ASN B 112 -32.50 -43.16 30.02
C ASN B 112 -31.03 -42.94 29.68
N LEU B 113 -30.22 -42.69 30.71
CA LEU B 113 -28.78 -42.50 30.52
C LEU B 113 -28.10 -43.80 30.10
N LEU B 114 -28.41 -44.88 30.81
CA LEU B 114 -27.80 -46.18 30.52
C LEU B 114 -28.13 -46.65 29.11
N GLN B 115 -29.32 -46.29 28.63
CA GLN B 115 -29.73 -46.61 27.27
C GLN B 115 -28.76 -46.06 26.22
N ARG B 116 -28.18 -44.89 26.50
CA ARG B 116 -27.27 -44.23 25.56
C ARG B 116 -25.82 -44.49 25.92
N GLY B 117 -25.60 -45.28 26.97
CA GLY B 117 -24.26 -45.56 27.43
C GLY B 117 -23.61 -44.33 28.06
N ILE B 118 -24.43 -43.38 28.49
CA ILE B 118 -23.93 -42.17 29.14
C ILE B 118 -23.58 -42.44 30.59
N THR B 119 -22.34 -42.18 30.95
CA THR B 119 -21.88 -42.47 32.30
C THR B 119 -21.03 -41.29 32.76
N ASN B 120 -20.99 -40.25 31.93
CA ASN B 120 -20.31 -39.01 32.26
C ASN B 120 -21.27 -37.83 32.11
N LEU B 121 -21.35 -37.00 33.15
CA LEU B 121 -22.29 -35.88 33.18
C LEU B 121 -21.63 -34.54 33.45
N CYS B 122 -21.97 -33.57 32.61
CA CYS B 122 -21.55 -32.19 32.84
C CYS B 122 -22.81 -31.37 33.08
N VAL B 123 -22.99 -30.92 34.31
CA VAL B 123 -24.17 -30.12 34.66
C VAL B 123 -23.79 -28.65 34.78
N ILE B 124 -24.38 -27.82 33.93
CA ILE B 124 -24.16 -26.38 33.97
C ILE B 124 -25.37 -25.70 34.62
N GLY B 125 -25.17 -24.96 35.70
CA GLY B 125 -26.29 -24.30 36.33
C GLY B 125 -26.11 -23.71 37.72
N GLY B 126 -27.24 -23.44 38.36
CA GLY B 126 -27.29 -22.82 39.66
C GLY B 126 -26.85 -23.70 40.81
N ASP B 127 -27.15 -23.20 42.01
CA ASP B 127 -26.74 -23.82 43.26
C ASP B 127 -27.21 -25.27 43.47
N GLY B 128 -28.50 -25.47 43.70
CA GLY B 128 -29.03 -26.78 44.00
C GLY B 128 -29.06 -27.70 42.81
N SER B 129 -28.86 -27.12 41.62
CA SER B 129 -28.85 -27.88 40.39
C SER B 129 -27.66 -28.82 40.43
N LEU B 130 -26.62 -28.41 41.16
CA LEU B 130 -25.43 -29.24 41.31
C LEU B 130 -25.66 -30.29 42.38
N THR B 131 -26.36 -29.91 43.45
CA THR B 131 -26.65 -30.83 44.55
C THR B 131 -27.49 -31.99 44.06
N GLY B 132 -28.34 -31.72 43.07
CA GLY B 132 -29.13 -32.78 42.47
C GLY B 132 -28.24 -33.81 41.79
N ALA B 133 -27.19 -33.32 41.13
CA ALA B 133 -26.21 -34.19 40.47
C ALA B 133 -25.32 -34.93 41.49
N ASN B 134 -24.99 -34.26 42.58
CA ASN B 134 -24.20 -34.84 43.67
C ASN B 134 -24.98 -35.96 44.36
N LEU B 135 -26.25 -35.70 44.60
CA LEU B 135 -27.16 -36.67 45.19
C LEU B 135 -27.38 -37.82 44.20
N PHE B 136 -27.50 -37.48 42.92
CA PHE B 136 -27.65 -38.46 41.85
C PHE B 136 -26.43 -39.38 41.87
N ARG B 137 -25.28 -38.77 42.18
CA ARG B 137 -24.00 -39.43 42.32
C ARG B 137 -24.00 -40.42 43.48
N LYS B 138 -24.37 -39.94 44.66
CA LYS B 138 -24.43 -40.81 45.84
C LYS B 138 -25.51 -41.88 45.75
N GLU B 139 -26.58 -41.57 45.01
CA GLU B 139 -27.75 -42.44 44.97
C GLU B 139 -27.82 -43.34 43.73
N TRP B 140 -26.67 -43.51 43.09
CA TRP B 140 -26.57 -44.18 41.80
C TRP B 140 -26.99 -45.66 41.85
N SER B 141 -27.13 -46.21 43.05
CA SER B 141 -27.51 -47.61 43.21
C SER B 141 -28.95 -47.93 42.85
N GLY B 142 -29.66 -46.96 42.31
CA GLY B 142 -30.94 -47.23 41.68
C GLY B 142 -30.85 -48.28 40.60
N LEU B 143 -29.68 -48.42 39.98
CA LEU B 143 -29.50 -49.47 38.99
C LEU B 143 -29.71 -50.85 39.62
N LEU B 144 -29.24 -51.08 40.85
CA LEU B 144 -29.46 -52.41 41.42
C LEU B 144 -30.94 -52.55 41.63
N GLU B 145 -31.60 -51.45 41.94
CA GLU B 145 -33.00 -51.54 42.16
C GLU B 145 -33.70 -51.92 40.86
N GLU B 146 -33.24 -51.31 39.77
CA GLU B 146 -33.86 -51.55 38.48
C GLU B 146 -33.45 -52.93 38.03
N LEU B 147 -32.41 -53.48 38.66
CA LEU B 147 -31.99 -54.85 38.36
C LEU B 147 -32.82 -55.79 39.20
N ALA B 148 -33.16 -55.32 40.39
CA ALA B 148 -34.06 -56.08 41.24
C ALA B 148 -35.39 -56.10 40.52
N ARG B 149 -35.74 -54.97 39.92
CA ARG B 149 -36.93 -54.82 39.09
C ARG B 149 -36.71 -55.05 37.59
N ASN B 150 -35.83 -55.99 37.25
CA ASN B 150 -35.41 -56.36 35.89
C ASN B 150 -35.63 -55.37 34.71
N GLY B 151 -35.75 -54.07 34.99
CA GLY B 151 -35.93 -53.09 33.93
C GLY B 151 -34.85 -53.13 32.87
N GLN B 152 -33.66 -53.58 33.26
CA GLN B 152 -32.61 -53.83 32.30
C GLN B 152 -31.84 -55.02 32.85
N ILE B 153 -31.20 -55.74 31.95
CA ILE B 153 -30.52 -56.98 32.27
C ILE B 153 -29.27 -56.72 33.11
N ASP B 154 -28.69 -57.77 33.70
CA ASP B 154 -27.43 -57.59 34.42
C ASP B 154 -26.32 -57.45 33.38
N LYS B 155 -25.06 -57.50 33.82
CA LYS B 155 -23.88 -57.23 32.98
C LYS B 155 -23.88 -55.79 32.47
N GLU B 156 -25.01 -55.11 32.65
CA GLU B 156 -25.17 -53.70 32.33
C GLU B 156 -24.86 -53.01 33.63
N ALA B 157 -25.21 -53.72 34.70
CA ALA B 157 -25.03 -53.27 36.06
C ALA B 157 -23.60 -52.94 36.35
N VAL B 158 -22.77 -53.97 36.20
CA VAL B 158 -21.37 -53.95 36.57
C VAL B 158 -20.56 -53.09 35.61
N GLN B 159 -21.07 -52.98 34.40
CA GLN B 159 -20.41 -52.21 33.36
C GLN B 159 -20.54 -50.69 33.58
N LYS B 160 -21.65 -50.25 34.17
CA LYS B 160 -21.89 -48.81 34.31
C LYS B 160 -22.09 -48.28 35.75
N TYR B 161 -22.11 -49.18 36.71
CA TYR B 161 -22.27 -48.93 38.16
C TYR B 161 -21.53 -47.73 38.78
N ALA B 162 -20.61 -48.06 39.68
CA ALA B 162 -19.75 -47.12 40.41
C ALA B 162 -18.98 -46.16 39.49
N TYR B 163 -19.35 -46.15 38.21
CA TYR B 163 -18.64 -45.42 37.17
C TYR B 163 -19.33 -44.14 36.72
N LEU B 164 -20.14 -43.56 37.59
CA LEU B 164 -20.83 -42.31 37.24
C LEU B 164 -19.97 -41.12 37.60
N ASN B 165 -19.49 -40.49 36.53
CA ASN B 165 -18.62 -39.35 36.57
C ASN B 165 -19.46 -38.07 36.53
N VAL B 166 -19.24 -37.15 37.47
CA VAL B 166 -19.99 -35.89 37.52
C VAL B 166 -19.09 -34.64 37.61
N VAL B 167 -19.37 -33.63 36.79
CA VAL B 167 -18.67 -32.34 36.90
C VAL B 167 -19.72 -31.22 36.80
N GLY B 168 -19.60 -30.24 37.68
CA GLY B 168 -20.52 -29.12 37.73
C GLY B 168 -19.84 -27.88 37.22
N MET B 169 -20.66 -26.96 36.71
CA MET B 169 -20.19 -25.69 36.19
C MET B 169 -21.14 -24.63 36.69
N VAL B 170 -20.63 -23.64 37.40
CA VAL B 170 -21.53 -22.62 37.95
C VAL B 170 -22.00 -21.69 36.84
N GLY B 171 -23.27 -21.82 36.47
CA GLY B 171 -23.85 -21.03 35.40
C GLY B 171 -25.09 -20.25 35.82
N SER B 172 -24.99 -19.58 36.95
CA SER B 172 -26.05 -18.68 37.43
C SER B 172 -25.48 -17.34 37.89
N ILE B 173 -26.36 -16.35 38.07
CA ILE B 173 -25.95 -15.01 38.44
C ILE B 173 -26.03 -14.84 39.96
N ASP B 174 -26.56 -15.86 40.62
CA ASP B 174 -26.68 -15.86 42.08
C ASP B 174 -25.30 -15.90 42.71
N ASN B 175 -24.33 -16.43 41.98
CA ASN B 175 -22.96 -16.61 42.48
C ASN B 175 -22.90 -17.33 43.83
N ASP B 176 -23.83 -18.27 44.02
CA ASP B 176 -23.89 -19.13 45.20
C ASP B 176 -24.21 -18.36 46.48
N ASP B 181 -14.54 -16.55 43.60
CA ASP B 181 -14.51 -17.21 42.31
C ASP B 181 -15.43 -16.48 41.35
N MET B 182 -15.30 -16.76 40.05
CA MET B 182 -16.14 -16.10 39.07
C MET B 182 -17.01 -17.11 38.34
N THR B 183 -18.28 -16.73 38.18
CA THR B 183 -19.28 -17.58 37.59
C THR B 183 -19.76 -17.04 36.26
N ILE B 184 -20.24 -17.94 35.41
CA ILE B 184 -20.70 -17.54 34.08
C ILE B 184 -21.95 -16.66 34.12
N GLY B 185 -21.90 -15.54 33.41
CA GLY B 185 -23.04 -14.66 33.30
C GLY B 185 -23.00 -13.40 34.15
N THR B 186 -22.20 -13.42 35.21
CA THR B 186 -22.08 -12.29 36.11
C THR B 186 -21.66 -11.04 35.36
N ASP B 187 -20.57 -11.11 34.62
CA ASP B 187 -20.10 -9.99 33.82
C ASP B 187 -21.17 -9.49 32.85
N SER B 188 -21.86 -10.42 32.18
CA SER B 188 -22.92 -10.07 31.25
C SER B 188 -24.09 -9.37 31.94
N ALA B 189 -24.48 -9.89 33.10
CA ALA B 189 -25.58 -9.32 33.87
C ALA B 189 -25.22 -7.91 34.33
N LEU B 190 -23.97 -7.77 34.78
CA LEU B 190 -23.40 -6.50 35.18
C LEU B 190 -23.42 -5.51 34.02
N HIS B 191 -23.11 -6.02 32.84
CA HIS B 191 -23.20 -5.24 31.61
C HIS B 191 -24.61 -4.73 31.41
N ARG B 192 -25.58 -5.63 31.54
CA ARG B 192 -26.98 -5.28 31.38
C ARG B 192 -27.40 -4.16 32.35
N ILE B 193 -27.06 -4.36 33.62
CA ILE B 193 -27.39 -3.40 34.66
C ILE B 193 -26.79 -2.03 34.40
N ILE B 194 -25.48 -2.01 34.15
CA ILE B 194 -24.78 -0.75 33.92
C ILE B 194 -25.27 -0.09 32.62
N GLU B 195 -25.72 -0.89 31.67
CA GLU B 195 -26.31 -0.37 30.45
C GLU B 195 -27.57 0.40 30.79
N VAL B 196 -28.40 -0.23 31.63
CA VAL B 196 -29.63 0.41 32.10
C VAL B 196 -29.32 1.72 32.82
N VAL B 197 -28.39 1.66 33.77
CA VAL B 197 -28.01 2.84 34.56
C VAL B 197 -27.53 3.99 33.67
N ASP B 198 -26.63 3.67 32.74
CA ASP B 198 -26.11 4.64 31.78
C ASP B 198 -27.24 5.24 30.94
N ALA B 199 -28.22 4.43 30.57
CA ALA B 199 -29.35 4.92 29.80
C ALA B 199 -30.21 5.87 30.65
N ILE B 200 -30.42 5.53 31.91
CA ILE B 200 -31.22 6.32 32.83
C ILE B 200 -30.57 7.68 33.08
N MET B 201 -29.24 7.69 33.10
CA MET B 201 -28.51 8.93 33.37
C MET B 201 -28.79 10.01 32.34
N THR B 202 -29.12 9.60 31.12
CA THR B 202 -29.45 10.56 30.08
C THR B 202 -30.83 11.18 30.24
N THR B 203 -31.76 10.46 30.87
CA THR B 203 -33.10 11.02 31.05
C THR B 203 -33.19 11.83 32.34
N ALA B 204 -32.48 11.42 33.38
CA ALA B 204 -32.57 12.13 34.66
C ALA B 204 -31.84 13.48 34.72
N GLN B 205 -31.79 14.19 33.60
CA GLN B 205 -31.43 15.61 33.60
C GLN B 205 -32.73 16.39 33.77
N SER B 206 -33.82 15.76 33.31
CA SER B 206 -35.16 16.22 33.57
C SER B 206 -35.46 16.14 35.06
N HIS B 207 -35.25 17.27 35.72
CA HIS B 207 -35.35 17.40 37.17
C HIS B 207 -34.25 16.59 37.85
N GLN B 208 -34.08 16.92 39.14
CA GLN B 208 -33.11 16.32 40.03
C GLN B 208 -33.73 15.05 40.63
N ARG B 209 -33.74 13.99 39.82
CA ARG B 209 -34.41 12.71 40.12
C ARG B 209 -33.57 11.71 40.93
N THR B 210 -34.21 10.85 41.72
CA THR B 210 -33.51 9.75 42.41
C THR B 210 -33.99 8.40 41.91
N PHE B 211 -33.05 7.57 41.48
CA PHE B 211 -33.44 6.29 40.93
C PHE B 211 -33.05 5.15 41.85
N VAL B 212 -34.06 4.38 42.23
CA VAL B 212 -33.89 3.20 43.06
C VAL B 212 -33.94 1.97 42.18
N LEU B 213 -32.81 1.30 41.98
CA LEU B 213 -32.80 0.17 41.07
C LEU B 213 -32.65 -1.16 41.78
N GLU B 214 -33.60 -2.04 41.56
CA GLU B 214 -33.59 -3.37 42.15
C GLU B 214 -32.95 -4.36 41.19
N VAL B 215 -31.79 -4.88 41.58
CA VAL B 215 -31.05 -5.82 40.76
C VAL B 215 -31.20 -7.23 41.35
N MET B 216 -30.71 -8.22 40.62
CA MET B 216 -30.97 -9.61 40.98
C MET B 216 -30.01 -10.11 42.07
N GLY B 217 -30.50 -10.20 43.30
CA GLY B 217 -29.81 -10.92 44.34
C GLY B 217 -30.73 -11.35 45.47
N ARG B 218 -31.04 -12.65 45.53
CA ARG B 218 -31.91 -13.15 46.59
C ARG B 218 -31.12 -13.51 47.84
N HIS B 219 -29.85 -13.90 47.66
CA HIS B 219 -28.98 -14.21 48.80
C HIS B 219 -27.61 -13.60 48.67
N CYS B 220 -27.14 -13.46 47.43
CA CYS B 220 -25.85 -12.85 47.21
C CYS B 220 -26.02 -11.42 46.78
N GLY B 221 -25.20 -10.55 47.34
CA GLY B 221 -25.25 -9.14 47.03
C GLY B 221 -24.10 -8.73 46.16
N TYR B 222 -23.40 -9.72 45.60
CA TYR B 222 -22.25 -9.44 44.73
C TYR B 222 -22.66 -8.55 43.57
N LEU B 223 -23.63 -9.01 42.79
CA LEU B 223 -24.13 -8.25 41.64
C LEU B 223 -24.47 -6.81 41.98
N ALA B 224 -25.17 -6.64 43.11
CA ALA B 224 -25.55 -5.31 43.58
C ALA B 224 -24.32 -4.48 43.95
N LEU B 225 -23.46 -5.04 44.79
CA LEU B 225 -22.24 -4.37 45.25
C LEU B 225 -21.40 -3.87 44.08
N VAL B 226 -21.16 -4.77 43.14
CA VAL B 226 -20.34 -4.50 41.98
C VAL B 226 -21.02 -3.51 41.03
N SER B 227 -22.35 -3.56 40.96
CA SER B 227 -23.09 -2.58 40.17
C SER B 227 -22.90 -1.18 40.75
N ALA B 228 -23.07 -1.09 42.07
CA ALA B 228 -22.93 0.16 42.80
C ALA B 228 -21.52 0.73 42.61
N LEU B 229 -20.52 -0.15 42.72
CA LEU B 229 -19.13 0.25 42.49
C LEU B 229 -18.89 0.71 41.06
N ALA B 230 -19.58 0.08 40.10
CA ALA B 230 -19.35 0.40 38.70
C ALA B 230 -20.03 1.69 38.27
N CYS B 231 -21.08 2.09 38.98
CA CYS B 231 -21.79 3.31 38.60
C CYS B 231 -21.62 4.43 39.62
N GLY B 232 -20.77 4.20 40.62
CA GLY B 232 -20.57 5.17 41.69
C GLY B 232 -21.88 5.51 42.39
N ALA B 233 -22.63 4.46 42.72
CA ALA B 233 -23.94 4.62 43.34
C ALA B 233 -23.85 5.40 44.65
N ASP B 234 -24.92 6.14 44.95
CA ASP B 234 -24.97 6.95 46.15
C ASP B 234 -25.24 6.05 47.35
N TRP B 235 -25.88 4.91 47.08
CA TRP B 235 -26.15 3.94 48.13
C TRP B 235 -26.38 2.54 47.56
N VAL B 236 -26.06 1.53 48.36
CA VAL B 236 -26.30 0.14 47.97
C VAL B 236 -26.92 -0.64 49.13
N PHE B 237 -27.74 -1.62 48.81
CA PHE B 237 -28.32 -2.51 49.82
C PHE B 237 -28.04 -3.96 49.49
N LEU B 238 -27.40 -4.64 50.44
CA LEU B 238 -26.94 -6.02 50.28
C LEU B 238 -27.57 -6.91 51.35
N PRO B 239 -27.82 -8.18 51.00
CA PRO B 239 -28.33 -9.15 51.97
C PRO B 239 -27.27 -9.60 52.99
N GLU B 240 -26.00 -9.59 52.60
CA GLU B 240 -24.93 -10.02 53.52
C GLU B 240 -24.62 -8.95 54.54
N SER B 241 -24.52 -7.70 54.09
CA SER B 241 -24.21 -6.59 54.99
C SER B 241 -25.40 -5.62 55.10
N PRO B 242 -26.28 -5.84 56.09
CA PRO B 242 -27.42 -4.95 56.29
C PRO B 242 -26.97 -3.58 56.77
N PRO B 243 -27.78 -2.54 56.53
CA PRO B 243 -27.40 -1.20 56.98
C PRO B 243 -27.59 -1.06 58.48
N GLU B 244 -26.71 -0.30 59.12
CA GLU B 244 -26.84 -0.07 60.56
C GLU B 244 -27.70 1.16 60.89
N GLU B 245 -28.35 1.09 62.04
CA GLU B 245 -29.17 2.16 62.58
C GLU B 245 -28.32 3.38 62.93
N GLY B 246 -28.79 4.59 62.60
CA GLY B 246 -29.95 4.78 61.77
C GLY B 246 -29.53 5.18 60.36
N TRP B 247 -29.54 4.22 59.46
CA TRP B 247 -29.10 4.42 58.08
C TRP B 247 -30.00 5.37 57.29
N GLU B 248 -31.29 5.41 57.63
CA GLU B 248 -32.25 6.27 56.94
C GLU B 248 -31.83 7.75 56.97
N GLU B 249 -31.45 8.21 58.16
CA GLU B 249 -31.01 9.60 58.35
C GLU B 249 -29.73 9.88 57.57
N GLN B 250 -28.76 8.97 57.71
CA GLN B 250 -27.50 9.09 56.99
C GLN B 250 -27.66 9.11 55.47
N MET B 251 -28.49 8.21 54.96
CA MET B 251 -28.73 8.12 53.52
C MET B 251 -29.36 9.40 53.02
N CYS B 252 -30.36 9.88 53.74
CA CYS B 252 -31.03 11.11 53.35
C CYS B 252 -30.09 12.33 53.42
N VAL B 253 -29.22 12.37 54.44
CA VAL B 253 -28.23 13.44 54.53
C VAL B 253 -27.23 13.36 53.37
N LYS B 254 -26.83 12.14 52.99
CA LYS B 254 -25.94 11.93 51.84
C LYS B 254 -26.58 12.48 50.57
N LEU B 255 -27.87 12.20 50.40
CA LEU B 255 -28.60 12.66 49.21
C LEU B 255 -28.72 14.18 49.20
N SER B 256 -29.00 14.75 50.38
CA SER B 256 -29.15 16.20 50.53
C SER B 256 -27.79 16.87 50.30
N GLU B 257 -26.73 16.17 50.68
CA GLU B 257 -25.37 16.63 50.43
C GLU B 257 -25.12 16.66 48.93
N ASN B 258 -25.62 15.64 48.26
CA ASN B 258 -25.49 15.57 46.81
C ASN B 258 -26.21 16.72 46.12
N ARG B 259 -27.40 17.07 46.60
CA ARG B 259 -28.07 18.23 46.02
C ARG B 259 -27.34 19.52 46.41
N ALA B 260 -26.75 19.53 47.60
CA ALA B 260 -25.86 20.61 48.01
C ALA B 260 -24.67 20.70 47.04
N ARG B 261 -24.10 19.54 46.71
CA ARG B 261 -23.02 19.48 45.74
C ARG B 261 -23.56 19.72 44.33
N LYS B 262 -24.88 19.86 44.24
CA LYS B 262 -25.60 20.17 43.02
C LYS B 262 -25.48 19.05 41.97
N LYS B 263 -25.35 17.82 42.44
CA LYS B 263 -25.39 16.63 41.59
C LYS B 263 -26.79 16.41 41.07
N ARG B 264 -26.99 16.47 39.76
CA ARG B 264 -28.33 16.41 39.17
C ARG B 264 -29.02 15.05 39.35
N LEU B 265 -28.31 14.09 39.93
CA LEU B 265 -28.85 12.74 40.01
C LEU B 265 -28.50 11.96 41.28
N ASN B 266 -29.24 10.89 41.50
CA ASN B 266 -28.99 9.95 42.59
C ASN B 266 -29.32 8.54 42.17
N ILE B 267 -28.43 7.60 42.49
CA ILE B 267 -28.67 6.19 42.20
C ILE B 267 -28.58 5.34 43.46
N ILE B 268 -29.64 4.61 43.75
CA ILE B 268 -29.63 3.68 44.86
C ILE B 268 -29.80 2.27 44.31
N ILE B 269 -28.79 1.43 44.53
CA ILE B 269 -28.83 0.05 44.06
C ILE B 269 -29.37 -0.83 45.17
N VAL B 270 -30.37 -1.65 44.87
CA VAL B 270 -30.99 -2.49 45.88
C VAL B 270 -31.03 -3.96 45.46
N ALA B 271 -30.40 -4.83 46.25
CA ALA B 271 -30.56 -6.25 45.96
C ALA B 271 -31.99 -6.62 46.32
N GLU B 272 -32.63 -7.46 45.50
CA GLU B 272 -34.00 -7.91 45.81
C GLU B 272 -34.11 -8.44 47.24
N GLY B 273 -33.10 -9.18 47.69
CA GLY B 273 -33.12 -9.69 49.05
C GLY B 273 -32.42 -8.79 50.05
N ALA B 274 -32.57 -7.48 49.88
CA ALA B 274 -32.04 -6.51 50.84
C ALA B 274 -32.73 -6.69 52.18
N ILE B 275 -31.97 -6.73 53.27
CA ILE B 275 -32.53 -7.07 54.58
C ILE B 275 -32.12 -6.13 55.72
N ASP B 276 -32.91 -6.14 56.79
CA ASP B 276 -32.60 -5.41 58.02
C ASP B 276 -31.56 -6.16 58.83
N THR B 277 -31.17 -5.58 59.96
CA THR B 277 -30.26 -6.25 60.88
C THR B 277 -31.07 -7.33 61.60
N GLN B 278 -32.39 -7.20 61.45
CA GLN B 278 -33.39 -8.12 62.00
C GLN B 278 -33.95 -9.03 60.92
N ASN B 279 -33.21 -9.18 59.82
CA ASN B 279 -33.63 -10.01 58.69
C ASN B 279 -34.95 -9.58 58.06
N LYS B 280 -35.36 -8.33 58.25
CA LYS B 280 -36.53 -7.82 57.54
C LYS B 280 -36.15 -7.34 56.16
N PRO B 281 -36.98 -7.68 55.17
CA PRO B 281 -36.62 -7.21 53.84
C PRO B 281 -36.77 -5.70 53.75
N ILE B 282 -35.94 -5.08 52.92
CA ILE B 282 -36.02 -3.65 52.66
C ILE B 282 -36.44 -3.48 51.21
N THR B 283 -37.72 -3.17 50.99
CA THR B 283 -38.23 -3.09 49.63
C THR B 283 -37.77 -1.79 48.97
N SER B 284 -37.84 -1.75 47.64
CA SER B 284 -37.46 -0.56 46.89
C SER B 284 -38.48 0.55 47.09
N GLU B 285 -39.74 0.15 47.18
CA GLU B 285 -40.86 1.05 47.44
C GLU B 285 -40.68 1.74 48.79
N LYS B 286 -40.19 0.99 49.76
CA LYS B 286 -39.87 1.52 51.09
C LYS B 286 -38.83 2.63 50.98
N ILE B 287 -37.84 2.40 50.11
CA ILE B 287 -36.77 3.37 49.90
C ILE B 287 -37.31 4.64 49.24
N LYS B 288 -38.11 4.46 48.20
CA LYS B 288 -38.78 5.57 47.52
C LYS B 288 -39.62 6.38 48.49
N GLU B 289 -40.43 5.68 49.29
CA GLU B 289 -41.26 6.31 50.30
C GLU B 289 -40.40 7.11 51.26
N LEU B 290 -39.26 6.55 51.65
CA LEU B 290 -38.34 7.23 52.55
C LEU B 290 -37.84 8.53 51.96
N VAL B 291 -37.30 8.47 50.73
CA VAL B 291 -36.76 9.64 50.06
C VAL B 291 -37.82 10.73 49.83
N VAL B 292 -39.01 10.30 49.40
CA VAL B 292 -40.11 11.22 49.14
C VAL B 292 -40.61 11.90 50.42
N THR B 293 -40.82 11.09 51.45
CA THR B 293 -41.31 11.60 52.73
C THR B 293 -40.28 12.53 53.41
N GLN B 294 -39.01 12.15 53.43
CA GLN B 294 -38.01 12.94 54.16
C GLN B 294 -37.48 14.13 53.35
N LEU B 295 -37.18 13.92 52.07
CA LEU B 295 -36.55 14.96 51.26
C LEU B 295 -37.49 15.61 50.21
N GLY B 296 -38.58 14.93 49.82
CA GLY B 296 -39.56 15.51 48.88
C GLY B 296 -39.05 15.65 47.45
N TYR B 297 -38.21 14.65 47.12
CA TYR B 297 -37.45 14.47 45.88
C TYR B 297 -38.26 13.71 44.81
N ASP B 298 -38.01 13.97 43.54
CA ASP B 298 -38.65 13.14 42.52
C ASP B 298 -37.95 11.78 42.47
N THR B 299 -38.54 10.78 43.11
CA THR B 299 -37.94 9.45 43.19
C THR B 299 -38.70 8.49 42.29
N ARG B 300 -37.98 7.62 41.58
CA ARG B 300 -38.60 6.59 40.74
C ARG B 300 -37.97 5.23 40.98
N VAL B 301 -38.80 4.18 41.00
CA VAL B 301 -38.33 2.80 41.19
C VAL B 301 -38.30 2.04 39.87
N THR B 302 -37.25 1.25 39.67
CA THR B 302 -37.16 0.37 38.52
C THR B 302 -36.69 -1.00 38.96
N ILE B 303 -37.51 -2.01 38.73
CA ILE B 303 -37.12 -3.39 38.97
C ILE B 303 -36.62 -3.96 37.65
N LEU B 304 -35.29 -4.06 37.51
CA LEU B 304 -34.69 -4.47 36.25
C LEU B 304 -35.20 -5.84 35.81
N GLY B 305 -35.14 -6.81 36.70
CA GLY B 305 -35.65 -8.14 36.42
C GLY B 305 -34.86 -8.92 35.37
N HIS B 306 -35.58 -9.69 34.55
CA HIS B 306 -34.92 -10.67 33.71
C HIS B 306 -34.06 -10.11 32.58
N VAL B 307 -34.12 -8.81 32.32
CA VAL B 307 -33.18 -8.25 31.35
C VAL B 307 -31.77 -8.54 31.85
N GLN B 308 -31.59 -8.52 33.17
CA GLN B 308 -30.32 -8.83 33.79
C GLN B 308 -29.78 -10.18 33.29
N ARG B 309 -30.70 -11.10 33.04
CA ARG B 309 -30.35 -12.42 32.53
C ARG B 309 -30.19 -12.47 31.02
N GLY B 310 -30.72 -11.48 30.32
CA GLY B 310 -30.74 -11.53 28.86
C GLY B 310 -29.56 -10.86 28.18
N GLY B 311 -29.73 -10.61 26.89
CA GLY B 311 -28.69 -9.97 26.10
C GLY B 311 -27.62 -10.92 25.61
N THR B 312 -26.56 -10.37 25.04
CA THR B 312 -25.48 -11.18 24.50
C THR B 312 -24.38 -11.36 25.55
N PRO B 313 -23.79 -12.57 25.61
CA PRO B 313 -22.72 -12.78 26.57
C PRO B 313 -21.52 -11.91 26.25
N SER B 314 -20.95 -11.28 27.27
CA SER B 314 -19.78 -10.45 27.11
C SER B 314 -18.58 -11.33 26.76
N ALA B 315 -17.52 -10.69 26.26
CA ALA B 315 -16.30 -11.39 25.91
C ALA B 315 -15.79 -12.19 27.10
N PHE B 316 -15.82 -11.57 28.27
CA PHE B 316 -15.40 -12.23 29.51
C PHE B 316 -16.17 -13.53 29.74
N ASP B 317 -17.50 -13.47 29.67
CA ASP B 317 -18.32 -14.65 29.89
C ASP B 317 -18.12 -15.72 28.82
N ARG B 318 -17.95 -15.30 27.56
CA ARG B 318 -17.70 -16.25 26.48
C ARG B 318 -16.39 -17.00 26.71
N ILE B 319 -15.33 -16.25 26.99
CA ILE B 319 -14.02 -16.85 27.21
C ILE B 319 -14.01 -17.75 28.45
N LEU B 320 -14.59 -17.24 29.53
CA LEU B 320 -14.70 -17.99 30.77
C LEU B 320 -15.42 -19.30 30.53
N ALA B 321 -16.60 -19.21 29.94
CA ALA B 321 -17.41 -20.38 29.64
C ALA B 321 -16.66 -21.39 28.77
N SER B 322 -15.94 -20.90 27.76
CA SER B 322 -15.16 -21.78 26.88
C SER B 322 -14.10 -22.57 27.65
N ARG B 323 -13.28 -21.83 28.39
CA ARG B 323 -12.22 -22.42 29.19
C ARG B 323 -12.80 -23.45 30.17
N MET B 324 -13.92 -23.08 30.77
CA MET B 324 -14.60 -23.93 31.73
C MET B 324 -15.14 -25.22 31.12
N GLY B 325 -15.81 -25.12 29.97
CA GLY B 325 -16.32 -26.31 29.30
C GLY B 325 -15.20 -27.27 28.95
N VAL B 326 -14.11 -26.72 28.44
CA VAL B 326 -12.97 -27.54 28.06
C VAL B 326 -12.40 -28.24 29.30
N GLU B 327 -12.23 -27.47 30.37
CA GLU B 327 -11.73 -28.01 31.63
C GLU B 327 -12.69 -29.07 32.20
N ALA B 328 -13.97 -28.91 31.90
CA ALA B 328 -14.98 -29.86 32.34
C ALA B 328 -14.76 -31.19 31.65
N VAL B 329 -14.52 -31.14 30.35
CA VAL B 329 -14.27 -32.39 29.61
C VAL B 329 -12.99 -33.07 30.09
N ILE B 330 -11.93 -32.28 30.27
CA ILE B 330 -10.67 -32.81 30.78
C ILE B 330 -10.87 -33.47 32.15
N ALA B 331 -11.58 -32.79 33.04
CA ALA B 331 -11.89 -33.30 34.36
C ALA B 331 -12.67 -34.60 34.26
N LEU B 332 -13.59 -34.66 33.29
CA LEU B 332 -14.39 -35.87 33.08
C LEU B 332 -13.53 -37.04 32.67
N LEU B 333 -12.51 -36.79 31.85
CA LEU B 333 -11.63 -37.86 31.41
C LEU B 333 -10.69 -38.32 32.52
N GLU B 334 -10.11 -37.37 33.24
CA GLU B 334 -9.17 -37.69 34.32
C GLU B 334 -9.82 -38.28 35.57
N ALA B 335 -11.14 -38.29 35.62
CA ALA B 335 -11.86 -38.81 36.79
C ALA B 335 -11.77 -40.33 36.94
N THR B 336 -11.73 -40.78 38.18
CA THR B 336 -11.73 -42.19 38.54
C THR B 336 -12.89 -42.44 39.52
N PRO B 337 -13.19 -43.71 39.83
CA PRO B 337 -14.27 -43.97 40.82
C PRO B 337 -13.98 -43.37 42.20
N ASP B 338 -12.71 -43.20 42.54
CA ASP B 338 -12.35 -42.60 43.83
C ASP B 338 -12.51 -41.09 43.75
N THR B 339 -12.25 -40.53 42.57
CA THR B 339 -12.39 -39.11 42.33
C THR B 339 -13.82 -38.65 42.62
N PRO B 340 -13.97 -37.67 43.53
CA PRO B 340 -15.30 -37.18 43.87
C PRO B 340 -15.86 -36.27 42.79
N ALA B 341 -17.16 -36.01 42.83
CA ALA B 341 -17.77 -35.05 41.91
C ALA B 341 -17.17 -33.68 42.17
N CYS B 342 -16.77 -32.99 41.12
CA CYS B 342 -16.13 -31.70 41.29
C CYS B 342 -16.84 -30.61 40.51
N VAL B 343 -16.54 -29.36 40.86
CA VAL B 343 -16.99 -28.19 40.14
C VAL B 343 -15.78 -27.57 39.48
N VAL B 344 -15.82 -27.48 38.16
CA VAL B 344 -14.73 -26.86 37.43
C VAL B 344 -14.86 -25.36 37.64
N SER B 345 -13.77 -24.73 38.04
CA SER B 345 -13.84 -23.32 38.39
C SER B 345 -12.59 -22.52 38.04
N LEU B 346 -12.74 -21.21 38.16
CA LEU B 346 -11.68 -20.23 37.97
C LEU B 346 -11.42 -19.62 39.34
N ASN B 347 -10.24 -19.85 39.89
CA ASN B 347 -9.98 -19.38 41.23
C ASN B 347 -9.13 -18.11 41.04
N GLY B 348 -9.39 -17.46 39.91
CA GLY B 348 -8.73 -16.24 39.49
C GLY B 348 -7.66 -16.28 38.40
N ASN B 349 -7.96 -16.93 37.26
CA ASN B 349 -7.20 -16.99 35.97
C ASN B 349 -6.27 -18.22 35.72
N HIS B 350 -6.65 -19.36 36.28
CA HIS B 350 -6.03 -20.70 36.14
C HIS B 350 -7.12 -21.75 36.43
N ALA B 351 -7.17 -22.85 35.69
CA ALA B 351 -8.24 -23.85 35.84
C ALA B 351 -8.10 -24.75 37.06
N VAL B 352 -9.16 -24.84 37.86
CA VAL B 352 -9.13 -25.66 39.08
C VAL B 352 -10.38 -26.56 39.25
N ARG B 353 -10.23 -27.64 40.00
CA ARG B 353 -11.34 -28.55 40.29
C ARG B 353 -11.65 -28.62 41.78
N LEU B 354 -12.82 -28.11 42.17
CA LEU B 354 -13.18 -28.05 43.59
C LEU B 354 -14.15 -29.16 43.99
N PRO B 355 -13.87 -29.86 45.09
CA PRO B 355 -14.84 -30.90 45.49
C PRO B 355 -16.24 -30.31 45.76
N LEU B 356 -17.27 -30.90 45.13
CA LEU B 356 -18.66 -30.41 45.15
C LEU B 356 -19.27 -30.20 46.54
N MET B 357 -19.22 -31.25 47.35
CA MET B 357 -19.83 -31.26 48.67
C MET B 357 -19.32 -30.09 49.50
N GLU B 358 -18.04 -29.78 49.33
CA GLU B 358 -17.40 -28.66 50.02
C GLU B 358 -18.08 -27.33 49.67
N CYS B 359 -18.40 -27.17 48.39
CA CYS B 359 -19.07 -25.96 47.91
C CYS B 359 -20.50 -25.85 48.46
N VAL B 360 -21.23 -26.98 48.42
CA VAL B 360 -22.60 -26.98 48.92
C VAL B 360 -22.58 -26.60 50.39
N GLN B 361 -21.58 -27.14 51.09
CA GLN B 361 -21.37 -26.85 52.50
C GLN B 361 -20.99 -25.39 52.73
N MET B 362 -20.32 -24.76 51.79
CA MET B 362 -20.01 -23.34 51.95
C MET B 362 -21.28 -22.51 51.85
N THR B 363 -22.08 -22.78 50.82
CA THR B 363 -23.35 -22.08 50.65
C THR B 363 -24.21 -22.20 51.90
N GLN B 364 -24.32 -23.43 52.40
CA GLN B 364 -25.11 -23.66 53.62
C GLN B 364 -24.49 -22.96 54.83
N ASP B 365 -23.16 -22.83 54.84
CA ASP B 365 -22.47 -22.10 55.91
C ASP B 365 -22.89 -20.65 55.96
N VAL B 366 -22.87 -20.02 54.79
CA VAL B 366 -23.27 -18.62 54.67
C VAL B 366 -24.72 -18.46 55.06
N GLN B 367 -25.56 -19.36 54.57
CA GLN B 367 -26.98 -19.34 54.86
C GLN B 367 -27.26 -19.41 56.35
N LYS B 368 -26.58 -20.36 56.98
CA LYS B 368 -26.64 -20.54 58.43
C LYS B 368 -26.22 -19.26 59.15
N ALA B 369 -25.18 -18.61 58.64
CA ALA B 369 -24.71 -17.36 59.23
C ALA B 369 -25.71 -16.20 59.10
N MET B 370 -26.42 -16.12 57.97
CA MET B 370 -27.43 -15.06 57.75
C MET B 370 -28.61 -15.31 58.69
N ASP B 371 -29.08 -16.56 58.80
CA ASP B 371 -30.22 -16.83 59.68
C ASP B 371 -29.99 -16.49 61.16
N GLU B 372 -28.82 -16.81 61.69
CA GLU B 372 -28.44 -16.50 63.07
C GLU B 372 -27.80 -15.14 63.14
N ARG B 373 -27.93 -14.38 62.06
CA ARG B 373 -27.42 -13.01 61.98
C ARG B 373 -25.90 -12.81 62.23
N ARG B 374 -25.07 -13.77 61.81
CA ARG B 374 -23.63 -13.58 61.83
C ARG B 374 -23.29 -12.91 60.47
N PHE B 375 -23.74 -11.68 60.27
CA PHE B 375 -23.58 -10.98 58.98
C PHE B 375 -22.12 -10.72 58.62
N GLN B 376 -21.30 -10.40 59.62
CA GLN B 376 -19.90 -10.11 59.35
C GLN B 376 -19.07 -11.31 58.84
N ASP B 377 -19.21 -12.47 59.48
CA ASP B 377 -18.51 -13.66 58.99
C ASP B 377 -19.16 -14.16 57.71
N ALA B 378 -20.42 -13.79 57.49
CA ALA B 378 -21.07 -14.13 56.23
C ALA B 378 -20.31 -13.39 55.13
N VAL B 379 -20.08 -12.09 55.37
CA VAL B 379 -19.31 -11.27 54.46
C VAL B 379 -17.91 -11.84 54.30
N ARG B 380 -17.36 -12.37 55.38
CA ARG B 380 -16.09 -13.10 55.35
C ARG B 380 -16.17 -14.29 54.40
N LEU B 381 -17.17 -15.11 54.64
CA LEU B 381 -17.42 -16.35 53.92
C LEU B 381 -17.57 -16.10 52.43
N ARG B 382 -17.99 -14.90 52.08
CA ARG B 382 -18.11 -14.53 50.67
C ARG B 382 -16.74 -14.47 50.00
N GLY B 383 -15.71 -14.19 50.79
CA GLY B 383 -14.36 -14.17 50.25
C GLY B 383 -13.65 -12.85 50.33
N ARG B 384 -12.38 -12.83 49.93
CA ARG B 384 -11.57 -11.61 49.95
C ARG B 384 -12.07 -10.60 48.91
N SER B 385 -12.31 -11.06 47.69
CA SER B 385 -12.88 -10.24 46.61
C SER B 385 -14.07 -9.40 47.05
N PHE B 386 -15.03 -10.06 47.71
CA PHE B 386 -16.23 -9.40 48.21
C PHE B 386 -15.91 -8.26 49.18
N ALA B 387 -15.19 -8.61 50.26
CA ALA B 387 -14.83 -7.64 51.30
C ALA B 387 -14.06 -6.45 50.72
N GLY B 388 -13.23 -6.72 49.72
CA GLY B 388 -12.44 -5.69 49.06
C GLY B 388 -13.31 -4.74 48.26
N ASN B 389 -14.14 -5.32 47.39
CA ASN B 389 -15.11 -4.55 46.61
C ASN B 389 -15.94 -3.64 47.52
N LEU B 390 -16.39 -4.23 48.63
CA LEU B 390 -17.23 -3.52 49.60
C LEU B 390 -16.50 -2.38 50.30
N ASN B 391 -15.26 -2.65 50.74
CA ASN B 391 -14.48 -1.65 51.47
C ASN B 391 -14.17 -0.47 50.56
N THR B 392 -13.81 -0.78 49.32
CA THR B 392 -13.51 0.23 48.33
C THR B 392 -14.74 1.09 48.06
N TYR B 393 -15.89 0.43 47.87
CA TYR B 393 -17.12 1.15 47.64
C TYR B 393 -17.45 2.09 48.79
N LYS B 394 -17.31 1.60 50.01
CA LYS B 394 -17.63 2.41 51.18
C LYS B 394 -16.74 3.64 51.22
N ARG B 395 -15.43 3.43 51.22
CA ARG B 395 -14.52 4.58 51.30
C ARG B 395 -14.60 5.52 50.10
N LEU B 396 -15.24 5.11 49.01
CA LEU B 396 -15.37 6.01 47.86
C LEU B 396 -16.73 6.70 47.84
N ALA B 397 -17.71 6.11 48.51
CA ALA B 397 -19.07 6.65 48.53
C ALA B 397 -19.30 7.60 49.72
N ILE B 398 -18.66 7.29 50.85
CA ILE B 398 -18.85 8.07 52.06
C ILE B 398 -17.58 8.84 52.42
N LYS B 399 -17.70 10.16 52.55
CA LYS B 399 -16.57 10.97 52.96
C LYS B 399 -16.72 11.44 54.39
N LEU B 400 -15.62 11.39 55.14
CA LEU B 400 -15.59 11.92 56.49
C LEU B 400 -15.31 13.43 56.44
N PRO B 401 -15.83 14.18 57.41
CA PRO B 401 -15.55 15.61 57.42
C PRO B 401 -14.07 15.87 57.70
N ASP B 402 -13.52 16.93 57.11
CA ASP B 402 -12.10 17.23 57.22
C ASP B 402 -11.59 17.21 58.67
N ASP B 403 -12.36 17.76 59.61
CA ASP B 403 -12.01 17.75 61.04
C ASP B 403 -11.68 16.34 61.54
N GLN B 404 -12.29 15.35 60.89
CA GLN B 404 -12.11 13.95 61.28
C GLN B 404 -11.01 13.29 60.46
N ILE B 405 -10.37 14.05 59.60
CA ILE B 405 -9.26 13.54 58.79
C ILE B 405 -7.95 14.11 59.32
N PRO B 406 -7.13 13.24 59.95
CA PRO B 406 -5.88 13.55 60.65
C PRO B 406 -4.95 14.47 59.86
N LYS B 407 -5.02 14.34 58.54
CA LYS B 407 -4.33 15.18 57.58
C LYS B 407 -2.79 15.04 57.61
N THR B 408 -2.24 14.35 56.60
CA THR B 408 -0.80 14.34 56.36
C THR B 408 -0.42 15.58 55.57
N ASN B 409 0.72 16.19 55.88
CA ASN B 409 1.17 17.35 55.12
C ASN B 409 2.03 16.92 53.93
N CYS B 410 1.43 16.05 53.11
CA CYS B 410 2.07 15.48 51.93
C CYS B 410 1.26 15.81 50.69
N ASN B 411 1.93 15.93 49.56
CA ASN B 411 1.27 16.21 48.31
C ASN B 411 1.46 15.05 47.34
N VAL B 412 0.36 14.39 46.98
CA VAL B 412 0.44 13.22 46.11
C VAL B 412 -0.07 13.52 44.70
N ALA B 413 0.72 13.19 43.69
CA ALA B 413 0.37 13.52 42.31
C ALA B 413 -0.23 12.35 41.53
N VAL B 414 -1.21 12.68 40.69
CA VAL B 414 -1.86 11.72 39.80
C VAL B 414 -1.68 12.16 38.35
N ILE B 415 -1.37 11.22 37.47
CA ILE B 415 -1.07 11.53 36.08
C ILE B 415 -1.48 10.39 35.15
N ASN B 416 -1.79 10.73 33.90
CA ASN B 416 -2.08 9.73 32.89
C ASN B 416 -1.02 9.73 31.79
N VAL B 417 -0.38 8.60 31.56
CA VAL B 417 0.72 8.52 30.61
C VAL B 417 0.47 7.42 29.58
N GLY B 418 0.71 7.74 28.30
CA GLY B 418 0.49 6.77 27.25
C GLY B 418 -0.77 7.08 26.47
N ALA B 419 -1.23 6.13 25.67
CA ALA B 419 -2.48 6.31 24.94
C ALA B 419 -3.64 6.24 25.92
N PRO B 420 -4.78 6.85 25.57
CA PRO B 420 -5.95 6.77 26.47
C PRO B 420 -6.44 5.34 26.61
N ALA B 421 -7.00 5.03 27.77
CA ALA B 421 -7.55 3.70 28.03
C ALA B 421 -8.84 3.85 28.83
N ALA B 422 -9.88 3.13 28.41
CA ALA B 422 -11.18 3.20 29.07
C ALA B 422 -11.10 2.75 30.51
N GLY B 423 -11.29 3.68 31.43
CA GLY B 423 -11.24 3.37 32.85
C GLY B 423 -10.18 4.19 33.55
N MET B 424 -9.51 5.05 32.79
CA MET B 424 -8.49 5.92 33.34
C MET B 424 -9.13 6.89 34.33
N ASN B 425 -10.27 7.46 33.96
CA ASN B 425 -10.95 8.43 34.82
C ASN B 425 -11.44 7.79 36.11
N ALA B 426 -11.92 6.54 36.02
CA ALA B 426 -12.28 5.79 37.21
C ALA B 426 -11.09 5.65 38.14
N ALA B 427 -9.94 5.37 37.53
CA ALA B 427 -8.68 5.21 38.26
C ALA B 427 -8.29 6.50 38.98
N VAL B 428 -8.42 7.61 38.26
CA VAL B 428 -8.12 8.93 38.83
C VAL B 428 -9.06 9.26 39.98
N ARG B 429 -10.34 9.00 39.80
CA ARG B 429 -11.35 9.22 40.83
C ARG B 429 -10.99 8.46 42.10
N SER B 430 -10.72 7.16 41.92
CA SER B 430 -10.35 6.32 43.05
C SER B 430 -9.12 6.85 43.77
N ALA B 431 -8.05 7.07 43.01
CA ALA B 431 -6.79 7.57 43.57
C ALA B 431 -6.97 8.86 44.36
N VAL B 432 -7.65 9.83 43.75
CA VAL B 432 -7.88 11.12 44.37
C VAL B 432 -8.69 11.01 45.67
N ARG B 433 -9.81 10.30 45.63
CA ARG B 433 -10.66 10.19 46.81
C ARG B 433 -9.99 9.39 47.95
N VAL B 434 -9.33 8.29 47.61
CA VAL B 434 -8.61 7.52 48.62
C VAL B 434 -7.51 8.36 49.25
N GLY B 435 -6.78 9.08 48.41
CA GLY B 435 -5.75 9.99 48.87
C GLY B 435 -6.27 11.02 49.84
N ILE B 436 -7.39 11.66 49.48
CA ILE B 436 -8.03 12.65 50.34
C ILE B 436 -8.47 12.04 51.67
N ALA B 437 -9.07 10.85 51.62
CA ALA B 437 -9.49 10.15 52.83
C ALA B 437 -8.31 9.84 53.74
N ASP B 438 -7.13 9.68 53.16
CA ASP B 438 -5.92 9.37 53.93
C ASP B 438 -5.17 10.64 54.32
N GLY B 439 -5.82 11.79 54.14
CA GLY B 439 -5.27 13.05 54.61
C GLY B 439 -4.20 13.65 53.73
N HIS B 440 -4.22 13.34 52.45
CA HIS B 440 -3.27 13.93 51.51
C HIS B 440 -3.85 15.12 50.78
N ARG B 441 -2.96 15.98 50.30
CA ARG B 441 -3.39 17.00 49.35
C ARG B 441 -3.09 16.44 47.96
N MET B 442 -4.14 16.21 47.19
CA MET B 442 -4.00 15.59 45.89
C MET B 442 -3.75 16.62 44.80
N LEU B 443 -2.82 16.28 43.91
CA LEU B 443 -2.45 17.13 42.79
C LEU B 443 -2.67 16.40 41.48
N ALA B 444 -3.30 17.08 40.53
CA ALA B 444 -3.55 16.50 39.22
C ALA B 444 -2.59 17.09 38.19
N ILE B 445 -1.90 16.21 37.47
CA ILE B 445 -1.02 16.61 36.38
C ILE B 445 -1.69 16.28 35.06
N TYR B 446 -1.89 17.30 34.22
CA TYR B 446 -2.64 17.14 32.99
C TYR B 446 -1.74 16.87 31.78
N ASP B 447 -2.24 16.06 30.84
CA ASP B 447 -1.55 15.74 29.60
C ASP B 447 -0.17 15.11 29.80
N GLY B 448 -0.13 14.07 30.63
CA GLY B 448 1.08 13.32 30.90
C GLY B 448 2.33 14.12 31.21
N PHE B 449 3.48 13.62 30.76
CA PHE B 449 4.76 14.25 31.03
C PHE B 449 4.95 15.52 30.20
N ASP B 450 4.14 15.66 29.16
CA ASP B 450 4.13 16.87 28.34
C ASP B 450 3.65 18.03 29.21
N GLY B 451 2.48 17.86 29.81
CA GLY B 451 1.95 18.85 30.73
C GLY B 451 2.75 18.95 32.02
N PHE B 452 3.31 17.82 32.45
CA PHE B 452 4.15 17.78 33.64
C PHE B 452 5.31 18.76 33.47
N ALA B 453 6.03 18.62 32.37
CA ALA B 453 7.16 19.51 32.09
C ALA B 453 6.70 20.95 31.92
N LYS B 454 5.48 21.15 31.43
CA LYS B 454 4.95 22.49 31.17
C LYS B 454 4.28 23.09 32.40
N GLY B 455 4.30 22.36 33.51
CA GLY B 455 3.72 22.84 34.75
C GLY B 455 2.21 22.93 34.75
N GLN B 456 1.56 21.94 34.13
CA GLN B 456 0.11 21.90 34.11
C GLN B 456 -0.39 21.11 35.32
N ILE B 457 -0.19 21.69 36.51
CA ILE B 457 -0.51 21.02 37.77
C ILE B 457 -1.55 21.79 38.58
N LYS B 458 -2.63 21.10 38.95
CA LYS B 458 -3.68 21.73 39.74
C LYS B 458 -4.18 20.82 40.85
N GLU B 459 -4.24 21.35 42.07
CA GLU B 459 -4.73 20.58 43.21
C GLU B 459 -6.16 20.15 42.94
N ILE B 460 -6.43 18.86 43.07
CA ILE B 460 -7.73 18.29 42.73
C ILE B 460 -8.48 17.88 44.01
N GLY B 461 -9.81 17.95 43.98
CA GLY B 461 -10.60 17.64 45.15
C GLY B 461 -11.58 16.48 45.00
N TRP B 462 -12.28 16.18 46.10
CA TRP B 462 -13.25 15.09 46.14
C TRP B 462 -14.36 15.25 45.09
N THR B 463 -14.91 16.46 45.01
CA THR B 463 -16.02 16.73 44.10
C THR B 463 -15.58 16.73 42.65
N ASP B 464 -14.35 17.18 42.40
CA ASP B 464 -13.80 17.29 41.05
C ASP B 464 -13.86 15.97 40.28
N VAL B 465 -13.64 14.87 40.96
CA VAL B 465 -13.63 13.55 40.32
C VAL B 465 -15.00 12.87 40.33
N GLY B 466 -16.01 13.55 40.86
CA GLY B 466 -17.35 12.99 40.91
C GLY B 466 -17.95 12.65 39.56
N GLY B 467 -18.55 11.47 39.46
CA GLY B 467 -19.21 11.04 38.24
C GLY B 467 -18.26 10.56 37.15
N TRP B 468 -16.99 10.41 37.50
CA TRP B 468 -15.96 10.04 36.52
C TRP B 468 -15.98 8.56 36.12
N THR B 469 -16.40 7.70 37.05
CA THR B 469 -16.33 6.25 36.94
C THR B 469 -16.65 5.73 35.52
N GLY B 470 -17.81 6.11 35.01
CA GLY B 470 -18.26 5.65 33.70
C GLY B 470 -17.79 6.49 32.52
N GLN B 471 -16.90 7.44 32.75
CA GLN B 471 -16.39 8.28 31.67
C GLN B 471 -15.21 7.64 30.96
N GLY B 472 -15.31 7.54 29.64
CA GLY B 472 -14.23 7.03 28.83
C GLY B 472 -13.18 8.09 28.55
N GLY B 473 -12.08 7.66 27.95
CA GLY B 473 -10.98 8.55 27.61
C GLY B 473 -10.21 8.99 28.83
N SER B 474 -9.67 10.20 28.79
CA SER B 474 -8.83 10.72 29.86
C SER B 474 -9.12 12.20 30.10
N ILE B 475 -9.81 12.50 31.19
CA ILE B 475 -10.19 13.87 31.49
C ILE B 475 -8.96 14.71 31.80
N LEU B 476 -7.99 14.15 32.52
CA LEU B 476 -6.74 14.86 32.80
C LEU B 476 -5.96 15.08 31.52
N GLY B 477 -6.06 14.10 30.61
CA GLY B 477 -5.31 14.13 29.38
C GLY B 477 -4.10 13.24 29.51
N THR B 478 -3.78 12.51 28.46
CA THR B 478 -2.62 11.63 28.50
C THR B 478 -1.82 11.74 27.21
N LYS B 479 -0.50 11.65 27.35
CA LYS B 479 0.39 11.71 26.20
C LYS B 479 1.45 10.62 26.25
N ARG B 480 1.92 10.27 25.06
CA ARG B 480 2.88 9.21 24.84
C ARG B 480 4.32 9.60 25.18
N VAL B 481 4.57 10.90 25.25
CA VAL B 481 5.91 11.45 25.47
C VAL B 481 6.58 10.96 26.76
N LEU B 482 7.84 10.57 26.64
CA LEU B 482 8.61 10.07 27.76
C LEU B 482 9.29 11.23 28.50
N PRO B 483 9.55 11.07 29.80
CA PRO B 483 10.11 12.16 30.61
C PRO B 483 11.59 12.45 30.32
N GLY B 484 12.25 11.53 29.61
CA GLY B 484 13.67 11.64 29.31
C GLY B 484 14.21 13.00 28.94
N LYS B 485 13.59 13.67 27.97
CA LYS B 485 14.09 14.95 27.50
C LYS B 485 13.77 16.13 28.42
N TYR B 486 12.89 15.94 29.39
CA TYR B 486 12.49 17.07 30.23
C TYR B 486 12.69 16.82 31.73
N LEU B 487 13.69 15.99 32.04
CA LEU B 487 13.99 15.61 33.42
C LEU B 487 14.22 16.83 34.29
N GLU B 488 14.84 17.86 33.73
CA GLU B 488 15.04 19.09 34.47
C GLU B 488 13.70 19.78 34.72
N GLU B 489 12.95 20.00 33.64
CA GLU B 489 11.72 20.77 33.70
C GLU B 489 10.71 20.15 34.66
N ILE B 490 10.65 18.83 34.65
CA ILE B 490 9.76 18.10 35.53
C ILE B 490 10.27 18.19 36.96
N ALA B 491 11.58 18.02 37.14
CA ALA B 491 12.15 18.03 38.49
C ALA B 491 11.83 19.35 39.16
N THR B 492 11.99 20.43 38.40
CA THR B 492 11.75 21.77 38.91
C THR B 492 10.31 21.84 39.39
N GLN B 493 9.41 21.29 38.58
CA GLN B 493 8.00 21.31 38.90
C GLN B 493 7.77 20.53 40.17
N MET B 494 8.39 19.37 40.26
CA MET B 494 8.19 18.50 41.43
C MET B 494 8.67 19.20 42.69
N ARG B 495 9.63 20.11 42.51
CA ARG B 495 10.14 20.91 43.61
C ARG B 495 9.28 22.14 43.88
N THR B 496 8.78 22.79 42.84
CA THR B 496 8.00 24.00 43.08
C THR B 496 6.64 23.64 43.68
N HIS B 497 6.14 22.45 43.33
CA HIS B 497 4.84 22.01 43.83
C HIS B 497 4.98 21.10 45.06
N SER B 498 6.22 20.71 45.36
CA SER B 498 6.52 19.85 46.50
C SER B 498 5.79 18.51 46.42
N ILE B 499 5.94 17.82 45.30
CA ILE B 499 5.31 16.52 45.11
C ILE B 499 6.07 15.45 45.91
N ASN B 500 5.39 14.86 46.89
CA ASN B 500 6.03 13.90 47.79
C ASN B 500 5.90 12.45 47.32
N ALA B 501 5.01 12.22 46.35
CA ALA B 501 4.79 10.88 45.80
C ALA B 501 4.05 11.00 44.48
N LEU B 502 4.17 9.98 43.63
CA LEU B 502 3.56 10.02 42.31
C LEU B 502 2.90 8.71 41.92
N LEU B 503 1.67 8.79 41.43
CA LEU B 503 0.96 7.63 40.89
C LEU B 503 0.70 7.85 39.41
N ILE B 504 1.16 6.91 38.59
CA ILE B 504 0.94 7.02 37.15
C ILE B 504 -0.07 5.98 36.69
N ILE B 505 -1.09 6.43 35.96
CA ILE B 505 -2.06 5.53 35.37
C ILE B 505 -1.85 5.48 33.86
N GLY B 506 -1.28 4.39 33.38
CA GLY B 506 -0.92 4.32 31.97
C GLY B 506 -0.37 3.01 31.44
N GLY B 507 0.07 3.05 30.20
CA GLY B 507 0.57 1.88 29.50
C GLY B 507 2.08 1.67 29.61
N PHE B 508 2.66 1.10 28.56
CA PHE B 508 4.09 0.78 28.52
C PHE B 508 4.98 2.00 28.74
N GLU B 509 4.53 3.13 28.21
CA GLU B 509 5.23 4.42 28.33
C GLU B 509 5.34 4.86 29.78
N ALA B 510 4.33 4.53 30.57
CA ALA B 510 4.37 4.81 31.99
C ALA B 510 5.52 4.02 32.62
N TYR B 511 5.65 2.76 32.20
CA TYR B 511 6.70 1.89 32.71
C TYR B 511 8.08 2.41 32.32
N LEU B 512 8.21 2.83 31.06
CA LEU B 512 9.46 3.41 30.58
C LEU B 512 9.78 4.69 31.34
N GLY B 513 8.75 5.48 31.60
CA GLY B 513 8.89 6.72 32.36
C GLY B 513 9.44 6.44 33.75
N LEU B 514 8.86 5.45 34.41
CA LEU B 514 9.33 5.03 35.73
C LEU B 514 10.79 4.61 35.69
N LEU B 515 11.15 3.85 34.66
CA LEU B 515 12.53 3.40 34.49
C LEU B 515 13.48 4.60 34.38
N GLU B 516 13.08 5.57 33.57
CA GLU B 516 13.86 6.77 33.32
C GLU B 516 14.03 7.64 34.55
N LEU B 517 12.96 7.80 35.32
CA LEU B 517 13.01 8.63 36.54
C LEU B 517 13.89 7.93 37.57
N SER B 518 13.75 6.60 37.63
CA SER B 518 14.58 5.79 38.51
C SER B 518 16.05 6.00 38.19
N ALA B 519 16.35 6.07 36.90
CA ALA B 519 17.72 6.32 36.47
C ALA B 519 18.16 7.76 36.79
N ALA B 520 17.22 8.69 36.71
CA ALA B 520 17.51 10.12 36.89
C ALA B 520 17.62 10.55 38.35
N ARG B 521 17.22 9.66 39.27
CA ARG B 521 17.26 9.95 40.71
C ARG B 521 18.54 10.58 41.25
N GLU B 522 19.69 9.99 40.90
CA GLU B 522 20.96 10.46 41.45
C GLU B 522 21.27 11.91 41.09
N LYS B 523 20.93 12.31 39.87
CA LYS B 523 21.15 13.68 39.40
C LYS B 523 20.03 14.63 39.85
N HIS B 524 18.84 14.09 40.09
CA HIS B 524 17.71 14.91 40.54
C HIS B 524 17.04 14.34 41.78
N GLU B 525 17.31 14.95 42.94
CA GLU B 525 16.77 14.49 44.22
C GLU B 525 15.26 14.45 44.27
N GLU B 526 14.62 15.26 43.42
CA GLU B 526 13.17 15.35 43.39
C GLU B 526 12.50 14.02 43.05
N PHE B 527 13.24 13.14 42.40
CA PHE B 527 12.71 11.84 42.00
C PHE B 527 12.88 10.76 43.06
N CYS B 528 13.49 11.11 44.18
CA CYS B 528 13.68 10.15 45.27
C CYS B 528 12.44 10.07 46.15
N VAL B 529 11.29 9.93 45.50
CA VAL B 529 10.01 9.82 46.17
C VAL B 529 9.36 8.50 45.75
N PRO B 530 8.41 7.98 46.54
CA PRO B 530 7.80 6.73 46.07
C PRO B 530 6.96 6.95 44.83
N MET B 531 7.14 6.08 43.84
CA MET B 531 6.42 6.16 42.59
C MET B 531 5.84 4.79 42.24
N VAL B 532 4.56 4.76 41.90
CA VAL B 532 3.92 3.50 41.53
C VAL B 532 3.04 3.72 40.31
N MET B 533 2.92 2.70 39.47
CA MET B 533 2.02 2.81 38.33
C MET B 533 0.99 1.70 38.30
N VAL B 534 -0.14 2.00 37.69
CA VAL B 534 -1.17 1.00 37.44
C VAL B 534 -1.36 0.88 35.93
N PRO B 535 -1.43 -0.36 35.43
CA PRO B 535 -1.43 -0.56 33.98
C PRO B 535 -2.76 -0.20 33.32
N ALA B 536 -2.71 0.75 32.40
CA ALA B 536 -3.90 1.18 31.68
C ALA B 536 -3.59 1.29 30.20
N THR B 537 -4.11 0.34 29.44
CA THR B 537 -3.91 0.29 27.99
C THR B 537 -4.83 -0.77 27.41
N VAL B 538 -5.33 -0.51 26.20
CA VAL B 538 -6.19 -1.47 25.52
C VAL B 538 -5.41 -2.73 25.17
N SER B 539 -4.10 -2.55 25.02
CA SER B 539 -3.20 -3.58 24.51
C SER B 539 -2.89 -4.69 25.50
N ASN B 540 -2.83 -4.35 26.78
CA ASN B 540 -2.42 -5.28 27.83
C ASN B 540 -0.98 -5.74 27.63
N ASN B 541 -0.09 -4.78 27.36
CA ASN B 541 1.31 -5.09 27.08
C ASN B 541 2.29 -4.63 28.17
N VAL B 542 1.75 -4.21 29.31
CA VAL B 542 2.58 -3.76 30.43
C VAL B 542 3.11 -4.95 31.24
N PRO B 543 4.44 -5.04 31.39
CA PRO B 543 5.06 -6.14 32.13
C PRO B 543 4.70 -6.11 33.62
N GLY B 544 4.43 -7.28 34.19
CA GLY B 544 4.10 -7.39 35.60
C GLY B 544 2.61 -7.39 35.90
N SER B 545 1.78 -7.44 34.84
CA SER B 545 0.34 -7.48 35.03
C SER B 545 -0.35 -8.37 34.00
N ASP B 546 -1.22 -9.24 34.48
CA ASP B 546 -1.96 -10.16 33.61
C ASP B 546 -3.10 -9.43 32.89
N PHE B 547 -3.48 -8.27 33.42
CA PHE B 547 -4.55 -7.46 32.84
C PHE B 547 -4.25 -5.99 32.94
N SER B 548 -4.79 -5.21 32.00
CA SER B 548 -4.64 -3.76 32.03
C SER B 548 -6.00 -3.10 31.86
N ILE B 549 -6.17 -1.94 32.47
CA ILE B 549 -7.41 -1.19 32.36
C ILE B 549 -7.67 -0.75 30.92
N GLY B 550 -8.88 -0.98 30.44
CA GLY B 550 -9.27 -0.59 29.09
C GLY B 550 -9.33 -1.74 28.11
N ALA B 551 -8.65 -2.84 28.43
CA ALA B 551 -8.56 -3.99 27.54
C ALA B 551 -9.91 -4.71 27.38
N ASP B 552 -10.66 -4.87 28.46
CA ASP B 552 -11.94 -5.55 28.41
C ASP B 552 -12.94 -4.85 27.49
N THR B 553 -12.96 -3.52 27.54
CA THR B 553 -13.85 -2.73 26.70
C THR B 553 -13.54 -2.99 25.23
N ALA B 554 -12.24 -2.99 24.93
CA ALA B 554 -11.76 -3.26 23.58
C ALA B 554 -12.19 -4.65 23.14
N LEU B 555 -11.97 -5.64 23.99
CA LEU B 555 -12.41 -7.01 23.70
C LEU B 555 -13.90 -7.08 23.38
N ASN B 556 -14.73 -6.43 24.17
CA ASN B 556 -16.17 -6.49 23.94
C ASN B 556 -16.58 -5.80 22.63
N THR B 557 -15.87 -4.73 22.29
CA THR B 557 -16.12 -4.05 21.01
C THR B 557 -15.71 -4.92 19.82
N ILE B 558 -14.54 -5.53 19.94
CA ILE B 558 -14.00 -6.42 18.92
C ILE B 558 -14.94 -7.59 18.70
N THR B 559 -15.38 -8.20 19.79
CA THR B 559 -16.29 -9.34 19.72
C THR B 559 -17.61 -8.93 19.07
N ASP B 560 -18.12 -7.76 19.41
CA ASP B 560 -19.35 -7.28 18.77
C ASP B 560 -19.18 -7.14 17.26
N THR B 561 -18.09 -6.48 16.85
CA THR B 561 -17.79 -6.27 15.44
C THR B 561 -17.67 -7.60 14.71
N CYS B 562 -16.99 -8.55 15.34
CA CYS B 562 -16.85 -9.87 14.76
C CYS B 562 -18.19 -10.60 14.68
N ASP B 563 -19.07 -10.37 15.64
CA ASP B 563 -20.42 -10.94 15.58
C ASP B 563 -21.13 -10.44 14.34
N ARG B 564 -21.03 -9.13 14.11
CA ARG B 564 -21.66 -8.52 12.94
C ARG B 564 -21.08 -9.04 11.62
N ILE B 565 -19.76 -9.17 11.58
CA ILE B 565 -19.06 -9.66 10.38
C ILE B 565 -19.42 -11.11 10.11
N LYS B 566 -19.46 -11.89 11.18
CA LYS B 566 -19.79 -13.31 11.14
C LYS B 566 -21.19 -13.46 10.59
N GLN B 567 -22.08 -12.57 11.01
CA GLN B 567 -23.44 -12.55 10.51
C GLN B 567 -23.47 -12.27 9.01
N SER B 568 -22.68 -11.29 8.58
CA SER B 568 -22.64 -10.91 7.17
C SER B 568 -22.16 -12.08 6.30
N ALA B 569 -21.07 -12.72 6.73
CA ALA B 569 -20.55 -13.90 6.05
C ALA B 569 -21.59 -15.01 6.04
N SER B 570 -22.35 -15.10 7.13
CA SER B 570 -23.38 -16.13 7.25
C SER B 570 -24.51 -15.91 6.28
N GLY B 571 -24.77 -14.66 5.90
CA GLY B 571 -25.85 -14.42 4.96
C GLY B 571 -25.38 -14.47 3.52
N THR B 572 -24.11 -14.17 3.29
CA THR B 572 -23.55 -14.26 1.95
C THR B 572 -23.22 -15.72 1.64
N LYS B 573 -22.56 -16.33 2.62
CA LYS B 573 -22.14 -17.74 2.59
C LYS B 573 -20.93 -17.91 1.69
N ARG B 574 -20.04 -18.81 2.09
CA ARG B 574 -18.79 -19.06 1.39
C ARG B 574 -17.94 -17.79 1.43
N ARG B 575 -17.83 -17.21 2.62
CA ARG B 575 -16.98 -16.04 2.82
C ARG B 575 -16.06 -16.20 4.00
N VAL B 576 -14.83 -15.73 3.82
CA VAL B 576 -13.87 -15.67 4.91
C VAL B 576 -13.41 -14.23 5.06
N PHE B 577 -13.52 -13.71 6.27
CA PHE B 577 -13.08 -12.35 6.54
C PHE B 577 -11.72 -12.37 7.20
N ILE B 578 -10.80 -11.57 6.67
CA ILE B 578 -9.53 -11.37 7.31
C ILE B 578 -9.61 -10.04 8.04
N ILE B 579 -9.57 -10.13 9.37
CA ILE B 579 -9.76 -8.96 10.21
C ILE B 579 -8.49 -8.60 10.95
N GLU B 580 -8.03 -7.38 10.75
CA GLU B 580 -6.80 -6.91 11.38
C GLU B 580 -7.12 -6.19 12.70
N THR B 581 -6.52 -6.66 13.78
CA THR B 581 -6.75 -6.06 15.09
C THR B 581 -5.59 -5.20 15.56
N MET B 582 -5.83 -4.49 16.68
CA MET B 582 -4.82 -3.68 17.33
C MET B 582 -3.99 -4.51 18.29
N GLY B 583 -3.20 -3.82 19.11
CA GLY B 583 -2.41 -4.47 20.14
C GLY B 583 -0.91 -4.28 19.98
N GLY B 584 -0.50 -3.72 18.84
CA GLY B 584 0.91 -3.60 18.54
C GLY B 584 1.49 -4.99 18.34
N TYR B 585 2.56 -5.30 19.06
CA TYR B 585 3.15 -6.63 19.01
C TYR B 585 2.46 -7.56 20.02
N CYS B 586 1.60 -6.98 20.87
CA CYS B 586 0.90 -7.77 21.88
C CYS B 586 -0.31 -8.46 21.27
N GLY B 587 -0.32 -9.79 21.34
CA GLY B 587 -1.39 -10.58 20.75
C GLY B 587 -2.66 -10.77 21.58
N TYR B 588 -2.72 -10.11 22.75
CA TYR B 588 -3.86 -10.28 23.66
C TYR B 588 -5.22 -10.06 23.02
N LEU B 589 -5.42 -8.87 22.46
CA LEU B 589 -6.70 -8.53 21.84
C LEU B 589 -7.06 -9.47 20.69
N ALA B 590 -6.10 -9.75 19.83
CA ALA B 590 -6.34 -10.65 18.70
C ALA B 590 -6.72 -12.05 19.17
N ASN B 591 -6.03 -12.53 20.20
CA ASN B 591 -6.24 -13.87 20.70
C ASN B 591 -7.55 -14.04 21.45
N MET B 592 -7.73 -13.24 22.49
CA MET B 592 -8.93 -13.31 23.31
C MET B 592 -10.15 -12.94 22.48
N GLY B 593 -9.97 -11.95 21.61
CA GLY B 593 -11.02 -11.53 20.70
C GLY B 593 -11.41 -12.64 19.76
N GLY B 594 -10.42 -13.31 19.19
CA GLY B 594 -10.68 -14.45 18.32
C GLY B 594 -11.43 -15.54 19.05
N LEU B 595 -11.00 -15.80 20.29
CA LEU B 595 -11.60 -16.83 21.13
C LEU B 595 -13.07 -16.56 21.39
N ALA B 596 -13.37 -15.37 21.89
CA ALA B 596 -14.74 -14.98 22.22
C ALA B 596 -15.62 -14.83 20.99
N ALA B 597 -15.01 -14.50 19.85
CA ALA B 597 -15.76 -14.30 18.61
C ALA B 597 -16.03 -15.61 17.88
N GLY B 598 -15.27 -16.64 18.21
CA GLY B 598 -15.38 -17.91 17.52
C GLY B 598 -14.63 -17.90 16.20
N ALA B 599 -13.53 -17.16 16.16
CA ALA B 599 -12.69 -17.07 14.97
C ALA B 599 -12.09 -18.43 14.61
N ASP B 600 -11.81 -18.61 13.33
CA ASP B 600 -11.23 -19.86 12.85
C ASP B 600 -9.72 -19.86 13.03
N ALA B 601 -9.14 -18.66 13.10
CA ALA B 601 -7.71 -18.50 13.31
C ALA B 601 -7.39 -17.09 13.80
N ALA B 602 -6.32 -16.97 14.59
CA ALA B 602 -5.84 -15.66 15.03
C ALA B 602 -4.30 -15.61 15.02
N TYR B 603 -3.74 -14.96 14.01
CA TYR B 603 -2.29 -14.88 13.85
C TYR B 603 -1.65 -13.78 14.70
N ILE B 604 -0.74 -14.17 15.57
CA ILE B 604 -0.09 -13.24 16.49
C ILE B 604 1.45 -13.31 16.41
N PHE B 605 2.10 -12.23 16.84
CA PHE B 605 3.56 -12.15 16.82
C PHE B 605 4.19 -13.15 17.78
N GLU B 606 3.55 -13.36 18.92
CA GLU B 606 4.06 -14.25 19.97
C GLU B 606 4.13 -15.71 19.52
N GLU B 607 3.45 -16.04 18.43
CA GLU B 607 3.47 -17.40 17.89
C GLU B 607 3.80 -17.39 16.41
N PRO B 608 5.06 -17.70 16.06
CA PRO B 608 5.50 -17.69 14.67
C PRO B 608 4.68 -18.63 13.80
N PHE B 609 4.39 -18.19 12.58
CA PHE B 609 3.63 -18.98 11.64
C PHE B 609 4.25 -18.85 10.27
N ASP B 610 4.31 -19.95 9.52
CA ASP B 610 4.88 -19.92 8.18
C ASP B 610 3.80 -20.18 7.14
N ILE B 611 4.22 -20.33 5.89
CA ILE B 611 3.27 -20.50 4.80
C ILE B 611 2.47 -21.81 4.94
N ARG B 612 3.07 -22.85 5.53
CA ARG B 612 2.34 -24.10 5.79
C ARG B 612 1.18 -23.96 6.75
N ASP B 613 1.38 -23.17 7.80
CA ASP B 613 0.32 -22.95 8.78
C ASP B 613 -0.86 -22.28 8.08
N LEU B 614 -0.54 -21.27 7.27
CA LEU B 614 -1.54 -20.54 6.51
C LEU B 614 -2.29 -21.46 5.55
N GLN B 615 -1.53 -22.25 4.80
CA GLN B 615 -2.10 -23.19 3.85
C GLN B 615 -2.99 -24.20 4.56
N SER B 616 -2.53 -24.64 5.73
CA SER B 616 -3.26 -25.57 6.58
C SER B 616 -4.63 -25.04 6.95
N ASN B 617 -4.64 -23.78 7.39
CA ASN B 617 -5.90 -23.15 7.77
C ASN B 617 -6.79 -23.00 6.53
N VAL B 618 -6.17 -22.71 5.39
CA VAL B 618 -6.91 -22.59 4.13
C VAL B 618 -7.61 -23.91 3.80
N GLU B 619 -6.87 -25.00 3.87
CA GLU B 619 -7.43 -26.32 3.62
C GLU B 619 -8.57 -26.62 4.60
N HIS B 620 -8.35 -26.26 5.86
CA HIS B 620 -9.36 -26.49 6.89
C HIS B 620 -10.65 -25.75 6.60
N LEU B 621 -10.53 -24.50 6.17
CA LEU B 621 -11.70 -23.70 5.82
C LEU B 621 -12.38 -24.25 4.58
N THR B 622 -11.57 -24.77 3.64
CA THR B 622 -12.10 -25.42 2.46
C THR B 622 -13.00 -26.58 2.86
N GLU B 623 -12.51 -27.38 3.80
CA GLU B 623 -13.29 -28.49 4.33
C GLU B 623 -14.53 -27.97 5.04
N LYS B 624 -14.39 -26.87 5.76
CA LYS B 624 -15.49 -26.25 6.48
C LYS B 624 -16.62 -25.79 5.56
N MET B 625 -16.27 -25.40 4.34
CA MET B 625 -17.26 -24.92 3.38
C MET B 625 -18.14 -26.05 2.84
N LYS B 626 -17.73 -27.29 3.08
CA LYS B 626 -18.55 -28.44 2.70
C LYS B 626 -19.67 -28.65 3.70
N THR B 627 -19.47 -28.16 4.92
CA THR B 627 -20.47 -28.28 5.97
C THR B 627 -21.59 -27.26 5.79
N THR B 628 -22.41 -27.11 6.82
CA THR B 628 -23.52 -26.17 6.76
C THR B 628 -23.09 -24.77 7.20
N ILE B 629 -21.95 -24.69 7.84
CA ILE B 629 -21.43 -23.42 8.32
C ILE B 629 -20.35 -22.93 7.36
N GLN B 630 -20.81 -22.27 6.30
CA GLN B 630 -19.95 -21.85 5.20
C GLN B 630 -19.41 -20.44 5.40
N ARG B 631 -18.76 -20.23 6.54
CA ARG B 631 -18.17 -18.93 6.84
C ARG B 631 -16.80 -19.11 7.48
N GLY B 632 -15.99 -18.06 7.39
CA GLY B 632 -14.67 -18.09 7.97
C GLY B 632 -14.38 -16.77 8.64
N LEU B 633 -13.58 -16.80 9.70
CA LEU B 633 -13.24 -15.59 10.41
C LEU B 633 -11.77 -15.67 10.79
N VAL B 634 -10.94 -14.86 10.15
CA VAL B 634 -9.51 -14.90 10.41
C VAL B 634 -9.01 -13.57 10.96
N LEU B 635 -8.47 -13.61 12.16
CA LEU B 635 -7.95 -12.41 12.81
C LEU B 635 -6.45 -12.33 12.64
N ARG B 636 -5.96 -11.10 12.43
CA ARG B 636 -4.53 -10.88 12.29
C ARG B 636 -4.09 -9.72 13.15
N ASN B 637 -3.24 -10.01 14.13
CA ASN B 637 -2.60 -8.96 14.92
C ASN B 637 -1.80 -8.06 13.98
N GLU B 638 -1.99 -6.74 14.12
CA GLU B 638 -1.42 -5.77 13.19
C GLU B 638 0.08 -5.93 12.91
N SER B 639 0.84 -6.35 13.92
CA SER B 639 2.29 -6.47 13.77
C SER B 639 2.82 -7.90 13.87
N CYS B 640 1.97 -8.88 13.61
CA CYS B 640 2.36 -10.30 13.76
C CYS B 640 3.44 -10.76 12.78
N SER B 641 3.52 -10.11 11.63
CA SER B 641 4.52 -10.47 10.62
C SER B 641 4.87 -9.28 9.73
N GLU B 642 6.15 -9.12 9.43
CA GLU B 642 6.60 -8.05 8.54
C GLU B 642 6.27 -8.41 7.09
N ASN B 643 6.43 -9.68 6.73
CA ASN B 643 6.13 -10.13 5.38
C ASN B 643 4.69 -10.60 5.22
N TYR B 644 4.21 -11.40 6.15
CA TYR B 644 2.87 -11.94 6.04
C TYR B 644 1.88 -10.93 6.59
N THR B 645 1.62 -9.93 5.76
CA THR B 645 0.73 -8.82 6.09
C THR B 645 -0.73 -9.23 5.99
N THR B 646 -1.64 -8.31 6.31
CA THR B 646 -3.06 -8.55 6.15
C THR B 646 -3.37 -8.78 4.69
N ASP B 647 -2.80 -7.93 3.84
CA ASP B 647 -2.95 -8.08 2.40
C ASP B 647 -2.43 -9.43 1.96
N PHE B 648 -1.24 -9.81 2.41
CA PHE B 648 -0.67 -11.11 2.04
C PHE B 648 -1.63 -12.26 2.34
N ILE B 649 -2.06 -12.35 3.58
CA ILE B 649 -2.97 -13.42 4.01
C ILE B 649 -4.24 -13.41 3.16
N TYR B 650 -4.76 -12.21 2.92
CA TYR B 650 -5.94 -12.06 2.08
C TYR B 650 -5.72 -12.62 0.68
N GLN B 651 -4.57 -12.32 0.08
CA GLN B 651 -4.26 -12.80 -1.27
C GLN B 651 -4.11 -14.32 -1.31
N LEU B 652 -3.41 -14.88 -0.32
CA LEU B 652 -3.25 -16.33 -0.25
C LEU B 652 -4.59 -17.05 -0.10
N TYR B 653 -5.38 -16.61 0.87
CA TYR B 653 -6.70 -17.21 1.11
C TYR B 653 -7.62 -17.04 -0.10
N SER B 654 -7.58 -15.87 -0.72
CA SER B 654 -8.35 -15.60 -1.92
C SER B 654 -7.98 -16.56 -3.06
N GLU B 655 -6.68 -16.67 -3.33
CA GLU B 655 -6.21 -17.49 -4.44
C GLU B 655 -6.47 -18.98 -4.22
N GLU B 656 -6.09 -19.48 -3.04
CA GLU B 656 -6.26 -20.90 -2.74
C GLU B 656 -7.72 -21.27 -2.46
N GLY B 657 -8.54 -20.28 -2.17
CA GLY B 657 -9.93 -20.54 -1.89
C GLY B 657 -10.80 -20.47 -3.13
N LYS B 658 -10.17 -20.18 -4.27
CA LYS B 658 -10.90 -19.97 -5.52
C LYS B 658 -11.82 -21.15 -5.81
N GLY B 659 -13.07 -20.88 -6.13
CA GLY B 659 -14.03 -21.92 -6.41
C GLY B 659 -14.63 -22.55 -5.17
N VAL B 660 -14.16 -22.13 -3.99
CA VAL B 660 -14.63 -22.71 -2.75
C VAL B 660 -15.18 -21.64 -1.81
N PHE B 661 -14.44 -20.54 -1.70
CA PHE B 661 -14.88 -19.35 -0.95
C PHE B 661 -14.13 -18.12 -1.46
N ASP B 662 -14.65 -16.93 -1.16
CA ASP B 662 -13.91 -15.71 -1.48
C ASP B 662 -13.71 -14.94 -0.19
N CYS B 663 -12.85 -13.92 -0.23
CA CYS B 663 -12.52 -13.22 1.00
C CYS B 663 -12.93 -11.75 1.01
N ARG B 664 -12.92 -11.20 2.21
CA ARG B 664 -13.05 -9.76 2.42
C ARG B 664 -12.06 -9.37 3.49
N LYS B 665 -11.49 -8.18 3.34
CA LYS B 665 -10.52 -7.72 4.31
C LYS B 665 -11.11 -6.54 5.07
N ASN B 666 -10.96 -6.55 6.39
CA ASN B 666 -11.43 -5.46 7.20
C ASN B 666 -10.36 -5.07 8.20
N VAL B 667 -10.03 -3.78 8.22
CA VAL B 667 -9.11 -3.26 9.21
C VAL B 667 -9.89 -2.42 10.20
N LEU B 668 -10.16 -3.00 11.36
CA LEU B 668 -11.02 -2.40 12.37
C LEU B 668 -10.61 -0.97 12.69
N GLY B 669 -9.31 -0.77 12.85
CA GLY B 669 -8.77 0.55 13.16
C GLY B 669 -8.92 0.76 14.64
N HIS B 670 -8.72 1.98 15.13
CA HIS B 670 -8.66 2.22 16.57
C HIS B 670 -10.02 2.19 17.28
N MET B 671 -11.09 2.25 16.51
CA MET B 671 -12.44 2.19 17.04
C MET B 671 -12.75 0.89 17.79
N GLN B 672 -11.94 -0.14 17.59
CA GLN B 672 -12.12 -1.42 18.29
C GLN B 672 -11.82 -1.24 19.77
N GLN B 673 -11.20 -0.11 20.11
CA GLN B 673 -10.88 0.19 21.51
C GLN B 673 -12.15 0.45 22.32
N GLY B 674 -13.25 0.78 21.63
CA GLY B 674 -14.52 1.00 22.31
C GLY B 674 -14.71 2.44 22.72
N GLY B 675 -15.82 2.71 23.41
CA GLY B 675 -16.11 4.03 23.93
C GLY B 675 -15.96 4.12 25.44
N ALA B 676 -17.10 4.13 26.13
CA ALA B 676 -17.13 4.16 27.59
C ALA B 676 -16.62 2.84 28.15
N PRO B 677 -15.97 2.89 29.32
CA PRO B 677 -15.39 1.66 29.88
C PRO B 677 -16.43 0.63 30.28
N SER B 678 -16.09 -0.63 30.02
CA SER B 678 -16.87 -1.77 30.48
C SER B 678 -16.90 -1.77 32.00
N PRO B 679 -17.94 -2.38 32.60
CA PRO B 679 -18.03 -2.50 34.05
C PRO B 679 -16.76 -3.07 34.67
N PHE B 680 -16.21 -4.12 34.05
CA PHE B 680 -14.96 -4.72 34.51
C PHE B 680 -13.84 -3.69 34.58
N ASP B 681 -13.68 -2.90 33.52
CA ASP B 681 -12.61 -1.90 33.48
C ASP B 681 -12.82 -0.80 34.52
N ARG B 682 -14.08 -0.43 34.73
CA ARG B 682 -14.42 0.57 35.74
C ARG B 682 -13.98 0.10 37.12
N ASN B 683 -14.45 -1.09 37.49
CA ASN B 683 -14.13 -1.65 38.80
C ASN B 683 -12.65 -1.93 38.97
N PHE B 684 -12.02 -2.39 37.89
CA PHE B 684 -10.59 -2.69 37.84
C PHE B 684 -9.81 -1.44 38.21
N GLY B 685 -10.10 -0.36 37.48
CA GLY B 685 -9.44 0.91 37.71
C GLY B 685 -9.66 1.37 39.14
N THR B 686 -10.91 1.32 39.59
CA THR B 686 -11.28 1.76 40.92
C THR B 686 -10.44 1.06 42.01
N LYS B 687 -10.53 -0.26 42.00
CA LYS B 687 -9.93 -1.11 43.02
C LYS B 687 -8.41 -1.00 43.02
N ILE B 688 -7.82 -1.24 41.85
CA ILE B 688 -6.38 -1.24 41.70
C ILE B 688 -5.78 0.13 42.06
N SER B 689 -6.43 1.22 41.65
CA SER B 689 -5.93 2.54 41.97
C SER B 689 -6.02 2.82 43.47
N ALA B 690 -7.14 2.40 44.07
CA ALA B 690 -7.31 2.52 45.51
C ALA B 690 -6.13 1.86 46.21
N ARG B 691 -5.83 0.63 45.80
CA ARG B 691 -4.67 -0.07 46.37
C ARG B 691 -3.34 0.67 46.17
N ALA B 692 -3.10 1.17 44.96
CA ALA B 692 -1.87 1.92 44.68
C ALA B 692 -1.71 3.08 45.66
N MET B 693 -2.81 3.79 45.87
CA MET B 693 -2.81 4.91 46.81
C MET B 693 -2.53 4.46 48.24
N GLU B 694 -3.08 3.32 48.60
CA GLU B 694 -2.79 2.73 49.91
C GLU B 694 -1.29 2.47 50.09
N TRP B 695 -0.66 1.91 49.06
CA TRP B 695 0.79 1.70 49.08
C TRP B 695 1.54 3.01 49.26
N ILE B 696 1.13 4.03 48.51
CA ILE B 696 1.74 5.35 48.59
C ILE B 696 1.65 5.93 50.02
N THR B 697 0.48 5.83 50.64
CA THR B 697 0.28 6.35 51.99
C THR B 697 1.13 5.60 52.99
N ALA B 698 1.24 4.28 52.81
CA ALA B 698 2.06 3.45 53.67
C ALA B 698 3.53 3.84 53.57
N LYS B 699 4.01 4.06 52.35
CA LYS B 699 5.39 4.45 52.12
C LYS B 699 5.70 5.83 52.70
N LEU B 700 4.77 6.76 52.52
CA LEU B 700 4.94 8.11 53.03
C LEU B 700 4.89 8.20 54.56
N LYS B 701 4.24 7.21 55.18
CA LYS B 701 4.08 7.21 56.63
C LYS B 701 5.41 7.04 57.36
N GLU B 702 6.49 6.80 56.62
CA GLU B 702 7.83 6.98 57.18
C GLU B 702 8.10 8.48 57.29
N PHE B 710 13.57 6.18 51.71
CA PHE B 710 14.29 7.13 50.90
C PHE B 710 15.12 6.38 49.86
N THR B 711 14.72 6.57 48.60
CA THR B 711 15.22 5.89 47.40
C THR B 711 15.13 4.36 47.61
N THR B 712 16.15 3.64 47.13
CA THR B 712 16.34 2.19 46.80
C THR B 712 15.53 1.85 45.52
N ASP B 713 15.02 0.62 45.41
CA ASP B 713 14.38 0.18 44.18
C ASP B 713 12.88 -0.13 44.27
N ASP B 714 12.42 -0.55 45.45
CA ASP B 714 11.01 -0.89 45.62
C ASP B 714 10.15 0.35 45.85
N SER B 715 10.79 1.51 45.85
CA SER B 715 10.08 2.77 45.93
C SER B 715 9.51 3.13 44.56
N ILE B 716 9.97 2.43 43.53
CA ILE B 716 9.45 2.62 42.18
C ILE B 716 8.90 1.30 41.63
N CYS B 717 7.57 1.16 41.69
CA CYS B 717 6.93 -0.11 41.35
C CYS B 717 5.84 -0.04 40.29
N VAL B 718 5.51 -1.22 39.78
CA VAL B 718 4.34 -1.46 38.96
C VAL B 718 3.41 -2.33 39.77
N LEU B 719 2.20 -1.85 40.01
CA LEU B 719 1.20 -2.65 40.69
C LEU B 719 0.41 -3.42 39.65
N GLY B 720 0.63 -4.72 39.58
CA GLY B 720 -0.02 -5.52 38.56
C GLY B 720 -0.66 -6.78 39.07
N ILE B 721 -1.46 -7.41 38.22
CA ILE B 721 -2.09 -8.67 38.57
C ILE B 721 -1.22 -9.83 38.09
N SER B 722 -0.75 -10.63 39.05
CA SER B 722 -0.02 -11.85 38.76
C SER B 722 -0.70 -13.03 39.48
N LYS B 723 -1.03 -14.08 38.72
CA LYS B 723 -1.75 -15.24 39.25
C LYS B 723 -3.05 -14.74 39.92
N ARG B 724 -3.31 -15.10 41.17
CA ARG B 724 -4.59 -14.80 41.83
C ARG B 724 -4.41 -13.50 42.60
N ASN B 725 -3.21 -12.95 42.56
CA ASN B 725 -2.91 -11.82 43.44
C ASN B 725 -2.49 -10.53 42.75
N VAL B 726 -2.67 -9.42 43.44
CA VAL B 726 -2.14 -8.14 42.99
C VAL B 726 -0.85 -7.85 43.73
N ILE B 727 0.23 -7.66 42.97
CA ILE B 727 1.56 -7.48 43.56
C ILE B 727 2.27 -6.21 43.10
N PHE B 728 3.15 -5.71 43.98
CA PHE B 728 4.01 -4.57 43.68
C PHE B 728 5.36 -5.08 43.18
N GLN B 729 5.78 -4.61 42.01
CA GLN B 729 7.05 -5.07 41.44
C GLN B 729 7.98 -3.92 41.12
N PRO B 730 9.19 -3.92 41.69
CA PRO B 730 10.15 -2.88 41.31
C PRO B 730 10.43 -2.95 39.81
N VAL B 731 10.43 -1.81 39.14
CA VAL B 731 10.62 -1.76 37.69
C VAL B 731 11.93 -2.42 37.25
N ALA B 732 12.94 -2.29 38.09
CA ALA B 732 14.26 -2.87 37.83
C ALA B 732 14.17 -4.38 37.66
N GLU B 733 13.33 -4.99 38.48
CA GLU B 733 13.10 -6.44 38.41
C GLU B 733 12.32 -6.80 37.15
N LEU B 734 11.46 -5.89 36.70
CA LEU B 734 10.63 -6.13 35.53
C LEU B 734 11.41 -6.00 34.23
N LYS B 735 12.53 -5.27 34.27
CA LYS B 735 13.37 -5.12 33.08
C LYS B 735 13.74 -6.45 32.42
N LYS B 736 14.20 -7.39 33.23
CA LYS B 736 14.62 -8.70 32.74
C LYS B 736 13.46 -9.54 32.21
N GLN B 737 12.24 -9.11 32.51
CA GLN B 737 11.04 -9.81 32.06
C GLN B 737 10.38 -9.10 30.88
N THR B 738 11.11 -8.16 30.28
CA THR B 738 10.54 -7.31 29.24
C THR B 738 11.23 -7.45 27.88
N ASP B 739 10.42 -7.49 26.83
CA ASP B 739 10.91 -7.39 25.46
C ASP B 739 10.80 -5.93 25.04
N PHE B 740 11.84 -5.16 25.31
CA PHE B 740 11.81 -3.72 25.03
C PHE B 740 11.81 -3.44 23.54
N GLU B 741 12.25 -4.41 22.76
CA GLU B 741 12.33 -4.28 21.32
C GLU B 741 10.92 -4.27 20.72
N HIS B 742 10.02 -5.04 21.33
CA HIS B 742 8.63 -5.14 20.84
C HIS B 742 7.59 -4.64 21.84
N ARG B 743 8.06 -4.13 22.98
CA ARG B 743 7.19 -3.58 24.03
C ARG B 743 6.10 -4.56 24.47
N ILE B 744 6.51 -5.77 24.80
CA ILE B 744 5.63 -6.80 25.35
C ILE B 744 6.35 -7.53 26.47
N PRO B 745 5.60 -8.12 27.41
CA PRO B 745 6.25 -8.95 28.43
C PRO B 745 6.86 -10.21 27.81
N LYS B 746 7.97 -10.69 28.35
CA LYS B 746 8.64 -11.86 27.78
C LYS B 746 7.77 -13.11 27.88
N GLU B 747 6.98 -13.20 28.95
CA GLU B 747 6.07 -14.32 29.11
C GLU B 747 4.67 -13.81 29.46
N GLN B 748 3.70 -14.26 28.67
CA GLN B 748 2.32 -13.84 28.81
C GLN B 748 1.46 -15.06 29.08
N TRP B 749 0.71 -15.01 30.18
CA TRP B 749 -0.05 -16.15 30.64
C TRP B 749 -0.98 -16.72 29.57
N TRP B 750 -1.71 -15.85 28.88
CA TRP B 750 -2.80 -16.27 28.02
C TRP B 750 -2.34 -17.08 26.81
N LEU B 751 -1.03 -17.14 26.58
CA LEU B 751 -0.53 -17.92 25.46
C LEU B 751 -0.85 -19.39 25.68
N LYS B 752 -0.94 -19.78 26.94
CA LYS B 752 -1.24 -21.18 27.26
C LYS B 752 -2.63 -21.57 26.74
N LEU B 753 -3.46 -20.57 26.45
CA LEU B 753 -4.81 -20.82 25.94
C LEU B 753 -4.87 -20.95 24.41
N ARG B 754 -3.72 -20.93 23.74
CA ARG B 754 -3.73 -20.98 22.26
C ARG B 754 -4.40 -22.22 21.64
N PRO B 755 -4.15 -23.43 22.18
CA PRO B 755 -4.82 -24.61 21.59
C PRO B 755 -6.35 -24.56 21.57
N LEU B 756 -6.95 -23.76 22.45
CA LEU B 756 -8.41 -23.66 22.52
C LEU B 756 -9.06 -23.20 21.23
N MET B 757 -8.41 -22.25 20.55
CA MET B 757 -8.95 -21.66 19.33
C MET B 757 -9.28 -22.73 18.29
N LYS B 758 -8.29 -23.55 17.97
CA LYS B 758 -8.44 -24.59 16.98
C LYS B 758 -9.48 -25.62 17.40
N ILE B 759 -9.41 -26.03 18.67
CA ILE B 759 -10.32 -27.00 19.25
C ILE B 759 -11.77 -26.57 19.15
N LEU B 760 -12.04 -25.30 19.44
CA LEU B 760 -13.42 -24.82 19.51
C LEU B 760 -13.94 -24.30 18.17
N ALA B 761 -13.10 -24.31 17.15
CA ALA B 761 -13.49 -23.83 15.83
C ALA B 761 -13.60 -24.98 14.83
N SER C 24 27.27 -40.99 -24.08
CA SER C 24 27.71 -41.31 -22.72
C SER C 24 28.62 -40.21 -22.21
N ALA C 25 29.60 -39.83 -23.02
CA ALA C 25 30.48 -38.71 -22.68
C ALA C 25 30.59 -37.72 -23.85
N ILE C 26 30.44 -36.45 -23.54
CA ILE C 26 30.56 -35.37 -24.51
C ILE C 26 31.81 -34.55 -24.21
N GLY C 27 32.57 -34.24 -25.25
CA GLY C 27 33.71 -33.35 -25.09
C GLY C 27 33.38 -32.05 -25.78
N VAL C 28 33.55 -30.94 -25.07
CA VAL C 28 33.29 -29.65 -25.71
C VAL C 28 34.56 -28.81 -25.72
N LEU C 29 34.84 -28.20 -26.86
CA LEU C 29 36.02 -27.35 -26.98
C LEU C 29 35.75 -26.16 -27.89
N THR C 30 36.58 -25.13 -27.75
CA THR C 30 36.49 -23.95 -28.61
C THR C 30 37.78 -23.74 -29.42
N SER C 31 37.65 -23.65 -30.74
CA SER C 31 38.81 -23.43 -31.62
C SER C 31 38.52 -22.31 -32.60
N GLY C 32 39.31 -21.24 -32.55
CA GLY C 32 39.15 -20.15 -33.50
C GLY C 32 38.13 -19.10 -33.10
N GLY C 33 37.46 -19.33 -31.96
CA GLY C 33 36.38 -18.47 -31.52
C GLY C 33 36.68 -17.07 -31.05
N ASP C 34 35.83 -16.12 -31.44
CA ASP C 34 36.04 -14.71 -31.09
C ASP C 34 34.70 -14.03 -30.78
N ALA C 35 33.65 -14.81 -30.64
CA ALA C 35 32.31 -14.26 -30.52
C ALA C 35 31.79 -14.16 -29.09
N GLN C 36 30.99 -13.13 -28.86
CA GLN C 36 30.26 -12.96 -27.61
C GLN C 36 29.07 -13.88 -27.57
N GLY C 37 28.93 -14.63 -26.47
CA GLY C 37 27.86 -15.58 -26.34
C GLY C 37 28.38 -17.00 -26.39
N MET C 38 29.68 -17.15 -26.57
CA MET C 38 30.30 -18.47 -26.53
C MET C 38 30.14 -19.14 -25.17
N ASN C 39 30.26 -18.35 -24.11
CA ASN C 39 30.12 -18.86 -22.76
C ASN C 39 28.71 -19.41 -22.53
N ALA C 40 27.72 -18.72 -23.09
CA ALA C 40 26.33 -19.17 -23.01
C ALA C 40 26.16 -20.50 -23.75
N ALA C 41 26.82 -20.61 -24.90
CA ALA C 41 26.78 -21.84 -25.69
C ALA C 41 27.38 -23.01 -24.92
N VAL C 42 28.58 -22.82 -24.40
CA VAL C 42 29.27 -23.83 -23.62
C VAL C 42 28.45 -24.25 -22.40
N ARG C 43 27.85 -23.27 -21.72
CA ARG C 43 26.97 -23.56 -20.58
C ARG C 43 25.81 -24.45 -20.98
N ALA C 44 25.16 -24.06 -22.07
CA ALA C 44 24.02 -24.82 -22.57
C ALA C 44 24.42 -26.25 -22.92
N VAL C 45 25.59 -26.41 -23.53
CA VAL C 45 26.07 -27.75 -23.87
C VAL C 45 26.31 -28.59 -22.63
N VAL C 46 27.07 -28.04 -21.68
CA VAL C 46 27.35 -28.74 -20.43
C VAL C 46 26.08 -29.16 -19.70
N ARG C 47 25.20 -28.19 -19.45
CA ARG C 47 24.02 -28.50 -18.67
C ARG C 47 23.01 -29.40 -19.38
N MET C 48 22.72 -29.11 -20.64
CA MET C 48 21.84 -29.97 -21.42
C MET C 48 22.42 -31.38 -21.48
N GLY C 49 23.74 -31.46 -21.53
CA GLY C 49 24.45 -32.72 -21.50
C GLY C 49 24.22 -33.50 -20.21
N ILE C 50 24.44 -32.83 -19.08
CA ILE C 50 24.25 -33.46 -17.78
C ILE C 50 22.79 -33.89 -17.59
N TYR C 51 21.88 -33.03 -18.03
CA TYR C 51 20.44 -33.27 -17.96
C TYR C 51 20.01 -34.56 -18.63
N VAL C 52 20.56 -34.84 -19.82
CA VAL C 52 20.20 -36.05 -20.56
C VAL C 52 20.98 -37.27 -20.06
N GLY C 53 21.74 -37.09 -18.99
CA GLY C 53 22.46 -38.19 -18.35
C GLY C 53 23.84 -38.49 -18.90
N ALA C 54 24.42 -37.52 -19.60
CA ALA C 54 25.77 -37.68 -20.12
C ALA C 54 26.82 -36.99 -19.26
N LYS C 55 28.06 -37.46 -19.36
CA LYS C 55 29.21 -36.85 -18.70
C LYS C 55 29.83 -35.83 -19.62
N VAL C 56 29.91 -34.57 -19.20
CA VAL C 56 30.48 -33.54 -20.06
C VAL C 56 31.87 -33.14 -19.59
N TYR C 57 32.78 -32.99 -20.56
CA TYR C 57 34.15 -32.57 -20.26
C TYR C 57 34.55 -31.29 -21.02
N PHE C 58 35.23 -30.40 -20.32
CA PHE C 58 35.88 -29.25 -20.95
C PHE C 58 37.17 -29.70 -21.60
N ILE C 59 37.40 -29.21 -22.82
CA ILE C 59 38.69 -29.39 -23.48
C ILE C 59 39.28 -28.00 -23.75
N TYR C 60 40.22 -27.60 -22.90
CA TYR C 60 40.86 -26.29 -23.03
C TYR C 60 41.85 -26.27 -24.19
N GLU C 61 42.18 -25.06 -24.65
CA GLU C 61 43.18 -24.80 -25.70
C GLU C 61 42.88 -25.61 -26.97
N GLY C 62 41.60 -25.69 -27.31
CA GLY C 62 41.12 -26.37 -28.50
C GLY C 62 41.59 -27.78 -28.73
N TYR C 63 41.98 -28.08 -29.97
CA TYR C 63 42.42 -29.42 -30.34
C TYR C 63 43.70 -29.76 -29.60
N GLN C 64 44.49 -28.73 -29.30
CA GLN C 64 45.75 -28.92 -28.62
C GLN C 64 45.57 -29.51 -27.24
N GLY C 65 44.51 -29.10 -26.55
CA GLY C 65 44.16 -29.70 -25.27
C GLY C 65 43.82 -31.17 -25.42
N MET C 66 43.11 -31.48 -26.50
CA MET C 66 42.73 -32.84 -26.81
C MET C 66 43.98 -33.71 -26.98
N VAL C 67 44.98 -33.15 -27.65
CA VAL C 67 46.25 -33.86 -27.82
C VAL C 67 47.03 -33.96 -26.50
N ASP C 68 47.20 -32.83 -25.83
CA ASP C 68 47.96 -32.74 -24.59
C ASP C 68 47.38 -33.60 -23.47
N GLY C 69 46.05 -33.63 -23.38
CA GLY C 69 45.40 -34.41 -22.35
C GLY C 69 45.64 -33.82 -20.97
N GLY C 70 45.66 -34.69 -19.96
CA GLY C 70 45.91 -34.30 -18.59
C GLY C 70 44.96 -33.26 -18.01
N SER C 71 45.49 -32.08 -17.71
CA SER C 71 44.71 -31.04 -17.08
C SER C 71 43.75 -30.34 -18.03
N ASN C 72 44.03 -30.45 -19.32
CA ASN C 72 43.24 -29.76 -20.34
C ASN C 72 41.93 -30.45 -20.69
N ILE C 73 41.70 -31.62 -20.12
CA ILE C 73 40.42 -32.27 -20.24
C ILE C 73 39.91 -32.47 -18.82
N ALA C 74 38.96 -31.62 -18.44
CA ALA C 74 38.48 -31.65 -17.06
C ALA C 74 36.98 -31.82 -17.03
N GLU C 75 36.48 -32.66 -16.13
CA GLU C 75 35.05 -32.88 -16.07
C GLU C 75 34.30 -31.64 -15.61
N ALA C 76 33.17 -31.39 -16.27
CA ALA C 76 32.32 -30.25 -15.96
C ALA C 76 31.18 -30.69 -15.08
N ASP C 77 30.92 -29.93 -14.03
CA ASP C 77 29.78 -30.17 -13.16
C ASP C 77 28.81 -29.01 -13.35
N TRP C 78 27.60 -29.12 -12.81
CA TRP C 78 26.58 -28.09 -13.00
C TRP C 78 27.08 -26.67 -12.71
N GLU C 79 27.82 -26.53 -11.61
CA GLU C 79 28.35 -25.25 -11.15
C GLU C 79 29.56 -24.71 -11.92
N SER C 80 30.31 -25.61 -12.57
CA SER C 80 31.51 -25.28 -13.33
C SER C 80 31.32 -24.01 -14.16
N VAL C 81 30.10 -23.85 -14.66
CA VAL C 81 29.68 -22.74 -15.52
C VAL C 81 29.68 -21.38 -14.82
N GLN C 98 48.58 -27.40 -32.89
CA GLN C 98 49.72 -27.59 -33.77
C GLN C 98 49.87 -29.08 -34.04
N ALA C 99 49.71 -29.88 -32.99
CA ALA C 99 49.94 -31.32 -33.03
C ALA C 99 48.81 -32.09 -33.73
N PHE C 100 47.62 -31.51 -33.75
CA PHE C 100 46.47 -32.22 -34.28
C PHE C 100 46.56 -32.38 -35.80
N ARG C 101 47.44 -31.58 -36.40
CA ARG C 101 47.66 -31.64 -37.84
C ARG C 101 48.53 -32.81 -38.24
N THR C 102 49.18 -33.44 -37.26
CA THR C 102 49.95 -34.65 -37.52
C THR C 102 49.15 -35.84 -36.98
N ARG C 103 49.31 -37.00 -37.61
CA ARG C 103 48.60 -38.20 -37.21
C ARG C 103 48.96 -38.64 -35.80
N GLU C 104 50.21 -38.42 -35.42
CA GLU C 104 50.68 -38.76 -34.08
C GLU C 104 49.84 -38.07 -33.00
N GLY C 105 49.53 -36.80 -33.24
CA GLY C 105 48.72 -36.00 -32.33
C GLY C 105 47.27 -36.44 -32.30
N ARG C 106 46.75 -36.86 -33.45
CA ARG C 106 45.38 -37.35 -33.51
C ARG C 106 45.26 -38.70 -32.81
N LEU C 107 46.34 -39.46 -32.83
CA LEU C 107 46.43 -40.70 -32.07
C LEU C 107 46.41 -40.34 -30.59
N LYS C 108 47.20 -39.33 -30.22
CA LYS C 108 47.24 -38.84 -28.84
C LYS C 108 45.85 -38.45 -28.37
N ALA C 109 45.20 -37.57 -29.13
CA ALA C 109 43.87 -37.07 -28.82
C ALA C 109 42.86 -38.20 -28.69
N ALA C 110 42.82 -39.07 -29.69
CA ALA C 110 41.92 -40.22 -29.67
C ALA C 110 42.10 -41.01 -28.37
N CYS C 111 43.36 -41.27 -28.04
CA CYS C 111 43.69 -42.00 -26.82
C CYS C 111 43.12 -41.28 -25.59
N ASN C 112 43.40 -39.99 -25.48
CA ASN C 112 42.93 -39.18 -24.36
C ASN C 112 41.41 -39.20 -24.21
N LEU C 113 40.71 -39.16 -25.34
CA LEU C 113 39.25 -39.20 -25.33
C LEU C 113 38.79 -40.55 -24.83
N LEU C 114 39.41 -41.61 -25.34
CA LEU C 114 39.06 -42.97 -24.94
C LEU C 114 39.27 -43.20 -23.45
N GLN C 115 40.30 -42.57 -22.89
CA GLN C 115 40.55 -42.65 -21.46
C GLN C 115 39.35 -42.13 -20.67
N ARG C 116 38.67 -41.13 -21.22
CA ARG C 116 37.52 -40.51 -20.57
C ARG C 116 36.20 -41.05 -21.11
N GLY C 117 36.29 -41.97 -22.07
CA GLY C 117 35.10 -42.52 -22.68
C GLY C 117 34.39 -41.49 -23.53
N ILE C 118 35.12 -40.45 -23.93
CA ILE C 118 34.55 -39.39 -24.74
C ILE C 118 34.45 -39.90 -26.16
N THR C 119 33.22 -39.86 -26.64
CA THR C 119 32.87 -40.46 -27.89
C THR C 119 32.02 -39.45 -28.68
N ASN C 120 31.78 -38.31 -28.07
CA ASN C 120 31.02 -37.23 -28.70
C ASN C 120 31.79 -35.91 -28.64
N LEU C 121 31.87 -35.20 -29.76
CA LEU C 121 32.61 -33.95 -29.77
C LEU C 121 31.75 -32.79 -30.27
N CYS C 122 31.73 -31.72 -29.49
CA CYS C 122 31.07 -30.49 -29.89
C CYS C 122 32.11 -29.39 -30.02
N VAL C 123 32.35 -28.95 -31.25
CA VAL C 123 33.34 -27.91 -31.50
C VAL C 123 32.67 -26.59 -31.80
N ILE C 124 32.90 -25.59 -30.95
CA ILE C 124 32.38 -24.25 -31.16
C ILE C 124 33.51 -23.35 -31.64
N GLY C 125 33.36 -22.73 -32.80
CA GLY C 125 34.43 -21.90 -33.32
C GLY C 125 34.33 -21.42 -34.76
N GLY C 126 35.49 -21.00 -35.29
CA GLY C 126 35.60 -20.44 -36.62
C GLY C 126 35.42 -21.40 -37.79
N ASP C 127 35.77 -20.91 -38.97
CA ASP C 127 35.58 -21.63 -40.23
C ASP C 127 36.22 -23.01 -40.26
N GLY C 128 37.55 -23.04 -40.30
CA GLY C 128 38.29 -24.28 -40.44
C GLY C 128 38.28 -25.17 -39.21
N SER C 129 37.73 -24.66 -38.12
CA SER C 129 37.73 -25.38 -36.83
C SER C 129 36.97 -26.71 -36.84
N LEU C 130 35.92 -26.82 -37.64
CA LEU C 130 35.16 -28.07 -37.72
C LEU C 130 35.77 -29.11 -38.65
N THR C 131 36.39 -28.66 -39.74
CA THR C 131 36.92 -29.59 -40.75
C THR C 131 37.94 -30.57 -40.17
N GLY C 132 38.69 -30.11 -39.18
CA GLY C 132 39.64 -30.96 -38.48
C GLY C 132 38.92 -32.07 -37.74
N ALA C 133 37.78 -31.73 -37.15
CA ALA C 133 36.95 -32.69 -36.43
C ALA C 133 36.32 -33.69 -37.39
N ASN C 134 35.97 -33.20 -38.57
CA ASN C 134 35.42 -34.04 -39.63
C ASN C 134 36.45 -35.07 -40.07
N LEU C 135 37.69 -34.60 -40.24
CA LEU C 135 38.78 -35.48 -40.62
C LEU C 135 39.04 -36.49 -39.53
N PHE C 136 38.99 -36.02 -38.28
CA PHE C 136 39.16 -36.88 -37.12
C PHE C 136 38.10 -37.98 -37.07
N ARG C 137 36.87 -37.62 -37.42
CA ARG C 137 35.75 -38.56 -37.45
C ARG C 137 35.95 -39.63 -38.52
N LYS C 138 36.23 -39.20 -39.74
CA LYS C 138 36.43 -40.15 -40.84
C LYS C 138 37.67 -41.03 -40.63
N GLU C 139 38.64 -40.50 -39.88
CA GLU C 139 39.92 -41.17 -39.66
C GLU C 139 39.90 -41.90 -38.32
N TRP C 140 38.69 -42.14 -37.81
CA TRP C 140 38.51 -42.58 -36.43
C TRP C 140 39.12 -43.94 -36.06
N SER C 141 39.39 -44.75 -37.08
CA SER C 141 40.03 -46.05 -36.90
C SER C 141 41.53 -45.94 -36.59
N GLY C 142 41.97 -44.74 -36.22
CA GLY C 142 43.27 -44.54 -35.58
C GLY C 142 43.34 -45.45 -34.35
N LEU C 143 42.16 -45.84 -33.88
CA LEU C 143 41.98 -46.79 -32.80
C LEU C 143 42.60 -48.15 -33.06
N LEU C 144 42.45 -48.63 -34.29
CA LEU C 144 43.03 -49.92 -34.63
C LEU C 144 44.53 -49.78 -34.63
N GLU C 145 45.02 -48.60 -34.98
CA GLU C 145 46.46 -48.36 -34.95
C GLU C 145 46.86 -48.38 -33.49
N GLU C 146 45.99 -47.86 -32.65
CA GLU C 146 46.23 -47.83 -31.21
C GLU C 146 46.18 -49.23 -30.63
N LEU C 147 45.58 -50.16 -31.37
CA LEU C 147 45.56 -51.56 -30.97
C LEU C 147 46.77 -52.33 -31.49
N ALA C 148 47.26 -51.95 -32.66
CA ALA C 148 48.46 -52.56 -33.22
C ALA C 148 49.63 -52.23 -32.32
N ARG C 149 49.66 -50.99 -31.85
CA ARG C 149 50.60 -50.60 -30.81
C ARG C 149 49.83 -50.91 -29.53
N ASN C 150 50.47 -50.84 -28.37
CA ASN C 150 49.83 -51.36 -27.17
C ASN C 150 49.09 -50.36 -26.29
N GLY C 151 48.78 -49.20 -26.86
CA GLY C 151 48.09 -48.14 -26.14
C GLY C 151 46.74 -48.38 -25.47
N GLN C 152 45.89 -49.27 -26.01
CA GLN C 152 44.68 -49.63 -25.28
C GLN C 152 44.22 -51.03 -25.67
N ILE C 153 43.35 -51.61 -24.86
CA ILE C 153 42.90 -52.98 -25.07
C ILE C 153 42.04 -53.07 -26.35
N ASP C 154 41.80 -54.30 -26.81
CA ASP C 154 41.02 -54.57 -28.02
C ASP C 154 39.52 -54.40 -27.82
N LYS C 155 39.04 -54.69 -26.61
CA LYS C 155 37.61 -54.66 -26.31
C LYS C 155 37.08 -53.24 -26.38
N GLU C 156 38.00 -52.30 -26.53
CA GLU C 156 37.71 -50.87 -26.68
C GLU C 156 37.55 -50.49 -28.14
N ALA C 157 38.33 -51.11 -29.01
CA ALA C 157 38.22 -50.83 -30.43
C ALA C 157 36.76 -51.10 -30.84
N VAL C 158 36.31 -52.33 -30.58
CA VAL C 158 34.95 -52.75 -30.95
C VAL C 158 33.81 -52.31 -30.02
N GLN C 159 34.12 -52.06 -28.74
CA GLN C 159 33.10 -51.59 -27.82
C GLN C 159 32.84 -50.28 -28.45
N LYS C 160 33.84 -49.76 -29.16
CA LYS C 160 33.56 -48.45 -29.68
C LYS C 160 33.61 -48.06 -31.25
N TYR C 161 34.61 -48.43 -32.09
CA TYR C 161 34.76 -47.82 -33.47
C TYR C 161 33.43 -47.49 -34.14
N ALA C 162 33.45 -46.48 -35.01
CA ALA C 162 32.25 -45.80 -35.50
C ALA C 162 31.56 -44.91 -34.44
N TYR C 163 32.24 -44.56 -33.34
CA TYR C 163 31.56 -43.73 -32.33
C TYR C 163 32.02 -42.29 -32.36
N LEU C 164 32.57 -41.77 -33.45
CA LEU C 164 32.89 -40.39 -33.26
C LEU C 164 31.76 -39.57 -33.84
N ASN C 165 30.94 -39.06 -32.92
CA ASN C 165 29.85 -38.20 -33.31
C ASN C 165 30.38 -36.79 -33.18
N VAL C 166 30.28 -36.03 -34.25
CA VAL C 166 30.82 -34.68 -34.26
C VAL C 166 29.73 -33.69 -34.62
N VAL C 167 29.68 -32.61 -33.86
CA VAL C 167 28.75 -31.53 -34.13
C VAL C 167 29.50 -30.20 -34.05
N GLY C 168 29.27 -29.35 -35.04
CA GLY C 168 29.95 -28.08 -35.08
C GLY C 168 29.03 -26.93 -34.75
N MET C 169 29.61 -25.85 -34.25
CA MET C 169 28.85 -24.66 -33.90
C MET C 169 29.63 -23.42 -34.35
N VAL C 170 29.00 -22.59 -35.18
CA VAL C 170 29.66 -21.41 -35.71
C VAL C 170 29.80 -20.32 -34.64
N GLY C 171 31.03 -20.09 -34.20
CA GLY C 171 31.30 -19.10 -33.16
C GLY C 171 32.30 -18.06 -33.62
N SER C 172 32.11 -17.56 -34.84
CA SER C 172 32.93 -16.47 -35.34
C SER C 172 32.03 -15.39 -35.91
N ILE C 173 32.59 -14.20 -36.10
CA ILE C 173 31.81 -13.08 -36.62
C ILE C 173 32.00 -13.00 -38.13
N ASP C 174 33.24 -13.14 -38.58
CA ASP C 174 33.51 -13.23 -40.01
C ASP C 174 33.27 -14.68 -40.42
N ASN C 175 32.02 -15.01 -40.75
CA ASN C 175 31.59 -16.39 -40.94
C ASN C 175 31.27 -16.82 -42.38
N ASP C 176 32.30 -16.99 -43.21
CA ASP C 176 32.14 -17.51 -44.56
C ASP C 176 31.23 -18.74 -44.64
N PHE C 177 31.32 -19.61 -43.63
CA PHE C 177 30.46 -20.79 -43.55
C PHE C 177 29.03 -20.42 -43.17
N ASP C 181 21.62 -17.52 -42.46
CA ASP C 181 21.48 -17.95 -41.08
C ASP C 181 22.12 -16.98 -40.10
N MET C 182 21.77 -17.13 -38.82
CA MET C 182 22.29 -16.26 -37.79
C MET C 182 23.32 -17.01 -36.97
N THR C 183 24.45 -16.38 -36.71
CA THR C 183 25.52 -17.00 -35.95
C THR C 183 25.73 -16.22 -34.66
N ILE C 184 26.24 -16.90 -33.64
CA ILE C 184 26.45 -16.28 -32.34
C ILE C 184 27.53 -15.21 -32.42
N GLY C 185 27.23 -14.03 -31.88
CA GLY C 185 28.19 -12.94 -31.84
C GLY C 185 27.93 -11.85 -32.85
N THR C 186 27.20 -12.18 -33.92
CA THR C 186 26.87 -11.22 -34.96
C THR C 186 26.11 -10.01 -34.40
N ASP C 187 25.00 -10.30 -33.74
CA ASP C 187 24.17 -9.26 -33.13
C ASP C 187 24.96 -8.40 -32.13
N SER C 188 25.78 -9.05 -31.30
CA SER C 188 26.59 -8.34 -30.32
C SER C 188 27.56 -7.36 -31.00
N ALA C 189 28.19 -7.83 -32.07
CA ALA C 189 29.14 -7.02 -32.83
C ALA C 189 28.42 -5.84 -33.45
N LEU C 190 27.23 -6.11 -33.98
CA LEU C 190 26.39 -5.08 -34.57
C LEU C 190 26.07 -4.02 -33.53
N HIS C 191 25.82 -4.47 -32.30
CA HIS C 191 25.60 -3.57 -31.17
C HIS C 191 26.82 -2.68 -30.97
N ARG C 192 28.00 -3.29 -30.95
CA ARG C 192 29.25 -2.55 -30.77
C ARG C 192 29.43 -1.45 -31.83
N ILE C 193 29.27 -1.86 -33.09
CA ILE C 193 29.44 -0.96 -34.22
C ILE C 193 28.46 0.21 -34.12
N ILE C 194 27.19 -0.10 -33.91
CA ILE C 194 26.16 0.94 -33.85
C ILE C 194 26.35 1.84 -32.62
N GLU C 195 26.93 1.31 -31.54
CA GLU C 195 27.26 2.14 -30.39
C GLU C 195 28.31 3.17 -30.80
N VAL C 196 29.36 2.70 -31.47
CA VAL C 196 30.40 3.61 -31.95
C VAL C 196 29.82 4.67 -32.86
N VAL C 197 29.05 4.24 -33.87
CA VAL C 197 28.44 5.15 -34.84
C VAL C 197 27.58 6.21 -34.16
N ASP C 198 26.74 5.76 -33.25
CA ASP C 198 25.87 6.65 -32.47
C ASP C 198 26.70 7.70 -31.73
N ALA C 199 27.82 7.26 -31.17
CA ALA C 199 28.69 8.20 -30.46
C ALA C 199 29.33 9.22 -31.40
N ILE C 200 29.80 8.76 -32.56
CA ILE C 200 30.49 9.60 -33.54
C ILE C 200 29.55 10.67 -34.14
N MET C 201 28.28 10.30 -34.28
CA MET C 201 27.31 11.19 -34.90
C MET C 201 27.10 12.51 -34.14
N THR C 202 27.30 12.48 -32.82
CA THR C 202 27.16 13.68 -32.01
C THR C 202 28.34 14.64 -32.13
N THR C 203 29.51 14.11 -32.46
CA THR C 203 30.68 14.97 -32.58
C THR C 203 30.69 15.52 -34.00
N ALA C 204 30.12 14.79 -34.96
CA ALA C 204 30.10 15.34 -36.31
C ALA C 204 29.08 16.50 -36.41
N GLN C 205 28.91 17.24 -35.31
CA GLN C 205 28.25 18.53 -35.27
C GLN C 205 29.29 19.64 -35.41
N SER C 206 30.49 19.36 -34.91
CA SER C 206 31.66 20.21 -35.13
C SER C 206 32.06 20.15 -36.59
N HIS C 207 31.57 21.12 -37.36
CA HIS C 207 31.72 21.17 -38.80
C HIS C 207 30.90 20.02 -39.41
N GLN C 208 30.63 20.06 -40.71
CA GLN C 208 29.88 18.95 -41.28
C GLN C 208 30.87 17.88 -41.72
N ARG C 209 31.28 17.07 -40.75
CA ARG C 209 32.28 16.06 -40.99
C ARG C 209 31.73 14.79 -41.62
N THR C 210 32.62 14.14 -42.36
CA THR C 210 32.31 12.88 -43.01
C THR C 210 33.20 11.83 -42.38
N PHE C 211 32.58 10.79 -41.84
CA PHE C 211 33.35 9.76 -41.17
C PHE C 211 33.34 8.47 -41.95
N VAL C 212 34.54 7.99 -42.25
CA VAL C 212 34.71 6.73 -42.95
C VAL C 212 35.04 5.69 -41.90
N LEU C 213 34.09 4.79 -41.66
CA LEU C 213 34.22 3.83 -40.58
C LEU C 213 34.50 2.44 -41.11
N GLU C 214 35.63 1.87 -40.70
CA GLU C 214 36.03 0.55 -41.15
C GLU C 214 35.57 -0.52 -40.17
N VAL C 215 34.63 -1.35 -40.61
CA VAL C 215 34.12 -2.42 -39.77
C VAL C 215 34.67 -3.75 -40.28
N MET C 216 34.47 -4.81 -39.49
CA MET C 216 35.10 -6.08 -39.81
C MET C 216 34.28 -6.89 -40.82
N GLY C 217 34.82 -6.97 -42.04
CA GLY C 217 34.36 -7.95 -43.00
C GLY C 217 35.47 -8.22 -43.97
N ARG C 218 36.13 -9.36 -43.82
CA ARG C 218 37.21 -9.74 -44.72
C ARG C 218 36.71 -10.51 -45.92
N HIS C 219 35.63 -11.26 -45.72
CA HIS C 219 35.01 -12.04 -46.80
C HIS C 219 33.49 -11.95 -46.78
N CYS C 220 32.92 -11.80 -45.59
CA CYS C 220 31.47 -11.61 -45.49
C CYS C 220 31.17 -10.14 -45.30
N GLY C 221 30.18 -9.63 -46.03
CA GLY C 221 29.82 -8.22 -45.95
C GLY C 221 28.52 -7.97 -45.22
N TYR C 222 28.01 -9.01 -44.57
CA TYR C 222 26.77 -8.93 -43.82
C TYR C 222 26.81 -7.83 -42.77
N LEU C 223 27.78 -7.94 -41.86
CA LEU C 223 27.95 -7.01 -40.76
C LEU C 223 27.99 -5.54 -41.21
N ALA C 224 28.71 -5.27 -42.29
CA ALA C 224 28.80 -3.92 -42.84
C ALA C 224 27.45 -3.45 -43.35
N LEU C 225 26.82 -4.27 -44.19
CA LEU C 225 25.51 -3.97 -44.76
C LEU C 225 24.49 -3.65 -43.68
N VAL C 226 24.41 -4.53 -42.70
CA VAL C 226 23.44 -4.42 -41.63
C VAL C 226 23.74 -3.21 -40.72
N SER C 227 25.03 -2.91 -40.54
CA SER C 227 25.42 -1.71 -39.80
C SER C 227 24.95 -0.46 -40.52
N ALA C 228 25.21 -0.42 -41.82
CA ALA C 228 24.82 0.71 -42.67
C ALA C 228 23.31 0.90 -42.63
N LEU C 229 22.58 -0.21 -42.70
CA LEU C 229 21.12 -0.19 -42.62
C LEU C 229 20.65 0.30 -41.25
N ALA C 230 21.41 -0.04 -40.21
CA ALA C 230 21.04 0.29 -38.85
C ALA C 230 21.33 1.73 -38.46
N CYS C 231 22.27 2.36 -39.16
CA CYS C 231 22.61 3.74 -38.85
C CYS C 231 22.26 4.69 -39.98
N GLY C 232 21.58 4.16 -41.00
CA GLY C 232 21.24 4.95 -42.17
C GLY C 232 22.46 5.55 -42.84
N ALA C 233 23.49 4.74 -43.03
CA ALA C 233 24.75 5.19 -43.62
C ALA C 233 24.55 5.79 -45.01
N ASP C 234 25.37 6.78 -45.34
CA ASP C 234 25.27 7.47 -46.61
C ASP C 234 25.84 6.63 -47.75
N TRP C 235 26.76 5.73 -47.42
CA TRP C 235 27.33 4.81 -48.37
C TRP C 235 27.92 3.59 -47.66
N VAL C 236 27.95 2.45 -48.34
CA VAL C 236 28.52 1.23 -47.77
C VAL C 236 29.42 0.52 -48.79
N PHE C 237 30.44 -0.19 -48.30
CA PHE C 237 31.32 -0.98 -49.14
C PHE C 237 31.43 -2.44 -48.69
N LEU C 238 31.12 -3.35 -49.61
CA LEU C 238 31.03 -4.77 -49.33
C LEU C 238 31.99 -5.56 -50.20
N PRO C 239 32.48 -6.70 -49.69
CA PRO C 239 33.32 -7.59 -50.50
C PRO C 239 32.58 -8.35 -51.60
N GLU C 240 31.31 -8.70 -51.36
CA GLU C 240 30.55 -9.45 -52.35
C GLU C 240 30.03 -8.56 -53.47
N SER C 241 29.52 -7.39 -53.11
CA SER C 241 28.95 -6.47 -54.07
C SER C 241 29.80 -5.22 -54.22
N PRO C 242 30.75 -5.24 -55.16
CA PRO C 242 31.62 -4.10 -55.42
C PRO C 242 30.83 -2.94 -56.01
N PRO C 243 31.35 -1.71 -55.88
CA PRO C 243 30.67 -0.55 -56.48
C PRO C 243 30.84 -0.56 -58.00
N GLU C 244 29.90 0.01 -58.74
CA GLU C 244 29.94 -0.01 -60.20
C GLU C 244 30.88 1.05 -60.75
N GLU C 245 31.32 0.90 -62.01
CA GLU C 245 32.23 1.90 -62.57
C GLU C 245 31.58 3.27 -62.53
N GLY C 246 32.37 4.27 -62.18
CA GLY C 246 31.87 5.62 -62.03
C GLY C 246 31.18 5.83 -60.70
N TRP C 247 31.42 4.94 -59.74
CA TRP C 247 30.79 5.06 -58.43
C TRP C 247 31.28 6.28 -57.65
N GLU C 248 32.53 6.69 -57.85
CA GLU C 248 33.10 7.82 -57.12
C GLU C 248 32.26 9.08 -57.27
N GLU C 249 31.87 9.36 -58.51
CA GLU C 249 31.05 10.51 -58.81
C GLU C 249 29.69 10.33 -58.18
N GLN C 250 29.14 9.13 -58.28
CA GLN C 250 27.83 8.82 -57.70
C GLN C 250 27.81 9.12 -56.20
N MET C 251 28.84 8.66 -55.51
CA MET C 251 28.99 8.85 -54.07
C MET C 251 29.15 10.33 -53.72
N CYS C 252 30.01 11.01 -54.47
CA CYS C 252 30.24 12.43 -54.26
C CYS C 252 28.98 13.26 -54.49
N VAL C 253 28.21 12.84 -55.49
CA VAL C 253 26.92 13.45 -55.80
C VAL C 253 25.96 13.25 -54.63
N LYS C 254 25.96 12.05 -54.08
CA LYS C 254 25.14 11.76 -52.90
C LYS C 254 25.53 12.66 -51.72
N LEU C 255 26.83 12.81 -51.50
CA LEU C 255 27.32 13.59 -50.38
C LEU C 255 27.00 15.08 -50.54
N SER C 256 27.18 15.58 -51.77
CA SER C 256 26.90 16.98 -52.07
C SER C 256 25.40 17.24 -51.96
N GLU C 257 24.60 16.22 -52.30
CA GLU C 257 23.16 16.30 -52.11
C GLU C 257 22.85 16.39 -50.63
N ASN C 258 23.59 15.63 -49.82
CA ASN C 258 23.43 15.70 -48.38
C ASN C 258 23.75 17.10 -47.84
N ARG C 259 24.77 17.74 -48.36
CA ARG C 259 25.04 19.12 -47.95
C ARG C 259 23.96 20.09 -48.42
N ALA C 260 23.43 19.85 -49.62
CA ALA C 260 22.31 20.65 -50.12
C ALA C 260 21.08 20.52 -49.21
N ARG C 261 20.79 19.28 -48.81
CA ARG C 261 19.69 18.98 -47.90
C ARG C 261 20.00 19.41 -46.46
N LYS C 262 21.22 19.92 -46.28
CA LYS C 262 21.70 20.42 -45.00
C LYS C 262 21.83 19.33 -43.93
N LYS C 263 22.16 18.12 -44.35
CA LYS C 263 22.52 17.08 -43.41
C LYS C 263 23.88 17.42 -42.82
N ARG C 264 23.94 17.63 -41.52
CA ARG C 264 25.16 18.11 -40.88
C ARG C 264 26.33 17.13 -40.85
N LEU C 265 26.14 15.90 -41.32
CA LEU C 265 27.22 14.90 -41.30
C LEU C 265 27.13 13.88 -42.43
N ASN C 266 28.15 13.04 -42.53
CA ASN C 266 28.16 11.92 -43.46
C ASN C 266 28.80 10.67 -42.84
N ILE C 267 28.15 9.53 -43.01
CA ILE C 267 28.70 8.26 -42.52
C ILE C 267 28.82 7.27 -43.66
N ILE C 268 30.06 6.81 -43.86
CA ILE C 268 30.38 5.80 -44.84
C ILE C 268 30.91 4.55 -44.15
N ILE C 269 30.21 3.43 -44.33
CA ILE C 269 30.62 2.17 -43.73
C ILE C 269 31.47 1.39 -44.72
N VAL C 270 32.64 0.93 -44.28
CA VAL C 270 33.55 0.20 -45.15
C VAL C 270 33.94 -1.14 -44.56
N ALA C 271 33.62 -2.22 -45.27
CA ALA C 271 34.09 -3.54 -44.85
C ALA C 271 35.59 -3.65 -45.07
N GLU C 272 36.26 -4.35 -44.15
CA GLU C 272 37.69 -4.61 -44.23
C GLU C 272 38.13 -5.08 -45.62
N GLY C 273 37.38 -6.01 -46.19
CA GLY C 273 37.67 -6.54 -47.52
C GLY C 273 36.92 -5.87 -48.65
N ALA C 274 36.75 -4.55 -48.57
CA ALA C 274 36.11 -3.79 -49.65
C ALA C 274 36.93 -3.89 -50.93
N ILE C 275 36.27 -4.20 -52.05
CA ILE C 275 36.96 -4.48 -53.32
C ILE C 275 36.37 -3.78 -54.55
N ASP C 276 37.21 -3.62 -55.58
CA ASP C 276 36.79 -3.11 -56.89
C ASP C 276 36.13 -4.21 -57.72
N THR C 277 35.74 -3.87 -58.94
CA THR C 277 35.22 -4.84 -59.88
C THR C 277 36.39 -5.70 -60.38
N GLN C 278 37.60 -5.20 -60.13
CA GLN C 278 38.83 -5.90 -60.51
C GLN C 278 39.44 -6.57 -59.28
N ASN C 279 38.60 -6.77 -58.26
CA ASN C 279 38.98 -7.43 -57.01
C ASN C 279 40.18 -6.79 -56.29
N LYS C 280 40.50 -5.55 -56.65
CA LYS C 280 41.49 -4.76 -55.93
C LYS C 280 40.79 -4.06 -54.77
N PRO C 281 41.46 -3.98 -53.60
CA PRO C 281 40.78 -3.40 -52.43
C PRO C 281 40.48 -1.91 -52.48
N ILE C 282 39.43 -1.53 -51.75
CA ILE C 282 39.06 -0.14 -51.57
C ILE C 282 39.31 0.23 -50.12
N THR C 283 40.41 0.91 -49.86
CA THR C 283 40.77 1.26 -48.49
C THR C 283 39.95 2.44 -47.98
N SER C 284 39.92 2.61 -46.67
CA SER C 284 39.23 3.73 -46.06
C SER C 284 40.03 5.00 -46.36
N GLU C 285 41.35 4.87 -46.38
CA GLU C 285 42.23 6.00 -46.68
C GLU C 285 41.91 6.57 -48.06
N LYS C 286 41.72 5.69 -49.04
CA LYS C 286 41.34 6.10 -50.39
C LYS C 286 40.00 6.83 -50.43
N ILE C 287 39.05 6.37 -49.62
CA ILE C 287 37.74 6.99 -49.57
C ILE C 287 37.85 8.41 -49.03
N LYS C 288 38.60 8.54 -47.93
CA LYS C 288 38.89 9.85 -47.35
C LYS C 288 39.54 10.77 -48.38
N GLU C 289 40.57 10.27 -49.07
CA GLU C 289 41.25 11.04 -50.12
C GLU C 289 40.27 11.49 -51.20
N LEU C 290 39.35 10.60 -51.61
CA LEU C 290 38.36 10.92 -52.63
C LEU C 290 37.46 12.06 -52.18
N VAL C 291 36.88 11.92 -50.99
CA VAL C 291 35.97 12.95 -50.47
C VAL C 291 36.67 14.30 -50.30
N VAL C 292 37.89 14.27 -49.77
CA VAL C 292 38.66 15.48 -49.56
C VAL C 292 39.01 16.16 -50.89
N THR C 293 39.51 15.37 -51.83
CA THR C 293 39.91 15.87 -53.15
C THR C 293 38.75 16.45 -53.96
N GLN C 294 37.65 15.71 -54.03
CA GLN C 294 36.52 16.10 -54.87
C GLN C 294 35.60 17.14 -54.21
N LEU C 295 35.28 16.94 -52.94
CA LEU C 295 34.28 17.78 -52.27
C LEU C 295 34.88 18.75 -51.26
N GLY C 296 36.07 18.45 -50.76
CA GLY C 296 36.71 19.30 -49.78
C GLY C 296 36.03 19.29 -48.42
N TYR C 297 35.49 18.15 -48.05
CA TYR C 297 34.82 18.00 -46.76
C TYR C 297 35.82 17.61 -45.67
N ASP C 298 35.50 17.96 -44.43
CA ASP C 298 36.31 17.55 -43.29
C ASP C 298 36.07 16.05 -43.04
N THR C 299 36.98 15.21 -43.52
CA THR C 299 36.81 13.76 -43.42
C THR C 299 37.76 13.11 -42.42
N ARG C 300 37.28 12.13 -41.66
CA ARG C 300 38.11 11.42 -40.70
C ARG C 300 37.91 9.93 -40.87
N VAL C 301 38.98 9.16 -40.73
CA VAL C 301 38.88 7.72 -40.80
C VAL C 301 38.92 7.12 -39.39
N THR C 302 38.06 6.13 -39.14
CA THR C 302 38.10 5.40 -37.88
C THR C 302 38.01 3.89 -38.11
N ILE C 303 39.04 3.18 -37.67
CA ILE C 303 39.03 1.72 -37.69
C ILE C 303 38.60 1.19 -36.33
N LEU C 304 37.36 0.72 -36.24
CA LEU C 304 36.77 0.28 -34.98
C LEU C 304 37.63 -0.81 -34.32
N GLY C 305 37.94 -1.84 -35.08
CA GLY C 305 38.78 -2.93 -34.61
C GLY C 305 38.15 -3.81 -33.54
N HIS C 306 38.97 -4.23 -32.58
CA HIS C 306 38.57 -5.28 -31.64
C HIS C 306 37.46 -4.95 -30.64
N VAL C 307 37.08 -3.69 -30.49
CA VAL C 307 35.93 -3.40 -29.66
C VAL C 307 34.75 -4.14 -30.27
N GLN C 308 34.72 -4.24 -31.60
CA GLN C 308 33.68 -4.98 -32.30
C GLN C 308 33.54 -6.41 -31.80
N ARG C 309 34.66 -7.02 -31.43
CA ARG C 309 34.64 -8.39 -30.95
C ARG C 309 34.30 -8.44 -29.47
N GLY C 310 34.42 -7.30 -28.81
CA GLY C 310 34.26 -7.21 -27.37
C GLY C 310 32.89 -6.87 -26.84
N GLY C 311 32.86 -6.44 -25.58
CA GLY C 311 31.63 -6.06 -24.92
C GLY C 311 30.87 -7.24 -24.36
N THR C 312 29.65 -6.97 -23.91
CA THR C 312 28.77 -7.97 -23.33
C THR C 312 27.84 -8.56 -24.39
N PRO C 313 27.54 -9.86 -24.29
CA PRO C 313 26.62 -10.47 -25.25
C PRO C 313 25.23 -9.87 -25.18
N SER C 314 24.65 -9.60 -26.35
CA SER C 314 23.29 -9.09 -26.44
C SER C 314 22.30 -10.14 -25.98
N ALA C 315 21.07 -9.72 -25.69
CA ALA C 315 20.02 -10.66 -25.30
C ALA C 315 19.82 -11.73 -26.38
N PHE C 316 19.75 -11.27 -27.62
CA PHE C 316 19.59 -12.14 -28.77
C PHE C 316 20.68 -13.21 -28.82
N ASP C 317 21.94 -12.80 -28.73
CA ASP C 317 23.05 -13.73 -28.81
C ASP C 317 23.07 -14.74 -27.64
N ARG C 318 22.68 -14.29 -26.45
CA ARG C 318 22.59 -15.19 -25.30
C ARG C 318 21.55 -16.28 -25.54
N ILE C 319 20.35 -15.85 -25.96
CA ILE C 319 19.26 -16.79 -26.20
C ILE C 319 19.61 -17.76 -27.32
N LEU C 320 20.14 -17.20 -28.41
CA LEU C 320 20.57 -17.97 -29.56
C LEU C 320 21.57 -19.03 -29.13
N ALA C 321 22.62 -18.60 -28.43
CA ALA C 321 23.66 -19.51 -27.95
C ALA C 321 23.09 -20.64 -27.08
N SER C 322 22.14 -20.30 -26.21
CA SER C 322 21.52 -21.31 -25.35
C SER C 322 20.82 -22.39 -26.19
N ARG C 323 19.95 -21.92 -27.08
CA ARG C 323 19.20 -22.79 -27.98
C ARG C 323 20.15 -23.67 -28.79
N MET C 324 21.23 -23.06 -29.26
CA MET C 324 22.24 -23.75 -30.07
C MET C 324 22.96 -24.86 -29.31
N GLY C 325 23.41 -24.56 -28.10
CA GLY C 325 24.08 -25.57 -27.29
C GLY C 325 23.19 -26.76 -27.04
N VAL C 326 21.94 -26.46 -26.70
CA VAL C 326 20.98 -27.53 -26.42
C VAL C 326 20.78 -28.39 -27.67
N GLU C 327 20.57 -27.73 -28.80
CA GLU C 327 20.37 -28.43 -30.06
C GLU C 327 21.61 -29.25 -30.45
N ALA C 328 22.78 -28.79 -30.02
CA ALA C 328 24.03 -29.50 -30.28
C ALA C 328 24.05 -30.81 -29.53
N VAL C 329 23.66 -30.77 -28.26
CA VAL C 329 23.63 -32.01 -27.47
C VAL C 329 22.60 -32.99 -28.05
N ILE C 330 21.42 -32.47 -28.39
CA ILE C 330 20.39 -33.29 -29.00
C ILE C 330 20.90 -33.95 -30.27
N ALA C 331 21.56 -33.16 -31.11
CA ALA C 331 22.14 -33.64 -32.36
C ALA C 331 23.16 -34.75 -32.10
N LEU C 332 23.98 -34.57 -31.07
CA LEU C 332 24.99 -35.56 -30.73
C LEU C 332 24.39 -36.89 -30.31
N LEU C 333 23.29 -36.85 -29.58
CA LEU C 333 22.66 -38.09 -29.14
C LEU C 333 21.93 -38.77 -30.31
N GLU C 334 21.23 -37.99 -31.13
CA GLU C 334 20.49 -38.54 -32.27
C GLU C 334 21.43 -38.98 -33.41
N ALA C 335 22.72 -38.72 -33.25
CA ALA C 335 23.72 -39.08 -34.27
C ALA C 335 23.92 -40.58 -34.39
N THR C 336 24.20 -41.01 -35.62
CA THR C 336 24.49 -42.41 -35.91
C THR C 336 25.86 -42.46 -36.60
N PRO C 337 26.45 -43.65 -36.78
CA PRO C 337 27.73 -43.72 -37.50
C PRO C 337 27.66 -43.27 -38.97
N ASP C 338 26.50 -43.42 -39.62
CA ASP C 338 26.34 -42.91 -40.97
C ASP C 338 26.03 -41.42 -40.96
N THR C 339 25.39 -40.95 -39.89
CA THR C 339 25.10 -39.53 -39.76
C THR C 339 26.39 -38.74 -39.88
N PRO C 340 26.45 -37.82 -40.85
CA PRO C 340 27.67 -37.04 -41.09
C PRO C 340 27.85 -35.95 -40.04
N ALA C 341 29.05 -35.39 -39.97
CA ALA C 341 29.32 -34.28 -39.07
C ALA C 341 28.45 -33.09 -39.45
N CYS C 342 27.80 -32.48 -38.48
CA CYS C 342 26.90 -31.38 -38.78
C CYS C 342 27.26 -30.09 -38.04
N VAL C 343 26.70 -28.99 -38.54
CA VAL C 343 26.79 -27.68 -37.93
C VAL C 343 25.39 -27.30 -37.41
N VAL C 344 25.28 -27.04 -36.11
CA VAL C 344 24.02 -26.64 -35.49
C VAL C 344 23.71 -25.18 -35.87
N SER C 345 22.49 -24.91 -36.34
CA SER C 345 22.14 -23.57 -36.81
C SER C 345 20.69 -23.19 -36.52
N LEU C 346 20.38 -21.91 -36.70
CA LEU C 346 19.02 -21.41 -36.59
C LEU C 346 18.53 -20.88 -37.94
N ASN C 347 17.61 -21.60 -38.57
CA ASN C 347 17.11 -21.18 -39.88
C ASN C 347 15.66 -20.70 -39.83
N GLY C 348 15.45 -19.45 -39.46
CA GLY C 348 14.11 -18.92 -39.37
C GLY C 348 13.40 -19.31 -38.09
N ASN C 349 14.06 -19.04 -36.97
CA ASN C 349 13.52 -19.26 -35.64
C ASN C 349 13.25 -20.74 -35.42
N HIS C 350 14.08 -21.56 -36.05
CA HIS C 350 14.00 -23.01 -35.93
C HIS C 350 15.39 -23.65 -35.88
N ALA C 351 15.55 -24.64 -35.00
CA ALA C 351 16.82 -25.35 -34.87
C ALA C 351 17.00 -26.35 -36.00
N VAL C 352 18.12 -26.24 -36.70
CA VAL C 352 18.42 -27.10 -37.84
C VAL C 352 19.84 -27.64 -37.80
N ARG C 353 20.06 -28.77 -38.47
CA ARG C 353 21.36 -29.41 -38.56
C ARG C 353 21.87 -29.47 -39.98
N LEU C 354 22.93 -28.72 -40.29
CA LEU C 354 23.43 -28.70 -41.68
C LEU C 354 24.66 -29.56 -41.87
N PRO C 355 24.64 -30.45 -42.87
CA PRO C 355 25.80 -31.28 -43.15
C PRO C 355 27.00 -30.40 -43.49
N LEU C 356 28.14 -30.66 -42.83
CA LEU C 356 29.32 -29.79 -42.93
C LEU C 356 29.78 -29.53 -44.35
N MET C 357 30.02 -30.60 -45.09
CA MET C 357 30.58 -30.45 -46.43
C MET C 357 29.70 -29.58 -47.33
N GLU C 358 28.39 -29.60 -47.13
CA GLU C 358 27.53 -28.68 -47.87
C GLU C 358 27.91 -27.22 -47.55
N CYS C 359 28.22 -26.93 -46.30
CA CYS C 359 28.65 -25.59 -45.90
C CYS C 359 29.99 -25.25 -46.54
N VAL C 360 30.92 -26.21 -46.49
CA VAL C 360 32.25 -26.00 -47.08
C VAL C 360 32.17 -25.76 -48.59
N GLN C 361 31.32 -26.54 -49.26
CA GLN C 361 31.08 -26.37 -50.69
C GLN C 361 30.42 -25.04 -50.95
N MET C 362 29.66 -24.56 -49.97
CA MET C 362 29.01 -23.28 -50.14
C MET C 362 30.04 -22.16 -50.15
N THR C 363 30.91 -22.18 -49.15
CA THR C 363 31.99 -21.20 -49.06
C THR C 363 32.82 -21.23 -50.34
N GLN C 364 33.15 -22.45 -50.77
CA GLN C 364 33.94 -22.64 -51.98
C GLN C 364 33.22 -22.16 -53.25
N ASP C 365 31.90 -22.32 -53.31
CA ASP C 365 31.10 -21.83 -54.42
C ASP C 365 31.18 -20.31 -54.50
N VAL C 366 31.00 -19.67 -53.36
CA VAL C 366 31.02 -18.22 -53.31
C VAL C 366 32.39 -17.71 -53.72
N GLN C 367 33.45 -18.30 -53.18
CA GLN C 367 34.80 -17.91 -53.57
C GLN C 367 35.06 -18.07 -55.06
N LYS C 368 34.64 -19.21 -55.62
CA LYS C 368 34.76 -19.41 -57.06
C LYS C 368 34.07 -18.29 -57.82
N ALA C 369 32.91 -17.87 -57.34
CA ALA C 369 32.21 -16.75 -57.95
C ALA C 369 32.99 -15.44 -57.81
N MET C 370 33.70 -15.27 -56.70
CA MET C 370 34.49 -14.07 -56.44
C MET C 370 35.69 -13.97 -57.37
N ASP C 371 36.44 -15.05 -57.52
CA ASP C 371 37.63 -15.06 -58.36
C ASP C 371 37.27 -14.80 -59.82
N GLU C 372 36.17 -15.37 -60.27
CA GLU C 372 35.74 -15.21 -61.65
C GLU C 372 34.90 -13.97 -61.82
N ARG C 373 34.88 -13.13 -60.78
CA ARG C 373 34.18 -11.84 -60.81
C ARG C 373 32.69 -11.97 -61.10
N ARG C 374 32.10 -13.09 -60.70
CA ARG C 374 30.66 -13.29 -60.78
C ARG C 374 30.02 -12.78 -59.50
N PHE C 375 30.11 -11.47 -59.29
CA PHE C 375 29.66 -10.87 -58.04
C PHE C 375 28.17 -11.04 -57.80
N GLN C 376 27.38 -10.97 -58.86
CA GLN C 376 25.94 -11.16 -58.74
C GLN C 376 25.62 -12.58 -58.28
N ASP C 377 26.34 -13.55 -58.82
CA ASP C 377 26.15 -14.93 -58.42
C ASP C 377 26.59 -15.15 -56.99
N ALA C 378 27.60 -14.40 -56.56
CA ALA C 378 28.07 -14.47 -55.18
C ALA C 378 27.04 -13.92 -54.19
N VAL C 379 26.53 -12.71 -54.45
CA VAL C 379 25.49 -12.09 -53.63
C VAL C 379 24.23 -12.94 -53.60
N ARG C 380 23.93 -13.53 -54.75
CA ARG C 380 22.83 -14.47 -54.91
C ARG C 380 23.05 -15.62 -53.93
N LEU C 381 24.24 -16.19 -54.01
CA LEU C 381 24.65 -17.30 -53.16
C LEU C 381 24.59 -16.97 -51.66
N ARG C 382 24.74 -15.69 -51.33
CA ARG C 382 24.69 -15.29 -49.92
C ARG C 382 23.32 -15.53 -49.32
N GLY C 383 22.30 -15.52 -50.17
CA GLY C 383 20.94 -15.80 -49.76
C GLY C 383 20.04 -14.60 -49.97
N ARG C 384 18.74 -14.82 -49.77
CA ARG C 384 17.77 -13.76 -49.96
C ARG C 384 17.83 -12.69 -48.87
N SER C 385 17.95 -13.08 -47.60
CA SER C 385 18.12 -12.12 -46.49
C SER C 385 19.12 -11.02 -46.84
N PHE C 386 20.29 -11.46 -47.32
CA PHE C 386 21.35 -10.57 -47.74
C PHE C 386 20.85 -9.60 -48.80
N ALA C 387 20.34 -10.16 -49.89
CA ALA C 387 19.84 -9.36 -51.00
C ALA C 387 18.75 -8.37 -50.59
N GLY C 388 17.89 -8.77 -49.66
CA GLY C 388 16.80 -7.96 -49.17
C GLY C 388 17.32 -6.77 -48.40
N ASN C 389 18.20 -7.05 -47.44
CA ASN C 389 18.90 -6.01 -46.70
C ASN C 389 19.57 -5.00 -47.64
N LEU C 390 20.22 -5.52 -48.68
CA LEU C 390 20.94 -4.68 -49.63
C LEU C 390 20.00 -3.79 -50.43
N ASN C 391 18.92 -4.38 -50.96
CA ASN C 391 17.97 -3.66 -51.79
C ASN C 391 17.26 -2.59 -50.99
N THR C 392 16.85 -2.96 -49.77
CA THR C 392 16.19 -2.02 -48.88
C THR C 392 17.11 -0.85 -48.54
N TYR C 393 18.35 -1.17 -48.21
CA TYR C 393 19.35 -0.14 -47.91
C TYR C 393 19.50 0.83 -49.08
N LYS C 394 19.61 0.29 -50.28
CA LYS C 394 19.77 1.13 -51.46
C LYS C 394 18.55 2.02 -51.62
N ARG C 395 17.38 1.39 -51.60
CA ARG C 395 16.13 2.09 -51.79
C ARG C 395 15.88 3.15 -50.73
N LEU C 396 16.63 3.10 -49.64
CA LEU C 396 16.50 4.10 -48.58
C LEU C 396 17.62 5.15 -48.60
N ALA C 397 18.76 4.81 -49.20
CA ALA C 397 19.91 5.70 -49.20
C ALA C 397 19.98 6.62 -50.41
N ILE C 398 19.60 6.11 -51.58
CA ILE C 398 19.69 6.92 -52.79
C ILE C 398 18.32 7.25 -53.36
N LYS C 399 18.05 8.54 -53.50
CA LYS C 399 16.81 9.00 -54.11
C LYS C 399 17.10 9.54 -55.49
N LEU C 400 16.25 9.17 -56.44
CA LEU C 400 16.30 9.70 -57.78
C LEU C 400 15.52 11.02 -57.80
N PRO C 401 15.90 11.96 -58.68
CA PRO C 401 15.22 13.25 -58.74
C PRO C 401 13.74 13.14 -59.13
N ASP C 402 12.93 14.06 -58.62
CA ASP C 402 11.47 14.07 -58.78
C ASP C 402 11.02 13.82 -60.21
N ASP C 403 11.73 14.44 -61.13
CA ASP C 403 11.46 14.33 -62.56
C ASP C 403 11.45 12.88 -63.02
N GLN C 404 12.22 12.05 -62.34
CA GLN C 404 12.35 10.64 -62.68
C GLN C 404 11.43 9.72 -61.86
N ILE C 405 10.56 10.30 -61.03
CA ILE C 405 9.63 9.48 -60.27
C ILE C 405 8.20 9.59 -60.78
N PRO C 406 7.70 8.54 -61.45
CA PRO C 406 6.31 8.53 -61.93
C PRO C 406 5.37 8.74 -60.74
N LYS C 407 4.93 9.98 -60.54
CA LYS C 407 4.07 10.30 -59.41
C LYS C 407 2.66 9.70 -59.52
N THR C 408 2.36 8.75 -58.65
CA THR C 408 0.96 8.32 -58.52
C THR C 408 0.26 9.42 -57.75
N ASN C 409 -0.97 9.74 -58.14
CA ASN C 409 -1.72 10.79 -57.48
C ASN C 409 -2.48 10.22 -56.29
N CYS C 410 -1.71 9.61 -55.39
CA CYS C 410 -2.24 8.94 -54.21
C CYS C 410 -1.62 9.58 -52.97
N ASN C 411 -2.37 9.61 -51.88
CA ASN C 411 -1.86 10.13 -50.62
C ASN C 411 -1.83 9.02 -49.58
N VAL C 412 -0.65 8.66 -49.11
CA VAL C 412 -0.58 7.54 -48.17
C VAL C 412 -0.23 8.01 -46.76
N ALA C 413 -1.02 7.58 -45.78
CA ALA C 413 -0.86 8.05 -44.40
C ALA C 413 -0.07 7.10 -43.52
N VAL C 414 0.77 7.68 -42.66
CA VAL C 414 1.58 6.94 -41.71
C VAL C 414 1.21 7.40 -40.29
N ILE C 415 1.08 6.43 -39.38
CA ILE C 415 0.64 6.73 -38.03
C ILE C 415 1.27 5.76 -37.02
N ASN C 416 1.40 6.24 -35.78
CA ASN C 416 1.89 5.43 -34.67
C ASN C 416 0.79 5.23 -33.62
N VAL C 417 0.46 3.97 -33.34
CA VAL C 417 -0.64 3.67 -32.45
C VAL C 417 -0.23 2.72 -31.32
N GLY C 418 -0.64 3.03 -30.09
CA GLY C 418 -0.29 2.22 -28.95
C GLY C 418 0.80 2.87 -28.13
N ALA C 419 1.39 2.13 -27.20
CA ALA C 419 2.49 2.65 -26.42
C ALA C 419 3.72 2.79 -27.31
N PRO C 420 4.66 3.67 -26.94
CA PRO C 420 5.86 3.81 -27.77
C PRO C 420 6.69 2.52 -27.82
N ALA C 421 7.37 2.32 -28.93
CA ALA C 421 8.23 1.17 -29.10
C ALA C 421 9.50 1.60 -29.81
N ALA C 422 10.64 1.15 -29.30
CA ALA C 422 11.92 1.51 -29.90
C ALA C 422 12.00 0.98 -31.32
N GLY C 423 12.02 1.90 -32.28
CA GLY C 423 12.12 1.54 -33.68
C GLY C 423 10.94 2.02 -34.50
N MET C 424 10.02 2.73 -33.86
CA MET C 424 8.86 3.28 -34.54
C MET C 424 9.28 4.33 -35.56
N ASN C 425 10.19 5.20 -35.17
CA ASN C 425 10.66 6.28 -36.03
C ASN C 425 11.43 5.78 -37.25
N ALA C 426 12.23 4.74 -37.05
CA ALA C 426 12.92 4.07 -38.15
C ALA C 426 11.88 3.55 -39.13
N ALA C 427 10.80 2.99 -38.58
CA ALA C 427 9.71 2.44 -39.37
C ALA C 427 9.04 3.54 -40.19
N VAL C 428 8.82 4.70 -39.56
CA VAL C 428 8.22 5.84 -40.25
C VAL C 428 9.11 6.32 -41.38
N ARG C 429 10.41 6.42 -41.11
CA ARG C 429 11.40 6.80 -42.12
C ARG C 429 11.34 5.88 -43.33
N SER C 430 11.39 4.58 -43.06
CA SER C 430 11.34 3.57 -44.12
C SER C 430 10.05 3.71 -44.94
N ALA C 431 8.92 3.72 -44.25
CA ALA C 431 7.61 3.84 -44.90
C ALA C 431 7.52 5.08 -45.79
N VAL C 432 7.89 6.22 -45.23
CA VAL C 432 7.84 7.50 -45.92
C VAL C 432 8.73 7.51 -47.17
N ARG C 433 9.98 7.11 -47.01
CA ARG C 433 10.92 7.14 -48.12
C ARG C 433 10.57 6.14 -49.22
N VAL C 434 10.16 4.94 -48.85
CA VAL C 434 9.72 3.95 -49.84
C VAL C 434 8.50 4.48 -50.58
N GLY C 435 7.56 5.05 -49.83
CA GLY C 435 6.37 5.64 -50.40
C GLY C 435 6.68 6.72 -51.42
N ILE C 436 7.58 7.62 -51.04
CA ILE C 436 8.02 8.71 -51.92
C ILE C 436 8.66 8.14 -53.18
N ALA C 437 9.52 7.13 -53.01
CA ALA C 437 10.17 6.46 -54.12
C ALA C 437 9.15 5.84 -55.09
N ASP C 438 7.99 5.47 -54.55
CA ASP C 438 6.93 4.87 -55.35
C ASP C 438 5.96 5.92 -55.87
N GLY C 439 6.36 7.18 -55.78
CA GLY C 439 5.61 8.27 -56.37
C GLY C 439 4.37 8.68 -55.61
N HIS C 440 4.37 8.45 -54.30
CA HIS C 440 3.25 8.87 -53.47
C HIS C 440 3.57 10.18 -52.76
N ARG C 441 2.51 10.90 -52.38
CA ARG C 441 2.67 11.98 -51.43
C ARG C 441 2.33 11.42 -50.05
N MET C 442 3.33 11.46 -49.19
CA MET C 442 3.25 10.89 -47.85
C MET C 442 2.65 11.86 -46.85
N LEU C 443 1.80 11.33 -45.98
CA LEU C 443 1.10 12.07 -44.96
C LEU C 443 1.47 11.57 -43.57
N ALA C 444 1.78 12.49 -42.67
CA ALA C 444 2.11 12.11 -41.31
C ALA C 444 0.93 12.45 -40.39
N ILE C 445 0.48 11.45 -39.64
CA ILE C 445 -0.56 11.67 -38.64
C ILE C 445 0.06 11.63 -37.24
N TYR C 446 -0.10 12.71 -36.50
CA TYR C 446 0.55 12.88 -35.21
C TYR C 446 -0.37 12.44 -34.07
N ASP C 447 0.24 11.88 -33.02
CA ASP C 447 -0.48 11.47 -31.80
C ASP C 447 -1.61 10.47 -32.04
N GLY C 448 -1.29 9.38 -32.74
CA GLY C 448 -2.25 8.31 -32.99
C GLY C 448 -3.63 8.73 -33.45
N PHE C 449 -4.64 7.98 -33.02
CA PHE C 449 -6.00 8.24 -33.44
C PHE C 449 -6.56 9.49 -32.77
N ASP C 450 -5.93 9.91 -31.68
CA ASP C 450 -6.29 11.15 -31.02
C ASP C 450 -6.03 12.29 -31.99
N GLY C 451 -4.82 12.34 -32.52
CA GLY C 451 -4.47 13.31 -33.54
C GLY C 451 -5.19 13.11 -34.86
N PHE C 452 -5.49 11.86 -35.18
CA PHE C 452 -6.27 11.56 -36.39
C PHE C 452 -7.60 12.28 -36.32
N ALA C 453 -8.32 12.08 -35.22
CA ALA C 453 -9.61 12.74 -35.02
C ALA C 453 -9.50 14.25 -34.93
N LYS C 454 -8.38 14.74 -34.39
CA LYS C 454 -8.20 16.18 -34.20
C LYS C 454 -7.59 16.85 -35.43
N GLY C 455 -7.32 16.05 -36.47
CA GLY C 455 -6.81 16.56 -37.72
C GLY C 455 -5.39 17.12 -37.72
N GLN C 456 -4.51 16.50 -36.95
CA GLN C 456 -3.11 16.93 -36.97
C GLN C 456 -2.37 16.12 -38.03
N ILE C 457 -2.71 16.41 -39.28
CA ILE C 457 -2.17 15.66 -40.41
C ILE C 457 -1.38 16.60 -41.31
N LYS C 458 -0.09 16.30 -41.52
CA LYS C 458 0.72 17.13 -42.42
C LYS C 458 1.63 16.28 -43.30
N GLU C 459 1.64 16.63 -44.58
CA GLU C 459 2.43 15.94 -45.58
C GLU C 459 3.92 15.95 -45.22
N ILE C 460 4.52 14.76 -45.21
CA ILE C 460 5.91 14.59 -44.79
C ILE C 460 6.81 14.25 -45.99
N GLY C 461 8.09 14.67 -45.93
CA GLY C 461 9.02 14.44 -47.02
C GLY C 461 10.24 13.59 -46.72
N TRP C 462 11.07 13.38 -47.74
CA TRP C 462 12.29 12.57 -47.65
C TRP C 462 13.28 13.07 -46.59
N THR C 463 13.53 14.37 -46.60
CA THR C 463 14.48 14.99 -45.68
C THR C 463 13.94 14.97 -44.25
N ASP C 464 12.61 15.09 -44.13
CA ASP C 464 11.94 15.16 -42.84
C ASP C 464 12.25 13.99 -41.92
N VAL C 465 12.33 12.80 -42.50
CA VAL C 465 12.57 11.59 -41.72
C VAL C 465 14.05 11.23 -41.63
N GLY C 466 14.89 12.08 -42.20
CA GLY C 466 16.33 11.87 -42.17
C GLY C 466 16.89 11.83 -40.76
N GLY C 467 17.74 10.84 -40.50
CA GLY C 467 18.38 10.69 -39.21
C GLY C 467 17.50 10.08 -38.13
N TRP C 468 16.33 9.57 -38.51
CA TRP C 468 15.38 9.01 -37.55
C TRP C 468 15.76 7.62 -37.06
N THR C 469 16.44 6.86 -37.91
CA THR C 469 16.78 5.46 -37.67
C THR C 469 17.15 5.12 -36.22
N GLY C 470 18.13 5.83 -35.67
CA GLY C 470 18.58 5.57 -34.31
C GLY C 470 17.83 6.26 -33.18
N GLN C 471 16.73 6.92 -33.50
CA GLN C 471 15.95 7.63 -32.48
C GLN C 471 14.93 6.72 -31.80
N GLY C 472 14.97 6.68 -30.47
CA GLY C 472 13.99 5.91 -29.72
C GLY C 472 12.68 6.67 -29.58
N GLY C 473 11.66 6.01 -29.05
CA GLY C 473 10.36 6.63 -28.85
C GLY C 473 9.55 6.88 -30.12
N SER C 474 8.77 7.95 -30.12
CA SER C 474 7.87 8.26 -31.24
C SER C 474 7.77 9.75 -31.53
N ILE C 475 8.40 10.18 -32.63
CA ILE C 475 8.41 11.59 -33.00
C ILE C 475 7.03 12.10 -33.41
N LEU C 476 6.28 11.30 -34.15
CA LEU C 476 4.92 11.66 -34.53
C LEU C 476 4.03 11.70 -33.30
N GLY C 477 4.31 10.83 -32.35
CA GLY C 477 3.50 10.70 -31.15
C GLY C 477 2.60 9.49 -31.29
N THR C 478 2.40 8.76 -30.19
CA THR C 478 1.56 7.58 -30.21
C THR C 478 0.65 7.51 -28.98
N LYS C 479 -0.57 7.03 -29.19
CA LYS C 479 -1.56 6.90 -28.12
C LYS C 479 -2.28 5.55 -28.22
N ARG C 480 -2.75 5.03 -27.08
CA ARG C 480 -3.44 3.75 -27.03
C ARG C 480 -4.90 3.85 -27.47
N VAL C 481 -5.43 5.07 -27.53
CA VAL C 481 -6.84 5.31 -27.84
C VAL C 481 -7.28 4.70 -29.17
N LEU C 482 -8.41 4.00 -29.15
CA LEU C 482 -8.97 3.37 -30.34
C LEU C 482 -9.88 4.32 -31.11
N PRO C 483 -9.99 4.13 -32.44
CA PRO C 483 -10.76 5.03 -33.31
C PRO C 483 -12.28 4.96 -33.12
N GLY C 484 -12.75 3.92 -32.42
CA GLY C 484 -14.18 3.68 -32.18
C GLY C 484 -15.06 4.86 -31.83
N LYS C 485 -14.65 5.67 -30.86
CA LYS C 485 -15.48 6.78 -30.46
C LYS C 485 -15.42 7.97 -31.42
N TYR C 486 -14.46 7.96 -32.34
CA TYR C 486 -14.26 9.10 -33.22
C TYR C 486 -14.33 8.80 -34.71
N LEU C 487 -15.08 7.76 -35.06
CA LEU C 487 -15.20 7.31 -36.44
C LEU C 487 -15.61 8.38 -37.44
N GLU C 488 -16.52 9.25 -37.05
CA GLU C 488 -16.86 10.36 -37.92
C GLU C 488 -15.69 11.30 -38.06
N GLU C 489 -15.14 11.72 -36.92
CA GLU C 489 -14.11 12.74 -36.91
C GLU C 489 -12.93 12.32 -37.78
N ILE C 490 -12.59 11.04 -37.70
CA ILE C 490 -11.50 10.50 -38.51
C ILE C 490 -11.89 10.38 -39.98
N ALA C 491 -13.09 9.87 -40.24
CA ALA C 491 -13.53 9.66 -41.62
C ALA C 491 -13.49 11.00 -42.36
N THR C 492 -13.99 12.03 -41.69
CA THR C 492 -14.05 13.37 -42.24
C THR C 492 -12.63 13.80 -42.60
N GLN C 493 -11.68 13.51 -41.71
CA GLN C 493 -10.31 13.88 -41.96
C GLN C 493 -9.80 13.14 -43.18
N MET C 494 -10.09 11.84 -43.24
CA MET C 494 -9.66 11.03 -44.37
C MET C 494 -10.31 11.56 -45.63
N ARG C 495 -11.44 12.22 -45.45
CA ARG C 495 -12.15 12.78 -46.58
C ARG C 495 -11.52 14.10 -47.00
N THR C 496 -11.18 14.94 -46.03
CA THR C 496 -10.67 16.27 -46.35
C THR C 496 -9.25 16.21 -46.91
N HIS C 497 -8.50 15.21 -46.47
CA HIS C 497 -7.11 15.08 -46.88
C HIS C 497 -6.93 14.12 -48.06
N SER C 498 -8.02 13.42 -48.42
CA SER C 498 -8.01 12.45 -49.51
C SER C 498 -6.97 11.35 -49.26
N ILE C 499 -7.05 10.72 -48.10
CA ILE C 499 -6.15 9.63 -47.74
C ILE C 499 -6.55 8.36 -48.48
N ASN C 500 -5.67 7.88 -49.36
CA ASN C 500 -5.97 6.72 -50.20
C ASN C 500 -5.53 5.39 -49.60
N ALA C 501 -4.71 5.45 -48.56
CA ALA C 501 -4.22 4.25 -47.89
C ALA C 501 -3.63 4.57 -46.53
N LEU C 502 -3.57 3.58 -45.64
CA LEU C 502 -3.07 3.82 -44.30
C LEU C 502 -2.13 2.72 -43.81
N LEU C 503 -0.99 3.12 -43.28
CA LEU C 503 -0.05 2.21 -42.64
C LEU C 503 0.08 2.55 -41.17
N ILE C 504 -0.19 1.57 -40.30
CA ILE C 504 -0.09 1.79 -38.87
C ILE C 504 1.11 1.07 -38.27
N ILE C 505 1.90 1.80 -37.50
CA ILE C 505 3.03 1.21 -36.78
C ILE C 505 2.67 1.17 -35.30
N GLY C 506 2.36 -0.02 -34.78
CA GLY C 506 1.92 -0.11 -33.41
C GLY C 506 1.67 -1.48 -32.82
N GLY C 507 1.13 -1.48 -31.61
CA GLY C 507 0.87 -2.71 -30.85
C GLY C 507 -0.53 -3.25 -31.03
N PHE C 508 -1.03 -3.89 -29.99
CA PHE C 508 -2.37 -4.51 -30.00
C PHE C 508 -3.47 -3.51 -30.33
N GLU C 509 -3.31 -2.29 -29.83
CA GLU C 509 -4.26 -1.21 -30.09
C GLU C 509 -4.42 -0.93 -31.59
N ALA C 510 -3.32 -1.08 -32.33
CA ALA C 510 -3.36 -0.92 -33.79
C ALA C 510 -4.25 -1.98 -34.44
N TYR C 511 -4.11 -3.22 -33.97
CA TYR C 511 -4.89 -4.34 -34.48
C TYR C 511 -6.37 -4.15 -34.18
N LEU C 512 -6.67 -3.72 -32.95
CA LEU C 512 -8.05 -3.43 -32.56
C LEU C 512 -8.62 -2.32 -33.43
N GLY C 513 -7.80 -1.30 -33.67
CA GLY C 513 -8.19 -0.19 -34.53
C GLY C 513 -8.56 -0.67 -35.92
N LEU C 514 -7.70 -1.51 -36.50
CA LEU C 514 -7.96 -2.09 -37.81
C LEU C 514 -9.29 -2.84 -37.83
N LEU C 515 -9.54 -3.61 -36.77
CA LEU C 515 -10.80 -4.35 -36.67
C LEU C 515 -12.00 -3.41 -36.67
N GLU C 516 -11.89 -2.34 -35.89
CA GLU C 516 -12.97 -1.36 -35.75
C GLU C 516 -13.27 -0.66 -37.07
N LEU C 517 -12.21 -0.30 -37.79
CA LEU C 517 -12.37 0.40 -39.05
C LEU C 517 -12.98 -0.53 -40.10
N SER C 518 -12.54 -1.79 -40.06
CA SER C 518 -13.09 -2.83 -40.94
C SER C 518 -14.59 -2.94 -40.72
N ALA C 519 -15.01 -2.88 -39.46
CA ALA C 519 -16.43 -2.93 -39.14
C ALA C 519 -17.12 -1.67 -39.64
N ALA C 520 -16.38 -0.58 -39.61
CA ALA C 520 -16.91 0.73 -39.96
C ALA C 520 -17.05 1.07 -41.43
N ARG C 521 -16.44 0.27 -42.29
CA ARG C 521 -16.47 0.51 -43.72
C ARG C 521 -17.84 0.85 -44.30
N GLU C 522 -18.86 0.08 -43.93
CA GLU C 522 -20.21 0.26 -44.49
C GLU C 522 -20.82 1.65 -44.26
N LYS C 523 -20.64 2.19 -43.05
CA LYS C 523 -21.17 3.53 -42.75
C LYS C 523 -20.24 4.64 -43.21
N HIS C 524 -18.94 4.32 -43.30
CA HIS C 524 -17.97 5.30 -43.74
C HIS C 524 -17.12 4.76 -44.87
N GLU C 525 -17.46 5.13 -46.10
CA GLU C 525 -16.72 4.68 -47.27
C GLU C 525 -15.27 5.15 -47.32
N GLU C 526 -14.94 6.18 -46.54
CA GLU C 526 -13.57 6.69 -46.51
C GLU C 526 -12.59 5.61 -46.03
N PHE C 527 -13.11 4.61 -45.32
CA PHE C 527 -12.29 3.52 -44.80
C PHE C 527 -12.16 2.37 -45.79
N CYS C 528 -12.76 2.53 -46.97
CA CYS C 528 -12.67 1.50 -48.01
C CYS C 528 -11.37 1.65 -48.80
N VAL C 529 -10.27 1.81 -48.06
CA VAL C 529 -8.94 1.93 -48.64
C VAL C 529 -8.06 0.84 -48.07
N PRO C 530 -6.96 0.50 -48.76
CA PRO C 530 -6.11 -0.55 -48.16
C PRO C 530 -5.44 -0.08 -46.88
N MET C 531 -5.49 -0.94 -45.86
CA MET C 531 -4.93 -0.63 -44.56
C MET C 531 -4.07 -1.79 -44.07
N VAL C 532 -2.86 -1.50 -43.63
CA VAL C 532 -1.98 -2.54 -43.13
C VAL C 532 -1.26 -2.05 -41.88
N MET C 533 -0.96 -2.97 -40.96
CA MET C 533 -0.18 -2.58 -39.80
C MET C 533 1.06 -3.45 -39.63
N VAL C 534 2.07 -2.86 -38.99
CA VAL C 534 3.28 -3.58 -38.62
C VAL C 534 3.41 -3.53 -37.09
N PRO C 535 3.75 -4.67 -36.48
CA PRO C 535 3.72 -4.75 -35.02
C PRO C 535 4.89 -4.03 -34.35
N ALA C 536 4.56 -3.06 -33.51
CA ALA C 536 5.57 -2.30 -32.76
C ALA C 536 5.13 -2.14 -31.31
N THR C 537 5.80 -2.88 -30.43
CA THR C 537 5.51 -2.84 -29.00
C THR C 537 6.57 -3.62 -28.24
N VAL C 538 6.87 -3.20 -27.02
CA VAL C 538 7.84 -3.91 -26.20
C VAL C 538 7.30 -5.30 -25.86
N SER C 539 5.97 -5.42 -25.83
CA SER C 539 5.31 -6.61 -25.32
C SER C 539 5.35 -7.83 -26.24
N ASN C 540 5.32 -7.59 -27.55
CA ASN C 540 5.25 -8.66 -28.55
C ASN C 540 3.98 -9.48 -28.39
N ASN C 541 2.85 -8.79 -28.26
CA ASN C 541 1.56 -9.45 -28.06
C ASN C 541 0.62 -9.31 -29.25
N VAL C 542 1.15 -8.84 -30.38
CA VAL C 542 0.34 -8.67 -31.58
C VAL C 542 0.14 -9.99 -32.31
N PRO C 543 -1.13 -10.40 -32.51
CA PRO C 543 -1.42 -11.67 -33.17
C PRO C 543 -0.98 -11.66 -34.64
N GLY C 544 -0.40 -12.77 -35.09
CA GLY C 544 0.05 -12.89 -36.46
C GLY C 544 1.52 -12.53 -36.66
N SER C 545 2.22 -12.28 -35.56
CA SER C 545 3.64 -11.97 -35.63
C SER C 545 4.41 -12.57 -34.45
N ASP C 546 5.51 -13.25 -34.77
CA ASP C 546 6.36 -13.86 -33.75
C ASP C 546 7.24 -12.84 -33.06
N PHE C 547 7.39 -11.68 -33.68
CA PHE C 547 8.24 -10.62 -33.14
C PHE C 547 7.62 -9.25 -33.41
N SER C 548 7.90 -8.29 -32.52
CA SER C 548 7.43 -6.92 -32.69
C SER C 548 8.58 -5.95 -32.51
N ILE C 549 8.51 -4.82 -33.21
CA ILE C 549 9.54 -3.79 -33.09
C ILE C 549 9.55 -3.25 -31.66
N GLY C 550 10.73 -3.15 -31.07
CA GLY C 550 10.85 -2.62 -29.72
C GLY C 550 11.08 -3.70 -28.67
N ALA C 551 10.70 -4.93 -28.97
CA ALA C 551 10.81 -6.03 -28.01
C ALA C 551 12.27 -6.36 -27.72
N ASP C 552 13.10 -6.36 -28.76
CA ASP C 552 14.52 -6.65 -28.60
C ASP C 552 15.21 -5.63 -27.70
N THR C 553 14.86 -4.36 -27.88
CA THR C 553 15.43 -3.29 -27.08
C THR C 553 15.07 -3.49 -25.61
N ALA C 554 13.82 -3.85 -25.36
CA ALA C 554 13.34 -4.11 -24.01
C ALA C 554 14.10 -5.28 -23.39
N LEU C 555 14.22 -6.36 -24.15
CA LEU C 555 14.96 -7.54 -23.72
C LEU C 555 16.39 -7.16 -23.31
N ASN C 556 17.02 -6.33 -24.13
CA ASN C 556 18.37 -5.85 -23.82
C ASN C 556 18.40 -4.96 -22.59
N THR C 557 17.31 -4.22 -22.35
CA THR C 557 17.20 -3.38 -21.16
C THR C 557 17.17 -4.28 -19.92
N ILE C 558 16.37 -5.33 -20.00
CA ILE C 558 16.25 -6.31 -18.92
C ILE C 558 17.60 -6.98 -18.62
N THR C 559 18.24 -7.48 -19.67
CA THR C 559 19.55 -8.14 -19.52
C THR C 559 20.58 -7.17 -18.97
N ASP C 560 20.60 -5.95 -19.47
CA ASP C 560 21.52 -4.92 -18.99
C ASP C 560 21.32 -4.66 -17.50
N THR C 561 20.07 -4.49 -17.08
CA THR C 561 19.74 -4.25 -15.68
C THR C 561 20.21 -5.42 -14.81
N CYS C 562 20.00 -6.63 -15.29
CA CYS C 562 20.44 -7.82 -14.57
C CYS C 562 21.97 -7.91 -14.52
N ASP C 563 22.63 -7.46 -15.58
CA ASP C 563 24.08 -7.38 -15.61
C ASP C 563 24.60 -6.43 -14.54
N ARG C 564 24.00 -5.24 -14.47
CA ARG C 564 24.40 -4.26 -13.47
C ARG C 564 24.10 -4.75 -12.06
N ILE C 565 22.97 -5.45 -11.89
CA ILE C 565 22.60 -6.00 -10.60
C ILE C 565 23.66 -7.02 -10.19
N LYS C 566 24.11 -7.81 -11.16
CA LYS C 566 25.17 -8.79 -10.96
C LYS C 566 26.48 -8.13 -10.55
N GLN C 567 26.81 -7.04 -11.23
CA GLN C 567 28.02 -6.29 -10.95
C GLN C 567 27.97 -5.65 -9.57
N SER C 568 26.88 -4.95 -9.28
CA SER C 568 26.70 -4.32 -7.99
C SER C 568 26.56 -5.39 -6.94
N ALA C 569 27.16 -5.15 -5.78
CA ALA C 569 27.08 -6.09 -4.68
C ALA C 569 27.48 -7.49 -5.14
N SER C 570 28.59 -7.56 -5.88
CA SER C 570 29.04 -8.83 -6.42
C SER C 570 29.47 -9.77 -5.29
N GLY C 571 29.99 -9.18 -4.22
CA GLY C 571 30.38 -9.95 -3.04
C GLY C 571 29.36 -9.99 -1.93
N THR C 572 28.09 -9.68 -2.23
CA THR C 572 27.06 -9.63 -1.21
C THR C 572 26.66 -11.01 -0.71
N LYS C 573 26.42 -11.92 -1.65
CA LYS C 573 26.20 -13.37 -1.43
C LYS C 573 24.88 -13.67 -0.71
N ARG C 574 24.24 -14.77 -1.09
CA ARG C 574 22.97 -15.17 -0.49
C ARG C 574 21.84 -14.17 -0.71
N ARG C 575 21.63 -13.75 -1.96
CA ARG C 575 20.54 -12.83 -2.31
C ARG C 575 19.68 -13.29 -3.49
N VAL C 576 18.38 -13.01 -3.40
CA VAL C 576 17.48 -13.25 -4.51
C VAL C 576 16.80 -11.95 -4.93
N PHE C 577 16.88 -11.64 -6.22
CA PHE C 577 16.23 -10.44 -6.73
C PHE C 577 14.94 -10.81 -7.42
N ILE C 578 13.85 -10.17 -7.01
CA ILE C 578 12.56 -10.35 -7.67
C ILE C 578 12.29 -9.16 -8.57
N ILE C 579 12.31 -9.38 -9.88
CA ILE C 579 12.19 -8.30 -10.85
C ILE C 579 10.91 -8.36 -11.66
N GLU C 580 10.15 -7.27 -11.64
CA GLU C 580 8.92 -7.17 -12.42
C GLU C 580 9.15 -6.52 -13.77
N THR C 581 8.78 -7.22 -14.84
CA THR C 581 8.93 -6.69 -16.19
C THR C 581 7.57 -6.25 -16.75
N MET C 582 7.61 -5.58 -17.90
CA MET C 582 6.39 -5.19 -18.61
C MET C 582 5.91 -6.32 -19.49
N GLY C 583 4.98 -6.02 -20.40
CA GLY C 583 4.48 -7.01 -21.32
C GLY C 583 2.99 -7.23 -21.23
N GLY C 584 2.35 -6.64 -20.21
CA GLY C 584 0.95 -6.86 -19.96
C GLY C 584 0.74 -8.30 -19.51
N TYR C 585 -0.16 -9.00 -20.20
CA TYR C 585 -0.36 -10.42 -19.91
C TYR C 585 0.62 -11.29 -20.70
N CYS C 586 1.35 -10.68 -21.63
CA CYS C 586 2.28 -11.42 -22.48
C CYS C 586 3.60 -11.70 -21.76
N GLY C 587 3.92 -12.98 -21.62
CA GLY C 587 5.11 -13.43 -20.91
C GLY C 587 6.41 -13.37 -21.67
N TYR C 588 6.38 -12.84 -22.89
CA TYR C 588 7.56 -12.79 -23.75
C TYR C 588 8.79 -12.17 -23.07
N LEU C 589 8.67 -10.94 -22.60
CA LEU C 589 9.78 -10.27 -21.95
C LEU C 589 10.27 -10.99 -20.70
N ALA C 590 9.32 -11.40 -19.86
CA ALA C 590 9.67 -12.10 -18.63
C ALA C 590 10.39 -13.41 -18.93
N ASN C 591 9.89 -14.15 -19.91
CA ASN C 591 10.45 -15.45 -20.24
C ASN C 591 11.80 -15.35 -20.95
N MET C 592 11.84 -14.66 -22.08
CA MET C 592 13.07 -14.51 -22.86
C MET C 592 14.12 -13.73 -22.09
N GLY C 593 13.67 -12.71 -21.36
CA GLY C 593 14.54 -11.92 -20.51
C GLY C 593 15.12 -12.77 -19.40
N GLY C 594 14.27 -13.57 -18.78
CA GLY C 594 14.69 -14.50 -17.74
C GLY C 594 15.72 -15.47 -18.28
N LEU C 595 15.47 -15.94 -19.50
CA LEU C 595 16.34 -16.88 -20.18
C LEU C 595 17.74 -16.29 -20.39
N ALA C 596 17.79 -15.11 -21.01
CA ALA C 596 19.04 -14.45 -21.31
C ALA C 596 19.77 -13.97 -20.06
N ALA C 597 19.03 -13.68 -19.00
CA ALA C 597 19.62 -13.17 -17.77
C ALA C 597 20.13 -14.30 -16.89
N GLY C 598 19.66 -15.52 -17.16
CA GLY C 598 20.01 -16.67 -16.35
C GLY C 598 19.19 -16.71 -15.06
N ALA C 599 17.96 -16.23 -15.15
CA ALA C 599 17.05 -16.22 -14.02
C ALA C 599 16.71 -17.63 -13.55
N ASP C 600 16.39 -17.77 -12.27
CA ASP C 600 16.04 -19.07 -11.70
C ASP C 600 14.57 -19.39 -11.96
N ALA C 601 13.78 -18.35 -12.19
CA ALA C 601 12.36 -18.51 -12.48
C ALA C 601 11.79 -17.27 -13.15
N ALA C 602 10.77 -17.46 -13.98
CA ALA C 602 10.06 -16.35 -14.58
C ALA C 602 8.56 -16.64 -14.60
N TYR C 603 7.83 -16.02 -13.68
CA TYR C 603 6.40 -16.27 -13.54
C TYR C 603 5.63 -15.48 -14.59
N ILE C 604 4.90 -16.21 -15.43
CA ILE C 604 4.17 -15.62 -16.54
C ILE C 604 2.70 -16.02 -16.49
N PHE C 605 1.87 -15.21 -17.14
CA PHE C 605 0.44 -15.48 -17.18
C PHE C 605 0.11 -16.73 -18.00
N GLU C 606 0.85 -16.95 -19.06
CA GLU C 606 0.59 -18.07 -19.97
C GLU C 606 0.76 -19.43 -19.30
N GLU C 607 1.45 -19.44 -18.17
CA GLU C 607 1.66 -20.66 -17.41
C GLU C 607 1.27 -20.49 -15.95
N PRO C 608 0.08 -20.98 -15.58
CA PRO C 608 -0.44 -20.85 -14.22
C PRO C 608 0.47 -21.48 -13.16
N PHE C 609 0.55 -20.80 -12.03
CA PHE C 609 1.35 -21.25 -10.90
C PHE C 609 0.60 -21.00 -9.61
N ASP C 610 0.69 -21.94 -8.66
CA ASP C 610 0.04 -21.76 -7.37
C ASP C 610 1.08 -21.64 -6.25
N ILE C 611 0.60 -21.62 -5.01
CA ILE C 611 1.48 -21.43 -3.85
C ILE C 611 2.47 -22.58 -3.70
N ARG C 612 2.05 -23.77 -4.11
CA ARG C 612 2.91 -24.95 -4.08
C ARG C 612 4.11 -24.80 -5.01
N ASP C 613 3.88 -24.25 -6.19
CA ASP C 613 4.95 -24.00 -7.16
C ASP C 613 5.94 -22.97 -6.62
N LEU C 614 5.42 -21.90 -6.04
CA LEU C 614 6.23 -20.83 -5.46
C LEU C 614 7.09 -21.39 -4.33
N GLN C 615 6.45 -22.19 -3.50
CA GLN C 615 7.12 -22.86 -2.38
C GLN C 615 8.25 -23.72 -2.90
N SER C 616 7.96 -24.44 -3.99
CA SER C 616 8.91 -25.32 -4.63
C SER C 616 10.15 -24.55 -5.08
N ASN C 617 9.93 -23.42 -5.74
CA ASN C 617 11.05 -22.61 -6.21
C ASN C 617 11.85 -22.04 -5.03
N VAL C 618 11.16 -21.66 -3.97
CA VAL C 618 11.84 -21.16 -2.77
C VAL C 618 12.77 -22.22 -2.19
N GLU C 619 12.25 -23.44 -2.02
CA GLU C 619 13.05 -24.55 -1.53
C GLU C 619 14.23 -24.82 -2.47
N HIS C 620 13.99 -24.73 -3.78
CA HIS C 620 15.06 -24.95 -4.75
C HIS C 620 16.19 -23.93 -4.58
N LEU C 621 15.83 -22.66 -4.38
CA LEU C 621 16.84 -21.62 -4.18
C LEU C 621 17.56 -21.81 -2.84
N THR C 622 16.83 -22.26 -1.84
CA THR C 622 17.41 -22.57 -0.54
C THR C 622 18.50 -23.61 -0.72
N GLU C 623 18.21 -24.64 -1.50
CA GLU C 623 19.19 -25.67 -1.82
C GLU C 623 20.36 -25.05 -2.60
N LYS C 624 20.04 -24.12 -3.50
CA LYS C 624 21.05 -23.43 -4.29
C LYS C 624 22.05 -22.65 -3.44
N MET C 625 21.60 -22.16 -2.29
CA MET C 625 22.48 -21.38 -1.43
C MET C 625 23.52 -22.25 -0.73
N LYS C 626 23.33 -23.57 -0.76
CA LYS C 626 24.32 -24.48 -0.20
C LYS C 626 25.51 -24.61 -1.15
N THR C 627 25.25 -24.36 -2.42
CA THR C 627 26.29 -24.46 -3.45
C THR C 627 27.24 -23.27 -3.45
N THR C 628 28.02 -23.15 -4.52
CA THR C 628 28.99 -22.07 -4.67
C THR C 628 28.38 -20.82 -5.32
N ILE C 629 27.22 -20.98 -5.95
CA ILE C 629 26.54 -19.86 -6.60
C ILE C 629 25.40 -19.38 -5.69
N GLN C 630 25.75 -18.48 -4.78
CA GLN C 630 24.81 -18.02 -3.77
C GLN C 630 24.05 -16.77 -4.20
N ARG C 631 23.36 -16.87 -5.34
CA ARG C 631 22.50 -15.80 -5.82
C ARG C 631 21.23 -16.37 -6.45
N GLY C 632 20.18 -15.55 -6.49
CA GLY C 632 18.92 -15.93 -7.09
C GLY C 632 18.35 -14.78 -7.91
N LEU C 633 17.62 -15.13 -8.96
CA LEU C 633 17.00 -14.13 -9.83
C LEU C 633 15.63 -14.59 -10.26
N VAL C 634 14.61 -13.89 -9.79
CA VAL C 634 13.23 -14.24 -10.12
C VAL C 634 12.56 -13.11 -10.88
N LEU C 635 12.13 -13.40 -12.10
CA LEU C 635 11.44 -12.41 -12.91
C LEU C 635 9.94 -12.65 -12.85
N ARG C 636 9.17 -11.57 -12.82
CA ARG C 636 7.71 -11.67 -12.76
C ARG C 636 7.02 -10.77 -13.78
N ASN C 637 6.27 -11.38 -14.69
CA ASN C 637 5.42 -10.60 -15.57
C ASN C 637 4.40 -9.82 -14.74
N GLU C 638 4.27 -8.53 -15.01
CA GLU C 638 3.44 -7.61 -14.25
C GLU C 638 2.00 -8.09 -14.03
N SER C 639 1.43 -8.77 -15.02
CA SER C 639 0.02 -9.20 -14.93
C SER C 639 -0.14 -10.71 -14.87
N CYS C 640 0.90 -11.41 -14.44
CA CYS C 640 0.88 -12.87 -14.40
C CYS C 640 -0.12 -13.42 -13.40
N SER C 641 -0.41 -12.66 -12.35
CA SER C 641 -1.36 -13.08 -11.32
C SER C 641 -2.00 -11.88 -10.62
N GLU C 642 -3.29 -11.99 -10.32
CA GLU C 642 -4.01 -10.93 -9.61
C GLU C 642 -3.66 -10.87 -8.12
N ASN C 643 -3.59 -12.04 -7.48
CA ASN C 643 -3.24 -12.11 -6.06
C ASN C 643 -1.75 -12.22 -5.83
N TYR C 644 -1.10 -13.08 -6.61
CA TYR C 644 0.33 -13.31 -6.42
C TYR C 644 1.12 -12.22 -7.15
N THR C 645 1.17 -11.07 -6.49
CA THR C 645 1.83 -9.87 -7.00
C THR C 645 3.34 -9.94 -6.83
N THR C 646 4.03 -8.89 -7.27
CA THR C 646 5.46 -8.77 -7.06
C THR C 646 5.74 -8.70 -5.56
N ASP C 647 4.96 -7.88 -4.86
CA ASP C 647 5.07 -7.76 -3.41
C ASP C 647 4.84 -9.10 -2.74
N PHE C 648 3.77 -9.80 -3.12
CA PHE C 648 3.45 -11.10 -2.55
C PHE C 648 4.64 -12.06 -2.64
N ILE C 649 5.15 -12.25 -3.86
CA ILE C 649 6.26 -13.15 -4.12
C ILE C 649 7.48 -12.74 -3.29
N TYR C 650 7.73 -11.43 -3.24
CA TYR C 650 8.84 -10.91 -2.45
C TYR C 650 8.71 -11.28 -0.97
N GLN C 651 7.51 -11.13 -0.42
CA GLN C 651 7.26 -11.44 0.99
C GLN C 651 7.41 -12.94 1.26
N LEU C 652 6.86 -13.76 0.39
CA LEU C 652 6.96 -15.21 0.54
C LEU C 652 8.42 -15.67 0.52
N TYR C 653 9.16 -15.26 -0.51
CA TYR C 653 10.57 -15.63 -0.63
C TYR C 653 11.38 -15.11 0.55
N SER C 654 11.12 -13.88 0.94
CA SER C 654 11.80 -13.25 2.06
C SER C 654 11.61 -14.04 3.34
N GLU C 655 10.35 -14.36 3.64
CA GLU C 655 10.03 -15.04 4.87
C GLU C 655 10.55 -16.47 4.91
N GLU C 656 10.32 -17.24 3.85
CA GLU C 656 10.75 -18.64 3.85
C GLU C 656 12.26 -18.80 3.70
N GLY C 657 12.91 -17.76 3.17
CA GLY C 657 14.35 -17.76 2.98
C GLY C 657 15.17 -17.12 4.09
N LYS C 658 14.51 -16.71 5.17
CA LYS C 658 15.13 -15.85 6.18
C LYS C 658 16.50 -16.24 6.71
N GLY C 659 16.66 -17.47 7.16
CA GLY C 659 17.94 -17.91 7.73
C GLY C 659 18.97 -18.26 6.67
N VAL C 660 18.56 -18.15 5.41
CA VAL C 660 19.33 -18.59 4.27
C VAL C 660 19.62 -17.49 3.24
N PHE C 661 18.63 -16.67 2.93
CA PHE C 661 18.85 -15.53 2.04
C PHE C 661 17.86 -14.38 2.27
N ASP C 662 18.20 -13.21 1.76
CA ASP C 662 17.28 -12.07 1.81
C ASP C 662 17.00 -11.60 0.38
N CYS C 663 15.97 -10.79 0.23
CA CYS C 663 15.55 -10.38 -1.11
C CYS C 663 15.61 -8.88 -1.34
N ARG C 664 15.54 -8.51 -2.60
CA ARG C 664 15.35 -7.13 -3.00
C ARG C 664 14.33 -7.12 -4.14
N LYS C 665 13.45 -6.13 -4.15
CA LYS C 665 12.44 -6.07 -5.19
C LYS C 665 12.66 -4.90 -6.13
N ASN C 666 12.50 -5.14 -7.42
CA ASN C 666 12.63 -4.09 -8.43
C ASN C 666 11.54 -4.15 -9.50
N VAL C 667 10.91 -3.01 -9.74
CA VAL C 667 9.96 -2.87 -10.83
C VAL C 667 10.59 -1.98 -11.90
N LEU C 668 11.06 -2.59 -12.98
CA LEU C 668 11.84 -1.89 -14.00
C LEU C 668 11.15 -0.63 -14.55
N GLY C 669 9.88 -0.75 -14.94
CA GLY C 669 9.17 0.42 -15.43
C GLY C 669 9.41 0.79 -16.88
N HIS C 670 9.03 2.01 -17.22
CA HIS C 670 8.98 2.43 -18.62
C HIS C 670 10.37 2.55 -19.25
N MET C 671 11.41 2.40 -18.44
CA MET C 671 12.77 2.38 -18.98
C MET C 671 12.91 1.22 -19.95
N GLN C 672 12.01 0.24 -19.84
CA GLN C 672 12.02 -0.92 -20.71
C GLN C 672 11.66 -0.57 -22.15
N GLN C 673 11.08 0.61 -22.36
CA GLN C 673 10.80 1.06 -23.73
C GLN C 673 12.14 1.38 -24.40
N GLY C 674 13.15 1.57 -23.54
CA GLY C 674 14.51 1.77 -23.98
C GLY C 674 14.94 3.20 -24.23
N GLY C 675 16.17 3.36 -24.68
CA GLY C 675 16.69 4.65 -25.08
C GLY C 675 16.76 4.60 -26.59
N ALA C 676 17.97 4.45 -27.12
CA ALA C 676 18.12 4.26 -28.56
C ALA C 676 17.66 2.84 -28.88
N PRO C 677 17.01 2.65 -30.04
CA PRO C 677 16.54 1.32 -30.40
C PRO C 677 17.72 0.38 -30.64
N SER C 678 17.58 -0.88 -30.26
CA SER C 678 18.60 -1.88 -30.58
C SER C 678 18.74 -1.96 -32.10
N PRO C 679 19.94 -2.33 -32.58
CA PRO C 679 20.18 -2.50 -34.02
C PRO C 679 19.14 -3.38 -34.70
N PHE C 680 18.82 -4.49 -34.05
CA PHE C 680 17.79 -5.39 -34.54
C PHE C 680 16.45 -4.69 -34.72
N ASP C 681 16.02 -3.92 -33.74
CA ASP C 681 14.73 -3.23 -33.84
C ASP C 681 14.73 -2.16 -34.93
N ARG C 682 15.87 -1.49 -35.11
CA ARG C 682 16.01 -0.49 -36.17
C ARG C 682 15.80 -1.14 -37.52
N ASN C 683 16.57 -2.20 -37.77
CA ASN C 683 16.47 -2.92 -39.04
C ASN C 683 15.10 -3.57 -39.25
N PHE C 684 14.54 -4.10 -38.18
CA PHE C 684 13.24 -4.74 -38.19
C PHE C 684 12.18 -3.75 -38.68
N GLY C 685 12.10 -2.61 -38.01
CA GLY C 685 11.14 -1.57 -38.36
C GLY C 685 11.32 -1.15 -39.80
N THR C 686 12.59 -0.89 -40.14
CA THR C 686 12.96 -0.45 -41.48
C THR C 686 12.40 -1.40 -42.54
N LYS C 687 12.76 -2.67 -42.38
CA LYS C 687 12.46 -3.72 -43.34
C LYS C 687 10.95 -3.97 -43.49
N ILE C 688 10.24 -4.29 -42.40
CA ILE C 688 8.81 -4.55 -42.56
C ILE C 688 8.09 -3.32 -43.07
N SER C 689 8.49 -2.12 -42.64
CA SER C 689 7.80 -0.93 -43.12
C SER C 689 7.96 -0.79 -44.63
N ALA C 690 9.18 -1.06 -45.11
CA ALA C 690 9.44 -1.05 -46.54
C ALA C 690 8.53 -2.04 -47.28
N ARG C 691 8.50 -3.28 -46.81
CA ARG C 691 7.63 -4.28 -47.45
C ARG C 691 6.14 -3.91 -47.42
N ALA C 692 5.68 -3.44 -46.27
CA ALA C 692 4.30 -3.02 -46.09
C ALA C 692 3.93 -1.95 -47.10
N MET C 693 4.84 -0.97 -47.26
CA MET C 693 4.60 0.10 -48.23
C MET C 693 4.54 -0.48 -49.64
N GLU C 694 5.37 -1.49 -49.92
CA GLU C 694 5.31 -2.18 -51.20
C GLU C 694 3.90 -2.73 -51.44
N TRP C 695 3.36 -3.37 -50.41
CA TRP C 695 2.00 -3.90 -50.46
C TRP C 695 0.96 -2.83 -50.73
N ILE C 696 1.09 -1.70 -50.04
CA ILE C 696 0.19 -0.57 -50.24
C ILE C 696 0.21 -0.11 -51.70
N THR C 697 1.42 0.02 -52.25
CA THR C 697 1.58 0.45 -53.63
C THR C 697 1.00 -0.55 -54.62
N ALA C 698 1.16 -1.84 -54.32
CA ALA C 698 0.59 -2.88 -55.17
C ALA C 698 -0.93 -2.81 -55.17
N LYS C 699 -1.49 -2.60 -53.98
CA LYS C 699 -2.94 -2.50 -53.82
C LYS C 699 -3.53 -1.27 -54.51
N LEU C 700 -2.85 -0.13 -54.41
CA LEU C 700 -3.33 1.09 -55.02
C LEU C 700 -3.25 1.04 -56.55
N LYS C 701 -2.31 0.24 -57.07
CA LYS C 701 -2.11 0.12 -58.51
C LYS C 701 -3.24 -0.60 -59.25
N GLU C 702 -4.20 -1.14 -58.52
CA GLU C 702 -5.35 -1.78 -59.16
C GLU C 702 -6.26 -0.73 -59.78
N PHE C 710 -14.12 0.95 -52.26
CA PHE C 710 -14.28 -0.41 -52.78
C PHE C 710 -13.21 -1.36 -52.25
N THR C 711 -13.60 -2.28 -51.36
CA THR C 711 -12.69 -3.25 -50.76
C THR C 711 -13.38 -4.41 -50.02
N THR C 712 -12.56 -5.36 -49.57
CA THR C 712 -13.04 -6.61 -48.96
C THR C 712 -12.42 -6.82 -47.58
N ASP C 713 -11.86 -7.99 -47.36
CA ASP C 713 -11.29 -8.35 -46.05
C ASP C 713 -9.77 -8.46 -46.11
N ASP C 714 -9.25 -8.81 -47.28
CA ASP C 714 -7.81 -8.94 -47.47
C ASP C 714 -7.14 -7.59 -47.68
N SER C 715 -7.94 -6.53 -47.71
CA SER C 715 -7.43 -5.18 -47.82
C SER C 715 -6.99 -4.58 -46.48
N ILE C 716 -7.38 -5.24 -45.40
CA ILE C 716 -6.99 -4.79 -44.07
C ILE C 716 -6.19 -5.90 -43.39
N CYS C 717 -4.87 -5.73 -43.39
CA CYS C 717 -3.98 -6.78 -42.94
C CYS C 717 -3.01 -6.41 -41.82
N VAL C 718 -2.47 -7.45 -41.22
CA VAL C 718 -1.34 -7.37 -40.33
C VAL C 718 -0.17 -8.02 -41.03
N LEU C 719 0.90 -7.27 -41.22
CA LEU C 719 2.12 -7.83 -41.80
C LEU C 719 2.99 -8.33 -40.66
N GLY C 720 3.10 -9.64 -40.51
CA GLY C 720 3.84 -10.19 -39.39
C GLY C 720 4.84 -11.27 -39.74
N ILE C 721 5.69 -11.61 -38.77
CA ILE C 721 6.66 -12.67 -38.97
C ILE C 721 6.10 -14.00 -38.51
N SER C 722 5.96 -14.92 -39.44
CA SER C 722 5.56 -16.28 -39.10
C SER C 722 6.60 -17.24 -39.66
N LYS C 723 7.14 -18.07 -38.77
CA LYS C 723 8.18 -19.02 -39.12
C LYS C 723 9.34 -18.32 -39.81
N ARG C 724 9.51 -18.63 -41.09
CA ARG C 724 10.65 -18.16 -41.85
C ARG C 724 10.28 -17.01 -42.79
N ASN C 725 9.00 -16.66 -42.86
CA ASN C 725 8.55 -15.61 -43.78
C ASN C 725 7.76 -14.49 -43.13
N VAL C 726 7.73 -13.34 -43.79
CA VAL C 726 6.84 -12.25 -43.39
C VAL C 726 5.60 -12.32 -44.28
N ILE C 727 4.45 -12.49 -43.64
CA ILE C 727 3.20 -12.66 -44.38
C ILE C 727 2.10 -11.69 -43.96
N PHE C 728 1.21 -11.45 -44.91
CA PHE C 728 0.04 -10.60 -44.71
C PHE C 728 -1.16 -11.42 -44.27
N GLN C 729 -1.76 -11.03 -43.14
CA GLN C 729 -2.91 -11.75 -42.62
C GLN C 729 -4.09 -10.81 -42.42
N PRO C 730 -5.21 -11.10 -43.07
CA PRO C 730 -6.42 -10.30 -42.84
C PRO C 730 -6.82 -10.38 -41.38
N VAL C 731 -7.17 -9.25 -40.78
CA VAL C 731 -7.49 -9.17 -39.36
C VAL C 731 -8.60 -10.15 -38.97
N ALA C 732 -9.52 -10.38 -39.90
CA ALA C 732 -10.63 -11.29 -39.69
C ALA C 732 -10.16 -12.71 -39.39
N GLU C 733 -9.10 -13.14 -40.06
CA GLU C 733 -8.53 -14.46 -39.78
C GLU C 733 -7.89 -14.49 -38.41
N LEU C 734 -7.32 -13.35 -38.02
CA LEU C 734 -6.58 -13.25 -36.78
C LEU C 734 -7.46 -13.17 -35.54
N LYS C 735 -8.71 -12.74 -35.70
CA LYS C 735 -9.62 -12.68 -34.55
C LYS C 735 -9.70 -13.98 -33.76
N LYS C 736 -9.91 -15.09 -34.47
CA LYS C 736 -10.00 -16.41 -33.86
C LYS C 736 -8.64 -16.86 -33.31
N GLN C 737 -7.60 -16.12 -33.70
CA GLN C 737 -6.23 -16.41 -33.33
C GLN C 737 -5.84 -15.50 -32.17
N THR C 738 -6.83 -14.81 -31.61
CA THR C 738 -6.61 -13.81 -30.57
C THR C 738 -7.32 -14.10 -29.25
N ASP C 739 -6.62 -13.85 -28.14
CA ASP C 739 -7.24 -13.83 -26.82
C ASP C 739 -7.51 -12.36 -26.50
N PHE C 740 -8.69 -11.88 -26.86
CA PHE C 740 -9.02 -10.47 -26.68
C PHE C 740 -9.15 -10.06 -25.22
N GLU C 741 -9.37 -11.02 -24.34
CA GLU C 741 -9.55 -10.74 -22.92
C GLU C 741 -8.24 -10.31 -22.26
N HIS C 742 -7.14 -10.88 -22.72
CA HIS C 742 -5.83 -10.59 -22.14
C HIS C 742 -4.89 -9.94 -23.17
N ARG C 743 -5.44 -9.70 -24.36
CA ARG C 743 -4.71 -9.07 -25.45
C ARG C 743 -3.38 -9.74 -25.76
N ILE C 744 -3.43 -11.06 -25.95
CA ILE C 744 -2.25 -11.84 -26.32
C ILE C 744 -2.66 -12.86 -27.39
N PRO C 745 -1.70 -13.30 -28.22
CA PRO C 745 -2.05 -14.36 -29.17
C PRO C 745 -2.35 -15.68 -28.48
N LYS C 746 -3.31 -16.44 -29.02
CA LYS C 746 -3.71 -17.72 -28.44
C LYS C 746 -2.57 -18.74 -28.48
N GLU C 747 -1.73 -18.63 -29.50
CA GLU C 747 -0.59 -19.53 -29.66
C GLU C 747 0.70 -18.73 -29.79
N GLN C 748 1.63 -19.00 -28.90
CA GLN C 748 2.92 -18.29 -28.89
C GLN C 748 4.09 -19.27 -28.97
N TRP C 749 4.92 -19.12 -29.98
CA TRP C 749 6.02 -20.05 -30.25
C TRP C 749 6.98 -20.23 -29.07
N TRP C 750 7.39 -19.12 -28.47
CA TRP C 750 8.49 -19.13 -27.51
C TRP C 750 8.18 -19.91 -26.24
N LEU C 751 6.91 -20.27 -26.06
CA LEU C 751 6.50 -21.04 -24.89
C LEU C 751 7.16 -22.40 -24.91
N LYS C 752 7.45 -22.87 -26.13
CA LYS C 752 8.10 -24.15 -26.33
C LYS C 752 9.51 -24.17 -25.72
N LEU C 753 10.06 -22.98 -25.48
CA LEU C 753 11.37 -22.83 -24.85
C LEU C 753 11.34 -22.83 -23.32
N ARG C 754 10.16 -23.04 -22.73
CA ARG C 754 10.04 -22.97 -21.27
C ARG C 754 10.92 -23.93 -20.46
N PRO C 755 11.00 -25.22 -20.86
CA PRO C 755 11.86 -26.13 -20.08
C PRO C 755 13.32 -25.68 -19.96
N LEU C 756 13.79 -24.87 -20.89
CA LEU C 756 15.18 -24.37 -20.89
C LEU C 756 15.60 -23.60 -19.63
N MET C 757 14.69 -22.81 -19.07
CA MET C 757 14.97 -22.02 -17.86
C MET C 757 15.55 -22.86 -16.74
N LYS C 758 14.81 -23.90 -16.40
CA LYS C 758 15.18 -24.79 -15.31
C LYS C 758 16.51 -25.46 -15.63
N ILE C 759 16.63 -25.92 -16.88
CA ILE C 759 17.82 -26.59 -17.39
C ILE C 759 19.05 -25.70 -17.28
N LEU C 760 18.91 -24.42 -17.62
CA LEU C 760 20.05 -23.52 -17.62
C LEU C 760 20.22 -22.88 -16.25
N ALA C 761 19.30 -23.23 -15.35
CA ALA C 761 19.27 -22.75 -13.96
C ALA C 761 19.75 -21.31 -13.79
N SER D 24 21.94 43.47 -21.96
CA SER D 24 20.57 43.57 -22.44
C SER D 24 20.24 42.41 -23.36
N ALA D 25 21.14 42.14 -24.29
CA ALA D 25 20.99 41.00 -25.19
C ALA D 25 22.27 40.16 -25.16
N ILE D 26 22.10 38.84 -25.02
CA ILE D 26 23.24 37.95 -24.95
C ILE D 26 23.37 37.09 -26.20
N GLY D 27 24.59 36.98 -26.70
CA GLY D 27 24.88 36.10 -27.82
C GLY D 27 25.71 34.93 -27.31
N VAL D 28 25.29 33.72 -27.66
CA VAL D 28 26.02 32.52 -27.26
C VAL D 28 26.47 31.71 -28.48
N LEU D 29 27.72 31.24 -28.45
CA LEU D 29 28.25 30.42 -29.54
C LEU D 29 29.20 29.35 -29.02
N THR D 30 29.42 28.32 -29.83
CA THR D 30 30.36 27.26 -29.52
C THR D 30 31.47 27.25 -30.57
N SER D 31 32.72 27.33 -30.12
CA SER D 31 33.86 27.43 -31.03
C SER D 31 35.01 26.47 -30.74
N GLY D 32 35.40 25.72 -31.77
CA GLY D 32 36.55 24.83 -31.68
C GLY D 32 36.30 23.38 -31.27
N GLY D 33 36.94 22.95 -30.19
CA GLY D 33 36.85 21.57 -29.75
C GLY D 33 35.43 21.24 -29.34
N ASP D 34 34.98 20.03 -29.67
CA ASP D 34 33.57 19.63 -29.51
C ASP D 34 33.41 18.73 -28.31
N ALA D 35 32.94 19.33 -27.21
CA ALA D 35 32.79 18.64 -25.93
C ALA D 35 31.36 18.22 -25.64
N GLN D 36 31.22 17.11 -24.91
CA GLN D 36 29.92 16.67 -24.43
C GLN D 36 29.46 17.52 -23.26
N GLY D 37 28.25 18.05 -23.35
CA GLY D 37 27.73 18.91 -22.30
C GLY D 37 27.70 20.36 -22.73
N MET D 38 28.14 20.61 -23.96
CA MET D 38 28.09 21.95 -24.54
C MET D 38 26.64 22.39 -24.64
N ASN D 39 25.78 21.44 -24.99
CA ASN D 39 24.35 21.67 -25.09
C ASN D 39 23.70 22.05 -23.76
N ALA D 40 24.13 21.40 -22.68
CA ALA D 40 23.63 21.72 -21.35
C ALA D 40 24.02 23.14 -21.00
N ALA D 41 25.22 23.50 -21.40
CA ALA D 41 25.75 24.83 -21.21
C ALA D 41 24.91 25.88 -21.93
N VAL D 42 24.67 25.66 -23.22
CA VAL D 42 23.85 26.55 -24.04
C VAL D 42 22.44 26.68 -23.45
N ARG D 43 21.90 25.56 -22.99
CA ARG D 43 20.58 25.53 -22.36
C ARG D 43 20.57 26.44 -21.15
N ALA D 44 21.57 26.26 -20.29
CA ALA D 44 21.70 27.06 -19.08
C ALA D 44 21.85 28.55 -19.38
N VAL D 45 22.62 28.87 -20.42
CA VAL D 45 22.82 30.27 -20.82
C VAL D 45 21.52 30.90 -21.28
N VAL D 46 20.84 30.24 -22.21
CA VAL D 46 19.57 30.73 -22.72
C VAL D 46 18.56 30.94 -21.60
N ARG D 47 18.35 29.90 -20.80
CA ARG D 47 17.32 29.96 -19.76
C ARG D 47 17.63 30.92 -18.61
N MET D 48 18.85 30.88 -18.10
CA MET D 48 19.26 31.85 -17.08
C MET D 48 19.16 33.27 -17.62
N GLY D 49 19.47 33.43 -18.90
CA GLY D 49 19.35 34.71 -19.58
C GLY D 49 17.92 35.23 -19.65
N ILE D 50 17.01 34.39 -20.12
CA ILE D 50 15.61 34.75 -20.21
C ILE D 50 15.04 35.05 -18.82
N TYR D 51 15.43 34.21 -17.87
CA TYR D 51 15.00 34.35 -16.48
C TYR D 51 15.33 35.72 -15.89
N VAL D 52 16.53 36.22 -16.16
CA VAL D 52 16.94 37.53 -15.65
C VAL D 52 16.43 38.65 -16.54
N GLY D 53 15.62 38.30 -17.54
CA GLY D 53 14.98 39.29 -18.39
C GLY D 53 15.78 39.75 -19.60
N ALA D 54 16.78 38.96 -20.00
CA ALA D 54 17.60 39.32 -21.17
C ALA D 54 17.16 38.57 -22.42
N LYS D 55 17.52 39.13 -23.58
CA LYS D 55 17.27 38.50 -24.88
C LYS D 55 18.48 37.65 -25.26
N VAL D 56 18.27 36.36 -25.46
CA VAL D 56 19.36 35.46 -25.83
C VAL D 56 19.28 35.06 -27.30
N TYR D 57 20.43 35.09 -27.97
CA TYR D 57 20.52 34.69 -29.37
C TYR D 57 21.53 33.55 -29.59
N PHE D 58 21.15 32.60 -30.45
CA PHE D 58 22.08 31.59 -30.92
C PHE D 58 22.96 32.19 -32.02
N ILE D 59 24.25 31.88 -31.95
CA ILE D 59 25.19 32.20 -33.01
C ILE D 59 25.73 30.88 -33.55
N TYR D 60 25.20 30.46 -34.70
CA TYR D 60 25.56 29.18 -35.30
C TYR D 60 26.96 29.21 -35.88
N GLU D 61 27.54 28.02 -36.05
CA GLU D 61 28.84 27.87 -36.72
C GLU D 61 29.94 28.71 -36.07
N GLY D 62 29.94 28.79 -34.74
CA GLY D 62 30.91 29.59 -34.02
C GLY D 62 30.99 31.03 -34.51
N TYR D 63 32.22 31.53 -34.67
CA TYR D 63 32.46 32.91 -35.10
C TYR D 63 32.01 33.15 -36.53
N GLN D 64 31.99 32.08 -37.30
CA GLN D 64 31.60 32.17 -38.70
C GLN D 64 30.16 32.64 -38.84
N GLY D 65 29.29 32.18 -37.93
CA GLY D 65 27.94 32.69 -37.88
C GLY D 65 27.90 34.17 -37.56
N MET D 66 28.76 34.61 -36.65
CA MET D 66 28.85 36.01 -36.28
C MET D 66 29.24 36.88 -37.47
N VAL D 67 30.20 36.42 -38.26
CA VAL D 67 30.63 37.13 -39.45
C VAL D 67 29.55 37.12 -40.54
N ASP D 68 29.06 35.92 -40.84
CA ASP D 68 28.05 35.71 -41.88
C ASP D 68 26.73 36.41 -41.56
N GLY D 69 26.33 36.39 -40.30
CA GLY D 69 25.09 37.00 -39.87
C GLY D 69 23.85 36.32 -40.41
N GLY D 70 22.79 37.09 -40.60
CA GLY D 70 21.54 36.59 -41.14
C GLY D 70 20.90 35.45 -40.36
N SER D 71 20.83 34.28 -40.98
CA SER D 71 20.19 33.13 -40.38
C SER D 71 21.05 32.50 -39.30
N ASN D 72 22.34 32.80 -39.32
CA ASN D 72 23.29 32.22 -38.38
C ASN D 72 23.21 32.87 -37.00
N ILE D 73 22.40 33.92 -36.88
CA ILE D 73 22.12 34.54 -35.60
C ILE D 73 20.61 34.55 -35.40
N ALA D 74 20.11 33.65 -34.55
CA ALA D 74 18.67 33.49 -34.36
C ALA D 74 18.23 33.61 -32.91
N GLU D 75 17.08 34.25 -32.65
CA GLU D 75 16.59 34.39 -31.27
C GLU D 75 16.23 33.06 -30.64
N ALA D 76 16.60 32.91 -29.36
CA ALA D 76 16.29 31.70 -28.60
C ALA D 76 15.10 31.90 -27.67
N ASP D 77 14.18 30.96 -27.68
CA ASP D 77 13.07 30.96 -26.74
C ASP D 77 13.21 29.76 -25.82
N TRP D 78 12.38 29.69 -24.78
CA TRP D 78 12.44 28.61 -23.80
C TRP D 78 12.42 27.21 -24.42
N GLU D 79 11.61 27.02 -25.45
CA GLU D 79 11.46 25.72 -26.07
C GLU D 79 12.71 25.31 -26.86
N SER D 80 13.46 26.29 -27.36
CA SER D 80 14.66 26.02 -28.16
C SER D 80 15.63 25.03 -27.53
N VAL D 81 16.04 25.31 -26.30
CA VAL D 81 16.97 24.48 -25.54
C VAL D 81 16.38 23.21 -24.91
N SER D 82 15.16 22.85 -25.27
CA SER D 82 14.59 21.59 -24.80
C SER D 82 15.03 20.40 -25.65
N SER D 83 15.11 19.22 -25.02
CA SER D 83 15.54 17.99 -25.68
C SER D 83 16.95 18.13 -26.23
N ILE D 84 17.77 18.89 -25.53
CA ILE D 84 19.13 19.18 -25.96
C ILE D 84 20.14 18.79 -24.89
N LEU D 85 19.71 18.87 -23.64
CA LEU D 85 20.51 18.53 -22.46
C LEU D 85 21.24 17.19 -22.53
N GLN D 86 20.50 16.13 -22.82
CA GLN D 86 21.06 14.77 -22.83
C GLN D 86 21.85 14.45 -24.09
N VAL D 87 21.91 15.39 -25.03
CA VAL D 87 22.55 15.15 -26.32
C VAL D 87 23.97 15.73 -26.36
N GLY D 88 24.90 14.94 -26.89
CA GLY D 88 26.28 15.36 -27.04
C GLY D 88 26.52 16.40 -28.12
N GLY D 89 27.76 16.86 -28.22
CA GLY D 89 28.13 17.89 -29.17
C GLY D 89 27.47 19.22 -28.94
N THR D 90 27.43 20.04 -29.99
CA THR D 90 26.81 21.36 -29.90
C THR D 90 25.75 21.52 -30.99
N ILE D 91 24.51 21.69 -30.56
CA ILE D 91 23.37 21.79 -31.47
C ILE D 91 23.49 23.01 -32.40
N ILE D 92 24.19 24.04 -31.94
CA ILE D 92 24.36 25.26 -32.71
C ILE D 92 25.66 25.22 -33.50
N GLY D 93 26.30 24.06 -33.47
CA GLY D 93 27.48 23.80 -34.27
C GLY D 93 28.71 24.60 -33.93
N SER D 94 29.83 24.20 -34.51
CA SER D 94 31.11 24.84 -34.30
C SER D 94 31.91 24.71 -35.59
N ALA D 95 32.64 25.77 -35.95
CA ALA D 95 33.41 25.74 -37.17
C ALA D 95 34.63 26.65 -37.10
N ARG D 96 35.71 26.24 -37.77
CA ARG D 96 36.92 27.03 -37.82
C ARG D 96 36.70 28.30 -38.62
N CYS D 97 36.58 29.43 -37.95
CA CYS D 97 36.39 30.65 -38.68
C CYS D 97 37.67 31.16 -39.30
N GLN D 98 37.56 31.51 -40.57
CA GLN D 98 38.64 32.08 -41.37
C GLN D 98 38.58 33.59 -41.40
N ALA D 99 37.37 34.11 -41.57
CA ALA D 99 37.17 35.52 -41.80
C ALA D 99 37.37 36.34 -40.54
N PHE D 100 37.17 35.72 -39.37
CA PHE D 100 37.26 36.43 -38.11
C PHE D 100 38.71 36.79 -37.81
N ARG D 101 39.62 36.11 -38.51
CA ARG D 101 41.05 36.38 -38.35
C ARG D 101 41.41 37.66 -39.09
N THR D 102 40.46 38.16 -39.89
CA THR D 102 40.65 39.41 -40.61
C THR D 102 39.84 40.52 -39.96
N ARG D 103 40.35 41.74 -40.00
CA ARG D 103 39.65 42.87 -39.41
C ARG D 103 38.33 43.12 -40.12
N GLU D 104 38.30 42.90 -41.43
CA GLU D 104 37.09 43.07 -42.23
C GLU D 104 35.97 42.17 -41.71
N GLY D 105 36.35 40.94 -41.38
CA GLY D 105 35.41 39.97 -40.85
C GLY D 105 34.95 40.36 -39.46
N ARG D 106 35.86 40.96 -38.70
CA ARG D 106 35.53 41.43 -37.35
C ARG D 106 34.59 42.64 -37.39
N LEU D 107 34.71 43.46 -38.43
CA LEU D 107 33.77 44.54 -38.66
C LEU D 107 32.40 43.96 -39.02
N LYS D 108 32.41 42.96 -39.90
CA LYS D 108 31.16 42.27 -40.24
C LYS D 108 30.47 41.75 -39.00
N ALA D 109 31.19 40.96 -38.21
CA ALA D 109 30.65 40.37 -36.98
C ALA D 109 30.14 41.44 -36.01
N ALA D 110 30.96 42.44 -35.72
CA ALA D 110 30.53 43.55 -34.87
C ALA D 110 29.20 44.15 -35.36
N CYS D 111 29.14 44.42 -36.66
CA CYS D 111 27.95 44.97 -37.29
C CYS D 111 26.73 44.09 -37.01
N ASN D 112 26.86 42.81 -37.33
CA ASN D 112 25.78 41.86 -37.12
C ASN D 112 25.32 41.79 -35.67
N LEU D 113 26.27 41.90 -34.74
CA LEU D 113 25.89 41.91 -33.33
C LEU D 113 25.07 43.15 -33.02
N LEU D 114 25.52 44.31 -33.50
CA LEU D 114 24.81 45.56 -33.27
C LEU D 114 23.41 45.58 -33.83
N GLN D 115 23.22 44.91 -34.97
CA GLN D 115 21.90 44.83 -35.58
C GLN D 115 20.90 44.23 -34.59
N ARG D 116 21.39 43.32 -33.75
CA ARG D 116 20.56 42.65 -32.78
C ARG D 116 20.64 43.26 -31.38
N GLY D 117 21.44 44.30 -31.23
CA GLY D 117 21.62 44.93 -29.93
C GLY D 117 22.39 44.01 -28.99
N ILE D 118 23.12 43.05 -29.56
CA ILE D 118 23.92 42.12 -28.79
C ILE D 118 25.25 42.77 -28.40
N THR D 119 25.48 42.86 -27.09
CA THR D 119 26.67 43.51 -26.57
C THR D 119 27.24 42.64 -25.46
N ASN D 120 26.61 41.47 -25.27
CA ASN D 120 27.08 40.49 -24.30
C ASN D 120 27.32 39.15 -25.01
N LEU D 121 28.49 38.58 -24.81
CA LEU D 121 28.88 37.36 -25.50
C LEU D 121 29.32 36.24 -24.55
N CYS D 122 28.78 35.05 -24.79
CA CYS D 122 29.22 33.85 -24.07
C CYS D 122 29.84 32.90 -25.09
N VAL D 123 31.16 32.73 -25.00
CA VAL D 123 31.88 31.85 -25.93
C VAL D 123 32.22 30.53 -25.26
N ILE D 124 31.68 29.44 -25.79
CA ILE D 124 31.98 28.12 -25.27
C ILE D 124 32.94 27.39 -26.21
N GLY D 125 34.10 26.97 -25.70
CA GLY D 125 35.06 26.28 -26.55
C GLY D 125 36.45 26.08 -26.01
N GLY D 126 37.37 25.77 -26.91
CA GLY D 126 38.75 25.47 -26.57
C GLY D 126 39.56 26.67 -26.15
N ASP D 127 40.87 26.45 -26.06
CA ASP D 127 41.81 27.45 -25.57
C ASP D 127 41.78 28.76 -26.38
N GLY D 128 42.25 28.70 -27.62
CA GLY D 128 42.36 29.90 -28.42
C GLY D 128 41.04 30.52 -28.83
N SER D 129 39.95 29.77 -28.63
CA SER D 129 38.62 30.23 -29.00
C SER D 129 38.19 31.44 -28.17
N LEU D 130 38.69 31.52 -26.94
CA LEU D 130 38.35 32.63 -26.05
C LEU D 130 39.18 33.88 -26.37
N THR D 131 40.44 33.65 -26.74
CA THR D 131 41.38 34.74 -27.02
C THR D 131 40.89 35.62 -28.17
N GLY D 132 40.20 35.01 -29.13
CA GLY D 132 39.64 35.74 -30.25
C GLY D 132 38.59 36.71 -29.76
N ALA D 133 37.82 36.27 -28.77
CA ALA D 133 36.80 37.10 -28.15
C ALA D 133 37.44 38.21 -27.35
N ASN D 134 38.56 37.91 -26.69
CA ASN D 134 39.28 38.93 -25.94
C ASN D 134 39.83 40.03 -26.84
N LEU D 135 40.43 39.65 -27.95
CA LEU D 135 40.93 40.64 -28.92
C LEU D 135 39.76 41.41 -29.49
N PHE D 136 38.66 40.70 -29.74
CA PHE D 136 37.45 41.32 -30.25
C PHE D 136 36.94 42.40 -29.30
N ARG D 137 37.05 42.11 -28.00
CA ARG D 137 36.65 43.07 -26.97
C ARG D 137 37.57 44.28 -26.99
N LYS D 138 38.88 44.03 -26.95
CA LYS D 138 39.86 45.10 -26.96
C LYS D 138 39.81 45.88 -28.27
N GLU D 139 39.37 45.22 -29.35
CA GLU D 139 39.34 45.85 -30.66
C GLU D 139 37.95 46.39 -30.95
N TRP D 140 37.16 46.57 -29.90
CA TRP D 140 35.77 46.93 -30.09
C TRP D 140 35.74 48.28 -30.81
N SER D 141 36.87 49.00 -30.84
CA SER D 141 36.96 50.21 -31.65
C SER D 141 37.05 49.89 -33.16
N GLY D 142 36.95 48.61 -33.50
CA GLY D 142 36.65 48.21 -34.87
C GLY D 142 35.31 48.78 -35.24
N LEU D 143 34.52 48.99 -34.20
CA LEU D 143 33.21 49.61 -34.31
C LEU D 143 33.37 51.06 -34.79
N LEU D 144 34.41 51.73 -34.28
CA LEU D 144 34.66 53.12 -34.67
C LEU D 144 34.90 53.13 -36.16
N GLU D 145 35.42 52.03 -36.68
CA GLU D 145 35.73 52.07 -38.09
C GLU D 145 34.48 52.23 -38.94
N GLU D 146 33.39 51.59 -38.52
CA GLU D 146 32.17 51.68 -39.30
C GLU D 146 31.53 53.06 -39.17
N LEU D 147 32.00 53.90 -38.24
CA LEU D 147 31.39 55.23 -38.17
C LEU D 147 32.09 56.08 -39.21
N ALA D 148 33.37 55.80 -39.39
CA ALA D 148 34.16 56.44 -40.43
C ALA D 148 33.68 55.99 -41.81
N ARG D 149 33.34 54.70 -41.88
CA ARG D 149 32.81 54.07 -43.08
C ARG D 149 31.27 54.18 -43.15
N ASN D 150 30.72 55.09 -42.35
CA ASN D 150 29.26 55.33 -42.20
C ASN D 150 28.36 54.09 -42.30
N GLY D 151 28.94 52.91 -42.06
CA GLY D 151 28.23 51.65 -42.08
C GLY D 151 27.03 51.61 -41.14
N GLN D 152 27.07 52.42 -40.08
CA GLN D 152 25.91 52.58 -39.22
C GLN D 152 25.92 54.00 -38.66
N ILE D 153 24.75 54.43 -38.22
CA ILE D 153 24.50 55.79 -37.79
C ILE D 153 25.29 56.13 -36.50
N ASP D 154 25.32 57.41 -36.15
CA ASP D 154 25.95 57.88 -34.91
C ASP D 154 25.04 57.54 -33.71
N LYS D 155 25.36 58.01 -32.51
CA LYS D 155 24.59 57.62 -31.31
C LYS D 155 24.48 56.10 -31.03
N GLU D 156 24.93 55.24 -31.94
CA GLU D 156 25.13 53.84 -31.59
C GLU D 156 26.57 53.80 -31.14
N ALA D 157 27.37 54.69 -31.74
CA ALA D 157 28.78 54.76 -31.43
C ALA D 157 28.97 54.94 -29.93
N VAL D 158 28.42 55.99 -29.35
CA VAL D 158 28.65 56.19 -27.92
C VAL D 158 27.79 55.21 -27.09
N GLN D 159 26.65 54.78 -27.64
CA GLN D 159 25.74 53.89 -26.91
C GLN D 159 26.14 52.42 -26.76
N LYS D 160 26.70 51.82 -27.80
CA LYS D 160 27.06 50.42 -27.70
C LYS D 160 28.53 50.19 -27.85
N TYR D 161 29.29 51.24 -28.06
CA TYR D 161 30.71 51.01 -27.94
C TYR D 161 30.99 50.82 -26.45
N ALA D 162 32.15 50.22 -26.12
CA ALA D 162 32.62 49.97 -24.75
C ALA D 162 31.68 49.11 -23.93
N TYR D 163 30.61 48.66 -24.57
CA TYR D 163 29.63 47.83 -23.89
C TYR D 163 29.68 46.39 -24.38
N LEU D 164 30.85 45.93 -24.81
CA LEU D 164 30.98 44.53 -25.17
C LEU D 164 31.53 43.72 -24.00
N ASN D 165 30.65 42.99 -23.36
CA ASN D 165 31.02 42.12 -22.24
C ASN D 165 31.27 40.71 -22.74
N VAL D 166 32.39 40.12 -22.35
CA VAL D 166 32.74 38.78 -22.83
C VAL D 166 32.96 37.78 -21.70
N VAL D 167 32.40 36.59 -21.84
CA VAL D 167 32.65 35.54 -20.85
C VAL D 167 32.98 34.27 -21.61
N GLY D 168 33.99 33.57 -21.13
CA GLY D 168 34.45 32.36 -21.76
C GLY D 168 34.09 31.13 -20.94
N MET D 169 33.97 30.01 -21.65
CA MET D 169 33.70 28.74 -21.04
C MET D 169 34.60 27.71 -21.69
N VAL D 170 35.43 27.06 -20.89
CA VAL D 170 36.30 26.06 -21.46
C VAL D 170 35.45 24.84 -21.75
N GLY D 171 35.20 24.61 -23.03
CA GLY D 171 34.35 23.52 -23.45
C GLY D 171 35.08 22.61 -24.42
N SER D 172 36.31 22.26 -24.06
CA SER D 172 37.08 21.27 -24.82
C SER D 172 37.70 20.28 -23.85
N ILE D 173 38.09 19.12 -24.37
CA ILE D 173 38.71 18.09 -23.55
C ILE D 173 40.24 18.16 -23.71
N ASP D 174 40.91 18.55 -22.62
CA ASP D 174 42.37 18.60 -22.48
C ASP D 174 42.70 19.32 -21.18
N ASN D 175 41.68 19.40 -20.32
CA ASN D 175 41.68 20.19 -19.08
C ASN D 175 42.69 21.31 -19.11
N ASP D 176 42.46 22.27 -20.02
CA ASP D 176 43.29 23.46 -20.15
C ASP D 176 44.78 23.11 -20.30
N ASP D 181 40.01 22.46 -10.42
CA ASP D 181 39.43 22.76 -11.71
C ASP D 181 39.00 21.46 -12.42
N MET D 182 38.09 21.63 -13.38
CA MET D 182 37.51 20.58 -14.25
C MET D 182 36.82 21.27 -15.41
N THR D 183 36.98 20.72 -16.61
CA THR D 183 36.37 21.32 -17.79
C THR D 183 35.26 20.43 -18.35
N ILE D 184 34.32 21.05 -19.06
CA ILE D 184 33.17 20.31 -19.61
C ILE D 184 33.59 19.32 -20.69
N GLY D 185 33.15 18.08 -20.56
CA GLY D 185 33.42 17.04 -21.54
C GLY D 185 34.47 16.04 -21.10
N THR D 186 35.32 16.44 -20.16
CA THR D 186 36.37 15.56 -19.65
C THR D 186 35.82 14.27 -19.06
N ASP D 187 34.91 14.39 -18.09
CA ASP D 187 34.30 13.21 -17.48
C ASP D 187 33.65 12.30 -18.50
N SER D 188 32.89 12.89 -19.43
CA SER D 188 32.22 12.13 -20.48
C SER D 188 33.21 11.40 -21.38
N ALA D 189 34.30 12.08 -21.73
CA ALA D 189 35.33 11.48 -22.58
C ALA D 189 35.98 10.32 -21.85
N LEU D 190 36.24 10.52 -20.57
CA LEU D 190 36.79 9.50 -19.70
C LEU D 190 35.86 8.30 -19.64
N HIS D 191 34.56 8.58 -19.61
CA HIS D 191 33.53 7.55 -19.67
C HIS D 191 33.70 6.75 -20.96
N ARG D 192 33.82 7.45 -22.07
CA ARG D 192 34.00 6.82 -23.38
C ARG D 192 35.21 5.89 -23.41
N ILE D 193 36.35 6.42 -22.97
CA ILE D 193 37.59 5.66 -22.96
C ILE D 193 37.46 4.40 -22.11
N ILE D 194 36.98 4.58 -20.87
CA ILE D 194 36.85 3.45 -19.96
C ILE D 194 35.79 2.46 -20.45
N GLU D 195 34.81 2.94 -21.21
CA GLU D 195 33.84 2.07 -21.82
C GLU D 195 34.52 1.17 -22.83
N VAL D 196 35.37 1.78 -23.66
CA VAL D 196 36.15 1.02 -24.65
C VAL D 196 37.01 -0.03 -23.95
N VAL D 197 37.78 0.40 -22.95
CA VAL D 197 38.66 -0.50 -22.22
C VAL D 197 37.89 -1.68 -21.62
N ASP D 198 36.78 -1.38 -20.97
CA ASP D 198 35.91 -2.40 -20.38
C ASP D 198 35.43 -3.39 -21.43
N ALA D 199 35.10 -2.87 -22.62
CA ALA D 199 34.65 -3.73 -23.71
C ALA D 199 35.78 -4.65 -24.24
N ILE D 200 36.98 -4.09 -24.36
CA ILE D 200 38.15 -4.82 -24.84
C ILE D 200 38.55 -5.94 -23.85
N MET D 201 38.30 -5.65 -22.57
CA MET D 201 38.63 -6.55 -21.48
C MET D 201 37.90 -7.87 -21.63
N THR D 202 36.73 -7.78 -22.24
CA THR D 202 35.91 -8.95 -22.50
C THR D 202 36.43 -9.78 -23.65
N THR D 203 37.23 -9.20 -24.55
CA THR D 203 37.83 -9.92 -25.68
C THR D 203 39.21 -10.53 -25.49
N ALA D 204 40.08 -9.84 -24.75
CA ALA D 204 41.46 -10.32 -24.62
C ALA D 204 41.64 -11.51 -23.67
N GLN D 205 40.63 -12.37 -23.58
CA GLN D 205 40.84 -13.68 -22.96
C GLN D 205 41.27 -14.53 -24.14
N SER D 206 40.84 -14.09 -25.31
CA SER D 206 41.33 -14.68 -26.54
C SER D 206 42.82 -14.42 -26.63
N HIS D 207 43.57 -15.38 -26.09
CA HIS D 207 45.02 -15.32 -26.01
C HIS D 207 45.46 -14.19 -25.08
N GLN D 208 46.74 -14.18 -24.72
CA GLN D 208 47.25 -13.17 -23.82
C GLN D 208 47.67 -11.91 -24.57
N ARG D 209 46.68 -11.10 -24.93
CA ARG D 209 46.88 -9.89 -25.74
C ARG D 209 47.29 -8.65 -24.95
N THR D 210 48.02 -7.77 -25.64
CA THR D 210 48.48 -6.50 -25.10
C THR D 210 47.87 -5.37 -25.92
N PHE D 211 47.17 -4.45 -25.26
CA PHE D 211 46.50 -3.37 -25.98
C PHE D 211 47.12 -2.00 -25.77
N VAL D 212 47.48 -1.37 -26.89
CA VAL D 212 48.00 -0.01 -26.88
C VAL D 212 46.90 0.93 -27.30
N LEU D 213 46.41 1.73 -26.35
CA LEU D 213 45.28 2.60 -26.60
C LEU D 213 45.72 4.06 -26.67
N GLU D 214 45.46 4.68 -27.81
CA GLU D 214 45.84 6.07 -28.01
C GLU D 214 44.69 7.01 -27.69
N VAL D 215 44.84 7.80 -26.63
CA VAL D 215 43.79 8.72 -26.23
C VAL D 215 44.18 10.15 -26.58
N MET D 216 43.21 11.06 -26.46
CA MET D 216 43.35 12.41 -26.96
C MET D 216 44.10 13.35 -26.02
N GLY D 217 45.33 13.67 -26.39
CA GLY D 217 46.08 14.73 -25.74
C GLY D 217 47.12 15.31 -26.69
N ARG D 218 46.88 16.53 -27.15
CA ARG D 218 47.82 17.15 -28.08
C ARG D 218 48.99 17.74 -27.30
N HIS D 219 48.70 18.19 -26.08
CA HIS D 219 49.74 18.73 -25.20
C HIS D 219 49.48 18.34 -23.75
N CYS D 220 48.22 18.06 -23.42
CA CYS D 220 47.88 17.62 -22.07
C CYS D 220 47.74 16.11 -21.92
N GLY D 221 48.27 15.59 -20.82
CA GLY D 221 48.23 14.17 -20.54
C GLY D 221 47.27 13.79 -19.43
N TYR D 222 46.43 14.74 -19.04
CA TYR D 222 45.45 14.50 -17.98
C TYR D 222 44.59 13.30 -18.32
N LEU D 223 43.89 13.40 -19.45
CA LEU D 223 42.98 12.37 -19.91
C LEU D 223 43.61 10.98 -19.92
N ALA D 224 44.84 10.90 -20.42
CA ALA D 224 45.59 9.64 -20.45
C ALA D 224 45.87 9.12 -19.04
N LEU D 225 46.45 10.00 -18.22
CA LEU D 225 46.80 9.68 -16.85
C LEU D 225 45.61 9.13 -16.08
N VAL D 226 44.51 9.85 -16.15
CA VAL D 226 43.29 9.53 -15.43
C VAL D 226 42.62 8.27 -15.99
N SER D 227 42.74 8.05 -17.30
CA SER D 227 42.26 6.81 -17.91
C SER D 227 43.01 5.62 -17.33
N ALA D 228 44.34 5.76 -17.30
CA ALA D 228 45.23 4.74 -16.78
C ALA D 228 44.91 4.44 -15.31
N LEU D 229 44.71 5.50 -14.55
CA LEU D 229 44.34 5.36 -13.14
C LEU D 229 43.00 4.65 -13.00
N ALA D 230 42.10 4.90 -13.96
CA ALA D 230 40.75 4.35 -13.89
C ALA D 230 40.67 2.88 -14.31
N CYS D 231 41.60 2.42 -15.13
CA CYS D 231 41.55 1.03 -15.58
C CYS D 231 42.74 0.20 -15.06
N GLY D 232 43.54 0.80 -14.20
CA GLY D 232 44.72 0.15 -13.66
C GLY D 232 45.66 -0.27 -14.77
N ALA D 233 45.90 0.65 -15.71
CA ALA D 233 46.75 0.38 -16.87
C ALA D 233 48.16 -0.05 -16.44
N ASP D 234 48.76 -0.91 -17.26
CA ASP D 234 50.09 -1.44 -16.97
C ASP D 234 51.18 -0.42 -17.26
N TRP D 235 50.88 0.51 -18.17
CA TRP D 235 51.80 1.59 -18.47
C TRP D 235 51.05 2.77 -19.10
N VAL D 236 51.56 3.98 -18.87
CA VAL D 236 50.95 5.17 -19.47
C VAL D 236 52.03 6.11 -20.02
N PHE D 237 51.69 6.85 -21.07
CA PHE D 237 52.59 7.82 -21.67
C PHE D 237 51.96 9.21 -21.73
N LEU D 238 52.65 10.16 -21.11
CA LEU D 238 52.18 11.54 -20.97
C LEU D 238 53.14 12.51 -21.63
N PRO D 239 52.61 13.62 -22.17
CA PRO D 239 53.44 14.69 -22.73
C PRO D 239 54.17 15.48 -21.65
N GLU D 240 53.61 15.57 -20.45
CA GLU D 240 54.27 16.32 -19.38
C GLU D 240 55.43 15.57 -18.72
N SER D 241 55.23 14.30 -18.39
CA SER D 241 56.29 13.51 -17.77
C SER D 241 56.72 12.37 -18.68
N PRO D 242 57.75 12.60 -19.52
CA PRO D 242 58.23 11.57 -20.45
C PRO D 242 58.90 10.41 -19.70
N PRO D 243 58.97 9.23 -20.34
CA PRO D 243 59.62 8.10 -19.65
C PRO D 243 61.14 8.26 -19.63
N GLU D 244 61.75 7.81 -18.54
CA GLU D 244 63.20 7.88 -18.40
C GLU D 244 63.87 6.67 -19.04
N GLU D 245 65.01 6.88 -19.70
CA GLU D 245 65.77 5.77 -20.26
C GLU D 245 66.33 4.89 -19.13
N GLY D 246 66.31 3.57 -19.31
CA GLY D 246 65.80 2.92 -20.49
C GLY D 246 64.47 2.29 -20.18
N TRP D 247 63.41 3.03 -20.46
CA TRP D 247 62.04 2.62 -20.15
C TRP D 247 61.54 1.41 -20.93
N GLU D 248 61.99 1.24 -22.17
CA GLU D 248 61.54 0.12 -22.98
C GLU D 248 61.77 -1.22 -22.27
N GLU D 249 62.96 -1.37 -21.69
CA GLU D 249 63.27 -2.58 -20.95
C GLU D 249 62.40 -2.69 -19.69
N GLN D 250 62.25 -1.59 -18.94
CA GLN D 250 61.42 -1.58 -17.73
C GLN D 250 59.96 -1.99 -18.00
N MET D 251 59.38 -1.42 -19.06
CA MET D 251 58.02 -1.73 -19.45
C MET D 251 57.92 -3.20 -19.82
N CYS D 252 58.89 -3.67 -20.61
CA CYS D 252 58.87 -5.08 -21.02
C CYS D 252 59.02 -6.05 -19.83
N VAL D 253 59.87 -5.75 -18.86
CA VAL D 253 59.97 -6.60 -17.69
C VAL D 253 58.65 -6.56 -16.91
N LYS D 254 58.02 -5.38 -16.83
CA LYS D 254 56.71 -5.27 -16.18
C LYS D 254 55.69 -6.20 -16.85
N LEU D 255 55.68 -6.23 -18.18
CA LEU D 255 54.72 -7.06 -18.91
C LEU D 255 55.02 -8.56 -18.70
N SER D 256 56.30 -8.90 -18.75
CA SER D 256 56.71 -10.29 -18.62
C SER D 256 56.41 -10.83 -17.22
N GLU D 257 56.56 -9.98 -16.21
CA GLU D 257 56.17 -10.36 -14.86
C GLU D 257 54.64 -10.50 -14.80
N ASN D 258 53.93 -9.65 -15.55
CA ASN D 258 52.47 -9.78 -15.59
C ASN D 258 52.02 -11.16 -16.08
N ARG D 259 52.61 -11.68 -17.15
CA ARG D 259 52.26 -13.06 -17.55
C ARG D 259 52.84 -14.10 -16.59
N ALA D 260 53.98 -13.78 -15.97
CA ALA D 260 54.52 -14.63 -14.92
C ALA D 260 53.45 -14.74 -13.83
N ARG D 261 52.83 -13.61 -13.48
CA ARG D 261 51.68 -13.62 -12.56
C ARG D 261 50.44 -14.14 -13.24
N LYS D 262 50.56 -14.42 -14.53
CA LYS D 262 49.46 -14.96 -15.30
C LYS D 262 48.28 -13.99 -15.45
N LYS D 263 48.59 -12.71 -15.51
CA LYS D 263 47.58 -11.70 -15.83
C LYS D 263 47.23 -11.87 -17.31
N ARG D 264 45.98 -12.21 -17.58
CA ARG D 264 45.51 -12.59 -18.92
C ARG D 264 45.51 -11.44 -19.92
N LEU D 265 45.88 -10.23 -19.47
CA LEU D 265 45.84 -9.07 -20.34
C LEU D 265 46.93 -8.03 -20.06
N ASN D 266 47.05 -7.06 -20.97
CA ASN D 266 47.89 -5.89 -20.73
C ASN D 266 47.30 -4.65 -21.43
N ILE D 267 47.27 -3.52 -20.72
CA ILE D 267 46.76 -2.26 -21.29
C ILE D 267 47.81 -1.16 -21.19
N ILE D 268 48.15 -0.57 -22.32
CA ILE D 268 49.07 0.55 -22.35
C ILE D 268 48.34 1.78 -22.87
N ILE D 269 48.25 2.83 -22.05
CA ILE D 269 47.58 4.07 -22.44
C ILE D 269 48.58 5.08 -23.01
N VAL D 270 48.27 5.64 -24.19
CA VAL D 270 49.19 6.57 -24.85
C VAL D 270 48.52 7.90 -25.18
N ALA D 271 49.07 8.99 -24.65
CA ALA D 271 48.59 10.32 -25.03
C ALA D 271 48.96 10.60 -26.47
N GLU D 272 48.08 11.26 -27.23
CA GLU D 272 48.39 11.60 -28.62
C GLU D 272 49.76 12.27 -28.74
N GLY D 273 50.06 13.16 -27.80
CA GLY D 273 51.34 13.84 -27.77
C GLY D 273 52.37 13.19 -26.88
N ALA D 274 52.43 11.86 -26.90
CA ALA D 274 53.43 11.12 -26.12
C ALA D 274 54.82 11.56 -26.58
N ILE D 275 55.70 11.86 -25.62
CA ILE D 275 56.96 12.51 -25.93
C ILE D 275 58.19 11.83 -25.27
N ASP D 276 59.35 11.95 -25.92
CA ASP D 276 60.64 11.45 -25.43
C ASP D 276 61.24 12.41 -24.42
N THR D 277 62.40 12.08 -23.86
CA THR D 277 63.06 13.02 -22.96
C THR D 277 63.66 14.14 -23.82
N GLN D 278 63.80 13.85 -25.11
CA GLN D 278 64.30 14.79 -26.09
C GLN D 278 63.19 15.35 -26.97
N ASN D 279 61.97 15.31 -26.44
CA ASN D 279 60.79 15.79 -27.16
C ASN D 279 60.51 15.08 -28.49
N LYS D 280 61.03 13.86 -28.63
CA LYS D 280 60.68 13.05 -29.78
C LYS D 280 59.36 12.35 -29.50
N PRO D 281 58.48 12.27 -30.50
CA PRO D 281 57.19 11.64 -30.24
C PRO D 281 57.32 10.13 -30.03
N ILE D 282 56.44 9.57 -29.21
CA ILE D 282 56.38 8.13 -29.00
C ILE D 282 55.05 7.61 -29.54
N THR D 283 55.07 7.03 -30.74
CA THR D 283 53.83 6.57 -31.36
C THR D 283 53.38 5.25 -30.74
N SER D 284 52.11 4.91 -30.94
CA SER D 284 51.57 3.66 -30.46
C SER D 284 52.15 2.50 -31.25
N GLU D 285 52.37 2.73 -32.54
CA GLU D 285 52.98 1.75 -33.43
C GLU D 285 54.36 1.34 -32.93
N LYS D 286 55.15 2.32 -32.49
CA LYS D 286 56.47 2.07 -31.94
C LYS D 286 56.40 1.13 -30.74
N ILE D 287 55.41 1.38 -29.88
CA ILE D 287 55.21 0.58 -28.68
C ILE D 287 54.77 -0.86 -29.02
N LYS D 288 53.82 -0.99 -29.93
CA LYS D 288 53.40 -2.31 -30.42
C LYS D 288 54.57 -3.11 -30.95
N GLU D 289 55.35 -2.44 -31.81
CA GLU D 289 56.55 -3.01 -32.40
C GLU D 289 57.54 -3.44 -31.32
N LEU D 290 57.67 -2.61 -30.29
CA LEU D 290 58.55 -2.89 -29.16
C LEU D 290 58.13 -4.17 -28.44
N VAL D 291 56.86 -4.25 -28.07
CA VAL D 291 56.32 -5.40 -27.37
C VAL D 291 56.47 -6.67 -28.19
N VAL D 292 56.17 -6.58 -29.49
CA VAL D 292 56.28 -7.72 -30.40
C VAL D 292 57.73 -8.19 -30.59
N THR D 293 58.63 -7.25 -30.85
CA THR D 293 60.05 -7.55 -31.07
C THR D 293 60.74 -8.13 -29.84
N GLN D 294 60.53 -7.49 -28.69
CA GLN D 294 61.23 -7.88 -27.48
C GLN D 294 60.60 -9.09 -26.81
N LEU D 295 59.29 -9.07 -26.72
CA LEU D 295 58.58 -10.06 -25.94
C LEU D 295 57.75 -11.07 -26.76
N GLY D 296 57.36 -10.66 -27.97
CA GLY D 296 56.56 -11.53 -28.84
C GLY D 296 55.12 -11.80 -28.47
N TYR D 297 54.44 -10.81 -27.87
CA TYR D 297 53.03 -10.97 -27.51
C TYR D 297 52.13 -10.53 -28.65
N ASP D 298 50.91 -11.04 -28.63
CA ASP D 298 49.89 -10.60 -29.56
C ASP D 298 49.47 -9.17 -29.18
N THR D 299 50.00 -8.18 -29.88
CA THR D 299 49.71 -6.78 -29.56
C THR D 299 48.81 -6.14 -30.61
N ARG D 300 47.88 -5.32 -30.15
CA ARG D 300 47.02 -4.57 -31.05
C ARG D 300 46.97 -3.10 -30.64
N VAL D 301 46.96 -2.23 -31.64
CA VAL D 301 46.85 -0.79 -31.40
C VAL D 301 45.43 -0.33 -31.69
N THR D 302 44.93 0.55 -30.84
CA THR D 302 43.64 1.16 -31.08
C THR D 302 43.74 2.66 -30.87
N ILE D 303 43.47 3.41 -31.94
CA ILE D 303 43.38 4.85 -31.82
C ILE D 303 41.91 5.20 -31.64
N LEU D 304 41.51 5.50 -30.41
CA LEU D 304 40.12 5.75 -30.08
C LEU D 304 39.54 6.87 -30.93
N GLY D 305 40.23 8.01 -30.93
CA GLY D 305 39.81 9.14 -31.73
C GLY D 305 38.52 9.81 -31.26
N HIS D 306 37.72 10.20 -32.24
CA HIS D 306 36.60 11.10 -32.00
C HIS D 306 35.44 10.53 -31.17
N VAL D 307 35.43 9.23 -30.93
CA VAL D 307 34.44 8.66 -30.00
C VAL D 307 34.62 9.32 -28.64
N GLN D 308 35.89 9.62 -28.31
CA GLN D 308 36.20 10.30 -27.06
C GLN D 308 35.36 11.58 -26.91
N ARG D 309 35.08 12.23 -28.03
CA ARG D 309 34.23 13.43 -28.03
C ARG D 309 32.74 13.13 -28.10
N GLY D 310 32.37 11.91 -28.48
CA GLY D 310 30.97 11.61 -28.70
C GLY D 310 30.25 11.04 -27.50
N GLY D 311 29.08 10.45 -27.75
CA GLY D 311 28.28 9.87 -26.69
C GLY D 311 27.46 10.92 -25.97
N THR D 312 26.82 10.49 -24.89
CA THR D 312 25.98 11.39 -24.10
C THR D 312 26.78 11.98 -22.97
N PRO D 313 26.53 13.27 -22.66
CA PRO D 313 27.24 13.88 -21.54
C PRO D 313 26.89 13.19 -20.23
N SER D 314 27.90 12.92 -19.41
CA SER D 314 27.69 12.30 -18.11
C SER D 314 26.94 13.24 -17.18
N ALA D 315 26.41 12.70 -16.09
CA ALA D 315 25.71 13.49 -15.10
C ALA D 315 26.61 14.64 -14.61
N PHE D 316 27.86 14.30 -14.33
CA PHE D 316 28.84 15.29 -13.88
C PHE D 316 28.94 16.45 -14.85
N ASP D 317 29.16 16.14 -16.12
CA ASP D 317 29.33 17.17 -17.14
C ASP D 317 28.05 17.98 -17.34
N ARG D 318 26.89 17.34 -17.24
CA ARG D 318 25.62 18.06 -17.36
C ARG D 318 25.46 19.08 -16.24
N ILE D 319 25.69 18.65 -15.00
CA ILE D 319 25.56 19.53 -13.84
C ILE D 319 26.57 20.68 -13.92
N LEU D 320 27.81 20.31 -14.22
CA LEU D 320 28.90 21.28 -14.37
C LEU D 320 28.52 22.33 -15.40
N ALA D 321 28.15 21.88 -16.60
CA ALA D 321 27.77 22.76 -17.70
C ALA D 321 26.62 23.69 -17.32
N SER D 322 25.63 23.15 -16.62
CA SER D 322 24.48 23.96 -16.20
C SER D 322 24.93 25.11 -15.30
N ARG D 323 25.69 24.74 -14.26
CA ARG D 323 26.24 25.72 -13.33
C ARG D 323 27.11 26.76 -14.03
N MET D 324 27.93 26.30 -14.97
CA MET D 324 28.81 27.19 -15.72
C MET D 324 28.02 28.19 -16.57
N GLY D 325 27.01 27.71 -17.29
CA GLY D 325 26.17 28.60 -18.07
C GLY D 325 25.47 29.65 -17.22
N VAL D 326 24.93 29.21 -16.08
CA VAL D 326 24.24 30.13 -15.19
C VAL D 326 25.21 31.19 -14.65
N GLU D 327 26.36 30.72 -14.20
CA GLU D 327 27.41 31.60 -13.67
C GLU D 327 27.89 32.55 -14.75
N ALA D 328 27.82 32.10 -16.00
CA ALA D 328 28.22 32.90 -17.15
C ALA D 328 27.25 34.06 -17.33
N VAL D 329 25.95 33.77 -17.23
CA VAL D 329 24.95 34.82 -17.36
C VAL D 329 25.10 35.84 -16.23
N ILE D 330 25.27 35.34 -15.00
CA ILE D 330 25.48 36.21 -13.85
C ILE D 330 26.70 37.11 -14.06
N ALA D 331 27.79 36.50 -14.51
CA ALA D 331 29.03 37.21 -14.81
C ALA D 331 28.80 38.31 -15.84
N LEU D 332 28.00 38.00 -16.86
CA LEU D 332 27.70 38.97 -17.92
C LEU D 332 26.94 40.16 -17.39
N LEU D 333 26.02 39.90 -16.47
CA LEU D 333 25.23 40.99 -15.94
C LEU D 333 26.03 41.87 -15.00
N GLU D 334 26.80 41.25 -14.10
CA GLU D 334 27.60 41.99 -13.14
C GLU D 334 28.83 42.67 -13.77
N ALA D 335 29.07 42.41 -15.04
CA ALA D 335 30.23 42.96 -15.75
C ALA D 335 30.14 44.48 -15.96
N THR D 336 31.30 45.13 -15.90
CA THR D 336 31.42 46.57 -16.14
C THR D 336 32.44 46.79 -17.26
N PRO D 337 32.55 48.04 -17.78
CA PRO D 337 33.59 48.27 -18.79
C PRO D 337 35.00 48.02 -18.28
N ASP D 338 35.19 48.17 -16.97
CA ASP D 338 36.49 47.93 -16.35
C ASP D 338 36.75 46.44 -16.15
N THR D 339 35.68 45.69 -15.92
CA THR D 339 35.78 44.23 -15.76
C THR D 339 36.40 43.60 -17.01
N PRO D 340 37.51 42.88 -16.83
CA PRO D 340 38.20 42.25 -17.96
C PRO D 340 37.44 41.01 -18.43
N ALA D 341 37.77 40.51 -19.61
CA ALA D 341 37.16 39.28 -20.08
C ALA D 341 37.55 38.16 -19.13
N CYS D 342 36.57 37.38 -18.69
CA CYS D 342 36.83 36.31 -17.74
C CYS D 342 36.35 34.98 -18.28
N VAL D 343 36.85 33.91 -17.67
CA VAL D 343 36.45 32.55 -17.95
C VAL D 343 35.72 32.01 -16.72
N VAL D 344 34.46 31.61 -16.87
CA VAL D 344 33.74 31.04 -15.74
C VAL D 344 34.27 29.63 -15.49
N SER D 345 34.57 29.35 -14.23
CA SER D 345 35.15 28.06 -13.89
C SER D 345 34.65 27.54 -12.56
N LEU D 346 34.98 26.29 -12.30
CA LEU D 346 34.69 25.67 -11.03
C LEU D 346 36.02 25.40 -10.35
N ASN D 347 36.31 26.15 -9.30
CA ASN D 347 37.55 26.01 -8.58
C ASN D 347 37.31 25.36 -7.24
N GLY D 348 37.19 24.04 -7.25
CA GLY D 348 36.94 23.34 -6.03
C GLY D 348 35.52 23.43 -5.53
N ASN D 349 34.59 23.04 -6.40
CA ASN D 349 33.18 22.98 -6.05
C ASN D 349 32.62 24.36 -5.74
N HIS D 350 33.17 25.37 -6.41
CA HIS D 350 32.69 26.73 -6.28
C HIS D 350 32.75 27.49 -7.61
N ALA D 351 31.71 28.25 -7.92
CA ALA D 351 31.70 29.01 -9.17
C ALA D 351 32.54 30.28 -9.03
N VAL D 352 33.54 30.42 -9.88
CA VAL D 352 34.45 31.57 -9.84
C VAL D 352 34.74 32.13 -11.23
N ARG D 353 35.19 33.39 -11.29
CA ARG D 353 35.49 34.06 -12.54
C ARG D 353 36.98 34.35 -12.67
N LEU D 354 37.62 33.70 -13.64
CA LEU D 354 39.07 33.81 -13.80
C LEU D 354 39.46 34.78 -14.92
N PRO D 355 40.36 35.74 -14.65
CA PRO D 355 40.78 36.60 -15.77
C PRO D 355 41.43 35.80 -16.89
N LEU D 356 40.95 35.97 -18.12
CA LEU D 356 41.37 35.20 -19.29
C LEU D 356 42.89 35.19 -19.55
N MET D 357 43.46 36.40 -19.59
CA MET D 357 44.87 36.60 -19.91
C MET D 357 45.79 35.77 -19.02
N GLU D 358 45.42 35.66 -17.75
CA GLU D 358 46.17 34.83 -16.80
C GLU D 358 46.16 33.36 -17.22
N CYS D 359 45.01 32.89 -17.70
CA CYS D 359 44.88 31.50 -18.14
C CYS D 359 45.74 31.21 -19.36
N VAL D 360 45.66 32.10 -20.36
CA VAL D 360 46.44 31.90 -21.56
C VAL D 360 47.95 31.94 -21.19
N GLN D 361 48.29 32.83 -20.26
CA GLN D 361 49.67 32.93 -19.80
C GLN D 361 50.12 31.66 -19.08
N MET D 362 49.18 31.00 -18.43
CA MET D 362 49.47 29.75 -17.71
C MET D 362 49.82 28.68 -18.74
N THR D 363 48.97 28.58 -19.77
CA THR D 363 49.21 27.62 -20.86
C THR D 363 50.57 27.82 -21.52
N GLN D 364 50.90 29.07 -21.83
CA GLN D 364 52.19 29.37 -22.44
C GLN D 364 53.33 29.05 -21.49
N ASP D 365 53.09 29.21 -20.19
CA ASP D 365 54.10 28.87 -19.19
C ASP D 365 54.42 27.37 -19.25
N VAL D 366 53.39 26.52 -19.24
CA VAL D 366 53.66 25.08 -19.25
C VAL D 366 54.34 24.66 -20.57
N GLN D 367 53.85 25.16 -21.70
CA GLN D 367 54.53 24.83 -22.96
C GLN D 367 56.00 25.28 -22.99
N LYS D 368 56.26 26.50 -22.51
CA LYS D 368 57.62 27.02 -22.41
C LYS D 368 58.48 26.04 -21.60
N ALA D 369 57.91 25.50 -20.52
CA ALA D 369 58.60 24.49 -19.73
C ALA D 369 58.82 23.19 -20.51
N MET D 370 57.87 22.83 -21.36
CA MET D 370 57.96 21.60 -22.15
C MET D 370 59.07 21.67 -23.19
N ASP D 371 59.10 22.78 -23.92
CA ASP D 371 60.10 23.01 -24.96
C ASP D 371 61.50 23.10 -24.35
N GLU D 372 61.59 23.73 -23.18
CA GLU D 372 62.86 23.88 -22.47
C GLU D 372 63.22 22.66 -21.62
N ARG D 373 62.50 21.57 -21.82
CA ARG D 373 62.77 20.31 -21.14
C ARG D 373 62.66 20.42 -19.63
N ARG D 374 61.84 21.34 -19.13
CA ARG D 374 61.57 21.41 -17.70
C ARG D 374 60.31 20.62 -17.39
N PHE D 375 60.35 19.30 -17.60
CA PHE D 375 59.15 18.48 -17.46
C PHE D 375 58.57 18.47 -16.05
N GLN D 376 59.45 18.47 -15.05
CA GLN D 376 59.01 18.50 -13.66
C GLN D 376 58.29 19.80 -13.36
N ASP D 377 58.81 20.88 -13.93
CA ASP D 377 58.19 22.20 -13.77
C ASP D 377 56.84 22.27 -14.50
N ALA D 378 56.71 21.51 -15.58
CA ALA D 378 55.45 21.40 -16.31
C ALA D 378 54.40 20.66 -15.48
N VAL D 379 54.80 19.50 -14.95
CA VAL D 379 53.94 18.68 -14.10
C VAL D 379 53.54 19.52 -12.88
N ARG D 380 54.48 20.31 -12.41
CA ARG D 380 54.25 21.27 -11.33
C ARG D 380 53.16 22.27 -11.71
N LEU D 381 53.32 22.95 -12.85
CA LEU D 381 52.33 23.91 -13.34
C LEU D 381 50.96 23.33 -13.61
N ARG D 382 50.89 22.03 -13.87
CA ARG D 382 49.60 21.39 -14.13
C ARG D 382 48.70 21.44 -12.89
N GLY D 383 49.33 21.51 -11.72
CA GLY D 383 48.59 21.62 -10.47
C GLY D 383 48.81 20.42 -9.57
N ARG D 384 48.27 20.49 -8.35
CA ARG D 384 48.44 19.40 -7.39
C ARG D 384 47.62 18.18 -7.80
N SER D 385 46.37 18.38 -8.20
CA SER D 385 45.52 17.30 -8.70
C SER D 385 46.27 16.38 -9.65
N PHE D 386 46.91 16.98 -10.64
CA PHE D 386 47.71 16.26 -11.62
C PHE D 386 48.83 15.45 -10.97
N ALA D 387 49.69 16.13 -10.23
CA ALA D 387 50.84 15.49 -9.57
C ALA D 387 50.41 14.34 -8.66
N GLY D 388 49.27 14.51 -8.00
CA GLY D 388 48.72 13.51 -7.12
C GLY D 388 48.25 12.30 -7.88
N ASN D 389 47.45 12.54 -8.93
CA ASN D 389 47.01 11.47 -9.82
C ASN D 389 48.20 10.66 -10.36
N LEU D 390 49.23 11.37 -10.79
CA LEU D 390 50.43 10.76 -11.37
C LEU D 390 51.17 9.91 -10.36
N ASN D 391 51.35 10.49 -9.18
CA ASN D 391 52.07 9.90 -8.07
C ASN D 391 51.38 8.63 -7.54
N THR D 392 50.06 8.72 -7.40
CA THR D 392 49.25 7.59 -6.97
C THR D 392 49.33 6.48 -8.02
N TYR D 393 49.20 6.87 -9.29
CA TYR D 393 49.30 5.91 -10.37
C TYR D 393 50.62 5.16 -10.35
N LYS D 394 51.72 5.87 -10.17
CA LYS D 394 53.03 5.21 -10.16
C LYS D 394 53.11 4.24 -8.97
N ARG D 395 52.83 4.68 -7.74
CA ARG D 395 52.92 3.72 -6.64
C ARG D 395 51.93 2.56 -6.75
N LEU D 396 50.94 2.66 -7.63
CA LEU D 396 50.01 1.55 -7.78
C LEU D 396 50.35 0.65 -8.96
N ALA D 397 51.11 1.17 -9.92
CA ALA D 397 51.46 0.41 -11.11
C ALA D 397 52.76 -0.36 -10.92
N ILE D 398 53.72 0.25 -10.24
CA ILE D 398 55.03 -0.36 -10.04
C ILE D 398 55.32 -0.69 -8.58
N LYS D 399 55.66 -1.95 -8.33
CA LYS D 399 56.03 -2.39 -6.99
C LYS D 399 57.54 -2.56 -6.89
N LEU D 400 58.13 -2.12 -5.79
CA LEU D 400 59.55 -2.36 -5.55
C LEU D 400 59.72 -3.75 -4.94
N PRO D 401 60.87 -4.39 -5.20
CA PRO D 401 61.13 -5.73 -4.65
C PRO D 401 61.20 -5.68 -3.13
N ASP D 402 60.76 -6.77 -2.48
CA ASP D 402 60.56 -6.84 -1.03
C ASP D 402 61.71 -6.27 -0.18
N ASP D 403 62.94 -6.68 -0.47
CA ASP D 403 64.13 -6.19 0.24
C ASP D 403 64.35 -4.67 0.16
N GLN D 404 63.81 -4.02 -0.87
CA GLN D 404 64.01 -2.58 -1.03
C GLN D 404 62.93 -1.81 -0.31
N ILE D 405 62.04 -2.54 0.37
CA ILE D 405 61.02 -1.97 1.23
C ILE D 405 61.37 -2.24 2.70
N PRO D 406 61.69 -1.18 3.46
CA PRO D 406 62.16 -1.20 4.86
C PRO D 406 61.35 -2.05 5.85
N LYS D 407 60.11 -2.41 5.52
CA LYS D 407 59.26 -3.25 6.36
C LYS D 407 59.02 -2.69 7.77
N THR D 408 57.84 -2.12 7.99
CA THR D 408 57.40 -1.80 9.34
C THR D 408 56.83 -3.07 9.95
N ASN D 409 57.08 -3.30 11.24
CA ASN D 409 56.51 -4.48 11.87
C ASN D 409 55.11 -4.14 12.38
N CYS D 410 54.30 -3.67 11.45
CA CYS D 410 52.94 -3.22 11.71
C CYS D 410 51.94 -3.97 10.85
N ASN D 411 50.73 -4.18 11.37
CA ASN D 411 49.68 -4.85 10.63
C ASN D 411 48.51 -3.90 10.40
N VAL D 412 48.22 -3.58 9.14
CA VAL D 412 47.13 -2.64 8.89
C VAL D 412 45.92 -3.34 8.28
N ALA D 413 44.75 -3.11 8.88
CA ALA D 413 43.54 -3.81 8.47
C ALA D 413 42.64 -2.96 7.57
N VAL D 414 42.05 -3.61 6.57
CA VAL D 414 41.13 -2.98 5.64
C VAL D 414 39.77 -3.68 5.71
N ILE D 415 38.70 -2.89 5.71
CA ILE D 415 37.36 -3.42 5.89
C ILE D 415 36.32 -2.58 5.14
N ASN D 416 35.20 -3.21 4.76
CA ASN D 416 34.08 -2.52 4.14
C ASN D 416 32.85 -2.55 5.04
N VAL D 417 32.32 -1.39 5.39
CA VAL D 417 31.20 -1.30 6.33
C VAL D 417 30.02 -0.53 5.73
N GLY D 418 28.81 -1.06 5.90
CA GLY D 418 27.63 -0.41 5.35
C GLY D 418 27.13 -1.13 4.12
N ALA D 419 26.23 -0.49 3.38
CA ALA D 419 25.74 -1.06 2.13
C ALA D 419 26.85 -1.00 1.08
N PRO D 420 26.77 -1.87 0.06
CA PRO D 420 27.79 -1.83 -1.00
C PRO D 420 27.75 -0.51 -1.78
N ALA D 421 28.91 -0.08 -2.26
CA ALA D 421 29.02 1.14 -3.06
C ALA D 421 30.03 0.93 -4.19
N ALA D 422 29.67 1.36 -5.38
CA ALA D 422 30.54 1.20 -6.54
C ALA D 422 31.86 1.96 -6.37
N GLY D 423 32.95 1.21 -6.25
CA GLY D 423 34.26 1.80 -6.09
C GLY D 423 34.93 1.35 -4.81
N MET D 424 34.27 0.47 -4.08
CA MET D 424 34.82 -0.07 -2.84
C MET D 424 36.07 -0.91 -3.11
N ASN D 425 35.99 -1.76 -4.14
CA ASN D 425 37.11 -2.62 -4.51
C ASN D 425 38.33 -1.83 -4.98
N ALA D 426 38.08 -0.76 -5.73
CA ALA D 426 39.16 0.14 -6.13
C ALA D 426 39.85 0.71 -4.91
N ALA D 427 39.04 1.06 -3.91
CA ALA D 427 39.53 1.62 -2.67
C ALA D 427 40.39 0.61 -1.91
N VAL D 428 39.92 -0.63 -1.85
CA VAL D 428 40.67 -1.70 -1.18
C VAL D 428 41.99 -1.95 -1.89
N ARG D 429 41.94 -2.01 -3.22
CA ARG D 429 43.14 -2.21 -4.01
C ARG D 429 44.19 -1.15 -3.69
N SER D 430 43.75 0.11 -3.75
CA SER D 430 44.63 1.24 -3.45
C SER D 430 45.22 1.13 -2.05
N ALA D 431 44.36 0.97 -1.05
CA ALA D 431 44.79 0.87 0.34
C ALA D 431 45.83 -0.24 0.56
N VAL D 432 45.52 -1.43 0.05
CA VAL D 432 46.38 -2.59 0.21
C VAL D 432 47.75 -2.35 -0.43
N ARG D 433 47.76 -1.89 -1.68
CA ARG D 433 49.02 -1.70 -2.38
C ARG D 433 49.87 -0.58 -1.78
N VAL D 434 49.24 0.53 -1.39
CA VAL D 434 49.95 1.62 -0.73
C VAL D 434 50.55 1.14 0.59
N GLY D 435 49.75 0.41 1.38
CA GLY D 435 50.22 -0.15 2.63
C GLY D 435 51.44 -1.04 2.44
N ILE D 436 51.36 -1.94 1.46
CA ILE D 436 52.46 -2.85 1.16
C ILE D 436 53.71 -2.07 0.73
N ALA D 437 53.53 -1.06 -0.11
CA ALA D 437 54.63 -0.20 -0.55
C ALA D 437 55.28 0.53 0.62
N ASP D 438 54.50 0.78 1.66
CA ASP D 438 55.00 1.48 2.85
C ASP D 438 55.50 0.50 3.90
N GLY D 439 55.63 -0.76 3.50
CA GLY D 439 56.23 -1.78 4.35
C GLY D 439 55.34 -2.33 5.45
N HIS D 440 54.03 -2.28 5.22
CA HIS D 440 53.08 -2.87 6.15
C HIS D 440 52.65 -4.25 5.66
N ARG D 441 52.21 -5.09 6.59
CA ARG D 441 51.52 -6.30 6.20
C ARG D 441 50.03 -6.02 6.30
N MET D 442 49.38 -6.11 5.15
CA MET D 442 47.99 -5.76 5.04
C MET D 442 47.10 -6.95 5.38
N LEU D 443 46.04 -6.68 6.13
CA LEU D 443 45.08 -7.68 6.55
C LEU D 443 43.69 -7.34 6.04
N ALA D 444 43.02 -8.32 5.46
CA ALA D 444 41.68 -8.07 4.95
C ALA D 444 40.64 -8.66 5.89
N ILE D 445 39.67 -7.83 6.27
CA ILE D 445 38.55 -8.27 7.09
C ILE D 445 37.31 -8.38 6.22
N TYR D 446 36.73 -9.57 6.16
CA TYR D 446 35.62 -9.81 5.24
C TYR D 446 34.26 -9.63 5.91
N ASP D 447 33.29 -9.15 5.13
CA ASP D 447 31.91 -8.97 5.58
C ASP D 447 31.78 -8.05 6.80
N GLY D 448 32.37 -6.87 6.71
CA GLY D 448 32.29 -5.86 7.75
C GLY D 448 32.54 -6.30 9.18
N PHE D 449 31.82 -5.69 10.12
CA PHE D 449 32.00 -5.98 11.53
C PHE D 449 31.43 -7.36 11.88
N ASP D 450 30.57 -7.87 11.01
CA ASP D 450 30.03 -9.21 11.18
C ASP D 450 31.18 -10.20 11.07
N GLY D 451 31.93 -10.13 9.97
CA GLY D 451 33.10 -10.96 9.79
C GLY D 451 34.23 -10.61 10.75
N PHE D 452 34.32 -9.33 11.11
CA PHE D 452 35.32 -8.87 12.07
C PHE D 452 35.16 -9.65 13.38
N ALA D 453 33.94 -9.65 13.90
CA ALA D 453 33.64 -10.38 15.13
C ALA D 453 33.84 -11.89 14.95
N LYS D 454 33.61 -12.38 13.73
CA LYS D 454 33.69 -13.82 13.48
C LYS D 454 35.11 -14.26 13.18
N GLY D 455 36.05 -13.31 13.19
CA GLY D 455 37.43 -13.62 12.92
C GLY D 455 37.69 -13.99 11.47
N GLN D 456 37.00 -13.32 10.56
CA GLN D 456 37.20 -13.54 9.13
C GLN D 456 38.29 -12.62 8.61
N ILE D 457 39.51 -12.86 9.06
CA ILE D 457 40.65 -12.01 8.73
C ILE D 457 41.75 -12.80 8.03
N LYS D 458 42.13 -12.37 6.83
CA LYS D 458 43.20 -13.07 6.11
C LYS D 458 44.18 -12.09 5.48
N GLU D 459 45.46 -12.37 5.63
CA GLU D 459 46.52 -11.52 5.10
C GLU D 459 46.41 -11.38 3.57
N ILE D 460 46.37 -10.14 3.11
CA ILE D 460 46.17 -9.84 1.69
C ILE D 460 47.45 -9.28 1.05
N GLY D 461 47.65 -9.57 -0.24
CA GLY D 461 48.84 -9.14 -0.94
C GLY D 461 48.61 -8.25 -2.15
N TRP D 462 49.71 -7.85 -2.77
CA TRP D 462 49.70 -7.00 -3.96
C TRP D 462 48.89 -7.62 -5.09
N THR D 463 49.13 -8.91 -5.31
CA THR D 463 48.51 -9.65 -6.40
C THR D 463 47.01 -9.87 -6.21
N ASP D 464 46.61 -10.08 -4.96
CA ASP D 464 45.21 -10.37 -4.63
C ASP D 464 44.23 -9.29 -5.10
N VAL D 465 44.63 -8.04 -4.99
CA VAL D 465 43.75 -6.92 -5.32
C VAL D 465 43.84 -6.49 -6.78
N GLY D 466 44.65 -7.20 -7.56
CA GLY D 466 44.82 -6.90 -8.97
C GLY D 466 43.54 -7.00 -9.79
N GLY D 467 43.30 -6.01 -10.64
CA GLY D 467 42.13 -5.99 -11.51
C GLY D 467 40.85 -5.56 -10.83
N TRP D 468 40.96 -5.08 -9.59
CA TRP D 468 39.81 -4.68 -8.79
C TRP D 468 39.20 -3.33 -9.17
N THR D 469 40.03 -2.42 -9.67
CA THR D 469 39.62 -1.04 -9.96
C THR D 469 38.22 -0.85 -10.54
N GLY D 470 37.94 -1.52 -11.65
CA GLY D 470 36.65 -1.41 -12.31
C GLY D 470 35.61 -2.38 -11.80
N GLN D 471 35.91 -3.07 -10.71
CA GLN D 471 34.98 -4.05 -10.16
C GLN D 471 33.97 -3.39 -9.22
N GLY D 472 32.68 -3.61 -9.50
CA GLY D 472 31.63 -3.09 -8.66
C GLY D 472 31.37 -3.94 -7.43
N GLY D 473 30.53 -3.45 -6.54
CA GLY D 473 30.19 -4.18 -5.33
C GLY D 473 31.32 -4.22 -4.32
N SER D 474 31.39 -5.31 -3.56
CA SER D 474 32.39 -5.44 -2.52
C SER D 474 32.90 -6.89 -2.48
N ILE D 475 34.12 -7.10 -2.97
CA ILE D 475 34.70 -8.44 -3.01
C ILE D 475 34.95 -8.95 -1.60
N LEU D 476 35.39 -8.05 -0.72
CA LEU D 476 35.60 -8.40 0.68
C LEU D 476 34.27 -8.72 1.35
N GLY D 477 33.22 -8.00 0.95
CA GLY D 477 31.91 -8.16 1.58
C GLY D 477 31.68 -7.02 2.56
N THR D 478 30.45 -6.53 2.62
CA THR D 478 30.11 -5.44 3.52
C THR D 478 28.76 -5.67 4.21
N LYS D 479 28.67 -5.24 5.46
CA LYS D 479 27.43 -5.36 6.23
C LYS D 479 27.17 -4.05 6.98
N ARG D 480 25.91 -3.74 7.22
CA ARG D 480 25.55 -2.52 7.94
C ARG D 480 25.69 -2.65 9.46
N VAL D 481 25.83 -3.88 9.96
CA VAL D 481 25.89 -4.11 11.40
C VAL D 481 27.01 -3.33 12.09
N LEU D 482 26.67 -2.71 13.21
CA LEU D 482 27.60 -1.89 14.00
C LEU D 482 28.38 -2.74 15.01
N PRO D 483 29.59 -2.31 15.38
CA PRO D 483 30.48 -3.08 16.27
C PRO D 483 30.03 -3.13 17.73
N GLY D 484 29.14 -2.23 18.13
CA GLY D 484 28.66 -2.12 19.49
C GLY D 484 28.39 -3.40 20.26
N LYS D 485 27.63 -4.30 19.64
CA LYS D 485 27.22 -5.54 20.28
C LYS D 485 28.33 -6.58 20.39
N TYR D 486 29.42 -6.37 19.66
CA TYR D 486 30.51 -7.34 19.62
C TYR D 486 31.89 -6.77 19.98
N LEU D 487 31.89 -5.73 20.82
CA LEU D 487 33.13 -5.04 21.19
C LEU D 487 34.17 -5.98 21.77
N GLU D 488 33.73 -6.96 22.54
CA GLU D 488 34.63 -7.96 23.09
C GLU D 488 35.19 -8.81 21.95
N GLU D 489 34.27 -9.36 21.15
CA GLU D 489 34.63 -10.31 20.10
C GLU D 489 35.63 -9.73 19.11
N ILE D 490 35.41 -8.47 18.74
CA ILE D 490 36.30 -7.78 17.82
C ILE D 490 37.61 -7.43 18.53
N ALA D 491 37.55 -7.04 19.80
CA ALA D 491 38.79 -6.67 20.51
C ALA D 491 39.75 -7.85 20.48
N THR D 492 39.19 -9.03 20.74
CA THR D 492 39.95 -10.27 20.78
C THR D 492 40.62 -10.46 19.43
N GLN D 493 39.88 -10.20 18.36
CA GLN D 493 40.49 -10.40 17.05
C GLN D 493 41.65 -9.44 16.91
N MET D 494 41.44 -8.18 17.29
CA MET D 494 42.49 -7.19 17.15
C MET D 494 43.69 -7.57 18.01
N ARG D 495 43.46 -8.33 19.08
CA ARG D 495 44.60 -8.74 19.88
C ARG D 495 45.29 -9.95 19.26
N THR D 496 44.52 -10.92 18.77
CA THR D 496 45.11 -12.15 18.26
C THR D 496 45.83 -11.98 16.92
N HIS D 497 45.36 -11.03 16.11
CA HIS D 497 45.94 -10.77 14.80
C HIS D 497 46.93 -9.60 14.82
N SER D 498 46.99 -8.92 15.97
CA SER D 498 47.87 -7.78 16.19
C SER D 498 47.65 -6.65 15.20
N ILE D 499 46.42 -6.18 15.10
CA ILE D 499 46.06 -5.08 14.23
C ILE D 499 46.54 -3.74 14.79
N ASN D 500 47.47 -3.09 14.10
CA ASN D 500 48.06 -1.84 14.57
C ASN D 500 47.33 -0.59 14.08
N ALA D 501 46.47 -0.77 13.08
CA ALA D 501 45.72 0.35 12.51
C ALA D 501 44.55 -0.17 11.69
N LEU D 502 43.54 0.67 11.49
CA LEU D 502 42.35 0.26 10.77
C LEU D 502 41.87 1.34 9.80
N LEU D 503 41.62 0.91 8.56
CA LEU D 503 41.03 1.78 7.55
C LEU D 503 39.66 1.22 7.14
N ILE D 504 38.63 2.04 7.26
CA ILE D 504 37.29 1.61 6.89
C ILE D 504 36.81 2.30 5.62
N ILE D 505 36.31 1.50 4.68
CA ILE D 505 35.71 2.03 3.47
C ILE D 505 34.21 1.80 3.53
N GLY D 506 33.45 2.86 3.80
CA GLY D 506 32.02 2.70 4.00
C GLY D 506 31.20 3.96 4.19
N GLY D 507 29.92 3.76 4.49
CA GLY D 507 28.97 4.85 4.64
C GLY D 507 28.77 5.35 6.06
N PHE D 508 27.55 5.79 6.35
CA PHE D 508 27.20 6.34 7.66
C PHE D 508 27.44 5.34 8.79
N GLU D 509 27.15 4.07 8.51
CA GLU D 509 27.37 3.00 9.49
C GLU D 509 28.85 2.92 9.91
N ALA D 510 29.74 3.19 8.97
CA ALA D 510 31.18 3.24 9.26
C ALA D 510 31.49 4.34 10.27
N TYR D 511 30.87 5.49 10.07
CA TYR D 511 31.05 6.64 10.95
C TYR D 511 30.56 6.33 12.36
N LEU D 512 29.40 5.70 12.43
CA LEU D 512 28.83 5.29 13.71
C LEU D 512 29.77 4.29 14.40
N GLY D 513 30.33 3.38 13.60
CA GLY D 513 31.27 2.39 14.09
C GLY D 513 32.49 3.05 14.72
N LEU D 514 33.04 4.02 14.00
CA LEU D 514 34.19 4.77 14.52
C LEU D 514 33.85 5.43 15.84
N LEU D 515 32.65 6.01 15.93
CA LEU D 515 32.22 6.64 17.18
C LEU D 515 32.16 5.63 18.33
N GLU D 516 31.59 4.46 18.03
CA GLU D 516 31.42 3.41 19.03
C GLU D 516 32.78 2.90 19.54
N LEU D 517 33.74 2.73 18.63
CA LEU D 517 35.07 2.26 19.01
C LEU D 517 35.82 3.32 19.82
N SER D 518 35.65 4.58 19.40
CA SER D 518 36.22 5.71 20.12
C SER D 518 35.75 5.71 21.57
N ALA D 519 34.46 5.44 21.75
CA ALA D 519 33.90 5.34 23.10
C ALA D 519 34.42 4.09 23.83
N ALA D 520 34.62 3.01 23.07
CA ALA D 520 34.99 1.72 23.65
C ALA D 520 36.47 1.61 24.05
N ARG D 521 37.28 2.58 23.63
CA ARG D 521 38.72 2.56 23.92
C ARG D 521 39.14 2.24 25.37
N GLU D 522 38.55 2.94 26.34
CA GLU D 522 38.96 2.78 27.74
C GLU D 522 38.75 1.38 28.30
N LYS D 523 37.67 0.73 27.90
CA LYS D 523 37.42 -0.64 28.38
C LYS D 523 38.20 -1.66 27.55
N HIS D 524 38.54 -1.28 26.31
CA HIS D 524 39.31 -2.18 25.43
C HIS D 524 40.52 -1.47 24.83
N GLU D 525 41.69 -1.77 25.39
CA GLU D 525 42.95 -1.16 24.98
C GLU D 525 43.32 -1.38 23.51
N GLU D 526 42.76 -2.42 22.92
CA GLU D 526 43.05 -2.77 21.53
C GLU D 526 42.64 -1.69 20.52
N PHE D 527 41.74 -0.80 20.92
CA PHE D 527 41.23 0.22 20.00
C PHE D 527 42.08 1.47 20.05
N CYS D 528 43.13 1.42 20.85
CA CYS D 528 44.02 2.57 20.99
C CYS D 528 45.01 2.58 19.83
N VAL D 529 44.47 2.40 18.63
CA VAL D 529 45.22 2.42 17.39
C VAL D 529 44.62 3.49 16.48
N PRO D 530 45.40 3.98 15.50
CA PRO D 530 44.81 4.96 14.60
C PRO D 530 43.74 4.35 13.71
N MET D 531 42.61 5.03 13.58
CA MET D 531 41.50 4.54 12.77
C MET D 531 41.00 5.65 11.85
N VAL D 532 40.84 5.34 10.57
CA VAL D 532 40.34 6.36 9.64
C VAL D 532 39.34 5.72 8.68
N MET D 533 38.36 6.50 8.24
CA MET D 533 37.42 6.00 7.24
C MET D 533 37.35 6.91 6.03
N VAL D 534 37.00 6.30 4.89
CA VAL D 534 36.74 7.05 3.67
C VAL D 534 35.29 6.81 3.26
N PRO D 535 34.59 7.87 2.85
CA PRO D 535 33.14 7.76 2.64
C PRO D 535 32.79 7.00 1.36
N ALA D 536 32.06 5.89 1.52
CA ALA D 536 31.62 5.09 0.39
C ALA D 536 30.15 4.72 0.54
N THR D 537 29.32 5.36 -0.27
CA THR D 537 27.88 5.14 -0.25
C THR D 537 27.26 5.86 -1.45
N VAL D 538 26.21 5.26 -2.01
CA VAL D 538 25.50 5.87 -3.14
C VAL D 538 24.80 7.14 -2.69
N SER D 539 24.49 7.20 -1.39
CA SER D 539 23.65 8.23 -0.82
C SER D 539 24.34 9.58 -0.67
N ASN D 540 25.64 9.57 -0.41
CA ASN D 540 26.42 10.77 -0.11
C ASN D 540 25.91 11.44 1.17
N ASN D 541 25.72 10.63 2.21
CA ASN D 541 25.20 11.11 3.48
C ASN D 541 26.22 11.07 4.62
N VAL D 542 27.49 10.83 4.29
CA VAL D 542 28.53 10.78 5.31
C VAL D 542 29.01 12.18 5.68
N PRO D 543 28.93 12.52 6.97
CA PRO D 543 29.35 13.84 7.46
C PRO D 543 30.84 14.07 7.30
N GLY D 544 31.22 15.27 6.89
CA GLY D 544 32.63 15.61 6.73
C GLY D 544 33.15 15.39 5.33
N SER D 545 32.27 15.04 4.40
CA SER D 545 32.66 14.83 3.02
C SER D 545 31.59 15.33 2.05
N ASP D 546 32.01 16.12 1.07
CA ASP D 546 31.08 16.66 0.07
C ASP D 546 30.70 15.60 -0.95
N PHE D 547 31.49 14.52 -1.01
CA PHE D 547 31.25 13.45 -1.97
C PHE D 547 31.56 12.08 -1.38
N SER D 548 30.87 11.07 -1.89
CA SER D 548 31.10 9.70 -1.44
C SER D 548 31.32 8.78 -2.63
N ILE D 549 32.12 7.75 -2.43
CA ILE D 549 32.35 6.76 -3.47
C ILE D 549 31.05 6.03 -3.78
N GLY D 550 30.72 5.93 -5.07
CA GLY D 550 29.52 5.24 -5.49
C GLY D 550 28.38 6.16 -5.90
N ALA D 551 28.41 7.40 -5.42
CA ALA D 551 27.34 8.35 -5.69
C ALA D 551 27.26 8.74 -7.17
N ASP D 552 28.42 8.94 -7.79
CA ASP D 552 28.48 9.31 -9.20
C ASP D 552 27.89 8.23 -10.11
N THR D 553 28.19 6.98 -9.80
CA THR D 553 27.69 5.85 -10.59
C THR D 553 26.16 5.83 -10.54
N ALA D 554 25.63 6.02 -9.33
CA ALA D 554 24.20 6.06 -9.10
C ALA D 554 23.58 7.21 -9.87
N LEU D 555 24.20 8.39 -9.78
CA LEU D 555 23.76 9.56 -10.51
C LEU D 555 23.65 9.29 -12.01
N ASN D 556 24.66 8.64 -12.58
CA ASN D 556 24.63 8.34 -14.01
C ASN D 556 23.54 7.33 -14.37
N THR D 557 23.31 6.36 -13.49
CA THR D 557 22.27 5.37 -13.75
C THR D 557 20.88 6.02 -13.71
N ILE D 558 20.67 6.85 -12.69
CA ILE D 558 19.43 7.60 -12.51
C ILE D 558 19.17 8.49 -13.73
N THR D 559 20.21 9.22 -14.14
CA THR D 559 20.10 10.12 -15.29
C THR D 559 19.75 9.36 -16.57
N ASP D 560 20.39 8.21 -16.79
CA ASP D 560 20.07 7.39 -17.96
C ASP D 560 18.59 6.99 -17.95
N THR D 561 18.16 6.49 -16.79
CA THR D 561 16.79 6.03 -16.62
C THR D 561 15.79 7.15 -16.88
N CYS D 562 16.09 8.33 -16.36
CA CYS D 562 15.24 9.51 -16.55
C CYS D 562 15.22 9.99 -18.00
N ASP D 563 16.34 9.84 -18.71
CA ASP D 563 16.39 10.16 -20.13
C ASP D 563 15.40 9.27 -20.87
N ARG D 564 15.41 7.98 -20.53
CA ARG D 564 14.52 7.02 -21.15
C ARG D 564 13.04 7.31 -20.86
N ILE D 565 12.77 7.66 -19.60
CA ILE D 565 11.41 7.96 -19.15
C ILE D 565 10.88 9.19 -19.86
N LYS D 566 11.76 10.19 -20.01
CA LYS D 566 11.44 11.42 -20.70
C LYS D 566 11.12 11.13 -22.15
N GLN D 567 11.87 10.20 -22.74
CA GLN D 567 11.63 9.80 -24.12
C GLN D 567 10.23 9.21 -24.25
N SER D 568 9.87 8.36 -23.29
CA SER D 568 8.56 7.74 -23.30
C SER D 568 7.45 8.78 -23.20
N ALA D 569 7.58 9.68 -22.23
CA ALA D 569 6.62 10.76 -22.05
C ALA D 569 6.51 11.61 -23.32
N SER D 570 7.66 11.87 -23.94
CA SER D 570 7.74 12.68 -25.15
C SER D 570 7.06 12.01 -26.31
N GLY D 571 6.99 10.68 -26.30
CA GLY D 571 6.34 10.01 -27.40
C GLY D 571 4.85 9.87 -27.14
N THR D 572 4.47 9.74 -25.88
CA THR D 572 3.06 9.63 -25.53
C THR D 572 2.44 11.04 -25.57
N LYS D 573 3.15 11.97 -24.94
CA LYS D 573 2.80 13.39 -24.86
C LYS D 573 1.68 13.61 -23.87
N ARG D 574 1.73 14.73 -23.16
CA ARG D 574 0.78 15.04 -22.08
C ARG D 574 0.94 13.98 -21.01
N ARG D 575 2.19 13.72 -20.63
CA ARG D 575 2.51 12.77 -19.57
C ARG D 575 3.45 13.36 -18.54
N VAL D 576 3.18 13.06 -17.27
CA VAL D 576 4.08 13.41 -16.20
C VAL D 576 4.43 12.16 -15.40
N PHE D 577 5.73 11.90 -15.22
CA PHE D 577 6.16 10.76 -14.43
C PHE D 577 6.60 11.17 -13.03
N ILE D 578 6.06 10.49 -12.03
CA ILE D 578 6.52 10.67 -10.66
C ILE D 578 7.47 9.54 -10.34
N ILE D 579 8.74 9.88 -10.16
CA ILE D 579 9.78 8.88 -9.97
C ILE D 579 10.41 8.97 -8.59
N GLU D 580 10.39 7.85 -7.87
CA GLU D 580 10.95 7.77 -6.54
C GLU D 580 12.42 7.31 -6.55
N THR D 581 13.30 8.12 -5.97
CA THR D 581 14.72 7.80 -5.93
C THR D 581 15.20 7.33 -4.55
N MET D 582 16.46 6.89 -4.50
CA MET D 582 17.12 6.45 -3.26
C MET D 582 17.74 7.60 -2.48
N GLY D 583 18.53 7.24 -1.48
CA GLY D 583 19.28 8.21 -0.70
C GLY D 583 18.91 8.24 0.78
N GLY D 584 17.84 7.54 1.14
CA GLY D 584 17.32 7.63 2.49
C GLY D 584 16.75 9.02 2.69
N TYR D 585 17.18 9.71 3.73
CA TYR D 585 16.74 11.08 3.95
C TYR D 585 17.60 12.07 3.17
N CYS D 586 18.70 11.58 2.60
CA CYS D 586 19.64 12.44 1.88
C CYS D 586 19.16 12.76 0.48
N GLY D 587 18.98 14.04 0.20
CA GLY D 587 18.47 14.49 -1.08
C GLY D 587 19.46 14.61 -2.23
N TYR D 588 20.71 14.21 -1.99
CA TYR D 588 21.75 14.36 -3.01
C TYR D 588 21.36 13.72 -4.35
N LEU D 589 21.03 12.43 -4.34
CA LEU D 589 20.63 11.73 -5.56
C LEU D 589 19.38 12.30 -6.23
N ALA D 590 18.35 12.59 -5.44
CA ALA D 590 17.12 13.13 -5.98
C ALA D 590 17.37 14.48 -6.66
N ASN D 591 18.17 15.32 -6.00
CA ASN D 591 18.45 16.66 -6.52
C ASN D 591 19.41 16.69 -7.71
N MET D 592 20.60 16.13 -7.54
CA MET D 592 21.59 16.14 -8.62
C MET D 592 21.08 15.34 -9.80
N GLY D 593 20.38 14.25 -9.51
CA GLY D 593 19.75 13.44 -10.54
C GLY D 593 18.70 14.26 -11.26
N GLY D 594 17.89 14.99 -10.50
CA GLY D 594 16.88 15.87 -11.08
C GLY D 594 17.49 16.93 -11.98
N LEU D 595 18.58 17.52 -11.51
CA LEU D 595 19.31 18.56 -12.22
C LEU D 595 19.85 18.05 -13.55
N ALA D 596 20.59 16.96 -13.49
CA ALA D 596 21.20 16.38 -14.69
C ALA D 596 20.16 15.80 -15.64
N ALA D 597 19.03 15.38 -15.10
CA ALA D 597 17.99 14.78 -15.93
C ALA D 597 17.10 15.84 -16.56
N GLY D 598 17.10 17.04 -16.00
CA GLY D 598 16.22 18.09 -16.47
C GLY D 598 14.82 17.91 -15.92
N ALA D 599 14.75 17.38 -14.70
CA ALA D 599 13.48 17.17 -14.02
C ALA D 599 12.77 18.49 -13.77
N ASP D 600 11.44 18.44 -13.71
CA ASP D 600 10.65 19.64 -13.48
C ASP D 600 10.57 19.97 -11.99
N ALA D 601 10.81 18.95 -11.16
CA ALA D 601 10.81 19.12 -9.71
C ALA D 601 11.52 17.97 -9.03
N ALA D 602 12.12 18.23 -7.88
CA ALA D 602 12.72 17.18 -7.06
C ALA D 602 12.44 17.42 -5.59
N TYR D 603 11.49 16.67 -5.03
CA TYR D 603 11.09 16.85 -3.65
C TYR D 603 12.03 16.11 -2.69
N ILE D 604 12.66 16.86 -1.81
CA ILE D 604 13.62 16.32 -0.87
C ILE D 604 13.28 16.69 0.57
N PHE D 605 13.79 15.89 1.51
CA PHE D 605 13.56 16.09 2.95
C PHE D 605 14.20 17.38 3.47
N GLU D 606 15.36 17.72 2.93
CA GLU D 606 16.12 18.89 3.36
C GLU D 606 15.39 20.21 3.10
N GLU D 607 14.37 20.15 2.26
CA GLU D 607 13.56 21.32 1.93
C GLU D 607 12.08 21.02 2.13
N PRO D 608 11.52 21.49 3.25
CA PRO D 608 10.10 21.20 3.53
C PRO D 608 9.19 21.74 2.44
N PHE D 609 8.17 20.97 2.10
CA PHE D 609 7.23 21.37 1.08
C PHE D 609 5.82 21.00 1.51
N ASP D 610 4.87 21.89 1.24
CA ASP D 610 3.47 21.64 1.56
C ASP D 610 2.60 21.48 0.30
N ILE D 611 1.29 21.45 0.49
CA ILE D 611 0.35 21.24 -0.61
C ILE D 611 0.34 22.36 -1.66
N ARG D 612 0.59 23.60 -1.22
CA ARG D 612 0.65 24.73 -2.13
C ARG D 612 1.85 24.65 -3.08
N ASP D 613 2.98 24.18 -2.59
CA ASP D 613 4.16 24.01 -3.45
C ASP D 613 3.85 23.00 -4.55
N LEU D 614 3.23 21.90 -4.13
CA LEU D 614 2.87 20.82 -5.03
C LEU D 614 1.91 21.34 -6.08
N GLN D 615 0.90 22.07 -5.63
CA GLN D 615 -0.10 22.67 -6.50
C GLN D 615 0.52 23.66 -7.48
N SER D 616 1.46 24.46 -7.00
CA SER D 616 2.15 25.44 -7.82
C SER D 616 2.85 24.73 -8.96
N ASN D 617 3.53 23.63 -8.64
CA ASN D 617 4.20 22.85 -9.67
C ASN D 617 3.20 22.25 -10.65
N VAL D 618 2.07 21.80 -10.13
CA VAL D 618 1.00 21.24 -10.95
C VAL D 618 0.52 22.26 -11.97
N GLU D 619 0.24 23.46 -11.51
CA GLU D 619 -0.19 24.56 -12.36
C GLU D 619 0.87 24.86 -13.42
N HIS D 620 2.13 24.84 -13.00
CA HIS D 620 3.23 25.10 -13.93
C HIS D 620 3.25 24.07 -15.06
N LEU D 621 3.05 22.79 -14.70
CA LEU D 621 3.01 21.73 -15.70
C LEU D 621 1.78 21.87 -16.60
N THR D 622 0.68 22.34 -16.01
CA THR D 622 -0.54 22.61 -16.77
C THR D 622 -0.26 23.61 -17.89
N GLU D 623 0.40 24.71 -17.55
CA GLU D 623 0.82 25.68 -18.58
C GLU D 623 1.82 25.06 -19.55
N LYS D 624 2.73 24.24 -19.03
CA LYS D 624 3.72 23.59 -19.87
C LYS D 624 3.11 22.72 -20.96
N MET D 625 1.94 22.16 -20.67
CA MET D 625 1.27 21.32 -21.65
C MET D 625 0.71 22.13 -22.82
N LYS D 626 0.66 23.45 -22.68
CA LYS D 626 0.22 24.30 -23.77
C LYS D 626 1.32 24.47 -24.82
N THR D 627 2.57 24.29 -24.39
CA THR D 627 3.72 24.41 -25.28
C THR D 627 3.91 23.18 -26.15
N THR D 628 5.08 23.11 -26.79
CA THR D 628 5.42 21.97 -27.63
C THR D 628 6.07 20.86 -26.82
N ILE D 629 6.51 21.18 -25.61
CA ILE D 629 7.14 20.19 -24.74
C ILE D 629 6.11 19.75 -23.72
N GLN D 630 5.29 18.80 -24.14
CA GLN D 630 4.16 18.31 -23.36
C GLN D 630 4.57 17.11 -22.53
N ARG D 631 5.60 17.27 -21.70
CA ARG D 631 6.07 16.22 -20.84
C ARG D 631 6.41 16.74 -19.45
N GLY D 632 6.40 15.84 -18.47
CA GLY D 632 6.74 16.21 -17.12
C GLY D 632 7.60 15.19 -16.41
N LEU D 633 8.44 15.66 -15.51
CA LEU D 633 9.31 14.78 -14.75
C LEU D 633 9.39 15.26 -13.32
N VAL D 634 8.81 14.49 -12.41
CA VAL D 634 8.82 14.85 -10.99
C VAL D 634 9.54 13.76 -10.21
N LEU D 635 10.61 14.16 -9.55
CA LEU D 635 11.39 13.23 -8.75
C LEU D 635 11.02 13.37 -7.29
N ARG D 636 10.97 12.24 -6.59
CA ARG D 636 10.65 12.24 -5.17
C ARG D 636 11.63 11.41 -4.38
N ASN D 637 12.39 12.05 -3.49
CA ASN D 637 13.21 11.30 -2.56
C ASN D 637 12.33 10.39 -1.72
N GLU D 638 12.74 9.12 -1.61
CA GLU D 638 11.95 8.11 -0.90
C GLU D 638 11.50 8.53 0.50
N SER D 639 12.32 9.31 1.20
CA SER D 639 11.98 9.69 2.57
C SER D 639 11.72 11.19 2.80
N CYS D 640 11.39 11.91 1.72
CA CYS D 640 11.17 13.35 1.82
C CYS D 640 9.94 13.72 2.63
N SER D 641 8.95 12.84 2.67
CA SER D 641 7.71 13.11 3.41
C SER D 641 7.03 11.84 3.88
N GLU D 642 6.51 11.87 5.11
CA GLU D 642 5.75 10.76 5.66
C GLU D 642 4.35 10.71 5.06
N ASN D 643 3.74 11.89 4.92
CA ASN D 643 2.38 11.98 4.38
C ASN D 643 2.35 12.15 2.87
N TYR D 644 3.18 13.03 2.34
CA TYR D 644 3.16 13.26 0.90
C TYR D 644 4.02 12.22 0.23
N THR D 645 3.45 11.03 0.12
CA THR D 645 4.11 9.86 -0.44
C THR D 645 4.17 9.94 -1.96
N THR D 646 4.79 8.93 -2.56
CA THR D 646 4.83 8.83 -4.01
C THR D 646 3.41 8.66 -4.55
N ASP D 647 2.64 7.78 -3.90
CA ASP D 647 1.24 7.60 -4.25
C ASP D 647 0.48 8.90 -4.10
N PHE D 648 0.64 9.58 -2.95
CA PHE D 648 -0.05 10.84 -2.70
C PHE D 648 0.15 11.84 -3.84
N ILE D 649 1.42 12.11 -4.13
CA ILE D 649 1.79 13.05 -5.17
C ILE D 649 1.19 12.62 -6.50
N TYR D 650 1.25 11.31 -6.78
CA TYR D 650 0.66 10.78 -8.00
C TYR D 650 -0.84 11.08 -8.09
N GLN D 651 -1.57 10.85 -7.00
CA GLN D 651 -3.01 11.07 -6.95
C GLN D 651 -3.35 12.55 -7.14
N LEU D 652 -2.60 13.41 -6.46
CA LEU D 652 -2.78 14.86 -6.59
C LEU D 652 -2.56 15.36 -8.02
N TYR D 653 -1.40 15.02 -8.59
CA TYR D 653 -1.06 15.42 -9.95
C TYR D 653 -2.06 14.84 -10.95
N SER D 654 -2.42 13.58 -10.75
CA SER D 654 -3.39 12.90 -11.60
C SER D 654 -4.72 13.62 -11.60
N GLU D 655 -5.23 13.93 -10.41
CA GLU D 655 -6.54 14.57 -10.29
C GLU D 655 -6.56 15.99 -10.85
N GLU D 656 -5.57 16.79 -10.46
CA GLU D 656 -5.53 18.18 -10.91
C GLU D 656 -5.12 18.34 -12.37
N GLY D 657 -4.51 17.29 -12.95
CA GLY D 657 -4.11 17.35 -14.34
C GLY D 657 -5.18 16.84 -15.29
N LYS D 658 -6.31 16.40 -14.72
CA LYS D 658 -7.38 15.77 -15.50
C LYS D 658 -7.82 16.64 -16.67
N GLY D 659 -7.75 16.08 -17.87
CA GLY D 659 -8.11 16.81 -19.07
C GLY D 659 -6.93 17.55 -19.66
N VAL D 660 -5.79 17.50 -18.98
CA VAL D 660 -4.61 18.25 -19.43
C VAL D 660 -3.40 17.33 -19.58
N PHE D 661 -3.20 16.44 -18.60
CA PHE D 661 -2.15 15.44 -18.68
C PHE D 661 -2.49 14.25 -17.76
N ASP D 662 -1.84 13.11 -17.98
CA ASP D 662 -2.01 11.98 -17.07
C ASP D 662 -0.66 11.59 -16.50
N CYS D 663 -0.67 10.77 -15.45
CA CYS D 663 0.58 10.45 -14.79
C CYS D 663 0.92 8.95 -14.82
N ARG D 664 2.18 8.67 -14.55
CA ARG D 664 2.65 7.31 -14.31
C ARG D 664 3.65 7.35 -13.16
N LYS D 665 3.65 6.32 -12.32
CA LYS D 665 4.54 6.29 -11.18
C LYS D 665 5.61 5.22 -11.37
N ASN D 666 6.86 5.55 -11.08
CA ASN D 666 7.92 4.56 -11.13
C ASN D 666 8.79 4.65 -9.89
N VAL D 667 8.99 3.51 -9.26
CA VAL D 667 9.91 3.43 -8.13
C VAL D 667 11.12 2.66 -8.62
N LEU D 668 12.19 3.40 -8.89
CA LEU D 668 13.41 2.84 -9.49
C LEU D 668 13.90 1.62 -8.72
N GLY D 669 13.89 1.72 -7.39
CA GLY D 669 14.32 0.63 -6.55
C GLY D 669 15.82 0.71 -6.52
N HIS D 670 16.50 -0.29 -5.97
CA HIS D 670 17.93 -0.15 -5.72
C HIS D 670 18.83 -0.28 -6.97
N MET D 671 18.24 -0.73 -8.08
CA MET D 671 18.97 -0.84 -9.34
C MET D 671 19.53 0.49 -9.84
N GLN D 672 19.02 1.59 -9.30
CA GLN D 672 19.52 2.92 -9.64
C GLN D 672 20.94 3.14 -9.11
N GLN D 673 21.40 2.27 -8.21
CA GLN D 673 22.75 2.42 -7.69
C GLN D 673 23.77 2.11 -8.78
N GLY D 674 23.32 1.41 -9.83
CA GLY D 674 24.19 1.12 -10.96
C GLY D 674 24.92 -0.20 -10.81
N GLY D 675 25.80 -0.49 -11.76
CA GLY D 675 26.62 -1.68 -11.72
C GLY D 675 28.07 -1.39 -11.40
N ALA D 676 28.92 -1.42 -12.43
CA ALA D 676 30.34 -1.14 -12.27
C ALA D 676 30.57 0.34 -11.97
N PRO D 677 31.60 0.64 -11.17
CA PRO D 677 31.84 2.04 -10.79
C PRO D 677 32.18 2.94 -11.97
N SER D 678 31.66 4.16 -11.91
CA SER D 678 31.98 5.22 -12.86
C SER D 678 33.48 5.50 -12.78
N PRO D 679 34.09 5.99 -13.87
CA PRO D 679 35.51 6.35 -13.82
C PRO D 679 35.83 7.26 -12.62
N PHE D 680 34.97 8.25 -12.40
CA PHE D 680 35.13 9.15 -11.26
C PHE D 680 35.14 8.39 -9.94
N ASP D 681 34.20 7.48 -9.75
CA ASP D 681 34.14 6.72 -8.50
C ASP D 681 35.37 5.83 -8.31
N ARG D 682 35.87 5.28 -9.41
CA ARG D 682 37.06 4.46 -9.38
C ARG D 682 38.25 5.27 -8.89
N ASN D 683 38.49 6.39 -9.55
CA ASN D 683 39.61 7.25 -9.20
C ASN D 683 39.47 7.83 -7.81
N PHE D 684 38.24 8.18 -7.45
CA PHE D 684 37.91 8.73 -6.14
C PHE D 684 38.32 7.73 -5.07
N GLY D 685 37.86 6.49 -5.20
CA GLY D 685 38.20 5.44 -4.25
C GLY D 685 39.71 5.24 -4.16
N THR D 686 40.34 5.15 -5.33
CA THR D 686 41.79 4.95 -5.41
C THR D 686 42.55 6.01 -4.62
N LYS D 687 42.28 7.26 -4.99
CA LYS D 687 42.96 8.43 -4.47
C LYS D 687 42.72 8.62 -2.97
N ILE D 688 41.45 8.65 -2.58
CA ILE D 688 41.09 8.88 -1.18
C ILE D 688 41.69 7.77 -0.29
N SER D 689 41.66 6.53 -0.76
CA SER D 689 42.21 5.43 0.03
C SER D 689 43.72 5.55 0.16
N ALA D 690 44.38 5.91 -0.93
CA ALA D 690 45.82 6.14 -0.91
C ALA D 690 46.20 7.17 0.15
N ARG D 691 45.50 8.30 0.12
CA ARG D 691 45.73 9.37 1.09
C ARG D 691 45.53 8.88 2.53
N ALA D 692 44.44 8.15 2.74
CA ALA D 692 44.12 7.59 4.06
C ALA D 692 45.27 6.71 4.57
N MET D 693 45.77 5.84 3.69
CA MET D 693 46.87 4.95 4.05
C MET D 693 48.13 5.75 4.38
N GLU D 694 48.34 6.85 3.65
CA GLU D 694 49.46 7.75 3.93
C GLU D 694 49.35 8.25 5.37
N TRP D 695 48.14 8.66 5.74
CA TRP D 695 47.86 9.13 7.10
C TRP D 695 48.19 8.05 8.12
N ILE D 696 47.75 6.82 7.84
CA ILE D 696 48.01 5.69 8.71
C ILE D 696 49.51 5.45 8.94
N THR D 697 50.28 5.46 7.85
CA THR D 697 51.71 5.22 7.94
C THR D 697 52.40 6.33 8.71
N ALA D 698 51.95 7.56 8.49
CA ALA D 698 52.51 8.70 9.21
C ALA D 698 52.24 8.59 10.71
N LYS D 699 51.02 8.20 11.07
CA LYS D 699 50.65 8.03 12.47
C LYS D 699 51.44 6.91 13.16
N LEU D 700 51.62 5.79 12.46
CA LEU D 700 52.36 4.66 13.03
C LEU D 700 53.84 4.95 13.19
N LYS D 701 54.34 5.86 12.36
CA LYS D 701 55.75 6.22 12.37
C LYS D 701 56.14 7.02 13.62
N GLU D 702 55.13 7.43 14.38
CA GLU D 702 55.34 8.18 15.62
C GLU D 702 55.89 7.27 16.72
N PHE D 710 48.20 3.92 22.92
CA PHE D 710 48.25 5.35 23.18
C PHE D 710 47.58 6.17 22.07
N THR D 711 46.40 6.71 22.34
CA THR D 711 45.67 7.54 21.35
C THR D 711 44.71 8.54 21.98
N THR D 712 44.20 9.45 21.14
CA THR D 712 43.35 10.56 21.59
C THR D 712 42.07 10.67 20.73
N ASP D 713 41.80 11.85 20.20
CA ASP D 713 40.58 12.10 19.43
C ASP D 713 40.95 12.24 17.94
N ASP D 714 42.17 12.68 17.69
CA ASP D 714 42.67 12.83 16.32
C ASP D 714 43.16 11.51 15.73
N SER D 715 43.12 10.46 16.54
CA SER D 715 43.48 9.13 16.06
C SER D 715 42.33 8.43 15.34
N ILE D 716 41.12 8.96 15.49
CA ILE D 716 39.95 8.40 14.84
C ILE D 716 39.26 9.43 13.94
N CYS D 717 39.52 9.34 12.65
CA CYS D 717 39.06 10.36 11.72
C CYS D 717 38.22 9.87 10.55
N VAL D 718 37.55 10.85 9.94
CA VAL D 718 36.89 10.70 8.66
C VAL D 718 37.68 11.54 7.67
N LEU D 719 38.18 10.89 6.62
CA LEU D 719 38.86 11.62 5.56
C LEU D 719 37.85 12.01 4.50
N GLY D 720 37.53 13.29 4.42
CA GLY D 720 36.50 13.71 3.49
C GLY D 720 36.88 14.90 2.64
N ILE D 721 36.08 15.15 1.60
CA ILE D 721 36.32 16.31 0.74
C ILE D 721 35.50 17.49 1.21
N SER D 722 36.18 18.55 1.64
CA SER D 722 35.54 19.81 1.96
C SER D 722 36.21 20.98 1.24
N LYS D 723 35.41 21.70 0.45
CA LYS D 723 35.87 22.91 -0.23
C LYS D 723 37.23 22.75 -0.93
N ARG D 724 37.22 22.04 -2.07
CA ARG D 724 38.44 21.66 -2.82
C ARG D 724 39.56 20.93 -2.06
N ASN D 725 39.41 20.67 -0.76
CA ASN D 725 40.52 20.01 -0.07
C ASN D 725 40.06 18.67 0.48
N VAL D 726 40.99 17.75 0.68
CA VAL D 726 40.66 16.54 1.42
C VAL D 726 41.24 16.72 2.83
N ILE D 727 40.37 16.67 3.83
CA ILE D 727 40.82 16.89 5.19
C ILE D 727 40.40 15.76 6.12
N PHE D 728 41.21 15.57 7.15
CA PHE D 728 40.95 14.59 8.20
C PHE D 728 40.20 15.24 9.34
N GLN D 729 39.06 14.67 9.71
CA GLN D 729 38.25 15.23 10.77
C GLN D 729 37.96 14.21 11.86
N PRO D 730 38.37 14.53 13.10
CA PRO D 730 38.05 13.62 14.21
C PRO D 730 36.53 13.47 14.33
N VAL D 731 36.06 12.24 14.48
CA VAL D 731 34.64 11.94 14.51
C VAL D 731 33.88 12.75 15.57
N ALA D 732 34.55 13.00 16.69
CA ALA D 732 33.99 13.78 17.78
C ALA D 732 33.60 15.17 17.32
N GLU D 733 34.43 15.74 16.44
CA GLU D 733 34.14 17.06 15.87
C GLU D 733 32.96 16.98 14.92
N LEU D 734 32.80 15.86 14.23
CA LEU D 734 31.73 15.70 13.26
C LEU D 734 30.38 15.44 13.92
N LYS D 735 30.39 14.96 15.16
CA LYS D 735 29.14 14.71 15.89
C LYS D 735 28.20 15.93 15.86
N LYS D 736 28.74 17.11 16.15
CA LYS D 736 27.94 18.34 16.18
C LYS D 736 27.43 18.73 14.80
N GLN D 737 28.03 18.15 13.76
CA GLN D 737 27.68 18.48 12.38
C GLN D 737 26.82 17.40 11.76
N THR D 738 26.29 16.49 12.58
CA THR D 738 25.55 15.36 12.07
C THR D 738 24.09 15.35 12.55
N ASP D 739 23.19 15.03 11.65
CA ASP D 739 21.78 14.79 12.00
C ASP D 739 21.64 13.28 12.16
N PHE D 740 21.82 12.82 13.39
CA PHE D 740 21.83 11.39 13.70
C PHE D 740 20.44 10.76 13.51
N GLU D 741 19.40 11.59 13.55
CA GLU D 741 18.04 11.11 13.43
C GLU D 741 17.72 10.66 12.01
N HIS D 742 18.30 11.35 11.04
CA HIS D 742 18.03 11.10 9.64
C HIS D 742 19.28 10.62 8.91
N ARG D 743 20.36 10.47 9.68
CA ARG D 743 21.66 10.02 9.17
C ARG D 743 22.10 10.83 7.96
N ILE D 744 22.07 12.15 8.12
CA ILE D 744 22.53 13.06 7.09
C ILE D 744 23.34 14.18 7.74
N PRO D 745 24.24 14.82 6.97
CA PRO D 745 24.96 15.98 7.53
C PRO D 745 24.04 17.16 7.77
N LYS D 746 24.29 17.94 8.81
CA LYS D 746 23.44 19.08 9.13
C LYS D 746 23.50 20.14 8.04
N GLU D 747 24.65 20.30 7.40
CA GLU D 747 24.78 21.25 6.30
C GLU D 747 25.40 20.60 5.07
N GLN D 748 24.69 20.72 3.94
CA GLN D 748 25.11 20.11 2.68
C GLN D 748 25.28 21.18 1.60
N TRP D 749 26.46 21.21 0.98
CA TRP D 749 26.83 22.24 0.03
C TRP D 749 25.80 22.36 -1.12
N TRP D 750 25.38 21.22 -1.65
CA TRP D 750 24.59 21.19 -2.87
C TRP D 750 23.20 21.80 -2.73
N LEU D 751 22.80 22.10 -1.48
CA LEU D 751 21.50 22.72 -1.27
C LEU D 751 21.51 24.12 -1.90
N LYS D 752 22.71 24.71 -2.00
CA LYS D 752 22.81 26.05 -2.58
C LYS D 752 22.35 26.03 -4.03
N LEU D 753 22.36 24.85 -4.63
CA LEU D 753 21.99 24.71 -6.02
C LEU D 753 20.48 24.56 -6.26
N ARG D 754 19.67 24.64 -5.22
CA ARG D 754 18.23 24.39 -5.40
C ARG D 754 17.51 25.30 -6.42
N PRO D 755 17.77 26.63 -6.39
CA PRO D 755 17.09 27.48 -7.39
C PRO D 755 17.33 27.11 -8.85
N LEU D 756 18.42 26.41 -9.14
CA LEU D 756 18.74 26.02 -10.51
C LEU D 756 17.65 25.19 -11.19
N MET D 757 17.01 24.32 -10.42
CA MET D 757 15.96 23.45 -10.95
C MET D 757 14.83 24.24 -11.60
N LYS D 758 14.24 25.16 -10.84
CA LYS D 758 13.13 25.97 -11.33
C LYS D 758 13.57 26.80 -12.52
N ILE D 759 14.76 27.39 -12.43
CA ILE D 759 15.33 28.20 -13.50
C ILE D 759 15.52 27.43 -14.80
N LEU D 760 16.06 26.22 -14.70
CA LEU D 760 16.42 25.46 -15.90
C LEU D 760 15.30 24.56 -16.42
N ALA D 761 14.17 24.55 -15.73
CA ALA D 761 13.04 23.72 -16.14
C ALA D 761 11.97 24.55 -16.82
P PO4 E . -19.45 -6.58 -0.76
O1 PO4 E . -20.15 -5.34 -0.26
O2 PO4 E . -18.18 -6.80 0.04
O3 PO4 E . -19.09 -6.39 -2.22
O4 PO4 E . -20.36 -7.77 -0.61
P PO4 F . -43.63 -14.53 15.39
O1 PO4 F . -44.98 -13.89 15.18
O2 PO4 F . -42.99 -13.95 16.63
O3 PO4 F . -43.79 -16.02 15.56
O4 PO4 F . -42.77 -14.23 14.19
P PO4 G . -19.70 9.88 42.66
O1 PO4 G . -21.15 9.99 42.26
O2 PO4 G . -19.20 11.25 43.03
O3 PO4 G . -18.90 9.34 41.50
O4 PO4 G . -19.57 8.95 43.84
P PO4 H . -19.12 -20.89 15.67
O1 PO4 H . -20.44 -20.48 16.28
O2 PO4 H . -19.22 -20.83 14.16
O3 PO4 H . -18.79 -22.30 16.10
O4 PO4 H . -18.03 -19.96 16.13
P PO4 I . 1.37 2.51 -20.26
O1 PO4 I . -0.11 2.27 -20.05
O2 PO4 I . 1.97 3.12 -19.02
O3 PO4 I . 1.57 3.44 -21.44
O4 PO4 I . 2.05 1.19 -20.53
P PO4 J . 19.62 9.37 -43.38
O1 PO4 J . 18.34 9.16 -42.61
O2 PO4 J . 20.79 9.05 -42.48
O3 PO4 J . 19.72 10.80 -43.85
O4 PO4 J . 19.64 8.45 -44.58
P PO4 K . 46.40 -3.90 -11.74
O1 PO4 K . 45.14 -3.58 -10.98
O2 PO4 K . 46.06 -4.20 -13.18
O3 PO4 K . 47.05 -5.11 -11.13
O4 PO4 K . 47.34 -2.72 -11.67
P PO4 L . 14.19 19.84 -21.09
O1 PO4 L . 12.72 19.63 -21.37
O2 PO4 L . 15.00 19.20 -22.19
O3 PO4 L . 14.47 21.32 -21.05
O4 PO4 L . 14.55 19.22 -19.77
#